data_9H03
#
_entry.id   9H03
#
_cell.length_a   1.00
_cell.length_b   1.00
_cell.length_c   1.00
_cell.angle_alpha   90.00
_cell.angle_beta   90.00
_cell.angle_gamma   90.00
#
_symmetry.space_group_name_H-M   'P 1'
#
loop_
_entity.id
_entity.type
_entity.pdbx_description
1 polymer N-Methylhydantoinase
2 non-polymer 'CALCIUM ION'
3 non-polymer DIHYDROPYRIMIDINE-2,4(1H,3H)-DIONE
4 water water
#
_entity_poly.entity_id   1
_entity_poly.type   'polypeptide(L)'
_entity_poly.pdbx_seq_one_letter_code
;MKRIGVDVGGTFTDLYFSDDDQRIAVVEKVPSTPHDPSEAVINGIKKLCEKAGVSLSEIDQLVHGTTVATNTALTHTGAE
VGMITTEGFRDILHIARHKKPHNFSLQQDLPWQTKPLIKRRYRLTVKERITAPHGEILVPLDEDEVRQRVRELKTAGVQA
IAVCLLHSYLNPEHEQRIGEIVNEEFPEAYLSLSSEIVPLYREYERFSTTALNAYVGPRVSRYLHRLQEQAENLGYQREI
LLMQSSGGMVPIGEAAKRPVTLMMSGPVGGLIGGMWAAKQSGFENVVTLDIGGTSADIGVAYQGELRMRHLLDTKIGDHQ
AMVPMVDIDTIGAGGGSIAYVDAGGVFRVGPQSAGAVPGPVCYGRGGTEPTSTDAQVLLGRMRPDRILAGSGLDMDLDGA
RAAMQGLADKLGMSIEEAALGALQIQKFGMTQAIEQNSVRRGYDPRDFTLVAAGGAGALFACEIAAELEVPHVLVPAHPG
IIAGIGLLATDEQYEFVATNRFSFASADAAVIQASYEQLEREANAQLDAEEVPAERRKIVWLADARYEGQGYEIRFVVPE
GPVTTAWLDQAEAAFHDAHFEEYGHRFKGGTVEVINIRVEARAVMDELPTPEATQSGSLENALVETRPVTFQQAGKPVTL
DTGFYDRAKMGIGTTFAGPVVIEQYDSTTVIPPGFTGTVDDAGNLVIACPAVTQTVEKLATPILMRVIGGALNSAAKEMA
SVLFRMSYSSIIRESEDLGAGLFDKDGNVLAESDSTPMFMGSMPKIVKGVISVLGDDIHDGDVILHNDPYLGATHSPDVA
IIEPIFHDGELVGFAGASGQLIDNGGAFSGLMVDIQDVQSEGTIFRAVKVYEKGVRQESLIRHILNNTRTPTSNEGDFQA
MIAACDLAKSRYLALVERYGRDSVRDAGQFWIDYSERMLRQEIAKIPDGVYETETGYLDDDGRNYGKKLPIVVKVIVEGD
EITYDLTGSSEQVPTAYNCAFEGTTVSAFTFITRMMFLDEVAFPVFVPQNEGMLKPLKVIAPKGTIFNPNYPAATFSRFS
QVQRAVDLALRALAPVMPERVTAGNSAHIHFMSYSGWDEKQGEYWVYLEVNEGSYGARQDSDGPDSVDNLIANTRNNPIE
ELEWRFPMRTDRYELREDPAAAGEYRGGIGIVRENTFLEDTAVTCEGERHDSDVPWGAYGGHDGLNASLIKNPGRDGEES
WPSKVTGRQLQAGDSLQITVPSGGGFGDPLKRNPLQVLEDVLDGFTTTEAASRDYGVILKTVNGQLTVDLAATAVKRENA
VSELSHTN
;
_entity_poly.pdbx_strand_id   A,B
#
loop_
_chem_comp.id
_chem_comp.type
_chem_comp.name
_chem_comp.formula
CA non-polymer 'CALCIUM ION' 'Ca 2'
DUC non-polymer DIHYDROPYRIMIDINE-2,4(1H,3H)-DIONE 'C4 H6 N2 O2'
#
# COMPACT_ATOMS: atom_id res chain seq x y z
N MET A 1 -71.67 3.47 -4.05
CA MET A 1 -72.93 2.80 -3.75
C MET A 1 -73.22 1.70 -4.77
N LYS A 2 -73.16 2.05 -6.05
CA LYS A 2 -73.31 1.09 -7.14
C LYS A 2 -72.10 1.24 -8.05
N ARG A 3 -71.32 0.17 -8.21
CA ARG A 3 -70.05 0.21 -8.91
C ARG A 3 -69.91 -0.97 -9.84
N ILE A 4 -69.19 -0.78 -10.94
CA ILE A 4 -68.83 -1.89 -11.81
C ILE A 4 -67.35 -1.80 -12.23
N GLY A 5 -66.78 -2.97 -12.51
CA GLY A 5 -65.43 -3.07 -13.00
C GLY A 5 -65.32 -3.97 -14.22
N VAL A 6 -64.60 -3.51 -15.24
CA VAL A 6 -64.42 -4.24 -16.48
C VAL A 6 -62.92 -4.41 -16.73
N ASP A 7 -62.49 -5.63 -17.02
CA ASP A 7 -61.10 -5.87 -17.38
C ASP A 7 -61.01 -6.66 -18.68
N VAL A 8 -60.11 -6.23 -19.56
CA VAL A 8 -59.91 -6.84 -20.86
C VAL A 8 -58.50 -7.42 -20.88
N GLY A 9 -58.41 -8.74 -20.96
CA GLY A 9 -57.14 -9.43 -20.90
C GLY A 9 -56.53 -9.72 -22.26
N GLY A 10 -57.36 -10.14 -23.22
CA GLY A 10 -56.83 -10.50 -24.52
C GLY A 10 -57.55 -11.64 -25.21
N THR A 11 -58.20 -12.51 -24.46
CA THR A 11 -59.14 -13.47 -25.03
C THR A 11 -60.55 -13.30 -24.47
N PHE A 12 -60.67 -13.19 -23.15
CA PHE A 12 -61.94 -13.02 -22.49
C PHE A 12 -62.03 -11.66 -21.81
N THR A 13 -63.27 -11.21 -21.63
CA THR A 13 -63.57 -9.94 -20.97
C THR A 13 -64.40 -10.22 -19.72
N ASP A 14 -63.90 -9.77 -18.57
CA ASP A 14 -64.48 -10.07 -17.26
C ASP A 14 -65.17 -8.83 -16.69
N LEU A 15 -66.40 -9.01 -16.18
CA LEU A 15 -67.19 -7.90 -15.65
C LEU A 15 -67.74 -8.25 -14.27
N TYR A 16 -67.55 -7.36 -13.30
CA TYR A 16 -68.04 -7.58 -11.95
C TYR A 16 -68.84 -6.38 -11.46
N PHE A 17 -69.94 -6.68 -10.77
CA PHE A 17 -70.91 -5.66 -10.37
C PHE A 17 -71.45 -6.00 -8.99
N SER A 18 -71.30 -5.08 -8.04
CA SER A 18 -71.67 -5.28 -6.65
C SER A 18 -72.40 -4.07 -6.11
N ASP A 19 -73.17 -4.30 -5.04
CA ASP A 19 -74.00 -3.29 -4.41
C ASP A 19 -73.93 -3.44 -2.90
N ASP A 20 -73.98 -2.32 -2.19
CA ASP A 20 -73.82 -2.36 -0.73
C ASP A 20 -75.11 -2.75 -0.04
N ASP A 21 -76.21 -2.02 -0.30
CA ASP A 21 -77.45 -2.29 0.41
C ASP A 21 -78.15 -3.54 -0.11
N GLN A 22 -78.16 -3.74 -1.43
CA GLN A 22 -78.82 -4.90 -1.99
C GLN A 22 -78.00 -6.17 -1.78
N ARG A 23 -76.67 -6.05 -1.77
CA ARG A 23 -75.75 -7.17 -1.59
C ARG A 23 -75.92 -8.21 -2.70
N ILE A 24 -75.72 -7.76 -3.92
CA ILE A 24 -75.87 -8.61 -5.11
C ILE A 24 -74.59 -8.51 -5.92
N ALA A 25 -74.00 -9.66 -6.25
CA ALA A 25 -72.81 -9.71 -7.08
C ALA A 25 -73.16 -10.46 -8.36
N VAL A 26 -72.90 -9.83 -9.50
CA VAL A 26 -73.19 -10.42 -10.81
C VAL A 26 -71.88 -10.78 -11.49
N VAL A 27 -71.81 -12.00 -12.01
CA VAL A 27 -70.64 -12.51 -12.73
C VAL A 27 -71.05 -12.68 -14.18
N GLU A 28 -70.32 -12.04 -15.09
CA GLU A 28 -70.60 -12.17 -16.52
C GLU A 28 -69.34 -11.91 -17.33
N LYS A 29 -69.18 -12.70 -18.38
CA LYS A 29 -68.06 -12.60 -19.30
C LYS A 29 -68.58 -12.49 -20.73
N VAL A 30 -67.74 -11.96 -21.62
CA VAL A 30 -68.16 -11.79 -23.01
C VAL A 30 -66.94 -11.94 -23.92
N PRO A 31 -67.06 -12.61 -25.07
CA PRO A 31 -65.89 -12.78 -25.94
C PRO A 31 -65.37 -11.45 -26.48
N SER A 32 -64.05 -11.34 -26.56
CA SER A 32 -63.39 -10.09 -26.92
C SER A 32 -63.03 -10.07 -28.41
N THR A 33 -63.06 -8.86 -28.97
CA THR A 33 -62.67 -8.66 -30.36
C THR A 33 -61.26 -8.08 -30.40
N PRO A 34 -60.28 -8.81 -30.93
CA PRO A 34 -58.90 -8.28 -30.92
C PRO A 34 -58.66 -7.19 -31.94
N HIS A 35 -59.40 -7.19 -33.05
CA HIS A 35 -59.16 -6.19 -34.10
C HIS A 35 -59.66 -4.81 -33.70
N ASP A 36 -60.72 -4.74 -32.89
CA ASP A 36 -61.26 -3.47 -32.43
C ASP A 36 -61.64 -3.59 -30.95
N PRO A 37 -60.91 -2.95 -30.04
CA PRO A 37 -61.17 -3.12 -28.62
C PRO A 37 -62.41 -2.40 -28.11
N SER A 38 -62.96 -1.45 -28.87
CA SER A 38 -64.11 -0.71 -28.40
C SER A 38 -65.38 -1.54 -28.39
N GLU A 39 -65.52 -2.44 -29.37
CA GLU A 39 -66.73 -3.23 -29.53
C GLU A 39 -66.81 -4.40 -28.57
N ALA A 40 -65.89 -4.49 -27.61
CA ALA A 40 -65.96 -5.51 -26.58
C ALA A 40 -66.38 -4.97 -25.23
N VAL A 41 -66.08 -3.71 -24.92
CA VAL A 41 -66.51 -3.11 -23.66
C VAL A 41 -67.97 -2.69 -23.72
N ILE A 42 -68.35 -1.97 -24.77
CA ILE A 42 -69.72 -1.47 -24.88
C ILE A 42 -70.71 -2.63 -24.82
N ASN A 43 -70.49 -3.65 -25.67
CA ASN A 43 -71.34 -4.83 -25.64
C ASN A 43 -71.35 -5.47 -24.26
N GLY A 44 -70.19 -5.52 -23.60
CA GLY A 44 -70.14 -6.08 -22.26
C GLY A 44 -71.08 -5.36 -21.32
N ILE A 45 -71.07 -4.03 -21.34
CA ILE A 45 -71.95 -3.28 -20.47
C ILE A 45 -73.40 -3.59 -20.81
N LYS A 46 -73.70 -3.71 -22.10
CA LYS A 46 -75.07 -4.00 -22.53
C LYS A 46 -75.54 -5.34 -22.00
N LYS A 47 -74.61 -6.28 -21.82
CA LYS A 47 -75.01 -7.57 -21.29
C LYS A 47 -75.16 -7.54 -19.78
N LEU A 48 -74.41 -6.67 -19.09
CA LEU A 48 -74.43 -6.66 -17.64
C LEU A 48 -75.70 -6.02 -17.11
N CYS A 49 -76.11 -4.90 -17.70
CA CYS A 49 -77.24 -4.14 -17.17
C CYS A 49 -78.57 -4.84 -17.40
N GLU A 50 -78.69 -5.59 -18.50
CA GLU A 50 -79.96 -6.21 -18.84
C GLU A 50 -80.32 -7.37 -17.93
N LYS A 51 -79.35 -8.12 -17.43
CA LYS A 51 -79.65 -9.26 -16.57
C LYS A 51 -80.15 -8.80 -15.20
N ALA A 52 -79.45 -7.86 -14.58
CA ALA A 52 -79.85 -7.39 -13.26
C ALA A 52 -81.06 -6.49 -13.31
N GLY A 53 -81.21 -5.72 -14.38
CA GLY A 53 -82.32 -4.79 -14.50
C GLY A 53 -82.05 -3.45 -13.84
N VAL A 54 -80.90 -2.87 -14.16
CA VAL A 54 -80.50 -1.58 -13.60
C VAL A 54 -80.12 -0.65 -14.73
N SER A 55 -80.04 0.64 -14.40
CA SER A 55 -79.74 1.69 -15.37
C SER A 55 -78.35 2.25 -15.13
N LEU A 56 -77.66 2.58 -16.22
CA LEU A 56 -76.29 3.08 -16.13
C LEU A 56 -76.20 4.46 -15.50
N SER A 57 -77.31 5.18 -15.42
CA SER A 57 -77.27 6.51 -14.82
C SER A 57 -77.08 6.48 -13.32
N GLU A 58 -77.26 5.32 -12.68
CA GLU A 58 -77.19 5.21 -11.24
C GLU A 58 -75.81 4.77 -10.74
N ILE A 59 -74.88 4.45 -11.64
CA ILE A 59 -73.59 3.95 -11.21
C ILE A 59 -72.75 5.10 -10.68
N ASP A 60 -72.21 4.93 -9.47
CA ASP A 60 -71.37 5.94 -8.87
C ASP A 60 -70.01 6.05 -9.57
N GLN A 61 -69.40 4.91 -9.88
CA GLN A 61 -68.13 4.91 -10.58
C GLN A 61 -67.97 3.58 -11.30
N LEU A 62 -67.29 3.61 -12.45
CA LEU A 62 -66.92 2.40 -13.15
C LEU A 62 -65.42 2.45 -13.44
N VAL A 63 -64.78 1.29 -13.43
CA VAL A 63 -63.33 1.21 -13.63
C VAL A 63 -63.02 0.31 -14.81
N HIS A 64 -61.99 0.70 -15.58
CA HIS A 64 -61.63 0.04 -16.82
C HIS A 64 -60.18 -0.47 -16.74
N GLY A 65 -59.98 -1.70 -17.18
CA GLY A 65 -58.74 -2.44 -17.16
C GLY A 65 -58.27 -2.89 -18.54
N THR A 66 -58.17 -1.97 -19.49
CA THR A 66 -57.74 -2.30 -20.84
C THR A 66 -56.22 -2.41 -20.93
N THR A 67 -55.75 -2.95 -22.06
CA THR A 67 -54.33 -3.21 -22.30
C THR A 67 -53.91 -2.82 -23.71
N VAL A 68 -54.63 -1.86 -24.32
CA VAL A 68 -54.32 -1.42 -25.68
C VAL A 68 -52.95 -0.73 -25.74
N ALA A 69 -52.64 0.09 -24.73
CA ALA A 69 -51.37 0.79 -24.71
C ALA A 69 -50.18 -0.14 -24.61
N THR A 70 -50.36 -1.34 -24.05
CA THR A 70 -49.26 -2.29 -23.97
C THR A 70 -48.97 -2.91 -25.33
N ASN A 71 -50.03 -3.33 -26.03
CA ASN A 71 -49.88 -3.94 -27.33
C ASN A 71 -49.43 -2.96 -28.40
N THR A 72 -49.61 -1.67 -28.18
CA THR A 72 -49.08 -0.73 -29.16
C THR A 72 -47.56 -0.56 -29.02
N ALA A 73 -47.03 -0.57 -27.79
CA ALA A 73 -45.60 -0.40 -27.61
C ALA A 73 -44.84 -1.70 -27.86
N LEU A 74 -45.45 -2.86 -27.58
CA LEU A 74 -44.73 -4.11 -27.76
C LEU A 74 -44.60 -4.47 -29.24
N THR A 75 -45.68 -4.30 -30.00
CA THR A 75 -45.67 -4.66 -31.41
C THR A 75 -45.13 -3.56 -32.30
N HIS A 76 -44.82 -2.39 -31.73
CA HIS A 76 -44.33 -1.22 -32.46
C HIS A 76 -45.28 -0.85 -33.61
N THR A 77 -46.53 -0.56 -33.24
CA THR A 77 -47.55 -0.18 -34.20
C THR A 77 -48.15 1.17 -33.84
N GLY A 78 -47.30 2.15 -33.58
CA GLY A 78 -47.74 3.47 -33.24
C GLY A 78 -47.55 4.50 -34.33
N ALA A 79 -47.09 5.70 -33.96
CA ALA A 79 -47.10 6.85 -34.84
C ALA A 79 -45.70 7.38 -35.10
N GLU A 80 -45.60 8.20 -36.15
CA GLU A 80 -44.34 8.86 -36.48
C GLU A 80 -44.08 9.98 -35.50
N VAL A 81 -42.93 9.95 -34.84
CA VAL A 81 -42.65 10.89 -33.77
C VAL A 81 -41.45 11.73 -34.17
N GLY A 82 -41.52 13.02 -33.84
CA GLY A 82 -40.41 13.93 -33.98
C GLY A 82 -39.87 14.33 -32.63
N MET A 83 -38.64 14.82 -32.64
CA MET A 83 -37.99 15.17 -31.39
C MET A 83 -37.25 16.47 -31.57
N ILE A 84 -37.53 17.43 -30.70
CA ILE A 84 -36.74 18.64 -30.60
C ILE A 84 -35.90 18.51 -29.35
N THR A 85 -34.60 18.38 -29.51
CA THR A 85 -33.70 18.15 -28.39
C THR A 85 -32.55 19.12 -28.48
N THR A 86 -31.81 19.20 -27.38
CA THR A 86 -30.61 20.02 -27.33
C THR A 86 -29.65 19.62 -28.44
N GLU A 87 -29.11 20.62 -29.13
CA GLU A 87 -28.18 20.35 -30.21
C GLU A 87 -26.87 19.77 -29.66
N GLY A 88 -26.37 18.72 -30.32
CA GLY A 88 -25.23 17.99 -29.86
C GLY A 88 -25.56 16.70 -29.14
N PHE A 89 -26.84 16.43 -28.90
CA PHE A 89 -27.30 15.24 -28.23
C PHE A 89 -28.38 14.58 -29.04
N ARG A 90 -28.28 14.67 -30.36
CA ARG A 90 -29.38 14.20 -31.20
C ARG A 90 -29.55 12.69 -31.11
N ASP A 91 -28.54 11.99 -30.61
CA ASP A 91 -28.57 10.55 -30.46
C ASP A 91 -28.45 10.22 -28.97
N ILE A 92 -29.59 10.06 -28.31
CA ILE A 92 -29.67 9.65 -26.92
C ILE A 92 -30.51 8.39 -26.87
N LEU A 93 -31.62 8.41 -27.60
CA LEU A 93 -32.44 7.22 -27.76
C LEU A 93 -31.74 6.14 -28.56
N HIS A 94 -30.65 6.49 -29.25
CA HIS A 94 -29.86 5.48 -29.95
C HIS A 94 -28.80 4.88 -29.03
N ILE A 95 -28.22 5.67 -28.16
CA ILE A 95 -27.17 5.18 -27.29
C ILE A 95 -27.73 4.30 -26.18
N ALA A 96 -28.83 4.73 -25.56
CA ALA A 96 -29.48 4.10 -24.39
C ALA A 96 -28.49 4.13 -23.23
N ARG A 97 -28.27 3.03 -22.52
CA ARG A 97 -27.20 2.94 -21.53
C ARG A 97 -25.95 2.31 -22.11
N HIS A 98 -25.96 2.00 -23.41
CA HIS A 98 -24.94 1.23 -24.13
C HIS A 98 -24.55 -0.06 -23.40
N LYS A 99 -25.55 -0.86 -23.02
CA LYS A 99 -25.32 -2.18 -22.43
C LYS A 99 -26.18 -3.19 -23.17
N LYS A 100 -25.59 -4.30 -23.55
CA LYS A 100 -26.39 -5.30 -24.24
C LYS A 100 -27.30 -6.03 -23.25
N PRO A 101 -28.42 -6.57 -23.73
CA PRO A 101 -29.25 -7.39 -22.85
C PRO A 101 -28.55 -8.62 -22.31
N HIS A 102 -27.69 -9.27 -23.11
CA HIS A 102 -27.03 -10.50 -22.70
C HIS A 102 -25.52 -10.28 -22.59
N ASN A 103 -24.91 -10.93 -21.61
CA ASN A 103 -23.49 -10.73 -21.34
C ASN A 103 -22.58 -11.60 -22.18
N PHE A 104 -23.05 -12.73 -22.68
CA PHE A 104 -22.20 -13.72 -23.32
C PHE A 104 -22.74 -14.08 -24.70
N SER A 105 -23.03 -13.09 -25.51
CA SER A 105 -23.58 -13.33 -26.84
C SER A 105 -22.89 -12.46 -27.88
N LEU A 106 -22.79 -12.99 -29.10
CA LEU A 106 -22.27 -12.27 -30.25
C LEU A 106 -23.29 -12.05 -31.35
N GLN A 107 -24.42 -12.77 -31.32
CA GLN A 107 -25.41 -12.72 -32.38
C GLN A 107 -26.68 -12.00 -31.94
N GLN A 108 -26.60 -11.01 -31.06
CA GLN A 108 -27.78 -10.39 -30.49
C GLN A 108 -27.94 -8.96 -31.00
N ASP A 109 -29.18 -8.61 -31.35
CA ASP A 109 -29.50 -7.28 -31.87
C ASP A 109 -30.19 -6.47 -30.78
N LEU A 110 -29.78 -5.22 -30.62
CA LEU A 110 -30.38 -4.33 -29.64
C LEU A 110 -31.73 -3.83 -30.16
N PRO A 111 -32.83 -4.07 -29.44
CA PRO A 111 -34.15 -3.66 -29.96
C PRO A 111 -34.37 -2.16 -30.05
N TRP A 112 -33.72 -1.36 -29.20
CA TRP A 112 -33.95 0.08 -29.27
C TRP A 112 -33.30 0.71 -30.50
N GLN A 113 -32.22 0.14 -31.01
CA GLN A 113 -31.63 0.63 -32.23
C GLN A 113 -32.29 0.06 -33.48
N THR A 114 -32.77 -1.19 -33.41
CA THR A 114 -33.23 -1.84 -34.64
C THR A 114 -34.66 -1.41 -35.00
N LYS A 115 -35.50 -1.12 -34.01
CA LYS A 115 -36.87 -0.66 -34.25
C LYS A 115 -37.15 0.55 -33.38
N PRO A 116 -36.61 1.71 -33.74
CA PRO A 116 -36.65 2.86 -32.84
C PRO A 116 -37.97 3.61 -32.92
N LEU A 117 -38.35 4.19 -31.77
CA LEU A 117 -39.61 4.90 -31.70
C LEU A 117 -39.54 6.23 -32.46
N ILE A 118 -38.39 6.91 -32.40
CA ILE A 118 -38.15 8.14 -33.15
C ILE A 118 -36.97 7.89 -34.08
N LYS A 119 -37.24 7.80 -35.38
CA LYS A 119 -36.19 7.55 -36.37
C LYS A 119 -35.25 8.73 -36.48
N ARG A 120 -34.01 8.46 -36.87
CA ARG A 120 -32.95 9.48 -36.80
C ARG A 120 -33.19 10.63 -37.78
N ARG A 121 -33.95 10.39 -38.85
CA ARG A 121 -34.25 11.46 -39.81
C ARG A 121 -35.16 12.53 -39.21
N TYR A 122 -36.00 12.15 -38.24
CA TYR A 122 -36.97 13.06 -37.62
C TYR A 122 -36.52 13.56 -36.26
N ARG A 123 -35.23 13.52 -35.95
CA ARG A 123 -34.71 14.08 -34.72
C ARG A 123 -34.01 15.37 -35.08
N LEU A 124 -34.51 16.49 -34.55
CA LEU A 124 -33.99 17.81 -34.89
C LEU A 124 -33.43 18.50 -33.67
N THR A 125 -32.66 19.56 -33.91
CA THR A 125 -31.81 20.15 -32.90
C THR A 125 -32.09 21.65 -32.78
N VAL A 126 -31.98 22.15 -31.56
CA VAL A 126 -32.20 23.56 -31.27
C VAL A 126 -31.07 24.03 -30.36
N LYS A 127 -30.48 25.19 -30.70
CA LYS A 127 -29.33 25.76 -30.00
C LYS A 127 -29.78 26.50 -28.74
N GLU A 128 -29.50 25.91 -27.58
CA GLU A 128 -29.69 26.54 -26.27
C GLU A 128 -29.17 25.58 -25.21
N ARG A 129 -29.06 26.05 -23.98
CA ARG A 129 -28.63 25.15 -22.92
C ARG A 129 -29.08 25.68 -21.57
N ILE A 130 -29.55 24.78 -20.71
CA ILE A 130 -29.91 25.03 -19.33
C ILE A 130 -29.03 24.16 -18.45
N THR A 131 -28.47 24.74 -17.39
CA THR A 131 -27.43 24.08 -16.61
C THR A 131 -27.89 23.84 -15.19
N ALA A 132 -27.46 22.72 -14.62
CA ALA A 132 -27.68 22.38 -13.22
C ALA A 132 -26.69 23.15 -12.34
N PRO A 133 -26.98 23.32 -11.03
CA PRO A 133 -28.13 22.87 -10.25
C PRO A 133 -29.27 23.86 -10.11
N HIS A 134 -29.13 25.09 -10.62
CA HIS A 134 -30.16 26.11 -10.43
C HIS A 134 -31.08 26.24 -11.64
N GLY A 135 -30.54 26.08 -12.84
CA GLY A 135 -31.37 26.17 -14.04
C GLY A 135 -31.18 27.46 -14.80
N GLU A 136 -29.95 27.94 -14.91
CA GLU A 136 -29.66 29.17 -15.63
C GLU A 136 -29.66 28.92 -17.13
N ILE A 137 -29.87 29.99 -17.89
CA ILE A 137 -29.84 29.93 -19.35
C ILE A 137 -28.42 30.23 -19.79
N LEU A 138 -27.75 29.25 -20.36
CA LEU A 138 -26.38 29.44 -20.82
C LEU A 138 -26.33 29.92 -22.26
N VAL A 139 -27.15 29.35 -23.12
CA VAL A 139 -27.22 29.72 -24.53
C VAL A 139 -28.63 30.22 -24.82
N PRO A 140 -28.78 31.43 -25.34
CA PRO A 140 -30.12 31.98 -25.54
C PRO A 140 -30.91 31.21 -26.58
N LEU A 141 -32.23 31.20 -26.40
CA LEU A 141 -33.13 30.60 -27.38
C LEU A 141 -33.24 31.48 -28.63
N ASP A 142 -33.04 30.89 -29.80
CA ASP A 142 -33.27 31.58 -31.06
C ASP A 142 -34.70 31.34 -31.51
N GLU A 143 -35.40 32.41 -31.84
CA GLU A 143 -36.82 32.29 -32.19
C GLU A 143 -37.04 31.88 -33.63
N ASP A 144 -36.11 32.18 -34.54
CA ASP A 144 -36.30 31.78 -35.93
C ASP A 144 -36.07 30.28 -36.10
N GLU A 145 -35.06 29.75 -35.41
CA GLU A 145 -34.67 28.34 -35.57
C GLU A 145 -35.78 27.41 -35.11
N VAL A 146 -36.41 27.72 -33.97
CA VAL A 146 -37.45 26.84 -33.44
C VAL A 146 -38.61 26.76 -34.40
N ARG A 147 -39.02 27.90 -34.97
CA ARG A 147 -40.13 27.90 -35.92
C ARG A 147 -39.77 27.13 -37.18
N GLN A 148 -38.53 27.27 -37.66
CA GLN A 148 -38.13 26.53 -38.86
C GLN A 148 -38.15 25.02 -38.62
N ARG A 149 -37.64 24.56 -37.47
CA ARG A 149 -37.66 23.13 -37.17
C ARG A 149 -39.08 22.61 -37.03
N VAL A 150 -39.96 23.39 -36.41
CA VAL A 150 -41.36 22.95 -36.30
C VAL A 150 -41.99 22.83 -37.68
N ARG A 151 -41.68 23.76 -38.60
CA ARG A 151 -42.28 23.67 -39.92
C ARG A 151 -41.70 22.51 -40.74
N GLU A 152 -40.43 22.19 -40.53
CA GLU A 152 -39.84 21.01 -41.15
C GLU A 152 -40.58 19.75 -40.72
N LEU A 153 -40.81 19.63 -39.41
CA LEU A 153 -41.57 18.50 -38.89
C LEU A 153 -42.98 18.46 -39.45
N LYS A 154 -43.59 19.63 -39.67
CA LYS A 154 -44.96 19.64 -40.19
C LYS A 154 -45.00 19.20 -41.64
N THR A 155 -44.02 19.61 -42.45
CA THR A 155 -44.00 19.20 -43.85
C THR A 155 -43.78 17.70 -44.00
N ALA A 156 -42.90 17.13 -43.16
CA ALA A 156 -42.61 15.70 -43.26
C ALA A 156 -43.85 14.84 -43.02
N GLY A 157 -44.74 15.27 -42.12
CA GLY A 157 -45.93 14.50 -41.83
C GLY A 157 -45.87 13.83 -40.46
N VAL A 158 -45.24 14.51 -39.51
CA VAL A 158 -45.07 13.98 -38.16
C VAL A 158 -46.39 14.11 -37.41
N GLN A 159 -46.84 13.02 -36.79
CA GLN A 159 -48.13 13.00 -36.10
C GLN A 159 -48.02 13.39 -34.64
N ALA A 160 -46.89 13.12 -33.99
CA ALA A 160 -46.72 13.39 -32.58
C ALA A 160 -45.32 13.94 -32.39
N ILE A 161 -45.18 14.90 -31.50
CA ILE A 161 -43.90 15.55 -31.27
C ILE A 161 -43.55 15.41 -29.80
N ALA A 162 -42.31 15.00 -29.54
CA ALA A 162 -41.85 14.78 -28.17
C ALA A 162 -40.76 15.80 -27.91
N VAL A 163 -41.06 16.79 -27.09
CA VAL A 163 -40.06 17.79 -26.74
C VAL A 163 -39.28 17.28 -25.55
N CYS A 164 -37.96 17.19 -25.71
CA CYS A 164 -37.09 16.52 -24.74
C CYS A 164 -35.79 17.31 -24.64
N LEU A 165 -35.72 18.25 -23.71
CA LEU A 165 -34.51 19.01 -23.49
C LEU A 165 -33.86 18.55 -22.20
N LEU A 166 -32.57 18.83 -22.08
CA LEU A 166 -31.85 18.45 -20.87
C LEU A 166 -32.26 19.34 -19.72
N HIS A 167 -32.33 18.74 -18.53
CA HIS A 167 -32.64 19.43 -17.28
C HIS A 167 -33.99 20.13 -17.31
N SER A 168 -34.95 19.56 -18.05
CA SER A 168 -36.25 20.18 -18.13
C SER A 168 -37.05 19.97 -16.84
N TYR A 169 -36.68 18.97 -16.04
CA TYR A 169 -37.30 18.81 -14.72
C TYR A 169 -36.92 19.94 -13.78
N LEU A 170 -35.80 20.61 -14.03
CA LEU A 170 -35.33 21.68 -13.17
C LEU A 170 -36.11 22.97 -13.40
N ASN A 171 -36.03 23.53 -14.60
CA ASN A 171 -36.96 24.58 -14.95
C ASN A 171 -37.43 24.39 -16.39
N PRO A 172 -38.74 24.23 -16.58
CA PRO A 172 -39.28 23.85 -17.90
C PRO A 172 -39.64 24.99 -18.83
N GLU A 173 -39.12 26.20 -18.63
CA GLU A 173 -39.59 27.34 -19.40
C GLU A 173 -39.28 27.20 -20.89
N HIS A 174 -38.14 26.58 -21.25
CA HIS A 174 -37.85 26.36 -22.66
C HIS A 174 -38.82 25.39 -23.29
N GLU A 175 -39.14 24.30 -22.60
CA GLU A 175 -40.09 23.33 -23.15
C GLU A 175 -41.49 23.93 -23.24
N GLN A 176 -41.88 24.74 -22.28
CA GLN A 176 -43.18 25.39 -22.33
C GLN A 176 -43.28 26.34 -23.52
N ARG A 177 -42.21 27.13 -23.76
CA ARG A 177 -42.20 28.03 -24.91
C ARG A 177 -42.25 27.24 -26.22
N ILE A 178 -41.55 26.12 -26.29
CA ILE A 178 -41.59 25.30 -27.49
C ILE A 178 -42.99 24.74 -27.71
N GLY A 179 -43.66 24.31 -26.64
CA GLY A 179 -45.01 23.81 -26.77
C GLY A 179 -45.99 24.87 -27.25
N GLU A 180 -45.83 26.11 -26.76
CA GLU A 180 -46.73 27.16 -27.21
C GLU A 180 -46.47 27.56 -28.67
N ILE A 181 -45.23 27.37 -29.16
CA ILE A 181 -45.01 27.53 -30.60
C ILE A 181 -45.64 26.39 -31.39
N VAL A 182 -45.52 25.17 -30.88
CA VAL A 182 -45.99 23.99 -31.61
C VAL A 182 -47.50 24.02 -31.76
N ASN A 183 -48.22 24.43 -30.72
CA ASN A 183 -49.68 24.36 -30.79
C ASN A 183 -50.23 25.37 -31.79
N GLU A 184 -49.57 26.52 -31.94
CA GLU A 184 -50.05 27.54 -32.86
C GLU A 184 -49.60 27.32 -34.29
N GLU A 185 -48.50 26.58 -34.50
CA GLU A 185 -48.10 26.29 -35.87
C GLU A 185 -48.58 24.93 -36.37
N PHE A 186 -48.96 24.04 -35.48
CA PHE A 186 -49.34 22.66 -35.84
C PHE A 186 -50.41 22.23 -34.84
N PRO A 187 -51.64 22.75 -34.98
CA PRO A 187 -52.65 22.45 -33.97
C PRO A 187 -53.02 20.98 -33.87
N GLU A 188 -52.96 20.23 -34.95
CA GLU A 188 -53.42 18.84 -34.94
C GLU A 188 -52.23 17.88 -34.77
N ALA A 189 -51.45 18.09 -33.72
CA ALA A 189 -50.32 17.22 -33.45
C ALA A 189 -50.27 16.89 -31.96
N TYR A 190 -50.13 15.60 -31.64
CA TYR A 190 -49.98 15.20 -30.25
C TYR A 190 -48.66 15.72 -29.69
N LEU A 191 -48.71 16.38 -28.54
CA LEU A 191 -47.55 17.04 -27.98
C LEU A 191 -47.26 16.48 -26.60
N SER A 192 -45.99 16.15 -26.34
CA SER A 192 -45.56 15.63 -25.05
C SER A 192 -44.30 16.37 -24.63
N LEU A 193 -44.37 17.04 -23.49
CA LEU A 193 -43.20 17.66 -22.91
C LEU A 193 -42.62 16.70 -21.90
N SER A 194 -41.29 16.60 -21.87
CA SER A 194 -40.68 15.63 -20.96
C SER A 194 -40.82 16.07 -19.52
N SER A 195 -41.01 17.36 -19.27
CA SER A 195 -41.13 17.84 -17.90
C SER A 195 -42.49 17.51 -17.32
N GLU A 196 -43.52 17.44 -18.15
CA GLU A 196 -44.86 17.20 -17.65
C GLU A 196 -45.22 15.72 -17.60
N ILE A 197 -44.39 14.84 -18.14
CA ILE A 197 -44.68 13.42 -18.08
C ILE A 197 -44.10 12.79 -16.83
N VAL A 198 -42.81 13.00 -16.59
CA VAL A 198 -42.17 12.55 -15.35
C VAL A 198 -41.08 13.55 -14.97
N PRO A 199 -41.38 14.54 -14.15
CA PRO A 199 -40.37 15.56 -13.81
C PRO A 199 -39.30 15.05 -12.84
N LEU A 200 -38.53 14.08 -13.31
CA LEU A 200 -37.42 13.50 -12.55
C LEU A 200 -36.18 13.48 -13.42
N TYR A 201 -35.00 13.36 -12.80
CA TYR A 201 -33.75 13.36 -13.55
C TYR A 201 -33.54 11.98 -14.20
N ARG A 202 -32.30 11.73 -14.66
CA ARG A 202 -31.91 10.61 -15.55
C ARG A 202 -32.45 10.70 -16.98
N GLU A 203 -31.77 11.51 -17.81
CA GLU A 203 -32.28 11.92 -19.12
C GLU A 203 -32.63 10.78 -20.07
N TYR A 204 -31.91 9.65 -20.05
CA TYR A 204 -32.31 8.58 -20.97
C TYR A 204 -33.64 7.97 -20.54
N GLU A 205 -33.80 7.69 -19.26
CA GLU A 205 -35.06 7.13 -18.78
C GLU A 205 -36.21 8.11 -18.94
N ARG A 206 -35.97 9.41 -18.73
CA ARG A 206 -37.04 10.39 -18.91
C ARG A 206 -37.40 10.57 -20.38
N PHE A 207 -36.41 10.69 -21.26
CA PHE A 207 -36.70 10.83 -22.68
C PHE A 207 -37.29 9.56 -23.25
N SER A 208 -36.93 8.39 -22.73
CA SER A 208 -37.57 7.17 -23.20
C SER A 208 -39.00 7.08 -22.71
N THR A 209 -39.28 7.49 -21.49
CA THR A 209 -40.66 7.57 -21.01
C THR A 209 -41.47 8.51 -21.88
N THR A 210 -40.91 9.68 -22.19
CA THR A 210 -41.59 10.66 -23.03
C THR A 210 -41.80 10.15 -24.44
N ALA A 211 -40.81 9.43 -24.98
CA ALA A 211 -40.92 8.94 -26.34
C ALA A 211 -41.93 7.80 -26.44
N LEU A 212 -41.99 6.92 -25.44
CA LEU A 212 -43.06 5.93 -25.41
C LEU A 212 -44.42 6.61 -25.29
N ASN A 213 -44.52 7.62 -24.43
CA ASN A 213 -45.76 8.37 -24.30
C ASN A 213 -46.20 8.96 -25.62
N ALA A 214 -45.29 9.62 -26.33
CA ALA A 214 -45.63 10.23 -27.60
C ALA A 214 -45.81 9.20 -28.68
N TYR A 215 -45.24 8.01 -28.52
CA TYR A 215 -45.41 6.96 -29.52
C TYR A 215 -46.79 6.35 -29.45
N VAL A 216 -47.33 6.19 -28.25
CA VAL A 216 -48.66 5.59 -28.09
C VAL A 216 -49.75 6.65 -27.85
N GLY A 217 -49.39 7.93 -27.79
CA GLY A 217 -50.33 9.00 -27.55
C GLY A 217 -51.49 9.12 -28.52
N PRO A 218 -51.22 9.33 -29.81
CA PRO A 218 -52.33 9.50 -30.76
C PRO A 218 -53.26 8.32 -30.87
N ARG A 219 -52.78 7.11 -30.56
CA ARG A 219 -53.61 5.92 -30.68
C ARG A 219 -54.57 5.79 -29.51
N VAL A 220 -54.03 5.81 -28.29
CA VAL A 220 -54.89 5.59 -27.14
C VAL A 220 -55.72 6.82 -26.79
N SER A 221 -55.26 8.03 -27.16
CA SER A 221 -56.13 9.18 -26.97
C SER A 221 -57.40 9.05 -27.80
N ARG A 222 -57.26 8.59 -29.03
CA ARG A 222 -58.44 8.34 -29.87
C ARG A 222 -59.32 7.26 -29.27
N TYR A 223 -58.72 6.16 -28.80
CA TYR A 223 -59.53 5.08 -28.22
C TYR A 223 -60.28 5.54 -26.98
N LEU A 224 -59.62 6.29 -26.09
CA LEU A 224 -60.27 6.74 -24.87
C LEU A 224 -61.37 7.75 -25.16
N HIS A 225 -61.14 8.66 -26.10
CA HIS A 225 -62.20 9.61 -26.45
C HIS A 225 -63.41 8.90 -27.02
N ARG A 226 -63.18 7.88 -27.86
CA ARG A 226 -64.29 7.12 -28.41
C ARG A 226 -65.07 6.40 -27.31
N LEU A 227 -64.35 5.81 -26.36
CA LEU A 227 -65.00 5.10 -25.26
C LEU A 227 -65.86 6.04 -24.41
N GLN A 228 -65.31 7.20 -24.05
CA GLN A 228 -66.05 8.14 -23.21
C GLN A 228 -67.28 8.67 -23.92
N GLU A 229 -67.13 9.09 -25.18
CA GLU A 229 -68.27 9.64 -25.89
C GLU A 229 -69.34 8.58 -26.19
N GLN A 230 -68.94 7.31 -26.33
CA GLN A 230 -69.96 6.29 -26.57
C GLN A 230 -70.66 5.89 -25.29
N ALA A 231 -69.94 5.89 -24.16
CA ALA A 231 -70.58 5.58 -22.88
C ALA A 231 -71.58 6.66 -22.48
N GLU A 232 -71.28 7.92 -22.79
CA GLU A 232 -72.21 8.97 -22.41
C GLU A 232 -73.53 8.87 -23.15
N ASN A 233 -73.52 8.39 -24.39
CA ASN A 233 -74.76 8.25 -25.14
C ASN A 233 -75.67 7.16 -24.56
N LEU A 234 -75.09 6.14 -23.94
CA LEU A 234 -75.88 5.10 -23.29
C LEU A 234 -76.65 5.66 -22.11
N GLY A 235 -76.09 6.62 -21.40
CA GLY A 235 -76.76 7.22 -20.27
C GLY A 235 -75.82 7.54 -19.12
N TYR A 236 -74.55 7.16 -19.26
CA TYR A 236 -73.60 7.36 -18.17
C TYR A 236 -73.24 8.84 -18.10
N GLN A 237 -73.68 9.51 -17.05
CA GLN A 237 -73.47 10.95 -16.94
C GLN A 237 -72.18 11.32 -16.23
N ARG A 238 -71.46 10.35 -15.67
CA ARG A 238 -70.24 10.63 -14.95
C ARG A 238 -69.03 10.42 -15.85
N GLU A 239 -67.84 10.43 -15.25
CA GLU A 239 -66.58 10.24 -15.96
C GLU A 239 -65.98 8.87 -15.61
N ILE A 240 -65.32 8.27 -16.59
CA ILE A 240 -64.78 6.91 -16.46
C ILE A 240 -63.39 6.95 -15.83
N LEU A 241 -63.08 5.93 -15.02
CA LEU A 241 -61.79 5.81 -14.38
C LEU A 241 -60.98 4.66 -14.99
N LEU A 242 -59.66 4.79 -14.92
CA LEU A 242 -58.72 3.89 -15.56
C LEU A 242 -57.74 3.38 -14.52
N MET A 243 -57.42 2.09 -14.61
CA MET A 243 -56.52 1.43 -13.68
C MET A 243 -55.08 1.57 -14.16
N GLN A 244 -54.20 2.01 -13.27
CA GLN A 244 -52.81 2.19 -13.62
C GLN A 244 -51.98 1.04 -13.09
N SER A 245 -50.71 1.01 -13.49
CA SER A 245 -49.81 -0.07 -13.13
C SER A 245 -49.26 0.07 -11.72
N SER A 246 -49.51 1.18 -11.03
CA SER A 246 -49.12 1.33 -9.64
C SER A 246 -50.24 1.02 -8.67
N GLY A 247 -51.44 0.77 -9.16
CA GLY A 247 -52.58 0.53 -8.29
C GLY A 247 -53.27 1.84 -8.03
N GLY A 248 -54.40 2.08 -8.71
CA GLY A 248 -55.06 3.35 -8.55
C GLY A 248 -55.93 3.73 -9.72
N MET A 249 -57.01 4.46 -9.45
CA MET A 249 -57.89 4.99 -10.46
C MET A 249 -57.38 6.34 -10.92
N VAL A 250 -57.67 6.69 -12.18
CA VAL A 250 -57.37 8.02 -12.68
C VAL A 250 -58.41 8.32 -13.77
N PRO A 251 -58.93 9.55 -13.87
CA PRO A 251 -60.01 9.81 -14.83
C PRO A 251 -59.50 9.75 -16.28
N ILE A 252 -60.46 9.80 -17.20
CA ILE A 252 -60.16 9.65 -18.62
C ILE A 252 -59.26 10.78 -19.10
N GLY A 253 -59.54 12.01 -18.67
CA GLY A 253 -58.78 13.15 -19.16
C GLY A 253 -57.30 13.07 -18.82
N GLU A 254 -56.99 12.70 -17.58
CA GLU A 254 -55.58 12.55 -17.22
C GLU A 254 -54.98 11.28 -17.80
N ALA A 255 -55.79 10.26 -18.05
CA ALA A 255 -55.28 9.04 -18.66
C ALA A 255 -54.86 9.27 -20.11
N ALA A 256 -55.59 10.10 -20.85
CA ALA A 256 -55.21 10.41 -22.22
C ALA A 256 -53.96 11.28 -22.28
N LYS A 257 -53.62 11.95 -21.19
CA LYS A 257 -52.43 12.78 -21.18
C LYS A 257 -51.17 11.99 -20.85
N ARG A 258 -51.30 10.88 -20.11
CA ARG A 258 -50.16 10.04 -19.73
C ARG A 258 -50.47 8.58 -20.02
N PRO A 259 -50.47 8.20 -21.30
CA PRO A 259 -50.73 6.80 -21.64
C PRO A 259 -49.67 5.84 -21.11
N VAL A 260 -48.46 6.33 -20.82
CA VAL A 260 -47.38 5.44 -20.43
C VAL A 260 -47.70 4.73 -19.13
N THR A 261 -48.53 5.34 -18.28
CA THR A 261 -48.89 4.72 -17.01
C THR A 261 -49.90 3.58 -17.18
N LEU A 262 -50.50 3.45 -18.35
CA LEU A 262 -51.48 2.38 -18.55
C LEU A 262 -50.85 1.07 -18.99
N MET A 263 -49.58 1.06 -19.33
CA MET A 263 -49.00 -0.13 -19.94
C MET A 263 -48.62 -1.15 -18.88
N MET A 264 -48.79 -2.43 -19.23
CA MET A 264 -48.57 -3.56 -18.32
C MET A 264 -49.47 -3.45 -17.09
N SER A 265 -50.75 -3.23 -17.33
CA SER A 265 -51.74 -3.10 -16.26
C SER A 265 -52.64 -4.33 -16.31
N GLY A 266 -52.76 -5.02 -15.19
CA GLY A 266 -53.66 -6.14 -15.10
C GLY A 266 -53.17 -7.31 -14.27
N PRO A 267 -51.87 -7.61 -14.30
CA PRO A 267 -51.32 -8.45 -13.23
C PRO A 267 -51.41 -7.81 -11.85
N VAL A 268 -51.45 -6.47 -11.77
CA VAL A 268 -51.58 -5.79 -10.49
C VAL A 268 -52.97 -6.01 -9.89
N GLY A 269 -54.00 -6.04 -10.74
CA GLY A 269 -55.34 -6.30 -10.28
C GLY A 269 -55.48 -7.65 -9.61
N GLY A 270 -54.74 -8.64 -10.08
CA GLY A 270 -54.76 -9.94 -9.43
C GLY A 270 -54.26 -9.91 -8.01
N LEU A 271 -53.14 -9.21 -7.77
CA LEU A 271 -52.61 -9.13 -6.41
C LEU A 271 -53.57 -8.39 -5.47
N ILE A 272 -54.14 -7.27 -5.94
CA ILE A 272 -55.05 -6.53 -5.08
C ILE A 272 -56.33 -7.31 -4.82
N GLY A 273 -56.86 -7.98 -5.85
CA GLY A 273 -58.01 -8.83 -5.66
C GLY A 273 -57.75 -9.98 -4.71
N GLY A 274 -56.54 -10.53 -4.73
CA GLY A 274 -56.20 -11.57 -3.79
C GLY A 274 -56.16 -11.08 -2.36
N MET A 275 -55.60 -9.88 -2.14
CA MET A 275 -55.65 -9.30 -0.81
C MET A 275 -57.08 -9.14 -0.30
N TRP A 276 -58.00 -8.76 -1.19
CA TRP A 276 -59.39 -8.58 -0.78
C TRP A 276 -60.00 -9.87 -0.26
N ALA A 277 -59.79 -10.98 -0.97
CA ALA A 277 -60.35 -12.25 -0.53
C ALA A 277 -59.64 -12.80 0.69
N ALA A 278 -58.38 -12.41 0.91
CA ALA A 278 -57.67 -12.88 2.09
C ALA A 278 -58.10 -12.17 3.36
N LYS A 279 -58.34 -10.85 3.29
CA LYS A 279 -58.72 -10.13 4.51
C LYS A 279 -60.12 -10.45 5.01
N GLN A 280 -60.94 -11.12 4.20
CA GLN A 280 -62.23 -11.60 4.68
C GLN A 280 -62.05 -12.65 5.78
N SER A 281 -61.16 -13.61 5.55
CA SER A 281 -60.98 -14.67 6.53
C SER A 281 -60.19 -14.18 7.74
N GLY A 282 -59.25 -13.26 7.54
CA GLY A 282 -58.58 -12.64 8.65
C GLY A 282 -57.06 -12.61 8.58
N PHE A 283 -56.49 -13.14 7.51
CA PHE A 283 -55.05 -13.17 7.33
C PHE A 283 -54.59 -11.88 6.66
N GLU A 284 -53.66 -11.17 7.30
CA GLU A 284 -53.15 -9.92 6.75
C GLU A 284 -51.98 -10.15 5.81
N ASN A 285 -51.25 -11.25 5.96
CA ASN A 285 -50.09 -11.53 5.12
C ASN A 285 -50.47 -12.48 4.01
N VAL A 286 -50.19 -12.09 2.76
CA VAL A 286 -50.66 -12.83 1.60
C VAL A 286 -49.51 -13.11 0.64
N VAL A 287 -49.61 -14.23 -0.08
CA VAL A 287 -48.76 -14.57 -1.20
C VAL A 287 -49.68 -15.04 -2.32
N THR A 288 -49.86 -14.21 -3.34
CA THR A 288 -50.72 -14.52 -4.47
C THR A 288 -49.91 -15.15 -5.59
N LEU A 289 -50.56 -16.05 -6.32
CA LEU A 289 -49.89 -16.88 -7.32
C LEU A 289 -50.86 -17.11 -8.48
N ASP A 290 -50.45 -16.74 -9.69
CA ASP A 290 -51.30 -16.95 -10.86
C ASP A 290 -50.48 -17.62 -11.96
N ILE A 291 -50.82 -18.86 -12.29
CA ILE A 291 -50.14 -19.58 -13.36
C ILE A 291 -51.06 -19.55 -14.57
N GLY A 292 -50.67 -18.81 -15.60
CA GLY A 292 -51.46 -18.66 -16.79
C GLY A 292 -51.10 -19.65 -17.86
N GLY A 293 -51.34 -19.25 -19.12
CA GLY A 293 -51.06 -20.14 -20.24
C GLY A 293 -49.61 -20.15 -20.66
N THR A 294 -48.89 -19.08 -20.40
CA THR A 294 -47.51 -18.90 -20.86
C THR A 294 -46.54 -18.56 -19.76
N SER A 295 -46.97 -17.78 -18.77
CA SER A 295 -46.09 -17.29 -17.72
C SER A 295 -46.79 -17.40 -16.37
N ALA A 296 -46.01 -17.24 -15.31
CA ALA A 296 -46.51 -17.31 -13.93
C ALA A 296 -46.19 -16.01 -13.22
N ASP A 297 -47.24 -15.33 -12.73
CA ASP A 297 -47.08 -14.08 -12.00
C ASP A 297 -47.18 -14.33 -10.50
N ILE A 298 -46.21 -13.80 -9.75
CA ILE A 298 -46.14 -14.03 -8.31
C ILE A 298 -46.11 -12.68 -7.61
N GLY A 299 -46.97 -12.52 -6.58
CA GLY A 299 -47.03 -11.29 -5.82
C GLY A 299 -47.08 -11.48 -4.32
N VAL A 300 -46.14 -10.89 -3.60
CA VAL A 300 -46.00 -11.06 -2.15
C VAL A 300 -46.45 -9.79 -1.45
N ALA A 301 -47.50 -9.89 -0.61
CA ALA A 301 -48.10 -8.73 0.05
C ALA A 301 -48.00 -8.90 1.56
N TYR A 302 -46.95 -8.34 2.13
CA TYR A 302 -46.74 -8.44 3.58
C TYR A 302 -47.62 -7.43 4.30
N GLN A 303 -48.45 -7.93 5.22
CA GLN A 303 -49.42 -7.18 6.02
C GLN A 303 -50.58 -6.62 5.20
N GLY A 304 -50.57 -6.81 3.89
CA GLY A 304 -51.60 -6.22 3.05
C GLY A 304 -51.24 -4.85 2.51
N GLU A 305 -50.14 -4.78 1.76
CA GLU A 305 -49.75 -3.55 1.07
C GLU A 305 -48.94 -3.91 -0.17
N LEU A 306 -48.89 -2.97 -1.11
CA LEU A 306 -48.20 -3.16 -2.39
C LEU A 306 -46.71 -2.82 -2.27
N ARG A 307 -45.91 -3.49 -3.09
CA ARG A 307 -44.47 -3.30 -3.15
C ARG A 307 -44.09 -2.75 -4.52
N MET A 308 -43.40 -1.62 -4.55
CA MET A 308 -43.01 -0.96 -5.79
C MET A 308 -41.66 -1.47 -6.28
N ARG A 309 -41.56 -1.71 -7.58
CA ARG A 309 -40.37 -2.35 -8.11
C ARG A 309 -39.20 -1.37 -8.20
N HIS A 310 -38.01 -1.92 -8.42
CA HIS A 310 -36.79 -1.16 -8.52
C HIS A 310 -36.71 -0.44 -9.86
N LEU A 311 -35.95 0.66 -9.88
CA LEU A 311 -35.84 1.48 -11.09
C LEU A 311 -35.24 0.70 -12.25
N LEU A 312 -34.19 -0.08 -11.99
CA LEU A 312 -33.58 -0.86 -13.04
C LEU A 312 -34.51 -1.93 -13.60
N ASP A 313 -35.43 -2.41 -12.78
CA ASP A 313 -36.35 -3.45 -13.25
C ASP A 313 -37.54 -2.88 -14.00
N THR A 314 -37.72 -1.56 -13.98
CA THR A 314 -38.87 -0.95 -14.64
C THR A 314 -38.60 -0.82 -16.12
N LYS A 315 -39.30 -1.60 -16.94
CA LYS A 315 -39.08 -1.55 -18.37
C LYS A 315 -40.28 -2.15 -19.08
N ILE A 316 -40.67 -1.55 -20.20
CA ILE A 316 -41.77 -2.03 -21.00
C ILE A 316 -41.16 -2.76 -22.18
N GLY A 317 -41.03 -4.07 -22.05
CA GLY A 317 -40.47 -4.89 -23.10
C GLY A 317 -38.95 -4.81 -23.11
N ASP A 318 -38.43 -3.72 -23.66
CA ASP A 318 -36.99 -3.53 -23.76
C ASP A 318 -36.62 -2.09 -23.41
N HIS A 319 -37.56 -1.17 -23.56
CA HIS A 319 -37.31 0.23 -23.27
C HIS A 319 -37.49 0.51 -21.79
N GLN A 320 -36.66 1.39 -21.26
CA GLN A 320 -36.78 1.73 -19.85
C GLN A 320 -37.85 2.79 -19.64
N ALA A 321 -38.14 3.06 -18.37
CA ALA A 321 -39.17 4.01 -17.98
C ALA A 321 -38.95 4.42 -16.53
N MET A 322 -39.73 5.38 -16.06
CA MET A 322 -39.72 5.83 -14.68
C MET A 322 -41.14 5.94 -14.13
N VAL A 323 -42.03 5.09 -14.63
CA VAL A 323 -43.41 4.99 -14.18
C VAL A 323 -43.47 4.08 -12.96
N PRO A 324 -44.24 4.41 -11.92
CA PRO A 324 -44.32 3.52 -10.75
C PRO A 324 -45.04 2.24 -11.10
N MET A 325 -44.50 1.11 -10.68
CA MET A 325 -45.10 -0.20 -10.94
C MET A 325 -44.94 -1.11 -9.74
N VAL A 326 -45.86 -2.05 -9.63
CA VAL A 326 -45.88 -3.03 -8.54
C VAL A 326 -44.98 -4.20 -8.91
N ASP A 327 -44.11 -4.60 -7.98
CA ASP A 327 -43.13 -5.66 -8.21
C ASP A 327 -43.82 -7.00 -8.30
N ILE A 328 -43.95 -7.51 -9.52
CA ILE A 328 -44.56 -8.80 -9.78
C ILE A 328 -43.56 -9.66 -10.51
N ASP A 329 -43.29 -10.86 -9.98
CA ASP A 329 -42.27 -11.73 -10.58
C ASP A 329 -42.91 -12.54 -11.69
N THR A 330 -42.40 -12.37 -12.91
CA THR A 330 -42.84 -13.18 -14.04
C THR A 330 -41.84 -14.33 -14.23
N ILE A 331 -42.35 -15.55 -14.20
CA ILE A 331 -41.53 -16.75 -14.35
C ILE A 331 -41.97 -17.46 -15.61
N GLY A 332 -40.99 -17.93 -16.38
CA GLY A 332 -41.30 -18.59 -17.63
C GLY A 332 -41.95 -19.94 -17.44
N ALA A 333 -41.72 -20.58 -16.30
CA ALA A 333 -42.27 -21.91 -16.05
C ALA A 333 -43.77 -21.78 -15.83
N GLY A 334 -44.53 -21.95 -16.90
CA GLY A 334 -45.97 -21.88 -16.83
C GLY A 334 -46.64 -23.04 -17.53
N GLY A 335 -47.82 -22.80 -18.12
CA GLY A 335 -48.50 -23.86 -18.83
C GLY A 335 -47.75 -24.28 -20.09
N GLY A 336 -47.26 -23.31 -20.84
CA GLY A 336 -46.47 -23.55 -22.02
C GLY A 336 -44.98 -23.64 -21.78
N SER A 337 -44.51 -24.73 -21.19
CA SER A 337 -43.08 -24.98 -21.02
C SER A 337 -42.80 -26.40 -21.48
N ILE A 338 -41.80 -26.55 -22.32
CA ILE A 338 -41.48 -27.86 -22.89
C ILE A 338 -40.50 -28.57 -21.98
N ALA A 339 -40.67 -29.88 -21.86
CA ALA A 339 -39.84 -30.72 -21.01
C ALA A 339 -38.92 -31.55 -21.89
N TYR A 340 -37.63 -31.53 -21.58
CA TYR A 340 -36.68 -32.22 -22.44
C TYR A 340 -35.41 -32.53 -21.68
N VAL A 341 -34.70 -33.52 -22.19
CA VAL A 341 -33.34 -33.82 -21.77
C VAL A 341 -32.43 -33.39 -22.92
N ASP A 342 -31.46 -32.54 -22.61
CA ASP A 342 -30.62 -32.02 -23.66
C ASP A 342 -29.53 -33.03 -24.04
N ALA A 343 -28.60 -32.60 -24.88
CA ALA A 343 -27.54 -33.49 -25.33
C ALA A 343 -26.56 -33.85 -24.22
N GLY A 344 -26.54 -33.05 -23.16
CA GLY A 344 -25.73 -33.32 -21.99
C GLY A 344 -26.36 -34.22 -20.95
N GLY A 345 -27.57 -34.73 -21.20
CA GLY A 345 -28.24 -35.58 -20.25
C GLY A 345 -28.66 -34.88 -18.97
N VAL A 346 -29.44 -33.82 -19.11
CA VAL A 346 -29.93 -33.04 -17.97
C VAL A 346 -31.40 -32.72 -18.20
N PHE A 347 -32.21 -32.92 -17.17
CA PHE A 347 -33.65 -32.73 -17.25
C PHE A 347 -33.99 -31.26 -17.03
N ARG A 348 -34.72 -30.66 -17.97
CA ARG A 348 -35.12 -29.27 -17.78
C ARG A 348 -36.45 -29.00 -18.46
N VAL A 349 -37.25 -28.13 -17.84
CA VAL A 349 -38.56 -27.72 -18.34
C VAL A 349 -38.52 -26.22 -18.55
N GLY A 350 -38.79 -25.77 -19.79
CA GLY A 350 -38.68 -24.38 -20.14
C GLY A 350 -37.25 -23.98 -20.47
N PRO A 351 -37.05 -22.71 -20.84
CA PRO A 351 -38.03 -21.65 -20.99
C PRO A 351 -38.66 -21.60 -22.37
N GLN A 352 -38.39 -22.59 -23.24
CA GLN A 352 -39.03 -22.63 -24.54
C GLN A 352 -40.50 -22.91 -24.39
N SER A 353 -41.33 -22.11 -25.06
CA SER A 353 -42.78 -22.18 -24.89
C SER A 353 -43.40 -23.04 -25.98
N ALA A 354 -44.41 -23.83 -25.60
CA ALA A 354 -45.12 -24.67 -26.56
C ALA A 354 -46.22 -23.89 -27.27
N GLY A 355 -47.00 -23.11 -26.52
CA GLY A 355 -48.09 -22.37 -27.09
C GLY A 355 -49.40 -23.12 -27.03
N ALA A 356 -50.49 -22.37 -27.19
CA ALA A 356 -51.83 -22.94 -27.17
C ALA A 356 -52.26 -23.53 -28.50
N VAL A 357 -51.57 -23.21 -29.59
CA VAL A 357 -51.89 -23.74 -30.91
C VAL A 357 -51.64 -25.25 -30.99
N PRO A 358 -50.46 -25.79 -30.59
CA PRO A 358 -50.30 -27.26 -30.64
C PRO A 358 -51.14 -27.97 -29.61
N GLY A 359 -51.05 -27.57 -28.35
CA GLY A 359 -51.81 -28.17 -27.28
C GLY A 359 -51.43 -29.61 -26.98
N PRO A 360 -51.99 -30.17 -25.91
CA PRO A 360 -51.77 -31.60 -25.64
C PRO A 360 -52.51 -32.46 -26.65
N VAL A 361 -51.82 -33.48 -27.15
CA VAL A 361 -52.43 -34.35 -28.16
C VAL A 361 -53.47 -35.29 -27.57
N CYS A 362 -53.47 -35.48 -26.25
CA CYS A 362 -54.47 -36.34 -25.62
C CYS A 362 -55.87 -35.76 -25.74
N TYR A 363 -56.00 -34.43 -25.65
CA TYR A 363 -57.30 -33.79 -25.84
C TYR A 363 -57.78 -33.85 -27.29
N GLY A 364 -56.91 -34.19 -28.24
CA GLY A 364 -57.28 -34.24 -29.63
C GLY A 364 -57.03 -32.93 -30.36
N ARG A 365 -55.81 -32.41 -30.25
CA ARG A 365 -55.47 -31.17 -30.93
C ARG A 365 -54.30 -31.37 -31.91
N GLY A 366 -53.24 -32.03 -31.44
CA GLY A 366 -52.08 -32.31 -32.28
C GLY A 366 -50.79 -31.66 -31.82
N GLY A 367 -49.88 -32.47 -31.27
CA GLY A 367 -48.61 -31.97 -30.80
C GLY A 367 -47.50 -32.96 -31.09
N THR A 368 -46.26 -32.51 -30.85
CA THR A 368 -45.10 -33.34 -31.14
C THR A 368 -44.04 -33.33 -30.06
N GLU A 369 -44.28 -32.71 -28.91
CA GLU A 369 -43.29 -32.66 -27.84
C GLU A 369 -44.02 -32.72 -26.50
N PRO A 370 -43.34 -33.15 -25.44
CA PRO A 370 -43.98 -33.18 -24.12
C PRO A 370 -44.03 -31.80 -23.48
N THR A 371 -45.24 -31.41 -23.07
CA THR A 371 -45.51 -30.09 -22.53
C THR A 371 -45.75 -30.16 -21.03
N SER A 372 -45.68 -29.00 -20.39
CA SER A 372 -45.96 -28.90 -18.96
C SER A 372 -47.40 -29.29 -18.64
N THR A 373 -48.34 -28.82 -19.46
CA THR A 373 -49.74 -29.10 -19.20
C THR A 373 -50.08 -30.56 -19.46
N ASP A 374 -49.37 -31.21 -20.38
CA ASP A 374 -49.64 -32.63 -20.66
C ASP A 374 -49.23 -33.52 -19.49
N ALA A 375 -48.31 -33.04 -18.65
CA ALA A 375 -47.94 -33.78 -17.45
C ALA A 375 -49.07 -33.81 -16.44
N GLN A 376 -49.88 -32.75 -16.36
CA GLN A 376 -51.01 -32.73 -15.45
C GLN A 376 -52.07 -33.74 -15.86
N VAL A 377 -52.20 -34.03 -17.15
CA VAL A 377 -53.21 -34.98 -17.62
C VAL A 377 -52.84 -36.40 -17.20
N LEU A 378 -51.55 -36.76 -17.30
CA LEU A 378 -51.14 -38.12 -17.01
C LEU A 378 -51.45 -38.50 -15.57
N LEU A 379 -51.12 -37.63 -14.63
CA LEU A 379 -51.40 -37.89 -13.24
C LEU A 379 -52.90 -37.81 -12.91
N GLY A 380 -53.66 -37.09 -13.71
CA GLY A 380 -55.09 -36.98 -13.51
C GLY A 380 -55.55 -35.75 -12.78
N ARG A 381 -54.74 -34.68 -12.76
CA ARG A 381 -55.20 -33.44 -12.14
C ARG A 381 -56.24 -32.76 -13.02
N MET A 382 -56.09 -32.86 -14.33
CA MET A 382 -57.05 -32.32 -15.28
C MET A 382 -57.79 -33.47 -15.94
N ARG A 383 -59.10 -33.38 -16.00
CA ARG A 383 -59.87 -34.44 -16.63
C ARG A 383 -59.71 -34.39 -18.16
N PRO A 384 -59.82 -35.54 -18.82
CA PRO A 384 -59.77 -35.54 -20.29
C PRO A 384 -61.12 -35.30 -20.94
N ASP A 385 -62.10 -34.83 -20.16
CA ASP A 385 -63.42 -34.52 -20.66
C ASP A 385 -63.90 -33.17 -20.12
N ARG A 386 -63.01 -32.19 -20.09
CA ARG A 386 -63.34 -30.85 -19.62
C ARG A 386 -63.63 -29.89 -20.76
N ILE A 387 -62.74 -29.81 -21.75
CA ILE A 387 -62.96 -28.91 -22.88
C ILE A 387 -64.12 -29.42 -23.74
N LEU A 388 -64.11 -30.71 -24.06
CA LEU A 388 -65.18 -31.29 -24.87
C LEU A 388 -66.44 -31.52 -24.06
N ALA A 389 -66.30 -31.90 -22.79
CA ALA A 389 -67.40 -32.20 -21.88
C ALA A 389 -68.35 -33.24 -22.46
N ASP A 396 -56.96 -39.33 -28.68
CA ASP A 396 -56.90 -40.65 -28.08
C ASP A 396 -56.61 -40.56 -26.58
N LEU A 397 -57.04 -41.58 -25.84
CA LEU A 397 -56.77 -41.62 -24.41
C LEU A 397 -55.29 -41.87 -24.13
N ASP A 398 -54.67 -42.78 -24.88
CA ASP A 398 -53.27 -43.11 -24.71
C ASP A 398 -52.35 -42.19 -25.51
N GLY A 399 -52.86 -41.05 -25.95
CA GLY A 399 -52.03 -40.12 -26.71
C GLY A 399 -51.00 -39.42 -25.86
N ALA A 400 -51.20 -39.41 -24.55
CA ALA A 400 -50.23 -38.82 -23.64
C ALA A 400 -49.24 -39.83 -23.08
N ARG A 401 -49.69 -41.04 -22.76
CA ARG A 401 -48.81 -42.04 -22.15
C ARG A 401 -47.71 -42.47 -23.10
N ALA A 402 -48.06 -42.72 -24.36
CA ALA A 402 -47.08 -43.21 -25.33
C ALA A 402 -46.24 -42.10 -25.96
N ALA A 403 -46.71 -40.86 -25.89
CA ALA A 403 -45.97 -39.76 -26.50
C ALA A 403 -44.73 -39.38 -25.69
N MET A 404 -44.76 -39.59 -24.38
CA MET A 404 -43.63 -39.28 -23.53
C MET A 404 -42.61 -40.41 -23.46
N GLN A 405 -42.73 -41.41 -24.33
CA GLN A 405 -41.72 -42.46 -24.41
C GLN A 405 -40.35 -41.88 -24.75
N GLY A 406 -40.32 -40.78 -25.50
CA GLY A 406 -39.07 -40.16 -25.87
C GLY A 406 -38.48 -39.32 -24.75
N LEU A 407 -39.08 -39.38 -23.57
CA LEU A 407 -38.54 -38.65 -22.43
C LEU A 407 -38.39 -39.60 -21.26
N ALA A 408 -39.24 -40.63 -21.21
CA ALA A 408 -39.25 -41.54 -20.07
C ALA A 408 -38.08 -42.52 -20.13
N ASP A 409 -38.01 -43.33 -21.18
CA ASP A 409 -36.96 -44.33 -21.25
C ASP A 409 -35.59 -43.72 -21.47
N LYS A 410 -35.54 -42.50 -22.00
CA LYS A 410 -34.27 -41.83 -22.26
C LYS A 410 -33.61 -41.29 -21.00
N LEU A 411 -34.32 -41.30 -19.87
CA LEU A 411 -33.78 -40.87 -18.59
C LEU A 411 -33.60 -42.00 -17.59
N GLY A 412 -34.34 -43.10 -17.75
CA GLY A 412 -34.34 -44.15 -16.76
C GLY A 412 -35.45 -43.97 -15.75
N MET A 413 -36.50 -43.25 -16.13
CA MET A 413 -37.64 -42.99 -15.28
C MET A 413 -38.66 -44.13 -15.39
N SER A 414 -39.57 -44.16 -14.42
CA SER A 414 -40.67 -45.11 -14.44
C SER A 414 -41.76 -44.63 -15.39
N ILE A 415 -42.76 -45.49 -15.60
CA ILE A 415 -43.82 -45.19 -16.57
C ILE A 415 -44.62 -43.97 -16.12
N GLU A 416 -45.09 -43.97 -14.87
CA GLU A 416 -45.93 -42.90 -14.36
C GLU A 416 -45.16 -41.80 -13.64
N GLU A 417 -43.91 -42.04 -13.28
CA GLU A 417 -43.13 -41.06 -12.53
C GLU A 417 -42.60 -39.94 -13.42
N ALA A 418 -42.63 -40.17 -14.74
CA ALA A 418 -42.17 -39.14 -15.69
C ALA A 418 -42.96 -37.86 -15.53
N ALA A 419 -44.28 -37.99 -15.40
CA ALA A 419 -45.12 -36.81 -15.21
C ALA A 419 -44.81 -36.11 -13.91
N LEU A 420 -44.57 -36.86 -12.83
CA LEU A 420 -44.26 -36.24 -11.54
C LEU A 420 -42.99 -35.41 -11.63
N GLY A 421 -41.98 -35.92 -12.33
CA GLY A 421 -40.75 -35.15 -12.44
C GLY A 421 -40.95 -33.79 -13.11
N ALA A 422 -41.75 -33.76 -14.17
CA ALA A 422 -41.99 -32.53 -14.92
C ALA A 422 -42.72 -31.48 -14.09
N LEU A 423 -43.51 -31.91 -13.11
CA LEU A 423 -44.22 -30.96 -12.26
C LEU A 423 -43.39 -30.52 -11.06
N GLN A 424 -42.64 -31.45 -10.47
CA GLN A 424 -41.82 -31.10 -9.31
C GLN A 424 -40.73 -30.13 -9.71
N ILE A 425 -40.20 -30.27 -10.92
CA ILE A 425 -39.15 -29.35 -11.35
C ILE A 425 -39.68 -27.91 -11.44
N GLN A 426 -40.90 -27.73 -11.95
CA GLN A 426 -41.52 -26.41 -11.98
C GLN A 426 -41.81 -25.89 -10.58
N LYS A 427 -42.30 -26.77 -9.70
CA LYS A 427 -42.55 -26.35 -8.32
C LYS A 427 -41.29 -25.77 -7.69
N PHE A 428 -40.17 -26.47 -7.83
CA PHE A 428 -38.95 -25.98 -7.21
C PHE A 428 -38.44 -24.72 -7.89
N GLY A 429 -38.62 -24.60 -9.20
CA GLY A 429 -38.21 -23.38 -9.87
C GLY A 429 -38.97 -22.16 -9.40
N MET A 430 -40.27 -22.32 -9.17
CA MET A 430 -41.07 -21.22 -8.63
C MET A 430 -40.76 -20.97 -7.16
N THR A 431 -40.50 -22.03 -6.40
CA THR A 431 -40.28 -21.85 -4.96
C THR A 431 -38.96 -21.17 -4.68
N GLN A 432 -37.90 -21.41 -5.45
CA GLN A 432 -36.69 -20.68 -5.14
C GLN A 432 -36.74 -19.26 -5.66
N ALA A 433 -37.55 -18.99 -6.69
CA ALA A 433 -37.86 -17.61 -7.06
C ALA A 433 -38.53 -16.88 -5.91
N ILE A 434 -39.50 -17.54 -5.28
CA ILE A 434 -40.16 -16.94 -4.11
C ILE A 434 -39.19 -16.77 -2.95
N GLU A 435 -38.41 -17.81 -2.64
CA GLU A 435 -37.52 -17.74 -1.48
C GLU A 435 -36.41 -16.72 -1.67
N GLN A 436 -36.01 -16.45 -2.92
CA GLN A 436 -35.09 -15.35 -3.19
C GLN A 436 -35.64 -14.05 -2.65
N ASN A 437 -36.93 -13.82 -2.85
CA ASN A 437 -37.58 -12.58 -2.41
C ASN A 437 -38.47 -12.84 -1.21
N SER A 438 -38.14 -13.85 -0.42
CA SER A 438 -38.81 -14.03 0.86
C SER A 438 -37.86 -14.21 2.04
N VAL A 439 -36.77 -14.96 1.85
CA VAL A 439 -35.93 -15.32 2.98
C VAL A 439 -35.10 -14.12 3.43
N ARG A 440 -34.48 -13.42 2.49
CA ARG A 440 -33.66 -12.26 2.86
C ARG A 440 -34.52 -11.10 3.33
N ARG A 441 -35.79 -11.08 2.95
CA ARG A 441 -36.67 -10.02 3.42
C ARG A 441 -37.00 -10.15 4.90
N GLY A 442 -36.98 -11.37 5.44
CA GLY A 442 -37.27 -11.58 6.84
C GLY A 442 -38.73 -11.89 7.06
N TYR A 443 -39.29 -12.74 6.22
CA TYR A 443 -40.71 -13.08 6.29
C TYR A 443 -40.83 -14.48 6.87
N ASP A 444 -41.69 -14.64 7.87
CA ASP A 444 -41.99 -15.97 8.39
C ASP A 444 -43.10 -16.60 7.55
N PRO A 445 -42.84 -17.72 6.87
CA PRO A 445 -43.84 -18.27 5.96
C PRO A 445 -45.07 -18.85 6.65
N ARG A 446 -44.99 -19.21 7.93
CA ARG A 446 -46.15 -19.80 8.58
C ARG A 446 -47.28 -18.80 8.73
N ASP A 447 -46.94 -17.53 8.98
CA ASP A 447 -47.96 -16.49 9.12
C ASP A 447 -48.66 -16.17 7.80
N PHE A 448 -47.96 -16.33 6.69
CA PHE A 448 -48.49 -15.96 5.40
C PHE A 448 -49.55 -16.96 4.95
N THR A 449 -50.24 -16.60 3.87
CA THR A 449 -51.27 -17.44 3.28
C THR A 449 -51.07 -17.47 1.78
N LEU A 450 -51.23 -18.64 1.17
CA LEU A 450 -51.12 -18.75 -0.27
C LEU A 450 -52.51 -18.57 -0.86
N VAL A 451 -52.62 -17.79 -1.92
CA VAL A 451 -53.88 -17.55 -2.61
C VAL A 451 -53.70 -17.94 -4.07
N ALA A 452 -54.64 -18.71 -4.59
CA ALA A 452 -54.61 -19.12 -5.98
C ALA A 452 -55.38 -18.13 -6.85
N ALA A 453 -55.35 -18.39 -8.16
CA ALA A 453 -56.00 -17.53 -9.13
C ALA A 453 -56.33 -18.35 -10.37
N GLY A 454 -56.83 -17.66 -11.39
CA GLY A 454 -57.31 -18.31 -12.59
C GLY A 454 -56.23 -19.00 -13.38
N GLY A 455 -56.63 -19.90 -14.27
CA GLY A 455 -55.66 -20.67 -15.04
C GLY A 455 -55.35 -22.00 -14.43
N ALA A 456 -54.20 -22.12 -13.77
CA ALA A 456 -53.83 -23.34 -13.08
C ALA A 456 -53.14 -23.00 -11.75
N GLY A 457 -53.72 -22.07 -11.00
CA GLY A 457 -53.07 -21.56 -9.81
C GLY A 457 -53.17 -22.43 -8.57
N ALA A 458 -54.28 -23.13 -8.41
CA ALA A 458 -54.50 -23.95 -7.22
C ALA A 458 -53.82 -25.31 -7.31
N LEU A 459 -53.19 -25.63 -8.45
CA LEU A 459 -52.55 -26.92 -8.60
C LEU A 459 -51.26 -26.98 -7.80
N PHE A 460 -50.47 -25.92 -7.84
CA PHE A 460 -49.19 -25.85 -7.15
C PHE A 460 -49.29 -25.19 -5.78
N ALA A 461 -50.49 -25.12 -5.20
CA ALA A 461 -50.71 -24.35 -3.98
C ALA A 461 -50.19 -25.08 -2.74
N CYS A 462 -50.71 -26.28 -2.46
CA CYS A 462 -50.26 -27.04 -1.31
C CYS A 462 -48.82 -27.53 -1.47
N GLU A 463 -48.43 -27.88 -2.70
CA GLU A 463 -47.06 -28.33 -2.93
C GLU A 463 -46.04 -27.24 -2.62
N ILE A 464 -46.29 -26.00 -3.07
CA ILE A 464 -45.34 -24.92 -2.79
C ILE A 464 -45.38 -24.53 -1.33
N ALA A 465 -46.57 -24.54 -0.72
CA ALA A 465 -46.69 -24.17 0.69
C ALA A 465 -45.96 -25.17 1.58
N ALA A 466 -45.95 -26.44 1.19
CA ALA A 466 -45.17 -27.44 1.92
C ALA A 466 -43.69 -27.10 1.90
N GLU A 467 -43.18 -26.69 0.75
CA GLU A 467 -41.76 -26.33 0.65
C GLU A 467 -41.46 -25.06 1.43
N LEU A 468 -42.38 -24.10 1.42
CA LEU A 468 -42.16 -22.88 2.18
C LEU A 468 -42.49 -23.07 3.66
N GLU A 469 -43.19 -24.16 4.00
CA GLU A 469 -43.81 -24.38 5.30
C GLU A 469 -44.88 -23.33 5.58
N VAL A 470 -45.94 -23.33 4.78
CA VAL A 470 -47.09 -22.43 4.95
C VAL A 470 -48.33 -23.27 5.22
N PRO A 471 -48.99 -23.10 6.37
CA PRO A 471 -50.10 -24.00 6.71
C PRO A 471 -51.43 -23.57 6.14
N HIS A 472 -51.63 -22.29 5.88
CA HIS A 472 -52.90 -21.77 5.41
C HIS A 472 -52.89 -21.70 3.90
N VAL A 473 -53.85 -22.37 3.27
CA VAL A 473 -54.08 -22.24 1.83
C VAL A 473 -55.52 -21.80 1.63
N LEU A 474 -55.69 -20.72 0.86
CA LEU A 474 -56.99 -20.09 0.64
C LEU A 474 -57.21 -19.92 -0.85
N VAL A 475 -58.39 -20.28 -1.32
CA VAL A 475 -58.79 -20.05 -2.71
C VAL A 475 -60.08 -19.23 -2.70
N PRO A 476 -60.14 -18.11 -3.42
CA PRO A 476 -61.33 -17.24 -3.39
C PRO A 476 -62.55 -17.89 -4.02
N ALA A 477 -63.66 -17.16 -3.93
CA ALA A 477 -64.96 -17.70 -4.29
C ALA A 477 -65.12 -17.90 -5.80
N HIS A 478 -64.40 -17.13 -6.59
CA HIS A 478 -64.46 -17.24 -8.04
C HIS A 478 -63.13 -16.77 -8.60
N PRO A 479 -62.18 -17.69 -8.78
CA PRO A 479 -60.85 -17.28 -9.24
C PRO A 479 -60.83 -16.69 -10.64
N GLY A 480 -61.85 -16.91 -11.45
CA GLY A 480 -61.85 -16.41 -12.81
C GLY A 480 -62.20 -14.94 -12.98
N ILE A 481 -62.42 -14.19 -11.90
CA ILE A 481 -62.86 -12.81 -11.99
C ILE A 481 -62.04 -11.94 -11.03
N ILE A 482 -60.97 -12.49 -10.46
CA ILE A 482 -60.23 -11.78 -9.43
C ILE A 482 -59.62 -10.50 -9.98
N ALA A 483 -59.34 -10.45 -11.27
CA ALA A 483 -58.85 -9.22 -11.88
C ALA A 483 -59.89 -8.12 -11.83
N GLY A 484 -61.15 -8.45 -12.11
CA GLY A 484 -62.20 -7.44 -12.06
C GLY A 484 -62.45 -6.94 -10.66
N ILE A 485 -62.50 -7.84 -9.68
CA ILE A 485 -62.77 -7.45 -8.30
C ILE A 485 -61.68 -6.53 -7.78
N GLY A 486 -60.42 -6.83 -8.08
CA GLY A 486 -59.32 -5.98 -7.67
C GLY A 486 -59.36 -4.60 -8.28
N LEU A 487 -60.17 -4.39 -9.33
CA LEU A 487 -60.40 -3.04 -9.83
C LEU A 487 -61.12 -2.19 -8.78
N LEU A 488 -62.14 -2.75 -8.14
CA LEU A 488 -62.98 -1.97 -7.25
C LEU A 488 -62.39 -1.82 -5.85
N ALA A 489 -61.44 -2.67 -5.48
CA ALA A 489 -60.93 -2.62 -4.11
C ALA A 489 -59.99 -1.44 -3.90
N THR A 490 -59.26 -1.04 -4.94
CA THR A 490 -58.35 0.07 -4.81
C THR A 490 -59.13 1.39 -4.77
N ASP A 491 -58.44 2.46 -4.41
CA ASP A 491 -59.04 3.77 -4.21
C ASP A 491 -58.42 4.78 -5.16
N GLU A 492 -59.22 5.79 -5.52
CA GLU A 492 -58.80 6.84 -6.45
C GLU A 492 -57.69 7.67 -5.82
N GLN A 493 -56.49 7.57 -6.37
CA GLN A 493 -55.35 8.30 -5.86
C GLN A 493 -54.61 8.94 -7.02
N TYR A 494 -53.93 10.04 -6.71
CA TYR A 494 -53.10 10.75 -7.67
C TYR A 494 -51.69 10.86 -7.12
N GLU A 495 -50.71 10.64 -7.99
CA GLU A 495 -49.31 10.72 -7.62
C GLU A 495 -48.74 12.00 -8.20
N PHE A 496 -48.16 12.83 -7.36
CA PHE A 496 -47.42 13.99 -7.83
C PHE A 496 -46.01 13.91 -7.27
N VAL A 497 -45.02 14.07 -8.15
CA VAL A 497 -43.63 13.81 -7.79
C VAL A 497 -42.80 15.05 -8.10
N ALA A 498 -41.63 15.09 -7.48
CA ALA A 498 -40.66 16.15 -7.76
C ALA A 498 -39.28 15.65 -7.40
N THR A 499 -38.26 16.28 -7.99
CA THR A 499 -36.88 16.00 -7.66
C THR A 499 -36.40 17.08 -6.70
N ASN A 500 -36.09 16.68 -5.47
CA ASN A 500 -35.76 17.60 -4.40
C ASN A 500 -34.66 16.92 -3.58
N ARG A 501 -33.42 17.20 -3.93
CA ARG A 501 -32.29 16.50 -3.35
C ARG A 501 -31.86 17.19 -2.07
N PHE A 502 -31.97 16.49 -0.95
CA PHE A 502 -31.44 16.98 0.31
C PHE A 502 -30.94 15.82 1.15
N SER A 503 -30.01 16.11 2.05
CA SER A 503 -29.48 15.14 2.98
C SER A 503 -29.92 15.49 4.40
N PHE A 504 -30.13 14.46 5.21
CA PHE A 504 -30.58 14.68 6.59
C PHE A 504 -29.52 15.34 7.46
N ALA A 505 -28.26 15.37 7.03
CA ALA A 505 -27.24 16.03 7.82
C ALA A 505 -27.39 17.55 7.77
N SER A 506 -27.62 18.10 6.58
CA SER A 506 -27.75 19.54 6.39
C SER A 506 -29.09 19.79 5.70
N ALA A 507 -30.14 19.91 6.51
CA ALA A 507 -31.50 20.03 5.99
C ALA A 507 -32.22 21.18 6.65
N ASP A 508 -33.23 21.69 5.94
CA ASP A 508 -34.03 22.83 6.38
C ASP A 508 -35.49 22.40 6.36
N ALA A 509 -36.17 22.60 7.49
CA ALA A 509 -37.56 22.18 7.62
C ALA A 509 -38.55 23.22 7.11
N ALA A 510 -38.12 24.09 6.22
CA ALA A 510 -38.98 25.06 5.57
C ALA A 510 -39.01 24.89 4.07
N VAL A 511 -37.88 24.60 3.44
CA VAL A 511 -37.85 24.33 2.02
C VAL A 511 -38.53 23.00 1.71
N ILE A 512 -38.28 22.00 2.55
CA ILE A 512 -38.93 20.70 2.36
C ILE A 512 -40.43 20.82 2.51
N GLN A 513 -40.87 21.55 3.53
CA GLN A 513 -42.30 21.77 3.74
C GLN A 513 -42.92 22.50 2.55
N ALA A 514 -42.21 23.47 1.99
CA ALA A 514 -42.73 24.22 0.84
C ALA A 514 -42.84 23.32 -0.40
N SER A 515 -41.86 22.44 -0.61
CA SER A 515 -41.93 21.52 -1.75
C SER A 515 -43.12 20.59 -1.61
N TYR A 516 -43.31 20.02 -0.41
CA TYR A 516 -44.46 19.15 -0.20
C TYR A 516 -45.77 19.93 -0.33
N GLU A 517 -45.78 21.20 0.09
CA GLU A 517 -46.99 22.01 -0.04
C GLU A 517 -47.31 22.33 -1.50
N GLN A 518 -46.29 22.50 -2.33
CA GLN A 518 -46.53 22.69 -3.76
C GLN A 518 -47.19 21.44 -4.36
N LEU A 519 -46.67 20.27 -4.01
CA LEU A 519 -47.31 19.03 -4.48
C LEU A 519 -48.72 18.90 -3.95
N GLU A 520 -48.94 19.25 -2.68
CA GLU A 520 -50.28 19.23 -2.09
C GLU A 520 -51.23 20.19 -2.79
N ARG A 521 -50.73 21.37 -3.15
CA ARG A 521 -51.55 22.36 -3.83
C ARG A 521 -52.05 21.81 -5.15
N GLU A 522 -51.16 21.19 -5.94
CA GLU A 522 -51.66 20.67 -7.20
C GLU A 522 -52.53 19.42 -7.01
N ALA A 523 -52.31 18.65 -5.95
CA ALA A 523 -53.19 17.51 -5.67
C ALA A 523 -54.60 17.96 -5.30
N ASN A 524 -54.71 18.96 -4.42
CA ASN A 524 -56.02 19.47 -4.05
C ASN A 524 -56.72 20.11 -5.25
N ALA A 525 -55.96 20.80 -6.10
CA ALA A 525 -56.56 21.38 -7.29
C ALA A 525 -57.07 20.29 -8.23
N GLN A 526 -56.37 19.15 -8.29
CA GLN A 526 -56.88 18.05 -9.11
C GLN A 526 -58.15 17.45 -8.53
N LEU A 527 -58.22 17.32 -7.20
CA LEU A 527 -59.40 16.74 -6.58
C LEU A 527 -60.60 17.67 -6.59
N ASP A 528 -60.39 18.99 -6.68
CA ASP A 528 -61.51 19.91 -6.74
C ASP A 528 -62.32 19.74 -8.02
N ALA A 529 -61.66 19.42 -9.13
CA ALA A 529 -62.38 19.29 -10.39
C ALA A 529 -63.22 18.03 -10.48
N GLU A 530 -63.00 17.06 -9.59
CA GLU A 530 -63.74 15.81 -9.62
C GLU A 530 -64.93 15.78 -8.67
N GLU A 531 -65.18 16.88 -7.95
CA GLU A 531 -66.35 17.02 -7.08
C GLU A 531 -66.37 15.95 -5.99
N VAL A 532 -65.27 15.84 -5.26
CA VAL A 532 -65.15 14.89 -4.14
C VAL A 532 -65.15 15.69 -2.85
N PRO A 533 -65.92 15.29 -1.84
CA PRO A 533 -65.98 16.08 -0.60
C PRO A 533 -64.66 16.10 0.14
N ALA A 534 -64.42 17.20 0.85
CA ALA A 534 -63.18 17.36 1.60
C ALA A 534 -63.15 16.55 2.88
N GLU A 535 -64.26 15.94 3.26
CA GLU A 535 -64.35 15.15 4.48
C GLU A 535 -63.94 13.70 4.27
N ARG A 536 -63.35 13.38 3.12
CA ARG A 536 -62.92 12.01 2.84
C ARG A 536 -61.57 11.94 2.12
N ARG A 537 -60.78 13.00 2.15
CA ARG A 537 -59.51 13.07 1.43
C ARG A 537 -58.39 12.68 2.37
N LYS A 538 -57.78 11.51 2.14
CA LYS A 538 -56.65 11.05 2.92
C LYS A 538 -55.38 11.26 2.12
N ILE A 539 -54.39 11.91 2.73
CA ILE A 539 -53.17 12.31 2.05
C ILE A 539 -51.99 11.64 2.74
N VAL A 540 -51.13 10.99 1.95
CA VAL A 540 -49.97 10.26 2.45
C VAL A 540 -48.74 10.75 1.73
N TRP A 541 -47.67 11.02 2.46
CA TRP A 541 -46.41 11.47 1.89
C TRP A 541 -45.41 10.32 1.85
N LEU A 542 -44.56 10.33 0.83
CA LEU A 542 -43.52 9.31 0.64
C LEU A 542 -42.23 9.98 0.23
N ALA A 543 -41.13 9.22 0.28
CA ALA A 543 -39.84 9.72 -0.17
C ALA A 543 -38.95 8.59 -0.65
N ASP A 544 -38.10 8.90 -1.63
CA ASP A 544 -37.09 7.99 -2.15
C ASP A 544 -35.74 8.39 -1.60
N ALA A 545 -35.04 7.45 -1.00
CA ALA A 545 -33.78 7.79 -0.35
C ALA A 545 -32.74 6.72 -0.61
N ARG A 546 -31.49 7.10 -0.40
CA ARG A 546 -30.38 6.16 -0.51
C ARG A 546 -29.23 6.67 0.34
N TYR A 547 -28.31 5.78 0.67
CA TYR A 547 -27.07 6.22 1.28
C TYR A 547 -26.26 7.04 0.27
N GLU A 548 -25.47 7.96 0.77
CA GLU A 548 -24.58 8.71 -0.11
C GLU A 548 -23.51 7.78 -0.66
N GLY A 549 -23.38 7.74 -1.98
CA GLY A 549 -22.47 6.84 -2.66
C GLY A 549 -23.18 5.81 -3.52
N GLN A 550 -24.40 5.45 -3.14
CA GLN A 550 -25.19 4.53 -3.93
C GLN A 550 -25.79 5.25 -5.15
N GLY A 551 -26.53 4.50 -5.95
CA GLY A 551 -27.03 5.06 -7.19
C GLY A 551 -28.50 4.76 -7.47
N TYR A 552 -29.16 4.00 -6.60
CA TYR A 552 -30.59 3.76 -6.73
C TYR A 552 -31.24 3.91 -5.36
N GLU A 553 -32.54 4.23 -5.36
CA GLU A 553 -33.25 4.62 -4.16
C GLU A 553 -34.26 3.56 -3.73
N ILE A 554 -34.68 3.66 -2.48
CA ILE A 554 -35.76 2.86 -1.91
C ILE A 554 -36.88 3.82 -1.53
N ARG A 555 -38.12 3.43 -1.83
CA ARG A 555 -39.30 4.25 -1.54
C ARG A 555 -39.91 3.87 -0.20
N PHE A 556 -40.21 4.86 0.64
CA PHE A 556 -40.79 4.58 1.94
C PHE A 556 -41.68 5.72 2.39
N VAL A 557 -42.69 5.37 3.21
CA VAL A 557 -43.73 6.30 3.63
C VAL A 557 -43.23 7.11 4.83
N VAL A 558 -43.27 8.43 4.72
CA VAL A 558 -42.81 9.33 5.77
C VAL A 558 -44.03 9.83 6.55
N PRO A 559 -43.87 10.29 7.79
CA PRO A 559 -45.03 10.67 8.60
C PRO A 559 -45.80 11.85 8.03
N GLU A 560 -46.91 12.17 8.69
CA GLU A 560 -47.74 13.28 8.26
C GLU A 560 -47.10 14.61 8.68
N GLY A 561 -47.39 15.66 7.90
CA GLY A 561 -46.81 16.94 8.14
C GLY A 561 -47.44 17.65 9.32
N PRO A 562 -46.92 18.84 9.66
CA PRO A 562 -45.84 19.58 8.99
C PRO A 562 -44.45 19.05 9.31
N VAL A 563 -43.46 19.41 8.51
CA VAL A 563 -42.07 18.97 8.71
C VAL A 563 -41.53 19.71 9.92
N THR A 564 -41.39 19.01 11.04
CA THR A 564 -40.84 19.54 12.27
C THR A 564 -39.49 18.89 12.56
N THR A 565 -38.94 19.21 13.74
CA THR A 565 -37.63 18.67 14.10
C THR A 565 -37.69 17.17 14.37
N ALA A 566 -38.77 16.70 14.99
CA ALA A 566 -38.92 15.27 15.26
C ALA A 566 -39.32 14.49 14.01
N TRP A 567 -39.97 15.17 13.06
CA TRP A 567 -40.36 14.54 11.80
C TRP A 567 -39.13 14.04 11.05
N LEU A 568 -38.04 14.80 11.10
CA LEU A 568 -36.81 14.39 10.43
C LEU A 568 -36.29 13.09 11.02
N ASP A 569 -36.31 12.96 12.35
CA ASP A 569 -35.83 11.74 12.98
C ASP A 569 -36.70 10.55 12.62
N GLN A 570 -38.02 10.75 12.61
CA GLN A 570 -38.90 9.63 12.25
C GLN A 570 -38.70 9.19 10.81
N ALA A 571 -38.51 10.13 9.88
CA ALA A 571 -38.24 9.76 8.49
C ALA A 571 -36.91 9.04 8.33
N GLU A 572 -35.87 9.50 9.03
CA GLU A 572 -34.58 8.82 8.95
C GLU A 572 -34.62 7.43 9.57
N ALA A 573 -35.45 7.22 10.58
CA ALA A 573 -35.63 5.86 11.10
C ALA A 573 -36.40 4.98 10.13
N ALA A 574 -37.41 5.55 9.46
CA ALA A 574 -38.18 4.78 8.49
C ALA A 574 -37.32 4.32 7.32
N PHE A 575 -36.29 5.08 6.94
CA PHE A 575 -35.43 4.59 5.85
C PHE A 575 -34.73 3.29 6.23
N HIS A 576 -34.17 3.23 7.44
CA HIS A 576 -33.49 2.02 7.87
C HIS A 576 -34.46 0.86 8.00
N ASP A 577 -35.68 1.13 8.47
CA ASP A 577 -36.68 0.07 8.50
C ASP A 577 -37.02 -0.45 7.11
N ALA A 578 -37.11 0.42 6.11
CA ALA A 578 -37.43 -0.05 4.77
C ALA A 578 -36.24 -0.65 4.04
N HIS A 579 -35.02 -0.35 4.46
CA HIS A 579 -33.85 -1.01 3.88
C HIS A 579 -33.70 -2.42 4.44
N PHE A 580 -33.77 -2.54 5.77
CA PHE A 580 -33.64 -3.84 6.42
C PHE A 580 -34.64 -4.84 5.88
N GLU A 581 -35.84 -4.36 5.56
CA GLU A 581 -36.91 -5.25 5.11
C GLU A 581 -36.73 -5.70 3.67
N GLU A 582 -35.90 -5.03 2.89
CA GLU A 582 -35.74 -5.39 1.49
C GLU A 582 -34.52 -6.29 1.26
N TYR A 583 -33.42 -6.02 1.94
CA TYR A 583 -32.20 -6.75 1.70
C TYR A 583 -31.84 -7.70 2.84
N GLY A 584 -31.97 -7.25 4.08
CA GLY A 584 -31.62 -8.08 5.22
C GLY A 584 -30.28 -7.75 5.84
N HIS A 585 -29.83 -6.51 5.69
CA HIS A 585 -28.52 -6.08 6.17
C HIS A 585 -28.64 -4.65 6.67
N ARG A 586 -27.77 -4.30 7.60
CA ARG A 586 -27.77 -3.00 8.24
C ARG A 586 -26.35 -2.43 8.21
N PHE A 587 -26.17 -1.32 7.51
CA PHE A 587 -24.87 -0.68 7.43
C PHE A 587 -24.51 -0.04 8.76
N LYS A 588 -23.23 -0.05 9.08
CA LYS A 588 -22.73 0.57 10.31
C LYS A 588 -22.17 1.97 10.04
N GLY A 589 -22.99 2.87 9.56
CA GLY A 589 -22.57 4.23 9.30
C GLY A 589 -23.16 4.73 8.01
N GLY A 590 -22.68 5.87 7.58
CA GLY A 590 -23.12 6.47 6.34
C GLY A 590 -24.27 7.45 6.53
N THR A 591 -24.49 8.27 5.50
CA THR A 591 -25.46 9.35 5.51
C THR A 591 -26.58 9.05 4.53
N VAL A 592 -27.79 9.35 4.92
CA VAL A 592 -28.97 9.15 4.07
C VAL A 592 -29.28 10.44 3.34
N GLU A 593 -29.63 10.33 2.05
CA GLU A 593 -30.05 11.48 1.26
C GLU A 593 -31.34 11.14 0.53
N VAL A 594 -32.27 12.09 0.51
CA VAL A 594 -33.50 11.96 -0.24
C VAL A 594 -33.29 12.55 -1.62
N ILE A 595 -33.75 11.84 -2.65
CA ILE A 595 -33.60 12.26 -4.03
C ILE A 595 -34.92 12.81 -4.59
N ASN A 596 -35.97 12.02 -4.52
CA ASN A 596 -37.28 12.40 -5.05
C ASN A 596 -38.30 12.42 -3.93
N ILE A 597 -39.36 13.21 -4.12
CA ILE A 597 -40.46 13.25 -3.16
C ILE A 597 -41.76 13.03 -3.91
N ARG A 598 -42.71 12.40 -3.22
CA ARG A 598 -44.00 12.02 -3.79
C ARG A 598 -45.11 12.35 -2.80
N VAL A 599 -46.25 12.77 -3.34
CA VAL A 599 -47.46 12.96 -2.56
C VAL A 599 -48.58 12.18 -3.25
N GLU A 600 -49.24 11.30 -2.50
CA GLU A 600 -50.40 10.60 -2.99
C GLU A 600 -51.63 11.10 -2.24
N ALA A 601 -52.63 11.55 -2.98
CA ALA A 601 -53.82 12.14 -2.39
C ALA A 601 -54.98 11.18 -2.64
N ARG A 602 -55.17 10.26 -1.70
CA ARG A 602 -56.19 9.23 -1.85
C ARG A 602 -57.55 9.78 -1.46
N ALA A 603 -58.60 9.25 -2.11
CA ALA A 603 -59.97 9.63 -1.83
C ALA A 603 -60.79 8.37 -1.55
N VAL A 604 -60.87 7.96 -0.29
CA VAL A 604 -61.57 6.73 0.10
C VAL A 604 -63.06 7.05 0.15
N MET A 605 -63.81 6.59 -0.84
CA MET A 605 -65.24 6.88 -0.83
C MET A 605 -66.04 5.86 -0.03
N ASP A 606 -65.74 4.57 -0.17
CA ASP A 606 -66.49 3.51 0.49
C ASP A 606 -65.74 2.19 0.30
N GLU A 607 -65.70 1.39 1.35
CA GLU A 607 -65.03 0.10 1.28
C GLU A 607 -65.95 -0.95 0.68
N LEU A 608 -65.35 -1.94 0.03
CA LEU A 608 -66.14 -2.96 -0.64
C LEU A 608 -66.48 -4.08 0.34
N PRO A 609 -67.75 -4.28 0.67
CA PRO A 609 -68.10 -5.30 1.65
C PRO A 609 -68.14 -6.69 1.02
N THR A 610 -67.99 -7.69 1.88
CA THR A 610 -67.99 -9.06 1.39
C THR A 610 -69.42 -9.51 1.11
N PRO A 611 -69.71 -10.05 -0.06
CA PRO A 611 -71.08 -10.49 -0.35
C PRO A 611 -71.45 -11.77 0.35
N GLU A 612 -72.28 -11.67 1.39
CA GLU A 612 -72.67 -12.83 2.18
C GLU A 612 -73.93 -13.44 1.58
N ALA A 613 -73.79 -14.62 0.98
CA ALA A 613 -74.91 -15.36 0.43
C ALA A 613 -74.82 -16.81 0.88
N THR A 614 -75.97 -17.44 1.08
CA THR A 614 -76.03 -18.81 1.61
C THR A 614 -76.73 -19.73 0.63
N GLN A 615 -76.27 -20.99 0.58
CA GLN A 615 -76.83 -22.01 -0.30
C GLN A 615 -76.90 -23.32 0.46
N SER A 616 -77.44 -24.34 -0.21
CA SER A 616 -77.61 -25.66 0.40
C SER A 616 -77.35 -26.74 -0.63
N GLY A 617 -76.66 -27.79 -0.21
CA GLY A 617 -76.37 -28.92 -1.10
C GLY A 617 -75.52 -29.94 -0.39
N SER A 618 -75.16 -30.99 -1.15
CA SER A 618 -74.35 -32.07 -0.61
C SER A 618 -73.62 -32.74 -1.77
N LEU A 619 -72.71 -33.66 -1.42
CA LEU A 619 -71.93 -34.37 -2.42
C LEU A 619 -72.82 -35.27 -3.28
N GLU A 620 -73.88 -35.82 -2.71
CA GLU A 620 -74.73 -36.76 -3.43
C GLU A 620 -75.55 -36.09 -4.53
N ASN A 621 -75.57 -34.76 -4.59
CA ASN A 621 -76.37 -34.07 -5.58
C ASN A 621 -75.76 -34.11 -6.97
N ALA A 622 -74.44 -34.07 -7.08
CA ALA A 622 -73.78 -33.88 -8.37
C ALA A 622 -72.66 -34.88 -8.64
N LEU A 623 -72.59 -35.96 -7.88
CA LEU A 623 -71.55 -36.97 -8.09
C LEU A 623 -71.87 -37.74 -9.37
N VAL A 624 -71.00 -37.63 -10.37
CA VAL A 624 -71.28 -38.18 -11.69
C VAL A 624 -70.68 -39.58 -11.84
N GLU A 625 -69.36 -39.68 -11.74
CA GLU A 625 -68.70 -40.96 -11.97
C GLU A 625 -67.36 -40.97 -11.24
N THR A 626 -66.61 -42.06 -11.42
CA THR A 626 -65.34 -42.27 -10.71
C THR A 626 -64.32 -42.83 -11.69
N ARG A 627 -63.27 -42.05 -11.95
CA ARG A 627 -62.18 -42.46 -12.82
C ARG A 627 -60.87 -42.54 -12.02
N PRO A 628 -59.92 -43.36 -12.43
CA PRO A 628 -58.67 -43.49 -11.68
C PRO A 628 -57.80 -42.24 -11.82
N VAL A 629 -57.18 -41.82 -10.72
CA VAL A 629 -56.31 -40.65 -10.71
C VAL A 629 -55.05 -40.99 -9.93
N THR A 630 -53.89 -40.53 -10.44
CA THR A 630 -52.59 -40.88 -9.90
C THR A 630 -52.02 -39.72 -9.09
N PHE A 631 -51.54 -40.01 -7.89
CA PHE A 631 -50.89 -39.05 -7.02
C PHE A 631 -49.52 -39.59 -6.64
N GLN A 632 -48.77 -38.81 -5.85
CA GLN A 632 -47.46 -39.24 -5.38
C GLN A 632 -47.60 -39.81 -3.97
N GLN A 633 -47.43 -41.12 -3.82
CA GLN A 633 -47.50 -41.78 -2.53
C GLN A 633 -46.07 -42.16 -2.12
N ALA A 634 -45.45 -41.29 -1.32
CA ALA A 634 -44.09 -41.49 -0.83
C ALA A 634 -43.11 -41.76 -1.98
N GLY A 635 -43.28 -41.02 -3.07
CA GLY A 635 -42.48 -41.18 -4.26
C GLY A 635 -43.01 -42.20 -5.23
N LYS A 636 -43.65 -43.25 -4.74
CA LYS A 636 -44.12 -44.25 -5.69
C LYS A 636 -45.43 -43.80 -6.32
N PRO A 637 -45.66 -44.15 -7.60
CA PRO A 637 -46.96 -43.86 -8.24
C PRO A 637 -47.99 -44.93 -7.90
N VAL A 638 -48.99 -44.54 -7.12
CA VAL A 638 -50.09 -45.41 -6.74
C VAL A 638 -51.39 -44.76 -7.22
N THR A 639 -52.08 -45.42 -8.14
CA THR A 639 -53.36 -44.94 -8.63
C THR A 639 -54.45 -45.19 -7.59
N LEU A 640 -55.37 -44.23 -7.46
CA LEU A 640 -56.46 -44.39 -6.50
C LEU A 640 -57.73 -43.76 -7.06
N ASP A 641 -58.84 -44.05 -6.39
CA ASP A 641 -60.17 -43.67 -6.84
C ASP A 641 -60.43 -42.19 -6.56
N THR A 642 -61.22 -41.57 -7.43
CA THR A 642 -61.45 -40.13 -7.39
C THR A 642 -62.76 -39.81 -8.07
N GLY A 643 -63.62 -39.04 -7.40
CA GLY A 643 -64.88 -38.60 -7.95
C GLY A 643 -64.82 -37.18 -8.48
N PHE A 644 -65.84 -36.81 -9.26
CA PHE A 644 -65.93 -35.51 -9.91
C PHE A 644 -67.30 -34.90 -9.66
N TYR A 645 -67.33 -33.63 -9.26
CA TYR A 645 -68.59 -32.90 -9.11
C TYR A 645 -68.30 -31.40 -9.08
N ASP A 646 -69.28 -30.62 -9.56
CA ASP A 646 -69.16 -29.17 -9.61
C ASP A 646 -69.33 -28.56 -8.22
N ARG A 647 -68.58 -27.48 -7.96
CA ARG A 647 -68.66 -26.83 -6.66
C ARG A 647 -69.78 -25.80 -6.56
N ALA A 648 -70.46 -25.51 -7.67
CA ALA A 648 -71.57 -24.57 -7.68
C ALA A 648 -72.87 -25.19 -7.19
N LYS A 649 -72.83 -26.45 -6.77
CA LYS A 649 -74.00 -27.13 -6.26
C LYS A 649 -74.00 -27.28 -4.74
N MET A 650 -72.84 -27.22 -4.10
CA MET A 650 -72.79 -27.37 -2.66
C MET A 650 -72.97 -26.03 -1.96
N GLY A 651 -73.37 -26.10 -0.69
CA GLY A 651 -73.56 -24.93 0.14
C GLY A 651 -72.45 -24.75 1.15
N ILE A 652 -72.75 -24.00 2.18
CA ILE A 652 -71.76 -23.64 3.19
C ILE A 652 -71.69 -24.72 4.25
N GLY A 653 -70.47 -25.02 4.69
CA GLY A 653 -70.27 -26.02 5.73
C GLY A 653 -70.30 -27.45 5.23
N THR A 654 -70.03 -27.67 3.94
CA THR A 654 -70.02 -29.00 3.36
C THR A 654 -68.60 -29.56 3.38
N THR A 655 -68.07 -29.69 4.61
CA THR A 655 -66.71 -30.17 4.83
C THR A 655 -66.71 -31.69 4.74
N PHE A 656 -66.28 -32.21 3.59
CA PHE A 656 -66.23 -33.64 3.33
C PHE A 656 -64.81 -34.07 3.00
N ALA A 657 -64.53 -35.35 3.24
CA ALA A 657 -63.19 -35.91 3.06
C ALA A 657 -63.20 -36.95 1.94
N GLY A 658 -62.06 -37.06 1.25
CA GLY A 658 -61.89 -38.00 0.17
C GLY A 658 -61.22 -37.36 -1.02
N PRO A 659 -60.38 -38.11 -1.75
CA PRO A 659 -59.68 -37.53 -2.90
C PRO A 659 -60.61 -37.29 -4.08
N VAL A 660 -61.02 -36.03 -4.28
CA VAL A 660 -61.97 -35.66 -5.31
C VAL A 660 -61.39 -34.52 -6.13
N VAL A 661 -61.94 -34.33 -7.33
CA VAL A 661 -61.49 -33.29 -8.24
C VAL A 661 -62.66 -32.37 -8.51
N ILE A 662 -62.53 -31.09 -8.13
CA ILE A 662 -63.61 -30.13 -8.34
C ILE A 662 -63.48 -29.51 -9.72
N GLU A 663 -64.57 -29.52 -10.49
CA GLU A 663 -64.56 -29.05 -11.87
C GLU A 663 -65.47 -27.82 -11.99
N GLN A 664 -64.86 -26.64 -11.85
CA GLN A 664 -65.52 -25.36 -12.04
C GLN A 664 -65.41 -24.93 -13.50
N TYR A 665 -66.20 -23.93 -13.87
CA TYR A 665 -66.19 -23.46 -15.25
C TYR A 665 -64.86 -22.82 -15.63
N ASP A 666 -64.13 -22.28 -14.65
CA ASP A 666 -62.91 -21.53 -14.93
C ASP A 666 -61.66 -22.09 -14.27
N SER A 667 -61.78 -22.90 -13.23
CA SER A 667 -60.62 -23.34 -12.48
C SER A 667 -60.79 -24.79 -12.04
N THR A 668 -59.76 -25.32 -11.40
CA THR A 668 -59.73 -26.67 -10.85
C THR A 668 -59.17 -26.62 -9.44
N THR A 669 -59.73 -27.44 -8.57
CA THR A 669 -59.21 -27.57 -7.21
C THR A 669 -59.16 -29.04 -6.86
N VAL A 670 -57.94 -29.53 -6.61
CA VAL A 670 -57.67 -30.93 -6.29
C VAL A 670 -57.08 -30.96 -4.88
N ILE A 671 -57.65 -31.79 -4.01
CA ILE A 671 -57.21 -31.82 -2.62
C ILE A 671 -56.36 -33.07 -2.41
N PRO A 672 -55.23 -32.96 -1.70
CA PRO A 672 -54.44 -34.15 -1.42
C PRO A 672 -55.18 -35.10 -0.49
N PRO A 673 -55.02 -36.40 -0.66
CA PRO A 673 -55.73 -37.36 0.20
C PRO A 673 -55.26 -37.27 1.63
N GLY A 674 -56.17 -37.61 2.54
CA GLY A 674 -55.87 -37.63 3.96
C GLY A 674 -56.05 -36.32 4.67
N PHE A 675 -56.42 -35.25 3.96
CA PHE A 675 -56.65 -33.95 4.56
C PHE A 675 -57.94 -33.35 4.02
N THR A 676 -58.64 -32.63 4.89
CA THR A 676 -59.96 -32.10 4.60
C THR A 676 -59.89 -30.63 4.24
N GLY A 677 -60.90 -30.16 3.52
CA GLY A 677 -60.98 -28.76 3.12
C GLY A 677 -62.24 -28.07 3.60
N THR A 678 -62.10 -27.00 4.38
CA THR A 678 -63.25 -26.33 4.99
C THR A 678 -63.74 -25.19 4.11
N VAL A 679 -65.04 -25.18 3.84
CA VAL A 679 -65.66 -24.16 2.99
C VAL A 679 -66.29 -23.13 3.91
N ASP A 680 -65.78 -21.89 3.88
CA ASP A 680 -66.32 -20.88 4.77
C ASP A 680 -67.52 -20.18 4.13
N ASP A 681 -68.09 -19.22 4.87
CA ASP A 681 -69.36 -18.63 4.49
C ASP A 681 -69.26 -17.80 3.21
N ALA A 682 -68.06 -17.29 2.89
CA ALA A 682 -67.88 -16.35 1.80
C ALA A 682 -67.61 -17.03 0.46
N GLY A 683 -67.72 -18.35 0.39
CA GLY A 683 -67.45 -19.08 -0.84
C GLY A 683 -66.00 -19.47 -1.03
N ASN A 684 -65.10 -19.03 -0.15
CA ASN A 684 -63.70 -19.41 -0.21
C ASN A 684 -63.51 -20.81 0.33
N LEU A 685 -62.36 -21.41 0.03
CA LEU A 685 -62.01 -22.66 0.68
C LEU A 685 -60.65 -22.54 1.35
N VAL A 686 -60.56 -23.06 2.58
CA VAL A 686 -59.32 -23.13 3.34
C VAL A 686 -58.93 -24.60 3.50
N ILE A 687 -57.82 -24.99 2.87
CA ILE A 687 -57.40 -26.38 2.84
C ILE A 687 -56.30 -26.59 3.86
N ALA A 688 -56.42 -27.65 4.66
CA ALA A 688 -55.44 -27.96 5.70
C ALA A 688 -54.25 -28.70 5.08
N CYS A 689 -53.41 -27.95 4.36
CA CYS A 689 -52.25 -28.51 3.70
C CYS A 689 -51.18 -28.88 4.71
N PRO A 690 -50.54 -30.03 4.57
CA PRO A 690 -49.49 -30.42 5.52
C PRO A 690 -48.18 -29.69 5.24
N ALA A 691 -47.48 -29.34 6.32
CA ALA A 691 -46.17 -28.71 6.27
C ALA A 691 -45.07 -29.62 6.77
N VAL A 692 -45.27 -30.25 7.92
CA VAL A 692 -44.31 -31.20 8.48
C VAL A 692 -45.02 -32.55 8.58
N THR A 693 -44.43 -33.58 7.97
CA THR A 693 -45.04 -34.90 7.92
C THR A 693 -44.00 -35.96 8.27
N GLN A 694 -44.50 -37.15 8.62
CA GLN A 694 -43.68 -38.20 9.19
C GLN A 694 -43.07 -39.15 8.17
N THR A 695 -43.40 -39.01 6.88
CA THR A 695 -42.95 -39.96 5.87
C THR A 695 -41.96 -39.28 4.94
N VAL A 696 -40.78 -39.89 4.80
CA VAL A 696 -39.76 -39.42 3.87
C VAL A 696 -40.08 -39.99 2.50
N GLU A 697 -40.12 -39.12 1.49
CA GLU A 697 -40.50 -39.51 0.15
C GLU A 697 -39.27 -39.77 -0.72
N LYS A 698 -39.52 -40.37 -1.88
CA LYS A 698 -38.48 -40.74 -2.83
C LYS A 698 -38.47 -39.77 -4.00
N LEU A 699 -37.30 -39.58 -4.60
CA LEU A 699 -37.12 -38.72 -5.76
C LEU A 699 -36.21 -39.42 -6.77
N ALA A 700 -36.47 -39.16 -8.04
CA ALA A 700 -35.67 -39.77 -9.09
C ALA A 700 -34.31 -39.10 -9.18
N THR A 701 -33.40 -39.71 -9.92
CA THR A 701 -32.08 -39.13 -10.13
C THR A 701 -32.11 -37.80 -10.90
N PRO A 702 -32.87 -37.65 -11.99
CA PRO A 702 -32.86 -36.35 -12.69
C PRO A 702 -33.32 -35.15 -11.85
N ILE A 703 -34.25 -35.33 -10.92
CA ILE A 703 -34.81 -34.20 -10.16
C ILE A 703 -33.84 -33.69 -9.09
N LEU A 704 -33.17 -34.59 -8.40
CA LEU A 704 -32.35 -34.21 -7.26
C LEU A 704 -31.18 -33.32 -7.68
N MET A 705 -30.60 -33.57 -8.85
CA MET A 705 -29.50 -32.74 -9.32
C MET A 705 -29.97 -31.32 -9.60
N ARG A 706 -31.11 -31.19 -10.26
CA ARG A 706 -31.67 -29.88 -10.57
C ARG A 706 -32.07 -29.11 -9.33
N VAL A 707 -32.62 -29.75 -8.30
CA VAL A 707 -33.04 -29.01 -7.11
C VAL A 707 -31.83 -28.35 -6.44
N ILE A 708 -30.78 -29.13 -6.17
CA ILE A 708 -29.62 -28.57 -5.50
C ILE A 708 -28.90 -27.59 -6.43
N GLY A 709 -28.83 -27.90 -7.72
CA GLY A 709 -28.14 -27.02 -8.65
C GLY A 709 -28.84 -25.69 -8.81
N GLY A 710 -30.17 -25.72 -8.93
CA GLY A 710 -30.94 -24.50 -8.95
C GLY A 710 -30.80 -23.70 -7.68
N ALA A 711 -30.73 -24.37 -6.53
CA ALA A 711 -30.53 -23.63 -5.29
C ALA A 711 -29.15 -22.98 -5.22
N LEU A 712 -28.11 -23.68 -5.65
CA LEU A 712 -26.77 -23.09 -5.68
C LEU A 712 -26.71 -21.93 -6.67
N ASN A 713 -27.38 -22.10 -7.82
CA ASN A 713 -27.50 -21.06 -8.83
C ASN A 713 -28.18 -19.82 -8.27
N SER A 714 -29.36 -20.00 -7.66
CA SER A 714 -30.10 -18.91 -7.08
C SER A 714 -29.30 -18.21 -6.00
N ALA A 715 -28.54 -18.99 -5.23
CA ALA A 715 -27.66 -18.39 -4.24
C ALA A 715 -26.63 -17.47 -4.90
N ALA A 716 -26.07 -17.92 -6.03
CA ALA A 716 -25.11 -17.09 -6.75
C ALA A 716 -25.74 -15.78 -7.25
N LYS A 717 -26.90 -15.86 -7.87
CA LYS A 717 -27.52 -14.64 -8.39
C LYS A 717 -28.05 -13.74 -7.27
N GLU A 718 -28.52 -14.33 -6.17
CA GLU A 718 -28.96 -13.53 -5.03
C GLU A 718 -27.81 -12.78 -4.37
N MET A 719 -26.67 -13.46 -4.17
CA MET A 719 -25.53 -12.75 -3.61
C MET A 719 -25.02 -11.69 -4.57
N ALA A 720 -25.15 -11.94 -5.89
CA ALA A 720 -24.76 -10.93 -6.87
C ALA A 720 -25.62 -9.68 -6.74
N SER A 721 -26.94 -9.86 -6.74
CA SER A 721 -27.84 -8.72 -6.71
C SER A 721 -27.70 -7.94 -5.42
N VAL A 722 -27.54 -8.61 -4.29
CA VAL A 722 -27.31 -7.91 -3.04
C VAL A 722 -26.05 -7.07 -3.11
N LEU A 723 -24.95 -7.67 -3.57
CA LEU A 723 -23.68 -6.95 -3.63
C LEU A 723 -23.76 -5.75 -4.56
N PHE A 724 -24.42 -5.89 -5.71
CA PHE A 724 -24.37 -4.81 -6.68
C PHE A 724 -25.38 -3.71 -6.37
N ARG A 725 -26.55 -4.06 -5.82
CA ARG A 725 -27.51 -3.02 -5.45
C ARG A 725 -27.06 -2.23 -4.23
N MET A 726 -26.34 -2.85 -3.30
CA MET A 726 -25.94 -2.12 -2.09
C MET A 726 -24.54 -1.51 -2.18
N SER A 727 -23.83 -1.70 -3.28
CA SER A 727 -22.43 -1.27 -3.34
C SER A 727 -22.30 0.24 -3.49
N TYR A 728 -21.19 0.77 -3.01
CA TYR A 728 -20.93 2.19 -3.18
C TYR A 728 -20.15 2.47 -4.46
N SER A 729 -19.35 1.49 -4.90
CA SER A 729 -18.50 1.68 -6.07
C SER A 729 -19.31 1.76 -7.35
N SER A 730 -18.97 2.71 -8.20
CA SER A 730 -19.69 2.87 -9.46
C SER A 730 -19.29 1.82 -10.49
N ILE A 731 -18.07 1.30 -10.39
CA ILE A 731 -17.67 0.23 -11.30
C ILE A 731 -18.39 -1.06 -10.96
N ILE A 732 -18.56 -1.35 -9.67
CA ILE A 732 -19.35 -2.51 -9.29
C ILE A 732 -20.81 -2.31 -9.66
N ARG A 733 -21.31 -1.09 -9.45
CA ARG A 733 -22.74 -0.84 -9.65
C ARG A 733 -23.11 -0.76 -11.12
N GLU A 734 -22.46 0.11 -11.88
CA GLU A 734 -22.86 0.31 -13.27
C GLU A 734 -22.15 -0.64 -14.23
N SER A 735 -20.83 -0.79 -14.08
CA SER A 735 -20.12 -1.71 -14.97
C SER A 735 -20.41 -3.17 -14.65
N GLU A 736 -20.91 -3.46 -13.45
CA GLU A 736 -21.13 -4.84 -12.98
C GLU A 736 -19.85 -5.66 -13.01
N ASP A 737 -18.73 -5.04 -12.63
CA ASP A 737 -17.43 -5.70 -12.63
C ASP A 737 -17.27 -6.50 -11.34
N LEU A 738 -17.96 -7.63 -11.28
CA LEU A 738 -17.97 -8.45 -10.07
C LEU A 738 -18.10 -9.92 -10.43
N GLY A 739 -17.69 -10.77 -9.49
CA GLY A 739 -17.94 -12.19 -9.59
C GLY A 739 -18.23 -12.78 -8.23
N ALA A 740 -19.07 -13.81 -8.21
CA ALA A 740 -19.52 -14.37 -6.95
C ALA A 740 -20.01 -15.80 -7.16
N GLY A 741 -19.84 -16.63 -6.13
CA GLY A 741 -20.40 -17.97 -6.18
C GLY A 741 -19.91 -18.86 -5.05
N LEU A 742 -20.28 -20.14 -5.17
CA LEU A 742 -20.05 -21.15 -4.16
C LEU A 742 -19.07 -22.21 -4.66
N PHE A 743 -18.21 -22.68 -3.75
CA PHE A 743 -17.14 -23.60 -4.07
C PHE A 743 -17.12 -24.77 -3.09
N ASP A 744 -16.54 -25.88 -3.52
CA ASP A 744 -16.39 -27.07 -2.70
C ASP A 744 -15.02 -27.09 -2.03
N LYS A 745 -14.70 -28.23 -1.41
CA LYS A 745 -13.47 -28.34 -0.63
C LYS A 745 -12.23 -28.13 -1.48
N ASP A 746 -12.24 -28.64 -2.70
CA ASP A 746 -11.08 -28.55 -3.58
C ASP A 746 -10.98 -27.21 -4.30
N GLY A 747 -12.02 -26.39 -4.27
CA GLY A 747 -11.97 -25.10 -4.93
C GLY A 747 -12.63 -25.04 -6.28
N ASN A 748 -13.26 -26.12 -6.72
CA ASN A 748 -13.97 -26.14 -7.99
C ASN A 748 -15.31 -25.42 -7.83
N VAL A 749 -15.53 -24.40 -8.67
CA VAL A 749 -16.75 -23.61 -8.60
C VAL A 749 -17.94 -24.49 -8.94
N LEU A 750 -18.96 -24.44 -8.09
CA LEU A 750 -20.20 -25.13 -8.45
C LEU A 750 -21.22 -24.18 -9.08
N ALA A 751 -21.19 -22.91 -8.68
CA ALA A 751 -22.19 -21.94 -9.10
C ALA A 751 -21.54 -20.58 -9.23
N GLU A 752 -21.97 -19.82 -10.24
CA GLU A 752 -21.37 -18.53 -10.54
C GLU A 752 -22.45 -17.54 -10.94
N SER A 753 -22.20 -16.27 -10.66
CA SER A 753 -23.23 -15.24 -10.88
C SER A 753 -23.42 -14.89 -12.34
N ASP A 754 -22.38 -15.04 -13.17
CA ASP A 754 -22.40 -14.69 -14.59
C ASP A 754 -22.70 -13.22 -14.82
N SER A 755 -22.18 -12.36 -13.95
CA SER A 755 -22.49 -10.95 -14.05
C SER A 755 -21.69 -10.26 -15.15
N THR A 756 -20.44 -10.66 -15.36
CA THR A 756 -19.62 -10.02 -16.38
C THR A 756 -18.74 -11.02 -17.09
N PRO A 757 -18.41 -10.80 -18.38
CA PRO A 757 -17.39 -11.62 -19.03
C PRO A 757 -16.01 -11.49 -18.43
N MET A 758 -15.75 -10.43 -17.66
CA MET A 758 -14.43 -10.20 -17.10
C MET A 758 -14.06 -11.18 -16.00
N PHE A 759 -15.04 -11.87 -15.40
CA PHE A 759 -14.75 -12.82 -14.34
C PHE A 759 -15.09 -14.23 -14.79
N MET A 760 -14.72 -14.57 -16.00
CA MET A 760 -14.97 -15.88 -16.56
C MET A 760 -13.88 -16.83 -16.12
N GLY A 761 -14.24 -17.83 -15.32
CA GLY A 761 -13.26 -18.81 -14.89
C GLY A 761 -12.17 -18.27 -13.99
N SER A 762 -12.30 -17.07 -13.48
CA SER A 762 -11.27 -16.50 -12.63
C SER A 762 -11.52 -16.75 -11.15
N MET A 763 -12.77 -16.91 -10.74
CA MET A 763 -13.07 -17.24 -9.34
C MET A 763 -12.45 -18.55 -8.85
N PRO A 764 -12.48 -19.67 -9.59
CA PRO A 764 -11.81 -20.87 -9.07
C PRO A 764 -10.33 -20.65 -8.84
N LYS A 765 -9.68 -19.86 -9.68
CA LYS A 765 -8.27 -19.55 -9.48
C LYS A 765 -8.05 -18.81 -8.18
N ILE A 766 -8.98 -17.92 -7.82
CA ILE A 766 -8.87 -17.19 -6.56
C ILE A 766 -8.97 -18.13 -5.36
N VAL A 767 -9.97 -19.02 -5.37
CA VAL A 767 -10.12 -19.89 -4.21
C VAL A 767 -9.01 -20.93 -4.13
N LYS A 768 -8.58 -21.49 -5.27
CA LYS A 768 -7.43 -22.39 -5.24
C LYS A 768 -6.17 -21.69 -4.75
N GLY A 769 -5.99 -20.42 -5.13
CA GLY A 769 -4.87 -19.67 -4.62
C GLY A 769 -4.94 -19.46 -3.12
N VAL A 770 -6.15 -19.34 -2.57
CA VAL A 770 -6.29 -19.24 -1.12
C VAL A 770 -5.98 -20.57 -0.44
N ILE A 771 -6.51 -21.66 -0.99
CA ILE A 771 -6.31 -22.98 -0.40
C ILE A 771 -4.83 -23.34 -0.38
N SER A 772 -4.10 -22.95 -1.43
CA SER A 772 -2.69 -23.32 -1.52
C SER A 772 -1.80 -22.51 -0.60
N VAL A 773 -2.26 -21.37 -0.10
CA VAL A 773 -1.41 -20.61 0.82
C VAL A 773 -1.81 -20.86 2.27
N LEU A 774 -3.08 -21.17 2.55
CA LEU A 774 -3.44 -21.42 3.94
C LEU A 774 -3.31 -22.89 4.33
N GLY A 775 -3.84 -23.79 3.51
CA GLY A 775 -3.72 -25.22 3.77
C GLY A 775 -4.78 -25.78 4.71
N ASP A 776 -4.35 -26.23 5.89
CA ASP A 776 -5.24 -26.70 6.94
C ASP A 776 -5.52 -25.61 7.97
N ASP A 777 -5.05 -24.40 7.72
CA ASP A 777 -5.25 -23.27 8.63
C ASP A 777 -6.59 -22.59 8.38
N ILE A 778 -7.65 -23.40 8.37
CA ILE A 778 -9.01 -22.96 8.05
C ILE A 778 -9.91 -23.32 9.21
N HIS A 779 -10.44 -22.31 9.89
CA HIS A 779 -11.28 -22.48 11.07
C HIS A 779 -12.64 -21.89 10.80
N ASP A 780 -13.57 -22.10 11.73
CA ASP A 780 -14.91 -21.56 11.53
C ASP A 780 -14.94 -20.08 11.89
N GLY A 781 -15.90 -19.38 11.29
CA GLY A 781 -15.98 -17.95 11.47
C GLY A 781 -14.89 -17.16 10.79
N ASP A 782 -14.23 -17.70 9.78
CA ASP A 782 -13.13 -17.01 9.12
C ASP A 782 -13.61 -16.27 7.88
N VAL A 783 -13.01 -15.11 7.62
CA VAL A 783 -13.31 -14.31 6.42
C VAL A 783 -11.99 -13.88 5.80
N ILE A 784 -11.79 -14.17 4.51
CA ILE A 784 -10.49 -14.12 3.86
C ILE A 784 -10.51 -13.13 2.71
N LEU A 785 -9.53 -12.23 2.67
CA LEU A 785 -9.36 -11.26 1.59
C LEU A 785 -8.30 -11.75 0.61
N HIS A 786 -8.51 -11.53 -0.69
CA HIS A 786 -7.49 -11.93 -1.65
C HIS A 786 -7.56 -11.14 -2.96
N ASN A 787 -6.39 -10.65 -3.44
CA ASN A 787 -6.37 -10.04 -4.77
C ASN A 787 -5.08 -10.26 -5.58
N ASP A 788 -4.24 -11.22 -5.24
CA ASP A 788 -2.91 -11.37 -5.87
C ASP A 788 -3.05 -11.85 -7.32
N PRO A 789 -2.57 -11.09 -8.31
CA PRO A 789 -2.75 -11.52 -9.70
C PRO A 789 -1.80 -12.62 -10.13
N TYR A 790 -0.77 -12.91 -9.34
CA TYR A 790 0.04 -14.08 -9.61
C TYR A 790 -0.46 -15.31 -8.86
N LEU A 791 -1.49 -15.17 -8.04
CA LEU A 791 -2.22 -16.30 -7.45
C LEU A 791 -3.68 -16.29 -7.86
N GLY A 792 -3.98 -15.99 -9.11
CA GLY A 792 -5.29 -16.25 -9.67
C GLY A 792 -6.20 -15.06 -9.88
N ALA A 793 -5.86 -13.87 -9.40
CA ALA A 793 -6.75 -12.72 -9.56
C ALA A 793 -6.73 -12.21 -11.00
N THR A 794 -7.79 -11.47 -11.34
CA THR A 794 -7.87 -10.84 -12.66
C THR A 794 -6.82 -9.73 -12.79
N HIS A 795 -6.89 -8.74 -11.92
CA HIS A 795 -5.87 -7.73 -11.76
C HIS A 795 -6.08 -7.10 -10.39
N SER A 796 -5.09 -6.35 -9.94
CA SER A 796 -5.08 -5.84 -8.57
C SER A 796 -6.34 -5.11 -8.12
N PRO A 797 -6.97 -4.23 -8.90
CA PRO A 797 -8.10 -3.46 -8.34
C PRO A 797 -9.31 -4.29 -7.95
N ASP A 798 -9.43 -5.52 -8.43
CA ASP A 798 -10.55 -6.40 -8.07
C ASP A 798 -10.18 -7.21 -6.83
N VAL A 799 -10.90 -6.99 -5.73
CA VAL A 799 -10.60 -7.61 -4.45
C VAL A 799 -11.69 -8.63 -4.12
N ALA A 800 -11.29 -9.80 -3.63
CA ALA A 800 -12.21 -10.90 -3.36
C ALA A 800 -12.31 -11.21 -1.88
N ILE A 801 -13.46 -11.75 -1.49
CA ILE A 801 -13.74 -12.17 -0.12
C ILE A 801 -14.24 -13.60 -0.17
N ILE A 802 -13.64 -14.47 0.65
CA ILE A 802 -13.94 -15.90 0.71
C ILE A 802 -14.27 -16.22 2.15
N GLU A 803 -15.31 -17.02 2.38
CA GLU A 803 -15.61 -17.44 3.73
C GLU A 803 -15.72 -18.95 3.78
N PRO A 804 -15.00 -19.63 4.66
CA PRO A 804 -15.17 -21.07 4.80
C PRO A 804 -16.52 -21.44 5.36
N ILE A 805 -17.01 -22.61 4.95
CA ILE A 805 -18.27 -23.17 5.40
C ILE A 805 -17.97 -24.43 6.21
N PHE A 806 -18.50 -24.49 7.44
CA PHE A 806 -18.27 -25.59 8.36
C PHE A 806 -19.59 -26.18 8.82
N HIS A 807 -19.66 -27.49 8.92
CA HIS A 807 -20.77 -28.13 9.61
C HIS A 807 -20.23 -29.26 10.48
N ASP A 808 -20.68 -29.30 11.74
CA ASP A 808 -20.17 -30.17 12.80
C ASP A 808 -18.64 -30.31 12.74
N GLY A 809 -17.96 -29.17 12.72
CA GLY A 809 -16.51 -29.13 12.74
C GLY A 809 -15.84 -29.80 11.56
N GLU A 810 -16.46 -29.74 10.38
CA GLU A 810 -15.91 -30.30 9.16
C GLU A 810 -16.00 -29.25 8.05
N LEU A 811 -14.88 -28.98 7.39
CA LEU A 811 -14.88 -28.03 6.27
C LEU A 811 -15.58 -28.65 5.06
N VAL A 812 -16.59 -27.97 4.54
CA VAL A 812 -17.37 -28.53 3.45
C VAL A 812 -17.35 -27.66 2.19
N GLY A 813 -16.94 -26.40 2.28
CA GLY A 813 -16.95 -25.55 1.10
C GLY A 813 -16.46 -24.14 1.37
N PHE A 814 -16.81 -23.25 0.45
CA PHE A 814 -16.44 -21.83 0.50
C PHE A 814 -17.51 -21.01 -0.22
N ALA A 815 -17.64 -19.76 0.19
CA ALA A 815 -18.48 -18.78 -0.49
C ALA A 815 -17.61 -17.59 -0.82
N GLY A 816 -17.79 -17.00 -2.01
CA GLY A 816 -16.85 -15.98 -2.45
C GLY A 816 -17.46 -14.89 -3.30
N ALA A 817 -16.97 -13.66 -3.09
CA ALA A 817 -17.42 -12.48 -3.81
C ALA A 817 -16.26 -11.54 -4.08
N SER A 818 -16.25 -10.89 -5.26
CA SER A 818 -15.16 -10.05 -5.70
C SER A 818 -15.68 -8.90 -6.56
N GLY A 819 -15.11 -7.71 -6.39
CA GLY A 819 -15.46 -6.57 -7.21
C GLY A 819 -14.35 -5.54 -7.27
N GLN A 820 -14.46 -4.62 -8.24
CA GLN A 820 -13.44 -3.60 -8.45
C GLN A 820 -13.73 -2.37 -7.61
N LEU A 821 -12.78 -1.99 -6.77
CA LEU A 821 -12.89 -0.79 -5.97
C LEU A 821 -12.56 0.44 -6.82
N ILE A 822 -12.99 1.61 -6.34
CA ILE A 822 -12.71 2.83 -7.06
C ILE A 822 -11.24 3.18 -6.98
N ASP A 823 -10.64 3.04 -5.80
CA ASP A 823 -9.23 3.34 -5.61
C ASP A 823 -8.63 2.30 -4.68
N ASN A 824 -7.42 1.85 -5.00
CA ASN A 824 -6.70 0.88 -4.19
C ASN A 824 -5.37 1.44 -3.69
N GLY A 825 -5.23 2.75 -3.70
CA GLY A 825 -4.01 3.39 -3.24
C GLY A 825 -2.79 3.20 -4.11
N GLY A 826 -2.95 3.23 -5.43
CA GLY A 826 -1.86 3.08 -6.36
C GLY A 826 -1.19 4.39 -6.72
N ALA A 827 -0.48 4.38 -7.86
CA ALA A 827 0.36 5.52 -8.23
C ALA A 827 -0.48 6.72 -8.70
N PHE A 828 -1.56 6.47 -9.41
CA PHE A 828 -2.45 7.52 -9.86
C PHE A 828 -3.86 7.21 -9.39
N SER A 829 -4.67 8.26 -9.24
CA SER A 829 -6.06 8.09 -8.84
C SER A 829 -6.84 7.37 -9.91
N GLY A 830 -7.56 6.32 -9.54
CA GLY A 830 -8.40 5.67 -10.52
C GLY A 830 -7.68 4.62 -11.34
N LEU A 831 -7.19 5.02 -12.51
CA LEU A 831 -6.54 4.14 -13.47
C LEU A 831 -5.08 4.53 -13.64
N MET A 832 -4.29 3.64 -14.25
CA MET A 832 -2.87 3.85 -14.46
C MET A 832 -2.42 3.11 -15.71
N VAL A 833 -1.47 3.70 -16.45
CA VAL A 833 -0.85 3.01 -17.59
C VAL A 833 0.66 2.97 -17.43
N ASP A 834 1.26 4.15 -17.23
CA ASP A 834 2.71 4.30 -17.26
C ASP A 834 3.26 4.21 -15.84
N ILE A 835 3.49 2.97 -15.40
CA ILE A 835 4.01 2.67 -14.06
C ILE A 835 5.07 1.60 -14.17
N GLN A 836 5.75 1.34 -13.05
CA GLN A 836 6.90 0.45 -13.05
C GLN A 836 6.53 -1.04 -12.97
N ASP A 837 5.94 -1.48 -11.86
CA ASP A 837 5.72 -2.91 -11.66
C ASP A 837 4.45 -3.13 -10.83
N VAL A 838 4.29 -4.36 -10.32
CA VAL A 838 3.05 -4.75 -9.65
C VAL A 838 2.88 -4.03 -8.31
N GLN A 839 3.97 -3.78 -7.58
CA GLN A 839 3.86 -3.04 -6.33
C GLN A 839 3.39 -1.60 -6.55
N SER A 840 3.59 -1.07 -7.75
CA SER A 840 3.08 0.26 -8.06
C SER A 840 1.57 0.31 -8.17
N GLU A 841 0.91 -0.84 -8.25
CA GLU A 841 -0.52 -0.85 -8.53
C GLU A 841 -1.38 -0.55 -7.30
N GLY A 842 -0.84 -0.70 -6.11
CA GLY A 842 -1.63 -0.50 -4.90
C GLY A 842 -1.35 -1.53 -3.82
N THR A 843 -2.38 -1.94 -3.09
CA THR A 843 -2.25 -2.90 -2.01
C THR A 843 -2.52 -4.31 -2.53
N ILE A 844 -1.71 -5.27 -2.12
CA ILE A 844 -1.97 -6.67 -2.41
C ILE A 844 -2.37 -7.38 -1.13
N PHE A 845 -3.44 -8.16 -1.20
CA PHE A 845 -3.92 -8.99 -0.11
C PHE A 845 -3.63 -10.43 -0.47
N ARG A 846 -2.92 -11.13 0.40
CA ARG A 846 -2.55 -12.54 0.16
C ARG A 846 -3.18 -13.40 1.25
N ALA A 847 -4.43 -13.80 1.02
CA ALA A 847 -5.22 -14.65 1.91
C ALA A 847 -5.26 -14.11 3.33
N VAL A 848 -5.40 -12.80 3.44
CA VAL A 848 -5.50 -12.14 4.73
C VAL A 848 -6.86 -12.46 5.32
N LYS A 849 -6.89 -12.94 6.55
CA LYS A 849 -8.18 -13.27 7.14
C LYS A 849 -8.68 -12.12 7.99
N VAL A 850 -9.93 -11.73 7.73
CA VAL A 850 -10.55 -10.52 8.22
C VAL A 850 -11.13 -10.71 9.62
N TYR A 851 -11.76 -11.85 9.85
CA TYR A 851 -12.37 -12.26 11.11
C TYR A 851 -11.68 -13.54 11.55
N GLU A 852 -10.90 -13.47 12.62
CA GLU A 852 -10.28 -14.67 13.19
C GLU A 852 -11.25 -15.29 14.19
N LYS A 853 -11.73 -16.50 13.87
CA LYS A 853 -12.67 -17.23 14.73
C LYS A 853 -13.93 -16.42 14.99
N GLY A 854 -14.34 -15.64 14.01
CA GLY A 854 -15.55 -14.86 14.09
C GLY A 854 -15.37 -13.51 14.75
N VAL A 855 -14.24 -13.30 15.40
CA VAL A 855 -13.97 -12.06 16.10
C VAL A 855 -13.39 -11.06 15.12
N ARG A 856 -14.04 -9.90 15.00
CA ARG A 856 -13.61 -8.86 14.10
C ARG A 856 -12.29 -8.27 14.57
N GLN A 857 -11.28 -8.24 13.70
CA GLN A 857 -10.02 -7.61 14.04
C GLN A 857 -10.12 -6.15 13.69
N GLU A 858 -10.47 -5.32 14.66
CA GLU A 858 -10.68 -3.91 14.40
C GLU A 858 -9.43 -3.22 13.87
N SER A 859 -8.25 -3.62 14.35
CA SER A 859 -7.04 -2.96 13.91
C SER A 859 -6.71 -3.27 12.47
N LEU A 860 -7.00 -4.49 12.02
CA LEU A 860 -6.73 -4.85 10.63
C LEU A 860 -7.68 -4.13 9.67
N ILE A 861 -8.97 -4.07 10.00
CA ILE A 861 -9.92 -3.33 9.18
C ILE A 861 -9.52 -1.88 9.07
N ARG A 862 -9.15 -1.27 10.20
CA ARG A 862 -8.75 0.13 10.19
C ARG A 862 -7.50 0.34 9.35
N HIS A 863 -6.53 -0.58 9.43
CA HIS A 863 -5.32 -0.38 8.64
C HIS A 863 -5.61 -0.46 7.16
N ILE A 864 -6.48 -1.38 6.74
CA ILE A 864 -6.82 -1.48 5.33
C ILE A 864 -7.52 -0.22 4.85
N LEU A 865 -8.41 0.33 5.67
CA LEU A 865 -9.19 1.50 5.22
C LEU A 865 -8.41 2.80 5.23
N ASN A 866 -7.21 2.83 5.81
CA ASN A 866 -6.40 4.02 5.78
C ASN A 866 -5.56 4.13 4.52
N ASN A 867 -5.58 3.13 3.65
CA ASN A 867 -4.68 3.10 2.52
C ASN A 867 -5.45 3.10 1.20
N THR A 868 -6.43 3.99 1.09
CA THR A 868 -7.17 4.19 -0.14
C THR A 868 -7.58 5.65 -0.21
N ARG A 869 -7.76 6.16 -1.44
CA ARG A 869 -8.21 7.52 -1.61
C ARG A 869 -9.71 7.68 -1.40
N THR A 870 -10.46 6.58 -1.37
CA THR A 870 -11.92 6.60 -1.23
C THR A 870 -12.35 5.64 -0.12
N PRO A 871 -12.11 6.00 1.14
CA PRO A 871 -12.35 5.04 2.24
C PRO A 871 -13.81 4.75 2.51
N THR A 872 -14.71 5.73 2.35
CA THR A 872 -16.12 5.49 2.59
C THR A 872 -16.68 4.49 1.59
N SER A 873 -16.35 4.68 0.31
CA SER A 873 -16.79 3.76 -0.73
C SER A 873 -16.21 2.36 -0.52
N ASN A 874 -14.93 2.27 -0.18
CA ASN A 874 -14.30 0.96 0.01
C ASN A 874 -14.90 0.21 1.20
N GLU A 875 -15.17 0.92 2.29
CA GLU A 875 -15.81 0.28 3.43
C GLU A 875 -17.20 -0.23 3.08
N GLY A 876 -17.96 0.56 2.32
CA GLY A 876 -19.25 0.09 1.86
C GLY A 876 -19.15 -1.17 1.03
N ASP A 877 -18.16 -1.24 0.14
CA ASP A 877 -18.01 -2.42 -0.69
C ASP A 877 -17.60 -3.65 0.13
N PHE A 878 -16.71 -3.48 1.11
CA PHE A 878 -16.36 -4.59 1.99
C PHE A 878 -17.58 -5.11 2.74
N GLN A 879 -18.41 -4.20 3.27
CA GLN A 879 -19.61 -4.63 3.97
C GLN A 879 -20.56 -5.39 3.05
N ALA A 880 -20.74 -4.89 1.82
CA ALA A 880 -21.63 -5.60 0.91
C ALA A 880 -21.10 -6.95 0.49
N MET A 881 -19.78 -7.10 0.29
CA MET A 881 -19.23 -8.40 -0.05
C MET A 881 -19.36 -9.40 1.10
N ILE A 882 -19.09 -8.95 2.32
CA ILE A 882 -19.22 -9.81 3.49
C ILE A 882 -20.67 -10.24 3.66
N ALA A 883 -21.61 -9.33 3.40
CA ALA A 883 -23.03 -9.67 3.53
C ALA A 883 -23.45 -10.70 2.48
N ALA A 884 -22.98 -10.56 1.24
CA ALA A 884 -23.33 -11.56 0.24
C ALA A 884 -22.71 -12.92 0.55
N CYS A 885 -21.50 -12.96 1.09
CA CYS A 885 -20.90 -14.25 1.46
C CYS A 885 -21.63 -14.89 2.64
N ASP A 886 -22.03 -14.09 3.63
CA ASP A 886 -22.84 -14.61 4.72
C ASP A 886 -24.14 -15.21 4.20
N LEU A 887 -24.77 -14.52 3.24
CA LEU A 887 -26.03 -14.99 2.68
C LEU A 887 -25.85 -16.32 1.94
N ALA A 888 -24.77 -16.45 1.17
CA ALA A 888 -24.55 -17.70 0.45
C ALA A 888 -24.20 -18.85 1.38
N LYS A 889 -23.40 -18.60 2.42
CA LYS A 889 -23.14 -19.60 3.45
C LYS A 889 -24.42 -20.09 4.11
N SER A 890 -25.36 -19.19 4.39
CA SER A 890 -26.65 -19.59 4.93
C SER A 890 -27.39 -20.50 3.97
N ARG A 891 -27.46 -20.12 2.69
CA ARG A 891 -28.25 -20.93 1.75
C ARG A 891 -27.58 -22.27 1.45
N TYR A 892 -26.27 -22.38 1.69
CA TYR A 892 -25.59 -23.66 1.48
C TYR A 892 -25.83 -24.60 2.66
N LEU A 893 -25.66 -24.09 3.87
CA LEU A 893 -25.95 -24.87 5.06
C LEU A 893 -27.41 -25.31 5.11
N ALA A 894 -28.31 -24.57 4.45
CA ALA A 894 -29.70 -24.99 4.41
C ALA A 894 -29.89 -26.34 3.72
N LEU A 895 -29.21 -26.56 2.59
CA LEU A 895 -29.31 -27.87 1.94
C LEU A 895 -28.41 -28.92 2.59
N VAL A 896 -27.33 -28.51 3.25
CA VAL A 896 -26.55 -29.47 4.03
C VAL A 896 -27.40 -30.07 5.13
N GLU A 897 -28.18 -29.24 5.82
CA GLU A 897 -29.12 -29.77 6.81
C GLU A 897 -30.30 -30.48 6.16
N ARG A 898 -30.77 -30.00 5.01
CA ARG A 898 -31.98 -30.58 4.46
C ARG A 898 -31.72 -31.95 3.83
N TYR A 899 -30.73 -32.05 2.95
CA TYR A 899 -30.47 -33.31 2.27
C TYR A 899 -29.29 -34.07 2.87
N GLY A 900 -28.12 -33.47 2.88
CA GLY A 900 -26.97 -34.12 3.47
C GLY A 900 -25.68 -33.60 2.88
N ARG A 901 -24.61 -33.70 3.67
CA ARG A 901 -23.30 -33.20 3.25
C ARG A 901 -22.77 -33.94 2.02
N ASP A 902 -22.91 -35.26 1.99
CA ASP A 902 -22.47 -36.03 0.83
C ASP A 902 -23.33 -35.74 -0.39
N SER A 903 -24.63 -35.53 -0.19
CA SER A 903 -25.50 -35.22 -1.31
C SER A 903 -25.15 -33.88 -1.93
N VAL A 904 -24.77 -32.91 -1.11
CA VAL A 904 -24.40 -31.60 -1.62
C VAL A 904 -23.06 -31.67 -2.37
N ARG A 905 -22.10 -32.42 -1.83
CA ARG A 905 -20.82 -32.57 -2.54
C ARG A 905 -21.00 -33.29 -3.88
N ASP A 906 -21.81 -34.34 -3.89
CA ASP A 906 -22.07 -35.07 -5.14
C ASP A 906 -22.82 -34.24 -6.16
N ALA A 907 -23.81 -33.46 -5.72
CA ALA A 907 -24.56 -32.64 -6.65
C ALA A 907 -23.68 -31.58 -7.27
N GLY A 908 -22.76 -31.02 -6.49
CA GLY A 908 -21.78 -30.12 -7.06
C GLY A 908 -20.87 -30.78 -8.08
N GLN A 909 -20.51 -32.05 -7.85
CA GLN A 909 -19.65 -32.72 -8.83
C GLN A 909 -20.37 -33.04 -10.12
N PHE A 910 -21.68 -33.24 -10.09
CA PHE A 910 -22.41 -33.59 -11.32
C PHE A 910 -22.34 -32.48 -12.37
N TRP A 911 -22.47 -31.23 -11.95
CA TRP A 911 -22.57 -30.15 -12.91
C TRP A 911 -21.24 -29.83 -13.58
N ILE A 912 -20.12 -30.13 -12.92
CA ILE A 912 -18.81 -29.96 -13.54
C ILE A 912 -18.71 -30.79 -14.82
N ASP A 913 -19.06 -32.07 -14.75
CA ASP A 913 -18.95 -32.91 -15.93
C ASP A 913 -20.05 -32.62 -16.94
N TYR A 914 -21.20 -32.12 -16.51
CA TYR A 914 -22.15 -31.64 -17.51
C TYR A 914 -21.57 -30.50 -18.35
N SER A 915 -20.99 -29.50 -17.71
CA SER A 915 -20.40 -28.40 -18.46
C SER A 915 -19.29 -28.87 -19.39
N GLU A 916 -18.41 -29.74 -18.89
CA GLU A 916 -17.30 -30.22 -19.71
C GLU A 916 -17.79 -30.99 -20.93
N ARG A 917 -18.78 -31.87 -20.73
CA ARG A 917 -19.34 -32.64 -21.84
C ARG A 917 -19.90 -31.72 -22.92
N MET A 918 -20.67 -30.70 -22.50
CA MET A 918 -21.30 -29.81 -23.45
C MET A 918 -20.28 -29.01 -24.25
N LEU A 919 -19.22 -28.51 -23.61
CA LEU A 919 -18.22 -27.76 -24.39
C LEU A 919 -17.43 -28.66 -25.35
N ARG A 920 -17.05 -29.87 -24.89
CA ARG A 920 -16.22 -30.72 -25.74
C ARG A 920 -16.98 -31.19 -26.96
N GLN A 921 -18.29 -31.42 -26.84
CA GLN A 921 -19.07 -31.82 -28.01
C GLN A 921 -19.02 -30.76 -29.11
N GLU A 922 -18.89 -29.48 -28.74
CA GLU A 922 -18.85 -28.42 -29.73
C GLU A 922 -17.46 -28.24 -30.32
N ILE A 923 -16.43 -28.33 -29.49
CA ILE A 923 -15.07 -28.21 -30.03
C ILE A 923 -14.75 -29.37 -30.97
N ALA A 924 -15.35 -30.54 -30.76
CA ALA A 924 -15.02 -31.70 -31.59
C ALA A 924 -15.59 -31.62 -33.00
N LYS A 925 -16.47 -30.68 -33.31
CA LYS A 925 -17.11 -30.69 -34.62
C LYS A 925 -16.35 -29.89 -35.66
N ILE A 926 -15.41 -29.05 -35.24
CA ILE A 926 -14.62 -28.22 -36.15
C ILE A 926 -13.52 -29.07 -36.77
N PRO A 927 -13.21 -28.92 -38.07
CA PRO A 927 -12.12 -29.71 -38.65
C PRO A 927 -10.78 -29.40 -37.98
N ASP A 928 -9.98 -30.45 -37.79
CA ASP A 928 -8.69 -30.30 -37.12
C ASP A 928 -7.75 -29.48 -37.97
N GLY A 929 -6.92 -28.67 -37.32
CA GLY A 929 -5.95 -27.93 -38.12
C GLY A 929 -5.32 -26.78 -37.38
N VAL A 930 -4.52 -26.03 -38.13
CA VAL A 930 -3.82 -24.84 -37.65
C VAL A 930 -4.33 -23.65 -38.43
N TYR A 931 -4.79 -22.63 -37.72
CA TYR A 931 -5.48 -21.49 -38.32
C TYR A 931 -4.71 -20.22 -37.99
N GLU A 932 -4.36 -19.46 -39.01
CA GLU A 932 -3.44 -18.32 -38.92
C GLU A 932 -4.12 -17.05 -39.38
N THR A 933 -3.46 -15.92 -39.13
CA THR A 933 -3.94 -14.62 -39.59
C THR A 933 -2.77 -13.64 -39.61
N GLU A 934 -3.06 -12.41 -40.03
CA GLU A 934 -2.06 -11.35 -40.07
C GLU A 934 -1.66 -10.92 -38.67
N THR A 935 -0.44 -10.43 -38.53
CA THR A 935 0.06 -9.94 -37.25
C THR A 935 -0.61 -8.62 -36.92
N GLY A 936 -1.36 -8.60 -35.83
CA GLY A 936 -1.96 -7.36 -35.38
C GLY A 936 -0.94 -6.49 -34.69
N TYR A 937 -1.24 -5.19 -34.63
CA TYR A 937 -0.32 -4.25 -34.01
C TYR A 937 -1.07 -3.39 -33.01
N LEU A 938 -0.37 -3.02 -31.95
CA LEU A 938 -0.85 -2.07 -30.98
C LEU A 938 0.03 -0.84 -31.05
N ASP A 939 -0.57 0.32 -30.74
CA ASP A 939 0.22 1.52 -30.54
C ASP A 939 1.18 1.33 -29.37
N ASP A 940 2.08 2.29 -29.18
CA ASP A 940 3.18 2.22 -28.24
C ASP A 940 2.76 1.81 -26.83
N ASP A 941 3.70 1.34 -26.03
CA ASP A 941 3.37 0.93 -24.67
C ASP A 941 2.93 2.12 -23.82
N GLY A 942 3.51 3.28 -24.05
CA GLY A 942 3.17 4.47 -23.29
C GLY A 942 4.39 5.23 -22.80
N ARG A 943 5.43 4.52 -22.38
CA ARG A 943 6.63 5.19 -21.87
C ARG A 943 7.49 5.71 -23.01
N ASN A 944 7.30 5.21 -24.23
CA ASN A 944 8.13 5.59 -25.36
C ASN A 944 7.30 5.46 -26.63
N TYR A 945 6.88 6.60 -27.16
CA TYR A 945 5.92 6.60 -28.26
C TYR A 945 6.58 6.25 -29.57
N GLY A 946 5.76 5.77 -30.51
CA GLY A 946 6.22 5.47 -31.84
C GLY A 946 6.35 3.99 -32.16
N LYS A 947 6.89 3.22 -31.21
CA LYS A 947 7.18 1.81 -31.47
C LYS A 947 5.94 0.95 -31.30
N LYS A 948 5.57 0.21 -32.34
CA LYS A 948 4.42 -0.66 -32.33
C LYS A 948 4.71 -1.94 -31.57
N LEU A 949 3.65 -2.69 -31.24
CA LEU A 949 3.80 -3.96 -30.54
C LEU A 949 3.00 -5.03 -31.27
N PRO A 950 3.62 -6.11 -31.72
CA PRO A 950 2.90 -7.12 -32.48
C PRO A 950 2.12 -8.08 -31.59
N ILE A 951 1.10 -8.69 -32.19
CA ILE A 951 0.30 -9.72 -31.56
C ILE A 951 0.03 -10.77 -32.62
N VAL A 952 0.47 -12.00 -32.37
CA VAL A 952 0.21 -13.13 -33.26
C VAL A 952 -0.67 -14.12 -32.52
N VAL A 953 -1.76 -14.51 -33.14
CA VAL A 953 -2.67 -15.51 -32.59
C VAL A 953 -2.75 -16.64 -33.60
N LYS A 954 -2.41 -17.84 -33.15
CA LYS A 954 -2.57 -19.05 -33.93
C LYS A 954 -3.53 -19.94 -33.16
N VAL A 955 -4.39 -20.66 -33.87
CA VAL A 955 -5.40 -21.48 -33.22
C VAL A 955 -5.25 -22.92 -33.71
N ILE A 956 -5.04 -23.85 -32.80
CA ILE A 956 -4.89 -25.27 -33.14
C ILE A 956 -6.07 -26.06 -32.59
N VAL A 957 -6.67 -26.88 -33.44
CA VAL A 957 -7.80 -27.73 -33.04
C VAL A 957 -7.44 -29.18 -33.30
N GLU A 958 -7.42 -30.00 -32.24
CA GLU A 958 -7.13 -31.42 -32.30
C GLU A 958 -8.11 -32.20 -31.42
N GLY A 959 -8.96 -33.02 -32.05
CA GLY A 959 -9.92 -33.81 -31.31
C GLY A 959 -11.04 -32.97 -30.70
N ASP A 960 -11.25 -33.12 -29.40
CA ASP A 960 -12.18 -32.28 -28.64
C ASP A 960 -11.44 -31.33 -27.72
N GLU A 961 -10.35 -30.77 -28.21
CA GLU A 961 -9.50 -29.88 -27.45
C GLU A 961 -9.10 -28.72 -28.36
N ILE A 962 -8.94 -27.52 -27.79
CA ILE A 962 -8.57 -26.35 -28.57
C ILE A 962 -7.48 -25.59 -27.84
N THR A 963 -6.47 -25.15 -28.57
CA THR A 963 -5.34 -24.47 -27.98
C THR A 963 -5.10 -23.15 -28.71
N TYR A 964 -4.77 -22.13 -27.94
CA TYR A 964 -4.50 -20.81 -28.49
C TYR A 964 -3.02 -20.52 -28.28
N ASP A 965 -2.28 -20.47 -29.39
CA ASP A 965 -0.84 -20.29 -29.34
C ASP A 965 -0.52 -18.85 -29.69
N LEU A 966 0.09 -18.15 -28.74
CA LEU A 966 0.40 -16.75 -28.90
C LEU A 966 1.88 -16.54 -29.16
N THR A 967 2.49 -17.50 -29.85
CA THR A 967 3.90 -17.41 -30.18
C THR A 967 4.09 -16.36 -31.26
N GLY A 968 5.11 -15.51 -31.08
CA GLY A 968 5.33 -14.39 -31.97
C GLY A 968 4.76 -13.08 -31.47
N SER A 969 4.03 -13.09 -30.36
CA SER A 969 3.60 -11.86 -29.72
C SER A 969 4.79 -11.21 -29.04
N SER A 970 4.60 -9.93 -28.70
CA SER A 970 5.68 -9.10 -28.23
C SER A 970 6.22 -9.61 -26.90
N GLU A 971 7.42 -9.15 -26.57
CA GLU A 971 8.04 -9.34 -25.27
C GLU A 971 7.37 -8.42 -24.25
N GLN A 972 7.69 -8.64 -22.98
CA GLN A 972 7.19 -7.80 -21.89
C GLN A 972 7.52 -6.35 -22.15
N VAL A 973 6.53 -5.47 -22.04
CA VAL A 973 6.78 -4.05 -22.08
C VAL A 973 6.97 -3.56 -20.65
N PRO A 974 7.75 -2.53 -20.41
CA PRO A 974 8.03 -2.13 -19.02
C PRO A 974 6.97 -1.26 -18.38
N THR A 975 5.77 -1.22 -18.95
CA THR A 975 4.64 -0.49 -18.41
C THR A 975 3.64 -1.49 -17.82
N ALA A 976 2.48 -0.98 -17.39
CA ALA A 976 1.42 -1.83 -16.90
C ALA A 976 0.61 -2.44 -18.01
N TYR A 977 1.13 -2.37 -19.22
CA TYR A 977 0.39 -2.77 -20.41
C TYR A 977 0.64 -4.26 -20.73
N ASN A 978 0.40 -5.09 -19.71
CA ASN A 978 0.57 -6.55 -19.76
C ASN A 978 -0.67 -7.22 -19.22
N CYS A 979 -0.78 -8.53 -19.45
CA CYS A 979 -1.97 -9.31 -19.09
C CYS A 979 -1.57 -10.47 -18.20
N ALA A 980 -2.31 -10.66 -17.10
CA ALA A 980 -2.05 -11.78 -16.20
C ALA A 980 -2.46 -13.09 -16.87
N PHE A 981 -1.66 -14.14 -16.69
CA PHE A 981 -1.90 -15.35 -17.47
C PHE A 981 -3.13 -16.09 -16.99
N GLU A 982 -3.14 -16.52 -15.74
CA GLU A 982 -4.31 -17.13 -15.14
C GLU A 982 -5.14 -16.01 -14.54
N GLY A 983 -6.35 -15.83 -15.06
CA GLY A 983 -7.19 -14.76 -14.56
C GLY A 983 -7.57 -13.76 -15.61
N THR A 984 -6.66 -13.42 -16.52
CA THR A 984 -6.96 -12.53 -17.63
C THR A 984 -6.79 -13.22 -18.97
N THR A 985 -5.62 -13.77 -19.26
CA THR A 985 -5.39 -14.41 -20.56
C THR A 985 -6.23 -15.67 -20.72
N VAL A 986 -6.15 -16.56 -19.74
CA VAL A 986 -6.95 -17.77 -19.79
C VAL A 986 -8.42 -17.44 -19.66
N SER A 987 -8.76 -16.42 -18.87
CA SER A 987 -10.14 -16.02 -18.73
C SER A 987 -10.70 -15.48 -20.05
N ALA A 988 -9.94 -14.64 -20.74
CA ALA A 988 -10.41 -14.08 -21.99
C ALA A 988 -10.56 -15.14 -23.05
N PHE A 989 -9.65 -16.11 -23.11
CA PHE A 989 -9.83 -17.13 -24.13
C PHE A 989 -10.88 -18.17 -23.76
N THR A 990 -11.13 -18.38 -22.47
CA THR A 990 -12.30 -19.15 -22.05
C THR A 990 -13.58 -18.45 -22.45
N PHE A 991 -13.61 -17.13 -22.29
CA PHE A 991 -14.79 -16.36 -22.67
C PHE A 991 -15.03 -16.40 -24.18
N ILE A 992 -13.97 -16.23 -24.98
CA ILE A 992 -14.19 -16.26 -26.43
C ILE A 992 -14.53 -17.67 -26.87
N THR A 993 -14.05 -18.70 -26.17
CA THR A 993 -14.49 -20.06 -26.47
C THR A 993 -15.97 -20.23 -26.18
N ARG A 994 -16.43 -19.75 -25.03
CA ARG A 994 -17.84 -19.85 -24.68
C ARG A 994 -18.71 -19.08 -25.66
N MET A 995 -18.25 -17.91 -26.10
CA MET A 995 -18.95 -17.13 -27.11
C MET A 995 -19.03 -17.85 -28.44
N MET A 996 -17.93 -18.48 -28.85
CA MET A 996 -17.89 -19.09 -30.17
C MET A 996 -18.74 -20.34 -30.23
N PHE A 997 -18.76 -21.14 -29.16
CA PHE A 997 -19.41 -22.45 -29.22
C PHE A 997 -20.69 -22.57 -28.42
N LEU A 998 -20.89 -21.71 -27.42
CA LEU A 998 -21.99 -21.84 -26.46
C LEU A 998 -22.73 -20.51 -26.40
N ASP A 999 -23.16 -20.01 -27.56
CA ASP A 999 -23.81 -18.70 -27.64
C ASP A 999 -25.19 -18.69 -27.01
N GLU A 1000 -25.50 -17.61 -26.29
CA GLU A 1000 -26.78 -17.49 -25.61
C GLU A 1000 -27.96 -17.42 -26.56
N VAL A 1001 -27.78 -16.90 -27.77
CA VAL A 1001 -28.91 -16.77 -28.68
C VAL A 1001 -29.06 -18.01 -29.55
N ALA A 1002 -27.99 -18.46 -30.20
CA ALA A 1002 -28.12 -19.56 -31.16
C ALA A 1002 -28.23 -20.91 -30.46
N PHE A 1003 -27.37 -21.17 -29.48
CA PHE A 1003 -27.37 -22.46 -28.79
C PHE A 1003 -28.65 -22.63 -27.99
N PRO A 1004 -29.25 -23.82 -27.99
CA PRO A 1004 -30.60 -23.98 -27.40
C PRO A 1004 -30.65 -23.77 -25.89
N VAL A 1005 -29.67 -24.26 -25.16
CA VAL A 1005 -29.73 -24.27 -23.70
C VAL A 1005 -28.66 -23.34 -23.15
N PHE A 1006 -28.83 -22.97 -21.89
CA PHE A 1006 -27.88 -22.14 -21.19
C PHE A 1006 -27.03 -23.05 -20.31
N VAL A 1007 -25.73 -23.05 -20.54
CA VAL A 1007 -24.82 -23.93 -19.82
C VAL A 1007 -24.22 -23.12 -18.67
N PRO A 1008 -24.37 -23.59 -17.43
CA PRO A 1008 -23.84 -22.82 -16.29
C PRO A 1008 -22.33 -22.77 -16.28
N GLN A 1009 -21.81 -21.73 -15.64
CA GLN A 1009 -20.37 -21.55 -15.55
C GLN A 1009 -19.86 -22.31 -14.32
N ASN A 1010 -19.29 -23.49 -14.55
CA ASN A 1010 -18.64 -24.25 -13.50
C ASN A 1010 -17.21 -24.57 -13.89
N GLU A 1011 -16.57 -25.48 -13.17
CA GLU A 1011 -15.21 -25.88 -13.49
C GLU A 1011 -15.13 -26.65 -14.81
N GLY A 1012 -16.26 -27.12 -15.33
CA GLY A 1012 -16.24 -27.91 -16.55
C GLY A 1012 -16.04 -27.11 -17.81
N MET A 1013 -16.33 -25.80 -17.77
CA MET A 1013 -16.05 -24.96 -18.91
C MET A 1013 -14.57 -24.63 -19.04
N LEU A 1014 -13.84 -24.63 -17.91
CA LEU A 1014 -12.45 -24.19 -17.91
C LEU A 1014 -11.50 -25.26 -18.42
N LYS A 1015 -11.95 -26.50 -18.48
CA LYS A 1015 -11.06 -27.63 -18.79
C LYS A 1015 -10.76 -27.88 -20.28
N PRO A 1016 -11.73 -27.78 -21.21
CA PRO A 1016 -11.47 -28.27 -22.57
C PRO A 1016 -10.64 -27.37 -23.45
N LEU A 1017 -9.98 -26.35 -22.91
CA LEU A 1017 -9.17 -25.45 -23.72
C LEU A 1017 -7.87 -25.16 -23.01
N LYS A 1018 -6.83 -24.89 -23.77
CA LYS A 1018 -5.53 -24.54 -23.22
C LYS A 1018 -4.90 -23.41 -24.01
N VAL A 1019 -4.18 -22.55 -23.32
CA VAL A 1019 -3.52 -21.41 -23.92
C VAL A 1019 -2.02 -21.59 -23.74
N ILE A 1020 -1.29 -21.69 -24.84
CA ILE A 1020 0.16 -21.79 -24.76
C ILE A 1020 0.75 -20.43 -25.12
N ALA A 1021 1.38 -19.81 -24.15
CA ALA A 1021 1.96 -18.48 -24.34
C ALA A 1021 3.32 -18.47 -23.67
N PRO A 1022 4.40 -18.27 -24.43
CA PRO A 1022 5.74 -18.36 -23.86
C PRO A 1022 5.92 -17.40 -22.70
N LYS A 1023 6.65 -17.83 -21.69
CA LYS A 1023 6.92 -16.97 -20.56
C LYS A 1023 7.72 -15.77 -21.02
N GLY A 1024 7.44 -14.62 -20.44
CA GLY A 1024 8.11 -13.40 -20.83
C GLY A 1024 7.48 -12.66 -21.99
N THR A 1025 6.28 -13.02 -22.41
CA THR A 1025 5.56 -12.26 -23.41
C THR A 1025 4.63 -11.26 -22.71
N ILE A 1026 3.84 -10.52 -23.50
CA ILE A 1026 2.85 -9.64 -22.89
C ILE A 1026 1.69 -10.44 -22.31
N PHE A 1027 1.45 -11.64 -22.84
CA PHE A 1027 0.30 -12.41 -22.40
C PHE A 1027 0.62 -13.39 -21.29
N ASN A 1028 1.89 -13.59 -20.96
CA ASN A 1028 2.30 -14.50 -19.88
C ASN A 1028 3.59 -13.97 -19.29
N PRO A 1029 3.53 -12.85 -18.59
CA PRO A 1029 4.75 -12.16 -18.19
C PRO A 1029 5.42 -12.81 -16.99
N ASN A 1030 6.68 -12.46 -16.82
CA ASN A 1030 7.44 -12.86 -15.65
C ASN A 1030 7.22 -11.84 -14.54
N TYR A 1031 7.08 -12.32 -13.33
CA TYR A 1031 7.08 -11.46 -12.16
C TYR A 1031 8.39 -10.68 -12.12
N PRO A 1032 8.35 -9.38 -11.79
CA PRO A 1032 7.25 -8.57 -11.28
C PRO A 1032 6.56 -7.63 -12.26
N ALA A 1033 6.23 -8.01 -13.49
CA ALA A 1033 5.60 -7.09 -14.41
C ALA A 1033 4.19 -6.72 -13.98
N ALA A 1034 3.84 -5.45 -14.19
CA ALA A 1034 2.52 -4.95 -13.81
C ALA A 1034 1.48 -5.36 -14.83
N THR A 1035 0.29 -5.71 -14.35
CA THR A 1035 -0.79 -6.17 -15.21
C THR A 1035 -2.06 -5.38 -14.97
N PHE A 1036 -1.94 -4.10 -14.60
CA PHE A 1036 -3.11 -3.27 -14.31
C PHE A 1036 -3.94 -3.01 -15.56
N SER A 1037 -3.29 -2.57 -16.63
CA SER A 1037 -4.01 -2.21 -17.86
C SER A 1037 -3.95 -3.40 -18.80
N ARG A 1038 -4.97 -4.23 -18.74
CA ARG A 1038 -4.96 -5.50 -19.44
C ARG A 1038 -6.03 -5.63 -20.49
N PHE A 1039 -6.94 -4.67 -20.62
CA PHE A 1039 -8.19 -4.90 -21.33
C PHE A 1039 -8.01 -4.84 -22.85
N SER A 1040 -7.30 -3.82 -23.34
CA SER A 1040 -7.19 -3.62 -24.78
C SER A 1040 -6.38 -4.74 -25.44
N GLN A 1041 -5.35 -5.25 -24.76
CA GLN A 1041 -4.54 -6.32 -25.34
C GLN A 1041 -5.36 -7.58 -25.57
N VAL A 1042 -6.13 -8.00 -24.56
CA VAL A 1042 -6.91 -9.22 -24.76
C VAL A 1042 -8.08 -8.96 -25.67
N GLN A 1043 -8.56 -7.71 -25.76
CA GLN A 1043 -9.58 -7.40 -26.77
C GLN A 1043 -9.05 -7.65 -28.18
N ARG A 1044 -7.89 -7.07 -28.49
CA ARG A 1044 -7.30 -7.29 -29.82
C ARG A 1044 -6.91 -8.75 -30.02
N ALA A 1045 -6.46 -9.43 -28.97
CA ALA A 1045 -6.08 -10.85 -29.10
C ALA A 1045 -7.27 -11.72 -29.45
N VAL A 1046 -8.41 -11.53 -28.77
CA VAL A 1046 -9.57 -12.35 -29.10
C VAL A 1046 -10.22 -11.91 -30.40
N ASP A 1047 -10.06 -10.65 -30.82
CA ASP A 1047 -10.53 -10.27 -32.15
C ASP A 1047 -9.67 -10.88 -33.25
N LEU A 1048 -8.36 -10.98 -33.04
CA LEU A 1048 -7.52 -11.68 -34.00
C LEU A 1048 -7.82 -13.17 -34.00
N ALA A 1049 -8.19 -13.73 -32.85
CA ALA A 1049 -8.66 -15.10 -32.81
C ALA A 1049 -9.93 -15.28 -33.61
N LEU A 1050 -10.78 -14.26 -33.66
CA LEU A 1050 -11.97 -14.33 -34.51
C LEU A 1050 -11.62 -14.26 -36.00
N ARG A 1051 -10.64 -13.42 -36.35
CA ARG A 1051 -10.21 -13.33 -37.75
C ARG A 1051 -9.53 -14.61 -38.22
N ALA A 1052 -8.78 -15.27 -37.33
CA ALA A 1052 -8.12 -16.52 -37.69
C ALA A 1052 -9.13 -17.61 -38.01
N LEU A 1053 -10.22 -17.69 -37.27
CA LEU A 1053 -11.20 -18.74 -37.45
C LEU A 1053 -12.32 -18.36 -38.38
N ALA A 1054 -12.29 -17.15 -38.94
CA ALA A 1054 -13.31 -16.72 -39.89
C ALA A 1054 -13.42 -17.61 -41.13
N PRO A 1055 -12.33 -18.12 -41.73
CA PRO A 1055 -12.52 -18.99 -42.91
C PRO A 1055 -13.30 -20.26 -42.64
N VAL A 1056 -13.18 -20.86 -41.46
CA VAL A 1056 -13.83 -22.14 -41.21
C VAL A 1056 -15.16 -21.95 -40.47
N MET A 1057 -15.27 -20.88 -39.68
CA MET A 1057 -16.47 -20.57 -38.90
C MET A 1057 -16.93 -19.16 -39.22
N PRO A 1058 -17.54 -18.93 -40.40
CA PRO A 1058 -18.08 -17.58 -40.66
C PRO A 1058 -19.36 -17.27 -39.88
N GLU A 1059 -20.24 -18.25 -39.72
CA GLU A 1059 -21.56 -17.98 -39.17
C GLU A 1059 -21.57 -17.70 -37.67
N ARG A 1060 -20.46 -17.94 -36.97
CA ARG A 1060 -20.40 -17.74 -35.53
C ARG A 1060 -19.39 -16.67 -35.15
N VAL A 1061 -18.99 -15.83 -36.08
CA VAL A 1061 -18.02 -14.79 -35.82
C VAL A 1061 -18.59 -13.45 -36.32
N THR A 1062 -17.81 -12.39 -36.11
CA THR A 1062 -18.12 -11.05 -36.58
C THR A 1062 -16.90 -10.48 -37.29
N ALA A 1063 -17.13 -9.46 -38.11
CA ALA A 1063 -16.05 -8.73 -38.74
C ALA A 1063 -15.29 -7.90 -37.71
N GLY A 1064 -14.34 -7.11 -38.17
CA GLY A 1064 -13.46 -6.41 -37.26
C GLY A 1064 -14.16 -5.48 -36.31
N ASN A 1065 -14.29 -5.92 -35.06
CA ASN A 1065 -14.89 -5.13 -34.00
C ASN A 1065 -13.91 -4.05 -33.58
N SER A 1066 -14.44 -3.03 -32.90
CA SER A 1066 -13.55 -1.99 -32.42
C SER A 1066 -12.53 -2.55 -31.44
N ALA A 1067 -12.90 -3.60 -30.70
CA ALA A 1067 -12.00 -4.42 -29.88
C ALA A 1067 -11.06 -3.56 -29.05
N HIS A 1068 -11.62 -2.53 -28.44
CA HIS A 1068 -10.80 -1.54 -27.76
C HIS A 1068 -11.51 -1.15 -26.48
N ILE A 1069 -10.92 -0.20 -25.76
CA ILE A 1069 -11.64 0.56 -24.75
C ILE A 1069 -10.98 1.93 -24.67
N HIS A 1070 -11.77 2.93 -24.30
CA HIS A 1070 -11.25 4.21 -23.83
C HIS A 1070 -11.66 4.37 -22.38
N PHE A 1071 -10.87 3.76 -21.50
CA PHE A 1071 -11.17 3.75 -20.07
C PHE A 1071 -10.56 5.01 -19.47
N MET A 1072 -11.40 5.97 -19.08
CA MET A 1072 -10.96 7.28 -18.64
C MET A 1072 -11.11 7.43 -17.13
N SER A 1073 -10.23 8.25 -16.57
CA SER A 1073 -10.30 8.64 -15.18
C SER A 1073 -10.17 10.15 -15.13
N TYR A 1074 -11.22 10.83 -14.69
CA TYR A 1074 -11.17 12.25 -14.39
C TYR A 1074 -11.20 12.41 -12.90
N SER A 1075 -10.28 13.19 -12.35
CA SER A 1075 -10.25 13.28 -10.91
C SER A 1075 -9.82 14.66 -10.47
N GLY A 1076 -10.14 14.96 -9.22
CA GLY A 1076 -9.77 16.24 -8.65
C GLY A 1076 -10.02 16.24 -7.16
N TRP A 1077 -9.58 17.30 -6.52
CA TRP A 1077 -9.72 17.45 -5.08
C TRP A 1077 -10.83 18.44 -4.77
N ASP A 1078 -11.81 18.01 -3.99
CA ASP A 1078 -12.90 18.86 -3.54
C ASP A 1078 -12.55 19.42 -2.17
N GLU A 1079 -12.35 20.74 -2.11
CA GLU A 1079 -11.90 21.40 -0.90
C GLU A 1079 -13.00 21.47 0.15
N LYS A 1080 -14.23 21.75 -0.26
CA LYS A 1080 -15.33 21.87 0.70
C LYS A 1080 -15.61 20.56 1.40
N GLN A 1081 -15.66 19.46 0.65
CA GLN A 1081 -15.85 18.16 1.26
C GLN A 1081 -14.56 17.60 1.86
N GLY A 1082 -13.41 18.14 1.46
CA GLY A 1082 -12.15 17.58 1.88
C GLY A 1082 -11.90 16.17 1.39
N GLU A 1083 -12.21 15.88 0.12
CA GLU A 1083 -12.13 14.52 -0.39
C GLU A 1083 -11.74 14.54 -1.86
N TYR A 1084 -11.26 13.41 -2.35
CA TYR A 1084 -11.11 13.25 -3.80
C TYR A 1084 -12.46 12.98 -4.43
N TRP A 1085 -12.71 13.60 -5.58
CA TRP A 1085 -13.78 13.15 -6.46
C TRP A 1085 -13.15 12.44 -7.64
N VAL A 1086 -13.61 11.22 -7.90
CA VAL A 1086 -13.11 10.38 -8.97
C VAL A 1086 -14.28 9.94 -9.84
N TYR A 1087 -14.19 10.21 -11.13
CA TYR A 1087 -15.19 9.76 -12.08
C TYR A 1087 -14.49 8.85 -13.09
N LEU A 1088 -14.91 7.59 -13.15
CA LEU A 1088 -14.31 6.59 -14.01
C LEU A 1088 -15.28 6.27 -15.13
N GLU A 1089 -14.89 6.61 -16.35
CA GLU A 1089 -15.77 6.51 -17.50
C GLU A 1089 -15.33 5.37 -18.40
N VAL A 1090 -16.29 4.59 -18.86
CA VAL A 1090 -16.04 3.52 -19.82
C VAL A 1090 -16.75 3.92 -21.11
N ASN A 1091 -15.99 4.39 -22.09
CA ASN A 1091 -16.59 4.78 -23.35
C ASN A 1091 -16.81 3.55 -24.21
N GLU A 1092 -18.04 3.39 -24.69
CA GLU A 1092 -18.36 2.25 -25.53
C GLU A 1092 -17.68 2.37 -26.87
N GLY A 1093 -17.44 1.24 -27.51
CA GLY A 1093 -16.87 1.26 -28.83
C GLY A 1093 -17.93 1.03 -29.88
N SER A 1094 -17.66 0.12 -30.80
CA SER A 1094 -18.67 -0.33 -31.74
C SER A 1094 -18.34 -1.77 -32.12
N TYR A 1095 -18.98 -2.23 -33.18
CA TYR A 1095 -19.19 -3.65 -33.39
C TYR A 1095 -19.19 -3.97 -34.87
N GLY A 1096 -18.29 -4.84 -35.30
CA GLY A 1096 -18.23 -5.22 -36.69
C GLY A 1096 -19.44 -6.05 -37.08
N ALA A 1097 -19.75 -6.02 -38.36
CA ALA A 1097 -20.94 -6.68 -38.86
C ALA A 1097 -20.84 -8.20 -38.75
N ARG A 1098 -21.95 -8.86 -39.04
CA ARG A 1098 -22.06 -10.32 -39.03
C ARG A 1098 -22.51 -10.80 -40.41
N GLN A 1099 -22.59 -12.13 -40.56
CA GLN A 1099 -23.08 -12.69 -41.80
C GLN A 1099 -24.56 -12.48 -42.01
N ASP A 1100 -25.33 -12.38 -40.94
CA ASP A 1100 -26.78 -12.41 -41.01
C ASP A 1100 -27.44 -11.10 -40.60
N SER A 1101 -26.71 -10.21 -39.93
CA SER A 1101 -27.28 -8.95 -39.50
C SER A 1101 -26.16 -7.92 -39.35
N ASP A 1102 -26.53 -6.66 -39.43
CA ASP A 1102 -25.56 -5.59 -39.36
C ASP A 1102 -25.02 -5.44 -37.95
N GLY A 1103 -24.07 -4.54 -37.78
CA GLY A 1103 -23.41 -4.37 -36.52
C GLY A 1103 -23.93 -3.19 -35.75
N PRO A 1104 -24.39 -3.44 -34.52
CA PRO A 1104 -24.92 -2.34 -33.70
C PRO A 1104 -23.86 -1.31 -33.36
N ASP A 1105 -24.24 -0.05 -33.48
CA ASP A 1105 -23.39 1.07 -33.14
C ASP A 1105 -23.39 1.28 -31.64
N SER A 1106 -22.44 2.09 -31.18
CA SER A 1106 -22.43 2.67 -29.85
C SER A 1106 -22.86 1.71 -28.76
N VAL A 1107 -22.08 0.65 -28.53
CA VAL A 1107 -22.40 -0.32 -27.50
C VAL A 1107 -21.10 -0.96 -27.04
N ASP A 1108 -21.05 -1.34 -25.77
CA ASP A 1108 -19.86 -1.98 -25.21
C ASP A 1108 -19.57 -3.28 -25.94
N ASN A 1109 -18.31 -3.50 -26.26
CA ASN A 1109 -17.92 -4.50 -27.25
C ASN A 1109 -17.18 -5.65 -26.59
N LEU A 1110 -17.56 -6.87 -26.98
CA LEU A 1110 -16.86 -8.10 -26.66
C LEU A 1110 -16.75 -8.37 -25.16
N ILE A 1111 -15.60 -8.04 -24.56
CA ILE A 1111 -15.40 -8.42 -23.16
C ILE A 1111 -16.10 -7.46 -22.21
N ALA A 1112 -16.39 -6.24 -22.65
CA ALA A 1112 -17.07 -5.29 -21.79
C ALA A 1112 -18.58 -5.37 -21.98
N ASN A 1113 -19.33 -5.22 -20.89
CA ASN A 1113 -20.78 -5.05 -20.97
C ASN A 1113 -21.28 -4.04 -19.94
N THR A 1114 -20.64 -2.88 -19.85
CA THR A 1114 -20.93 -1.87 -18.84
C THR A 1114 -22.10 -0.97 -19.22
N ARG A 1115 -22.57 -0.21 -18.23
CA ARG A 1115 -23.57 0.83 -18.40
C ARG A 1115 -22.94 2.20 -18.22
N ASN A 1116 -23.42 3.21 -18.93
CA ASN A 1116 -22.90 4.54 -18.69
C ASN A 1116 -23.62 5.18 -17.51
N ASN A 1117 -23.00 6.21 -16.96
CA ASN A 1117 -23.69 7.05 -16.00
C ASN A 1117 -24.53 8.08 -16.75
N PRO A 1118 -25.77 8.34 -16.33
CA PRO A 1118 -26.57 9.37 -17.00
C PRO A 1118 -25.96 10.75 -16.87
N ILE A 1119 -26.19 11.59 -17.88
CA ILE A 1119 -25.56 12.90 -17.95
C ILE A 1119 -26.05 13.80 -16.82
N GLU A 1120 -27.35 13.79 -16.55
CA GLU A 1120 -27.91 14.69 -15.54
C GLU A 1120 -27.41 14.31 -14.14
N GLU A 1121 -27.29 13.01 -13.87
CA GLU A 1121 -26.69 12.58 -12.62
C GLU A 1121 -25.25 13.03 -12.51
N LEU A 1122 -24.49 12.93 -13.61
CA LEU A 1122 -23.10 13.39 -13.61
C LEU A 1122 -23.00 14.87 -13.30
N GLU A 1123 -23.85 15.68 -13.93
CA GLU A 1123 -23.73 17.12 -13.75
C GLU A 1123 -24.20 17.54 -12.37
N TRP A 1124 -25.05 16.73 -11.73
CA TRP A 1124 -25.33 17.02 -10.32
C TRP A 1124 -24.20 16.56 -9.41
N ARG A 1125 -23.48 15.51 -9.79
CA ARG A 1125 -22.50 14.91 -8.89
C ARG A 1125 -21.08 15.44 -9.10
N PHE A 1126 -20.70 15.83 -10.31
CA PHE A 1126 -19.31 16.17 -10.60
C PHE A 1126 -19.21 17.55 -11.26
N PRO A 1127 -18.06 18.24 -11.16
CA PRO A 1127 -17.90 19.56 -11.81
C PRO A 1127 -17.55 19.48 -13.29
N MET A 1128 -18.53 19.07 -14.09
CA MET A 1128 -18.29 18.92 -15.52
C MET A 1128 -19.60 19.17 -16.25
N ARG A 1129 -19.52 19.20 -17.57
CA ARG A 1129 -20.70 19.37 -18.41
C ARG A 1129 -20.46 18.66 -19.72
N THR A 1130 -21.17 17.58 -19.95
CA THR A 1130 -21.04 16.91 -21.25
C THR A 1130 -21.69 17.78 -22.32
N ASP A 1131 -20.85 18.36 -23.18
CA ASP A 1131 -21.34 19.27 -24.20
C ASP A 1131 -21.71 18.57 -25.49
N ARG A 1132 -21.33 17.32 -25.68
CA ARG A 1132 -21.74 16.62 -26.89
C ARG A 1132 -21.71 15.12 -26.65
N TYR A 1133 -22.74 14.41 -27.12
CA TYR A 1133 -22.77 12.95 -27.00
C TYR A 1133 -23.63 12.41 -28.12
N GLU A 1134 -23.00 12.03 -29.23
CA GLU A 1134 -23.74 11.59 -30.41
C GLU A 1134 -22.87 10.68 -31.25
N LEU A 1135 -23.45 10.21 -32.36
CA LEU A 1135 -22.73 9.38 -33.33
C LEU A 1135 -21.81 10.23 -34.18
N ARG A 1136 -20.66 9.64 -34.55
CA ARG A 1136 -19.66 10.37 -35.34
C ARG A 1136 -20.17 10.60 -36.75
N GLU A 1137 -19.60 11.62 -37.40
CA GLU A 1137 -20.20 12.13 -38.64
C GLU A 1137 -19.79 11.31 -39.84
N ASP A 1138 -18.52 10.93 -39.94
CA ASP A 1138 -18.04 10.22 -41.12
C ASP A 1138 -18.64 8.82 -41.19
N PRO A 1139 -18.92 8.32 -42.39
CA PRO A 1139 -19.48 6.96 -42.50
C PRO A 1139 -18.46 5.93 -42.02
N ALA A 1140 -18.96 4.83 -41.46
CA ALA A 1140 -18.11 3.93 -40.68
C ALA A 1140 -17.35 2.93 -41.55
N ALA A 1141 -18.07 2.06 -42.26
CA ALA A 1141 -17.47 1.07 -43.14
C ALA A 1141 -18.56 0.43 -44.00
N ALA A 1142 -18.30 0.30 -45.29
CA ALA A 1142 -19.26 -0.26 -46.23
C ALA A 1142 -19.18 -1.79 -46.24
N GLY A 1143 -20.28 -2.41 -46.64
CA GLY A 1143 -20.37 -3.85 -46.72
C GLY A 1143 -21.80 -4.25 -46.97
N GLU A 1144 -22.01 -5.55 -47.18
CA GLU A 1144 -23.39 -6.03 -47.31
C GLU A 1144 -24.16 -5.74 -46.03
N TYR A 1145 -23.54 -5.96 -44.89
CA TYR A 1145 -24.06 -5.54 -43.61
C TYR A 1145 -23.08 -4.52 -43.06
N ARG A 1146 -23.61 -3.37 -42.66
CA ARG A 1146 -22.80 -2.22 -42.30
C ARG A 1146 -22.01 -2.48 -41.02
N GLY A 1147 -20.82 -1.90 -40.95
CA GLY A 1147 -20.08 -1.89 -39.70
C GLY A 1147 -20.57 -0.82 -38.77
N GLY A 1148 -20.28 -1.01 -37.49
CA GLY A 1148 -20.84 -0.13 -36.49
C GLY A 1148 -20.15 1.22 -36.42
N ILE A 1149 -20.93 2.22 -36.04
CA ILE A 1149 -20.48 3.59 -35.91
C ILE A 1149 -20.15 3.86 -34.45
N GLY A 1150 -19.05 4.52 -34.20
CA GLY A 1150 -18.70 4.94 -32.86
C GLY A 1150 -19.33 6.27 -32.50
N ILE A 1151 -19.03 6.71 -31.30
CA ILE A 1151 -19.59 7.95 -30.77
C ILE A 1151 -18.48 8.97 -30.68
N VAL A 1152 -18.87 10.23 -30.68
CA VAL A 1152 -17.96 11.33 -30.36
C VAL A 1152 -18.51 12.02 -29.13
N ARG A 1153 -17.83 11.86 -28.00
CA ARG A 1153 -18.27 12.49 -26.78
C ARG A 1153 -17.34 13.64 -26.47
N GLU A 1154 -17.92 14.82 -26.30
CA GLU A 1154 -17.15 16.00 -25.95
C GLU A 1154 -17.53 16.37 -24.52
N ASN A 1155 -16.58 16.21 -23.60
CA ASN A 1155 -16.78 16.54 -22.20
C ASN A 1155 -16.04 17.82 -21.92
N THR A 1156 -16.74 18.83 -21.42
CA THR A 1156 -16.08 20.05 -20.98
C THR A 1156 -16.02 20.06 -19.47
N PHE A 1157 -15.10 20.84 -18.94
CA PHE A 1157 -14.79 20.80 -17.53
C PHE A 1157 -14.82 22.20 -16.95
N LEU A 1158 -15.22 22.27 -15.69
CA LEU A 1158 -15.42 23.52 -15.00
C LEU A 1158 -14.37 23.82 -13.94
N GLU A 1159 -13.53 22.85 -13.60
CA GLU A 1159 -12.42 23.04 -12.67
C GLU A 1159 -11.20 22.30 -13.20
N ASP A 1160 -10.06 22.48 -12.53
CA ASP A 1160 -8.81 21.81 -12.91
C ASP A 1160 -8.95 20.31 -12.69
N THR A 1161 -8.91 19.52 -13.76
CA THR A 1161 -9.08 18.08 -13.65
C THR A 1161 -7.86 17.34 -14.20
N ALA A 1162 -7.61 16.16 -13.64
CA ALA A 1162 -6.56 15.27 -14.13
C ALA A 1162 -7.19 14.14 -14.92
N VAL A 1163 -6.57 13.79 -16.05
CA VAL A 1163 -7.12 12.82 -16.99
C VAL A 1163 -6.11 11.70 -17.22
N THR A 1164 -6.56 10.46 -17.07
CA THR A 1164 -5.80 9.29 -17.46
C THR A 1164 -6.66 8.50 -18.44
N CYS A 1165 -6.04 8.04 -19.53
CA CYS A 1165 -6.78 7.31 -20.56
C CYS A 1165 -6.09 5.99 -20.89
N GLU A 1166 -6.88 4.93 -20.95
CA GLU A 1166 -6.42 3.64 -21.48
C GLU A 1166 -6.94 3.48 -22.91
N GLY A 1167 -6.19 4.05 -23.85
CA GLY A 1167 -6.64 4.13 -25.22
C GLY A 1167 -5.95 3.11 -26.11
N GLU A 1168 -6.39 3.10 -27.36
CA GLU A 1168 -6.00 2.07 -28.32
C GLU A 1168 -6.55 2.41 -29.69
N ARG A 1169 -5.83 2.04 -30.75
CA ARG A 1169 -6.28 2.17 -32.14
C ARG A 1169 -6.45 3.64 -32.56
N HIS A 1170 -5.41 4.44 -32.34
CA HIS A 1170 -5.35 5.78 -32.92
C HIS A 1170 -4.46 5.83 -34.16
N ASP A 1171 -3.18 5.50 -34.02
CA ASP A 1171 -2.28 5.39 -35.17
C ASP A 1171 -1.73 3.97 -35.18
N SER A 1172 -2.51 3.06 -35.75
CA SER A 1172 -2.17 1.65 -35.83
C SER A 1172 -3.12 0.99 -36.81
N ASP A 1173 -3.12 -0.34 -36.82
CA ASP A 1173 -3.92 -1.11 -37.76
C ASP A 1173 -5.40 -0.79 -37.62
N VAL A 1174 -6.08 -0.68 -38.75
CA VAL A 1174 -7.49 -0.31 -38.87
C VAL A 1174 -8.35 -1.54 -38.57
N PRO A 1175 -9.56 -1.39 -38.00
CA PRO A 1175 -10.48 -2.53 -37.93
C PRO A 1175 -10.72 -3.17 -39.28
N TRP A 1176 -10.58 -4.48 -39.33
CA TRP A 1176 -10.62 -5.22 -40.59
C TRP A 1176 -12.06 -5.48 -41.01
N GLY A 1177 -12.20 -5.97 -42.25
CA GLY A 1177 -13.49 -6.41 -42.76
C GLY A 1177 -13.36 -7.80 -43.38
N ALA A 1178 -14.50 -8.37 -43.75
CA ALA A 1178 -14.53 -9.75 -44.20
C ALA A 1178 -15.31 -9.89 -45.50
N TYR A 1179 -14.93 -10.91 -46.28
CA TYR A 1179 -15.58 -11.25 -47.57
C TYR A 1179 -15.64 -10.04 -48.50
N GLY A 1180 -14.63 -9.18 -48.41
CA GLY A 1180 -14.61 -8.00 -49.26
C GLY A 1180 -15.22 -6.76 -48.65
N GLY A 1181 -15.45 -6.74 -47.34
CA GLY A 1181 -15.98 -5.57 -46.68
C GLY A 1181 -14.89 -4.57 -46.38
N HIS A 1182 -15.27 -3.30 -46.32
CA HIS A 1182 -14.28 -2.25 -46.13
C HIS A 1182 -13.83 -2.19 -44.67
N ASP A 1183 -12.78 -1.42 -44.45
CA ASP A 1183 -12.15 -1.34 -43.15
C ASP A 1183 -12.64 -0.12 -42.40
N GLY A 1184 -12.64 -0.22 -41.08
CA GLY A 1184 -13.25 0.79 -40.25
C GLY A 1184 -12.40 2.02 -40.10
N LEU A 1185 -12.39 2.62 -38.91
CA LEU A 1185 -11.63 3.84 -38.70
C LEU A 1185 -10.99 3.79 -37.33
N ASN A 1186 -9.89 4.50 -37.20
CA ASN A 1186 -9.17 4.57 -35.95
C ASN A 1186 -9.69 5.71 -35.10
N ALA A 1187 -9.49 5.58 -33.81
CA ALA A 1187 -10.03 6.52 -32.84
C ALA A 1187 -9.23 7.82 -32.84
N SER A 1188 -9.62 8.74 -31.98
CA SER A 1188 -8.79 9.90 -31.75
C SER A 1188 -9.14 10.55 -30.42
N LEU A 1189 -8.24 11.39 -29.97
CA LEU A 1189 -8.36 12.09 -28.71
C LEU A 1189 -7.84 13.49 -28.99
N ILE A 1190 -8.72 14.49 -28.97
CA ILE A 1190 -8.30 15.85 -29.29
C ILE A 1190 -8.73 16.80 -28.18
N LYS A 1191 -7.76 17.51 -27.61
CA LYS A 1191 -8.10 18.58 -26.68
C LYS A 1191 -8.47 19.85 -27.45
N ASN A 1192 -9.65 20.42 -27.10
CA ASN A 1192 -10.24 21.65 -27.58
C ASN A 1192 -10.51 21.64 -29.08
N PRO A 1193 -11.46 20.84 -29.56
CA PRO A 1193 -11.73 20.80 -31.00
C PRO A 1193 -12.29 22.12 -31.52
N GLY A 1194 -11.65 22.64 -32.56
CA GLY A 1194 -12.10 23.88 -33.17
C GLY A 1194 -12.02 25.09 -32.28
N ARG A 1195 -11.04 25.14 -31.39
CA ARG A 1195 -10.89 26.27 -30.48
C ARG A 1195 -9.40 26.44 -30.18
N ASP A 1196 -9.07 27.45 -29.41
CA ASP A 1196 -7.67 27.77 -29.17
C ASP A 1196 -7.04 26.75 -28.23
N GLY A 1197 -6.03 26.04 -28.73
CA GLY A 1197 -5.30 25.10 -27.91
C GLY A 1197 -5.47 23.66 -28.31
N GLU A 1198 -5.78 23.39 -29.58
CA GLU A 1198 -5.96 22.02 -30.03
C GLU A 1198 -4.69 21.21 -29.86
N GLU A 1199 -4.83 20.03 -29.26
CA GLU A 1199 -3.70 19.10 -29.16
C GLU A 1199 -4.19 17.75 -29.62
N SER A 1200 -3.36 17.03 -30.37
CA SER A 1200 -3.67 15.71 -30.88
C SER A 1200 -3.07 14.69 -29.93
N TRP A 1201 -3.85 14.33 -28.91
CA TRP A 1201 -3.37 13.47 -27.85
C TRP A 1201 -3.23 12.01 -28.34
N PRO A 1202 -2.26 11.27 -27.80
CA PRO A 1202 -2.11 9.86 -28.19
C PRO A 1202 -3.18 8.95 -27.62
N SER A 1203 -3.09 7.66 -27.88
CA SER A 1203 -4.10 6.74 -27.36
C SER A 1203 -4.02 6.62 -25.85
N LYS A 1204 -2.82 6.41 -25.30
CA LYS A 1204 -2.65 6.19 -23.87
C LYS A 1204 -1.91 7.35 -23.25
N VAL A 1205 -2.51 8.00 -22.26
CA VAL A 1205 -1.90 9.08 -21.50
C VAL A 1205 -2.09 8.79 -20.03
N THR A 1206 -1.24 9.38 -19.20
CA THR A 1206 -1.28 9.13 -17.76
C THR A 1206 -1.10 10.44 -17.02
N GLY A 1207 -2.18 10.95 -16.43
CA GLY A 1207 -2.11 12.15 -15.60
C GLY A 1207 -1.88 13.48 -16.29
N ARG A 1208 -2.58 13.76 -17.38
CA ARG A 1208 -2.49 15.04 -18.07
C ARG A 1208 -3.52 16.00 -17.51
N GLN A 1209 -3.15 17.27 -17.42
CA GLN A 1209 -3.99 18.27 -16.76
C GLN A 1209 -4.84 19.05 -17.75
N LEU A 1210 -6.07 19.35 -17.34
CA LEU A 1210 -6.94 20.29 -18.01
C LEU A 1210 -7.28 21.39 -17.03
N GLN A 1211 -7.35 22.65 -17.51
CA GLN A 1211 -7.50 23.70 -16.51
C GLN A 1211 -8.95 24.10 -16.27
N ALA A 1212 -9.63 24.71 -17.22
CA ALA A 1212 -11.00 25.16 -17.05
C ALA A 1212 -11.48 25.68 -18.37
N GLY A 1213 -12.68 25.31 -18.78
CA GLY A 1213 -13.14 25.61 -20.11
C GLY A 1213 -12.51 24.76 -21.19
N ASP A 1214 -11.57 23.87 -20.84
CA ASP A 1214 -11.08 22.90 -21.78
C ASP A 1214 -12.08 21.76 -21.93
N SER A 1215 -12.13 21.20 -23.13
CA SER A 1215 -12.96 20.05 -23.40
C SER A 1215 -12.14 19.01 -24.13
N LEU A 1216 -12.52 17.75 -23.92
CA LEU A 1216 -11.89 16.62 -24.58
C LEU A 1216 -12.88 16.04 -25.56
N GLN A 1217 -12.46 15.90 -26.81
CA GLN A 1217 -13.24 15.24 -27.84
C GLN A 1217 -12.70 13.83 -27.97
N ILE A 1218 -13.45 12.86 -27.45
CA ILE A 1218 -13.09 11.46 -27.49
C ILE A 1218 -13.86 10.86 -28.64
N THR A 1219 -13.14 10.36 -29.63
CA THR A 1219 -13.73 9.68 -30.77
C THR A 1219 -13.29 8.23 -30.71
N VAL A 1220 -14.25 7.30 -30.78
CA VAL A 1220 -13.95 5.89 -30.59
C VAL A 1220 -13.93 5.23 -31.96
N PRO A 1221 -13.29 4.08 -32.12
CA PRO A 1221 -13.22 3.46 -33.44
C PRO A 1221 -14.58 3.04 -33.96
N SER A 1222 -14.64 2.91 -35.27
CA SER A 1222 -15.79 2.35 -35.96
C SER A 1222 -15.41 0.99 -36.53
N GLY A 1223 -16.38 0.10 -36.59
CA GLY A 1223 -16.09 -1.26 -36.97
C GLY A 1223 -15.97 -1.44 -38.45
N GLY A 1224 -15.59 -2.66 -38.84
CA GLY A 1224 -15.56 -3.01 -40.25
C GLY A 1224 -16.82 -3.71 -40.67
N GLY A 1225 -16.99 -3.83 -41.98
CA GLY A 1225 -18.15 -4.46 -42.56
C GLY A 1225 -17.91 -5.90 -42.96
N PHE A 1226 -18.99 -6.58 -43.29
CA PHE A 1226 -18.93 -7.98 -43.66
C PHE A 1226 -19.57 -8.17 -45.01
N GLY A 1227 -18.79 -8.65 -45.97
CA GLY A 1227 -19.29 -8.94 -47.30
C GLY A 1227 -19.01 -7.81 -48.27
N ASP A 1228 -19.25 -8.10 -49.54
CA ASP A 1228 -19.00 -7.13 -50.60
C ASP A 1228 -20.10 -6.08 -50.63
N PRO A 1229 -19.75 -4.79 -50.60
CA PRO A 1229 -20.80 -3.76 -50.53
C PRO A 1229 -21.74 -3.75 -51.72
N LEU A 1230 -21.35 -4.33 -52.84
CA LEU A 1230 -22.16 -4.28 -54.05
C LEU A 1230 -23.34 -5.24 -54.04
N LYS A 1231 -23.60 -5.94 -52.93
CA LYS A 1231 -24.72 -6.87 -52.86
C LYS A 1231 -25.68 -6.51 -51.74
N ARG A 1232 -25.59 -5.29 -51.24
CA ARG A 1232 -26.50 -4.80 -50.21
C ARG A 1232 -27.88 -4.57 -50.81
N ASN A 1233 -28.90 -4.68 -49.96
CA ASN A 1233 -30.29 -4.54 -50.41
C ASN A 1233 -30.55 -3.10 -50.86
N PRO A 1234 -31.25 -2.91 -51.99
CA PRO A 1234 -31.48 -1.53 -52.46
C PRO A 1234 -32.45 -0.74 -51.58
N LEU A 1235 -33.45 -1.39 -50.98
CA LEU A 1235 -34.42 -0.68 -50.14
C LEU A 1235 -33.83 -0.18 -48.84
N GLN A 1236 -32.61 -0.59 -48.48
CA GLN A 1236 -32.00 -0.24 -47.21
C GLN A 1236 -31.11 1.00 -47.31
N VAL A 1237 -30.43 1.18 -48.46
CA VAL A 1237 -29.55 2.33 -48.61
C VAL A 1237 -30.33 3.64 -48.62
N LEU A 1238 -31.58 3.59 -49.05
CA LEU A 1238 -32.46 4.76 -48.96
C LEU A 1238 -32.58 5.21 -47.50
N GLU A 1239 -32.94 4.29 -46.62
CA GLU A 1239 -33.05 4.61 -45.20
C GLU A 1239 -31.73 5.08 -44.62
N ASP A 1240 -30.62 4.48 -45.05
CA ASP A 1240 -29.32 4.88 -44.56
C ASP A 1240 -28.95 6.31 -44.94
N VAL A 1241 -29.31 6.75 -46.16
CA VAL A 1241 -28.96 8.11 -46.56
C VAL A 1241 -29.79 9.15 -45.80
N LEU A 1242 -31.10 8.92 -45.69
CA LEU A 1242 -31.98 9.86 -45.00
C LEU A 1242 -31.64 9.97 -43.53
N ASP A 1243 -31.34 8.83 -42.89
CA ASP A 1243 -30.98 8.86 -41.48
C ASP A 1243 -29.70 9.64 -41.24
N GLY A 1244 -28.74 9.54 -42.15
CA GLY A 1244 -27.48 10.23 -42.00
C GLY A 1244 -26.35 9.28 -41.73
N PHE A 1245 -26.58 8.00 -42.02
CA PHE A 1245 -25.53 6.99 -41.83
C PHE A 1245 -24.49 7.06 -42.95
N THR A 1246 -24.92 7.28 -44.19
CA THR A 1246 -24.02 7.33 -45.34
C THR A 1246 -24.47 8.43 -46.28
N THR A 1247 -23.50 8.99 -47.01
CA THR A 1247 -23.74 10.13 -47.88
C THR A 1247 -24.25 9.66 -49.24
N THR A 1248 -24.81 10.61 -50.00
CA THR A 1248 -25.37 10.29 -51.31
C THR A 1248 -24.28 10.07 -52.34
N GLU A 1249 -23.22 10.88 -52.30
CA GLU A 1249 -22.15 10.77 -53.29
C GLU A 1249 -21.43 9.43 -53.18
N ALA A 1250 -21.21 8.96 -51.96
CA ALA A 1250 -20.53 7.70 -51.72
C ALA A 1250 -21.49 6.51 -51.67
N ALA A 1251 -22.69 6.65 -52.23
CA ALA A 1251 -23.62 5.53 -52.33
C ALA A 1251 -23.61 4.88 -53.70
N SER A 1252 -23.25 5.63 -54.75
CA SER A 1252 -23.17 5.05 -56.08
C SER A 1252 -21.91 4.21 -56.25
N ARG A 1253 -20.82 4.57 -55.59
CA ARG A 1253 -19.55 3.89 -55.77
C ARG A 1253 -19.51 2.55 -55.04
N ASP A 1254 -19.70 2.58 -53.72
CA ASP A 1254 -19.55 1.38 -52.91
C ASP A 1254 -20.71 0.41 -53.12
N TYR A 1255 -21.94 0.90 -53.08
CA TYR A 1255 -23.09 0.01 -53.13
C TYR A 1255 -23.65 -0.11 -54.54
N GLY A 1256 -23.68 0.99 -55.28
CA GLY A 1256 -24.17 0.98 -56.65
C GLY A 1256 -25.68 1.03 -56.75
N VAL A 1257 -26.31 1.99 -56.08
CA VAL A 1257 -27.74 2.22 -56.16
C VAL A 1257 -27.97 3.66 -56.58
N ILE A 1258 -28.88 3.86 -57.53
CA ILE A 1258 -29.17 5.19 -58.07
C ILE A 1258 -30.47 5.65 -57.42
N LEU A 1259 -30.37 6.69 -56.61
CA LEU A 1259 -31.53 7.30 -55.97
C LEU A 1259 -31.85 8.61 -56.66
N LYS A 1260 -33.08 8.75 -57.14
CA LYS A 1260 -33.50 9.93 -57.88
C LYS A 1260 -34.68 10.59 -57.18
N THR A 1261 -34.67 11.92 -57.14
CA THR A 1261 -35.72 12.69 -56.48
C THR A 1261 -36.93 12.78 -57.41
N VAL A 1262 -38.06 12.22 -56.98
CA VAL A 1262 -39.29 12.30 -57.77
C VAL A 1262 -40.42 12.77 -56.88
N ASN A 1263 -41.20 13.72 -57.38
CA ASN A 1263 -42.34 14.29 -56.65
C ASN A 1263 -41.93 14.81 -55.27
N GLY A 1264 -40.74 15.38 -55.20
CA GLY A 1264 -40.19 15.82 -53.92
C GLY A 1264 -39.55 14.74 -53.08
N GLN A 1265 -40.13 13.54 -53.07
CA GLN A 1265 -39.65 12.49 -52.19
C GLN A 1265 -38.57 11.65 -52.88
N LEU A 1266 -37.75 10.99 -52.07
CA LEU A 1266 -36.67 10.16 -52.58
C LEU A 1266 -37.08 8.69 -52.51
N THR A 1267 -37.02 8.01 -53.65
CA THR A 1267 -37.44 6.62 -53.76
C THR A 1267 -36.43 5.84 -54.58
N VAL A 1268 -36.50 4.52 -54.47
CA VAL A 1268 -35.57 3.63 -55.17
C VAL A 1268 -36.17 3.27 -56.51
N ASP A 1269 -35.42 3.51 -57.58
CA ASP A 1269 -35.86 3.22 -58.93
C ASP A 1269 -35.32 1.85 -59.35
N LEU A 1270 -36.23 0.91 -59.64
CA LEU A 1270 -35.89 -0.46 -59.98
C LEU A 1270 -35.60 -0.64 -61.47
N ALA A 1271 -35.29 0.43 -62.18
CA ALA A 1271 -34.96 0.38 -63.59
C ALA A 1271 -33.49 0.60 -63.86
N ALA A 1272 -32.90 1.65 -63.27
CA ALA A 1272 -31.50 1.97 -63.47
C ALA A 1272 -30.59 1.29 -62.46
N THR A 1273 -31.15 0.57 -61.49
CA THR A 1273 -30.33 -0.10 -60.49
C THR A 1273 -29.65 -1.34 -61.08
N ALA A 1274 -30.41 -2.17 -61.81
CA ALA A 1274 -29.84 -3.38 -62.38
C ALA A 1274 -28.82 -3.10 -63.48
N VAL A 1275 -28.87 -1.92 -64.09
CA VAL A 1275 -27.90 -1.54 -65.11
C VAL A 1275 -26.56 -1.20 -64.49
N LYS A 1276 -26.57 -0.43 -63.39
CA LYS A 1276 -25.32 -0.01 -62.75
C LYS A 1276 -24.57 -1.18 -62.13
N ARG A 1277 -25.30 -2.17 -61.59
CA ARG A 1277 -24.67 -3.32 -60.96
C ARG A 1277 -23.83 -4.14 -61.95
N GLU A 1278 -24.15 -4.07 -63.24
CA GLU A 1278 -23.41 -4.85 -64.23
C GLU A 1278 -22.03 -4.25 -64.50
N ASN A 1279 -21.95 -2.93 -64.60
CA ASN A 1279 -20.70 -2.24 -64.95
C ASN A 1279 -19.94 -1.76 -63.71
N ALA A 1280 -20.04 -2.50 -62.60
CA ALA A 1280 -19.33 -2.16 -61.39
C ALA A 1280 -18.37 -3.24 -60.92
N VAL A 1281 -18.37 -4.40 -61.55
CA VAL A 1281 -17.46 -5.48 -61.17
C VAL A 1281 -16.10 -5.33 -61.83
N SER A 1282 -16.09 -4.99 -63.12
CA SER A 1282 -14.84 -4.91 -63.87
C SER A 1282 -13.94 -3.81 -63.34
N GLU A 1283 -14.52 -2.64 -63.03
CA GLU A 1283 -13.75 -1.51 -62.53
C GLU A 1283 -13.36 -1.73 -61.06
N MET B 1 62.06 -20.35 31.03
CA MET B 1 62.53 -20.48 32.41
C MET B 1 62.83 -19.12 33.02
N LYS B 2 63.51 -18.25 32.26
CA LYS B 2 63.85 -16.92 32.74
C LYS B 2 63.32 -15.91 31.72
N ARG B 3 62.43 -15.02 32.17
CA ARG B 3 61.75 -14.08 31.29
C ARG B 3 61.72 -12.70 31.90
N ILE B 4 61.75 -11.68 31.05
CA ILE B 4 61.54 -10.31 31.52
C ILE B 4 60.57 -9.58 30.58
N GLY B 5 59.92 -8.56 31.16
CA GLY B 5 59.01 -7.71 30.42
C GLY B 5 59.20 -6.24 30.71
N VAL B 6 59.21 -5.42 29.65
CA VAL B 6 59.44 -3.98 29.75
C VAL B 6 58.27 -3.27 29.09
N ASP B 7 57.69 -2.29 29.78
CA ASP B 7 56.64 -1.47 29.18
C ASP B 7 56.96 0.01 29.38
N VAL B 8 56.85 0.77 28.30
CA VAL B 8 57.09 2.21 28.30
C VAL B 8 55.75 2.90 28.09
N GLY B 9 55.30 3.63 29.10
CA GLY B 9 54.01 4.29 29.07
C GLY B 9 54.05 5.73 28.61
N GLY B 10 55.05 6.48 29.04
CA GLY B 10 55.13 7.88 28.68
C GLY B 10 55.68 8.82 29.73
N THR B 11 55.60 8.45 31.01
CA THR B 11 56.35 9.12 32.05
C THR B 11 57.31 8.17 32.77
N PHE B 12 56.81 7.01 33.16
CA PHE B 12 57.61 5.99 33.84
C PHE B 12 57.72 4.75 32.97
N THR B 13 58.79 3.98 33.22
CA THR B 13 59.04 2.73 32.52
C THR B 13 59.12 1.61 33.54
N ASP B 14 58.30 0.58 33.33
CA ASP B 14 58.09 -0.51 34.29
C ASP B 14 58.76 -1.79 33.80
N LEU B 15 59.48 -2.47 34.71
CA LEU B 15 60.20 -3.69 34.35
C LEU B 15 59.89 -4.80 35.34
N TYR B 16 59.54 -5.98 34.83
CA TYR B 16 59.22 -7.12 35.68
C TYR B 16 60.01 -8.35 35.26
N PHE B 17 60.49 -9.10 36.25
CA PHE B 17 61.40 -10.22 36.01
C PHE B 17 61.06 -11.33 37.00
N SER B 18 60.76 -12.51 36.46
CA SER B 18 60.31 -13.66 37.25
C SER B 18 61.02 -14.93 36.80
N ASP B 19 61.06 -15.91 37.70
CA ASP B 19 61.74 -17.18 37.47
C ASP B 19 60.90 -18.31 38.05
N ASP B 20 60.93 -19.46 37.38
CA ASP B 20 60.08 -20.58 37.79
C ASP B 20 60.68 -21.35 38.97
N ASP B 21 61.92 -21.81 38.83
CA ASP B 21 62.50 -22.64 39.88
C ASP B 21 62.94 -21.80 41.09
N GLN B 22 63.54 -20.64 40.84
CA GLN B 22 64.00 -19.80 41.94
C GLN B 22 62.86 -19.07 42.63
N ARG B 23 61.80 -18.74 41.87
CA ARG B 23 60.61 -18.05 42.38
C ARG B 23 60.97 -16.68 42.96
N ILE B 24 61.56 -15.85 42.12
CA ILE B 24 62.00 -14.51 42.50
C ILE B 24 61.37 -13.52 41.54
N ALA B 25 60.72 -12.50 42.07
CA ALA B 25 60.12 -11.44 41.27
C ALA B 25 60.80 -10.13 41.64
N VAL B 26 61.32 -9.43 40.64
CA VAL B 26 62.02 -8.16 40.86
C VAL B 26 61.17 -7.03 40.30
N VAL B 27 61.01 -5.98 41.07
CA VAL B 27 60.25 -4.79 40.69
C VAL B 27 61.24 -3.63 40.56
N GLU B 28 61.26 -2.99 39.39
CA GLU B 28 62.19 -1.89 39.15
C GLU B 28 61.61 -0.97 38.09
N LYS B 29 61.75 0.34 38.32
CA LYS B 29 61.29 1.36 37.41
C LYS B 29 62.43 2.33 37.09
N VAL B 30 62.34 2.94 35.91
CA VAL B 30 63.39 3.88 35.48
C VAL B 30 62.75 5.12 34.87
N PRO B 31 63.43 6.25 34.94
CA PRO B 31 62.88 7.48 34.35
C PRO B 31 62.97 7.44 32.83
N SER B 32 61.89 7.85 32.17
CA SER B 32 61.80 7.77 30.72
C SER B 32 62.23 9.06 30.07
N THR B 33 62.89 8.94 28.91
CA THR B 33 63.29 10.09 28.12
C THR B 33 62.34 10.24 26.94
N PRO B 34 61.54 11.31 26.88
CA PRO B 34 60.58 11.42 25.77
C PRO B 34 61.22 11.80 24.44
N HIS B 35 62.35 12.51 24.46
CA HIS B 35 62.97 12.94 23.21
C HIS B 35 63.64 11.78 22.48
N ASP B 36 64.14 10.78 23.21
CA ASP B 36 64.78 9.62 22.61
C ASP B 36 64.36 8.36 23.36
N PRO B 37 63.52 7.51 22.75
CA PRO B 37 63.00 6.34 23.48
C PRO B 37 63.99 5.21 23.66
N SER B 38 65.14 5.24 22.98
CA SER B 38 66.08 4.12 23.07
C SER B 38 66.81 4.09 24.41
N GLU B 39 67.05 5.25 25.01
CA GLU B 39 67.80 5.32 26.26
C GLU B 39 67.08 4.60 27.40
N ALA B 40 65.76 4.73 27.46
CA ALA B 40 64.99 4.24 28.58
C ALA B 40 64.99 2.72 28.69
N VAL B 41 65.09 2.01 27.57
CA VAL B 41 65.07 0.55 27.60
C VAL B 41 66.44 -0.03 27.94
N ILE B 42 67.50 0.53 27.34
CA ILE B 42 68.85 0.05 27.64
C ILE B 42 69.20 0.30 29.10
N ASN B 43 68.93 1.52 29.58
CA ASN B 43 69.22 1.83 30.97
C ASN B 43 68.29 1.11 31.94
N GLY B 44 67.24 0.47 31.44
CA GLY B 44 66.39 -0.34 32.27
C GLY B 44 66.89 -1.77 32.38
N ILE B 45 67.28 -2.36 31.25
CA ILE B 45 67.79 -3.73 31.29
C ILE B 45 69.07 -3.81 32.10
N LYS B 46 70.01 -2.88 31.87
CA LYS B 46 71.28 -2.97 32.57
C LYS B 46 71.14 -2.70 34.05
N LYS B 47 70.09 -1.98 34.45
CA LYS B 47 69.87 -1.71 35.86
C LYS B 47 69.13 -2.84 36.55
N LEU B 48 68.19 -3.47 35.86
CA LEU B 48 67.45 -4.58 36.45
C LEU B 48 68.34 -5.81 36.64
N CYS B 49 69.13 -6.15 35.62
CA CYS B 49 69.84 -7.43 35.68
C CYS B 49 70.97 -7.42 36.71
N GLU B 50 71.55 -6.25 36.99
CA GLU B 50 72.68 -6.20 37.91
C GLU B 50 72.25 -6.25 39.38
N LYS B 51 71.00 -5.93 39.69
CA LYS B 51 70.53 -6.05 41.06
C LYS B 51 70.39 -7.51 41.46
N ALA B 52 69.76 -8.31 40.61
CA ALA B 52 69.59 -9.73 40.93
C ALA B 52 70.88 -10.51 40.75
N GLY B 53 71.74 -10.07 39.84
CA GLY B 53 72.99 -10.76 39.59
C GLY B 53 72.85 -11.88 38.58
N VAL B 54 72.24 -11.58 37.44
CA VAL B 54 72.01 -12.55 36.38
C VAL B 54 72.57 -12.00 35.08
N SER B 55 72.79 -12.91 34.13
CA SER B 55 73.35 -12.57 32.83
C SER B 55 72.26 -12.55 31.77
N LEU B 56 72.41 -11.62 30.82
CA LEU B 56 71.41 -11.43 29.78
C LEU B 56 71.36 -12.60 28.81
N SER B 57 72.41 -13.43 28.75
CA SER B 57 72.45 -14.54 27.81
C SER B 57 71.54 -15.69 28.22
N GLU B 58 71.03 -15.70 29.46
CA GLU B 58 70.24 -16.80 29.96
C GLU B 58 68.73 -16.59 29.80
N ILE B 59 68.31 -15.42 29.32
CA ILE B 59 66.89 -15.12 29.24
C ILE B 59 66.29 -15.87 28.06
N ASP B 60 65.22 -16.62 28.32
CA ASP B 60 64.54 -17.37 27.27
C ASP B 60 63.80 -16.45 26.30
N GLN B 61 63.08 -15.48 26.84
CA GLN B 61 62.40 -14.50 26.00
C GLN B 61 62.25 -13.21 26.78
N LEU B 62 62.41 -12.09 26.09
CA LEU B 62 62.11 -10.78 26.66
C LEU B 62 61.01 -10.17 25.81
N VAL B 63 60.05 -9.53 26.47
CA VAL B 63 58.91 -8.95 25.76
C VAL B 63 58.88 -7.46 26.05
N HIS B 64 58.87 -6.66 25.00
CA HIS B 64 58.92 -5.20 25.08
C HIS B 64 57.65 -4.62 24.50
N GLY B 65 57.03 -3.70 25.25
CA GLY B 65 55.89 -2.95 24.77
C GLY B 65 56.10 -1.46 24.84
N THR B 66 56.23 -0.83 23.67
CA THR B 66 56.47 0.59 23.54
C THR B 66 55.32 1.25 22.80
N THR B 67 55.35 2.58 22.75
CA THR B 67 54.25 3.35 22.20
C THR B 67 54.76 4.43 21.24
N VAL B 68 55.94 4.21 20.65
CA VAL B 68 56.51 5.17 19.70
C VAL B 68 55.64 5.28 18.44
N ALA B 69 55.14 4.15 17.95
CA ALA B 69 54.29 4.16 16.76
C ALA B 69 53.00 4.90 16.97
N THR B 70 52.51 5.01 18.21
CA THR B 70 51.28 5.75 18.47
C THR B 70 51.53 7.25 18.41
N ASN B 71 52.61 7.69 19.04
CA ASN B 71 52.94 9.10 19.06
C ASN B 71 53.40 9.61 17.71
N THR B 72 53.82 8.74 16.81
CA THR B 72 54.14 9.23 15.48
C THR B 72 52.88 9.50 14.64
N ALA B 73 51.85 8.66 14.79
CA ALA B 73 50.63 8.86 14.01
C ALA B 73 49.74 9.95 14.61
N LEU B 74 49.76 10.11 15.94
CA LEU B 74 48.88 11.11 16.55
C LEU B 74 49.39 12.52 16.33
N THR B 75 50.70 12.73 16.48
CA THR B 75 51.27 14.06 16.33
C THR B 75 51.61 14.39 14.89
N HIS B 76 51.42 13.45 13.96
CA HIS B 76 51.73 13.62 12.54
C HIS B 76 53.19 14.08 12.34
N THR B 77 54.11 13.26 12.84
CA THR B 77 55.54 13.55 12.73
C THR B 77 56.25 12.40 12.03
N GLY B 78 55.73 11.97 10.91
CA GLY B 78 56.33 10.89 10.15
C GLY B 78 57.02 11.33 8.88
N ALA B 79 56.83 10.59 7.80
CA ALA B 79 57.63 10.72 6.59
C ALA B 79 56.76 11.09 5.40
N GLU B 80 57.42 11.59 4.36
CA GLU B 80 56.75 11.91 3.10
C GLU B 80 56.40 10.63 2.36
N VAL B 81 55.16 10.47 2.01
CA VAL B 81 54.67 9.22 1.44
C VAL B 81 54.14 9.49 0.04
N GLY B 82 54.43 8.56 -0.87
CA GLY B 82 53.87 8.58 -2.19
C GLY B 82 52.88 7.44 -2.37
N MET B 83 52.03 7.58 -3.36
CA MET B 83 50.99 6.58 -3.57
C MET B 83 50.88 6.31 -5.05
N ILE B 84 50.97 5.05 -5.43
CA ILE B 84 50.64 4.62 -6.77
C ILE B 84 49.30 3.90 -6.69
N THR B 85 48.28 4.50 -7.27
CA THR B 85 46.93 3.98 -7.17
C THR B 85 46.32 3.91 -8.55
N THR B 86 45.21 3.21 -8.64
CA THR B 86 44.45 3.12 -9.86
C THR B 86 44.09 4.51 -10.36
N GLU B 87 44.28 4.75 -11.65
CA GLU B 87 43.95 6.05 -12.22
C GLU B 87 42.44 6.26 -12.23
N GLY B 88 42.02 7.47 -11.84
CA GLY B 88 40.62 7.78 -11.66
C GLY B 88 40.15 7.74 -10.22
N PHE B 89 40.98 7.25 -9.32
CA PHE B 89 40.69 7.18 -7.90
C PHE B 89 41.78 7.88 -7.13
N ARG B 90 42.26 8.97 -7.71
CA ARG B 90 43.38 9.69 -7.11
C ARG B 90 43.07 10.13 -5.69
N ASP B 91 41.82 10.42 -5.40
CA ASP B 91 41.41 10.97 -4.12
C ASP B 91 40.49 9.96 -3.44
N ILE B 92 41.06 9.14 -2.55
CA ILE B 92 40.32 8.19 -1.74
C ILE B 92 40.63 8.52 -0.28
N LEU B 93 41.90 8.77 0.00
CA LEU B 93 42.31 9.24 1.31
C LEU B 93 41.78 10.63 1.61
N HIS B 94 41.34 11.37 0.58
CA HIS B 94 40.75 12.68 0.81
C HIS B 94 39.26 12.58 1.10
N ILE B 95 38.58 11.64 0.46
CA ILE B 95 37.14 11.57 0.61
C ILE B 95 36.75 10.82 1.88
N ALA B 96 37.47 9.75 2.22
CA ALA B 96 37.25 8.91 3.42
C ALA B 96 35.89 8.25 3.29
N ARG B 97 35.04 8.29 4.32
CA ARG B 97 33.65 7.86 4.19
C ARG B 97 32.71 9.02 3.91
N HIS B 98 33.27 10.23 3.77
CA HIS B 98 32.54 11.51 3.67
C HIS B 98 31.49 11.66 4.76
N LYS B 99 31.87 11.46 6.02
CA LYS B 99 31.00 11.70 7.17
C LYS B 99 31.75 12.52 8.17
N LYS B 100 31.12 13.56 8.68
CA LYS B 100 31.81 14.38 9.67
C LYS B 100 31.85 13.66 11.02
N PRO B 101 32.84 13.98 11.85
CA PRO B 101 32.83 13.41 13.21
C PRO B 101 31.62 13.79 14.04
N HIS B 102 31.11 15.01 13.90
CA HIS B 102 29.99 15.48 14.70
C HIS B 102 28.77 15.75 13.82
N ASN B 103 27.59 15.47 14.37
CA ASN B 103 26.36 15.58 13.60
C ASN B 103 25.76 16.96 13.59
N PHE B 104 26.04 17.78 14.60
CA PHE B 104 25.33 19.04 14.79
C PHE B 104 26.31 20.20 14.89
N SER B 105 27.26 20.26 13.96
CA SER B 105 28.26 21.32 13.97
C SER B 105 28.47 21.84 12.56
N LEU B 106 28.88 23.11 12.48
CA LEU B 106 29.31 23.67 11.20
C LEU B 106 30.63 24.42 11.29
N GLN B 107 31.29 24.40 12.46
CA GLN B 107 32.63 24.95 12.61
C GLN B 107 33.67 23.84 12.77
N GLN B 108 33.47 22.69 12.15
CA GLN B 108 34.31 21.52 12.40
C GLN B 108 35.22 21.25 11.21
N ASP B 109 36.49 20.98 11.48
CA ASP B 109 37.47 20.65 10.45
C ASP B 109 37.75 19.16 10.47
N LEU B 110 37.72 18.54 9.30
CA LEU B 110 38.01 17.11 9.16
C LEU B 110 39.50 16.87 9.24
N PRO B 111 39.99 16.07 10.20
CA PRO B 111 41.45 15.89 10.34
C PRO B 111 42.12 15.15 9.20
N TRP B 112 41.42 14.27 8.49
CA TRP B 112 42.08 13.55 7.41
C TRP B 112 42.34 14.42 6.20
N GLN B 113 41.55 15.46 5.98
CA GLN B 113 41.81 16.40 4.89
C GLN B 113 42.79 17.49 5.29
N THR B 114 42.75 17.93 6.55
CA THR B 114 43.60 19.05 6.94
C THR B 114 45.03 18.60 7.20
N LYS B 115 45.23 17.39 7.70
CA LYS B 115 46.56 16.87 8.03
C LYS B 115 46.77 15.53 7.35
N PRO B 116 46.90 15.52 6.03
CA PRO B 116 46.88 14.25 5.31
C PRO B 116 48.22 13.53 5.34
N LEU B 117 48.14 12.21 5.41
CA LEU B 117 49.36 11.40 5.48
C LEU B 117 50.08 11.38 4.13
N ILE B 118 49.32 11.36 3.04
CA ILE B 118 49.86 11.44 1.68
C ILE B 118 49.27 12.68 1.02
N LYS B 119 50.10 13.70 0.81
CA LYS B 119 49.65 14.95 0.22
C LYS B 119 49.29 14.74 -1.25
N ARG B 120 48.41 15.60 -1.78
CA ARG B 120 47.83 15.34 -3.10
C ARG B 120 48.84 15.50 -4.23
N ARG B 121 49.92 16.25 -4.01
CA ARG B 121 50.91 16.44 -5.06
C ARG B 121 51.76 15.19 -5.29
N TYR B 122 51.89 14.33 -4.28
CA TYR B 122 52.74 13.16 -4.33
C TYR B 122 52.05 11.90 -4.82
N ARG B 123 50.72 11.81 -4.73
CA ARG B 123 50.03 10.63 -5.18
C ARG B 123 49.91 10.64 -6.69
N LEU B 124 50.21 9.50 -7.32
CA LEU B 124 50.25 9.37 -8.77
C LEU B 124 49.39 8.20 -9.22
N THR B 125 49.21 8.11 -10.53
CA THR B 125 48.20 7.25 -11.12
C THR B 125 48.83 6.34 -12.16
N VAL B 126 48.29 5.11 -12.24
CA VAL B 126 48.75 4.12 -13.20
C VAL B 126 47.53 3.48 -13.84
N LYS B 127 47.56 3.35 -15.17
CA LYS B 127 46.43 2.87 -15.96
C LYS B 127 46.40 1.35 -16.00
N GLU B 128 45.44 0.76 -15.29
CA GLU B 128 45.14 -0.67 -15.32
C GLU B 128 43.91 -0.90 -14.45
N ARG B 129 43.36 -2.12 -14.50
CA ARG B 129 42.23 -2.41 -13.64
C ARG B 129 42.08 -3.91 -13.43
N ILE B 130 41.79 -4.28 -12.19
CA ILE B 130 41.49 -5.66 -11.80
C ILE B 130 40.07 -5.68 -11.24
N THR B 131 39.27 -6.66 -11.67
CA THR B 131 37.84 -6.66 -11.40
C THR B 131 37.45 -7.84 -10.54
N ALA B 132 36.51 -7.60 -9.62
CA ALA B 132 35.89 -8.66 -8.81
C ALA B 132 34.89 -9.43 -9.65
N PRO B 133 34.52 -10.66 -9.26
CA PRO B 133 34.93 -11.45 -8.09
C PRO B 133 36.11 -12.38 -8.29
N HIS B 134 36.64 -12.53 -9.51
CA HIS B 134 37.70 -13.49 -9.77
C HIS B 134 39.08 -12.85 -9.78
N GLY B 135 39.19 -11.62 -10.28
CA GLY B 135 40.47 -10.94 -10.30
C GLY B 135 41.10 -10.91 -11.69
N GLU B 136 40.28 -10.69 -12.71
CA GLU B 136 40.75 -10.65 -14.08
C GLU B 136 41.35 -9.29 -14.42
N ILE B 137 42.25 -9.27 -15.38
CA ILE B 137 42.90 -8.04 -15.82
C ILE B 137 42.03 -7.42 -16.91
N LEU B 138 41.48 -6.25 -16.62
CA LEU B 138 40.63 -5.57 -17.59
C LEU B 138 41.44 -4.61 -18.46
N VAL B 139 42.32 -3.85 -17.85
CA VAL B 139 43.19 -2.91 -18.56
C VAL B 139 44.63 -3.37 -18.37
N PRO B 140 45.37 -3.63 -19.45
CA PRO B 140 46.73 -4.15 -19.29
C PRO B 140 47.62 -3.16 -18.57
N LEU B 141 48.52 -3.69 -17.75
CA LEU B 141 49.48 -2.86 -17.04
C LEU B 141 50.79 -2.81 -17.83
N ASP B 142 51.22 -1.59 -18.19
CA ASP B 142 52.45 -1.40 -18.93
C ASP B 142 53.57 -0.98 -18.00
N GLU B 143 54.77 -1.53 -18.24
CA GLU B 143 55.89 -1.26 -17.34
C GLU B 143 56.43 0.16 -17.49
N ASP B 144 56.32 0.75 -18.70
CA ASP B 144 56.95 2.05 -18.94
C ASP B 144 56.31 3.17 -18.12
N GLU B 145 54.98 3.19 -18.07
CA GLU B 145 54.29 4.21 -17.27
C GLU B 145 54.62 4.05 -15.78
N VAL B 146 54.71 2.81 -15.31
CA VAL B 146 55.07 2.56 -13.92
C VAL B 146 56.47 3.10 -13.64
N ARG B 147 57.41 2.84 -14.54
CA ARG B 147 58.77 3.32 -14.35
C ARG B 147 58.84 4.84 -14.30
N GLN B 148 58.06 5.51 -15.16
CA GLN B 148 58.05 6.97 -15.14
C GLN B 148 57.52 7.52 -13.82
N ARG B 149 56.42 6.95 -13.31
CA ARG B 149 55.88 7.42 -12.03
C ARG B 149 56.86 7.17 -10.88
N VAL B 150 57.51 6.01 -10.87
CA VAL B 150 58.49 5.73 -9.83
C VAL B 150 59.64 6.73 -9.90
N ARG B 151 60.06 7.10 -11.11
CA ARG B 151 61.14 8.06 -11.25
C ARG B 151 60.76 9.44 -10.74
N GLU B 152 59.52 9.86 -11.00
CA GLU B 152 59.03 11.14 -10.48
C GLU B 152 59.06 11.15 -8.96
N LEU B 153 58.57 10.06 -8.35
CA LEU B 153 58.60 9.95 -6.91
C LEU B 153 60.02 9.99 -6.36
N LYS B 154 60.97 9.39 -7.08
CA LYS B 154 62.35 9.40 -6.60
C LYS B 154 62.96 10.80 -6.67
N THR B 155 62.66 11.56 -7.73
CA THR B 155 63.22 12.91 -7.84
C THR B 155 62.67 13.84 -6.76
N ALA B 156 61.37 13.71 -6.45
CA ALA B 156 60.75 14.59 -5.45
C ALA B 156 61.41 14.44 -4.08
N GLY B 157 61.80 13.23 -3.70
CA GLY B 157 62.38 13.01 -2.40
C GLY B 157 61.47 12.24 -1.46
N VAL B 158 60.69 11.34 -2.03
CA VAL B 158 59.73 10.54 -1.26
C VAL B 158 60.48 9.46 -0.49
N GLN B 159 60.21 9.37 0.82
CA GLN B 159 60.92 8.42 1.67
C GLN B 159 60.25 7.07 1.76
N ALA B 160 58.92 7.01 1.63
CA ALA B 160 58.18 5.79 1.77
C ALA B 160 57.10 5.78 0.70
N ILE B 161 56.85 4.63 0.12
CA ILE B 161 55.89 4.51 -0.97
C ILE B 161 54.84 3.49 -0.56
N ALA B 162 53.58 3.84 -0.75
CA ALA B 162 52.47 2.99 -0.37
C ALA B 162 51.76 2.60 -1.66
N VAL B 163 51.90 1.34 -2.07
CA VAL B 163 51.23 0.87 -3.26
C VAL B 163 49.84 0.41 -2.86
N CYS B 164 48.81 0.98 -3.48
CA CYS B 164 47.43 0.77 -3.05
C CYS B 164 46.55 0.71 -4.30
N LEU B 165 46.34 -0.49 -4.80
CA LEU B 165 45.47 -0.68 -5.94
C LEU B 165 44.16 -1.31 -5.48
N LEU B 166 43.14 -1.16 -6.30
CA LEU B 166 41.84 -1.73 -5.97
C LEU B 166 41.88 -3.24 -6.14
N HIS B 167 41.18 -3.93 -5.24
CA HIS B 167 41.02 -5.39 -5.25
C HIS B 167 42.36 -6.12 -5.18
N SER B 168 43.32 -5.52 -4.48
CA SER B 168 44.63 -6.16 -4.36
C SER B 168 44.59 -7.33 -3.39
N TYR B 169 43.62 -7.36 -2.48
CA TYR B 169 43.44 -8.52 -1.62
C TYR B 169 43.03 -9.75 -2.41
N LEU B 170 42.46 -9.55 -3.59
CA LEU B 170 41.90 -10.65 -4.36
C LEU B 170 42.93 -11.24 -5.32
N ASN B 171 43.74 -10.38 -5.96
CA ASN B 171 44.78 -10.81 -6.89
C ASN B 171 45.91 -9.79 -6.81
N PRO B 172 46.98 -10.10 -6.08
CA PRO B 172 48.03 -9.10 -5.84
C PRO B 172 49.17 -9.03 -6.85
N GLU B 173 49.00 -9.58 -8.06
CA GLU B 173 50.14 -9.66 -8.96
C GLU B 173 50.59 -8.29 -9.47
N HIS B 174 49.65 -7.34 -9.63
CA HIS B 174 50.04 -6.00 -10.05
C HIS B 174 50.84 -5.29 -8.98
N GLU B 175 50.43 -5.41 -7.71
CA GLU B 175 51.19 -4.77 -6.64
C GLU B 175 52.55 -5.42 -6.47
N GLN B 176 52.64 -6.74 -6.64
CA GLN B 176 53.93 -7.41 -6.55
C GLN B 176 54.88 -6.94 -7.64
N ARG B 177 54.38 -6.81 -8.88
CA ARG B 177 55.20 -6.32 -9.97
C ARG B 177 55.65 -4.88 -9.73
N ILE B 178 54.77 -4.06 -9.17
CA ILE B 178 55.14 -2.69 -8.86
C ILE B 178 56.23 -2.65 -7.80
N GLY B 179 56.13 -3.51 -6.78
CA GLY B 179 57.19 -3.58 -5.79
C GLY B 179 58.53 -4.01 -6.36
N GLU B 180 58.49 -4.95 -7.31
CA GLU B 180 59.72 -5.37 -7.99
C GLU B 180 60.34 -4.23 -8.78
N ILE B 181 59.53 -3.35 -9.37
CA ILE B 181 60.10 -2.19 -10.02
C ILE B 181 60.65 -1.20 -9.01
N VAL B 182 59.95 -1.02 -7.88
CA VAL B 182 60.32 0.01 -6.92
C VAL B 182 61.66 -0.32 -6.26
N ASN B 183 61.87 -1.56 -5.85
CA ASN B 183 63.09 -1.85 -5.09
C ASN B 183 64.32 -1.82 -5.98
N GLU B 184 64.17 -2.03 -7.28
CA GLU B 184 65.32 -1.96 -8.18
C GLU B 184 65.58 -0.55 -8.68
N GLU B 185 64.57 0.32 -8.68
CA GLU B 185 64.84 1.72 -9.01
C GLU B 185 65.20 2.58 -7.80
N PHE B 186 64.59 2.30 -6.65
CA PHE B 186 64.73 3.11 -5.45
C PHE B 186 64.99 2.16 -4.29
N PRO B 187 66.21 1.64 -4.18
CA PRO B 187 66.47 0.65 -3.12
C PRO B 187 66.28 1.17 -1.72
N GLU B 188 66.54 2.45 -1.47
CA GLU B 188 66.47 2.99 -0.11
C GLU B 188 65.13 3.69 0.14
N ALA B 189 64.05 2.96 -0.09
CA ALA B 189 62.72 3.51 0.15
C ALA B 189 61.84 2.48 0.84
N TYR B 190 61.18 2.89 1.92
CA TYR B 190 60.26 2.01 2.61
C TYR B 190 59.06 1.70 1.71
N LEU B 191 58.74 0.41 1.56
CA LEU B 191 57.73 -0.02 0.63
C LEU B 191 56.64 -0.77 1.37
N SER B 192 55.38 -0.44 1.10
CA SER B 192 54.23 -1.10 1.72
C SER B 192 53.23 -1.44 0.63
N LEU B 193 52.93 -2.71 0.48
CA LEU B 193 51.88 -3.14 -0.43
C LEU B 193 50.61 -3.31 0.39
N SER B 194 49.49 -2.89 -0.17
CA SER B 194 48.26 -2.96 0.61
C SER B 194 47.80 -4.40 0.77
N SER B 195 48.22 -5.28 -0.12
CA SER B 195 47.79 -6.67 -0.02
C SER B 195 48.53 -7.40 1.08
N GLU B 196 49.77 -7.00 1.37
CA GLU B 196 50.54 -7.72 2.38
C GLU B 196 50.36 -7.14 3.78
N ILE B 197 49.71 -6.00 3.91
CA ILE B 197 49.47 -5.44 5.24
C ILE B 197 48.17 -5.99 5.82
N VAL B 198 47.07 -5.82 5.12
CA VAL B 198 45.78 -6.38 5.51
C VAL B 198 45.07 -6.91 4.27
N PRO B 199 45.18 -8.18 3.95
CA PRO B 199 44.50 -8.69 2.75
C PRO B 199 43.00 -8.89 2.94
N LEU B 200 42.30 -7.80 3.20
CA LEU B 200 40.86 -7.78 3.37
C LEU B 200 40.25 -6.67 2.52
N TYR B 201 38.95 -6.77 2.23
CA TYR B 201 38.29 -5.78 1.39
C TYR B 201 38.01 -4.50 2.20
N ARG B 202 37.15 -3.62 1.67
CA ARG B 202 36.92 -2.23 2.10
C ARG B 202 38.08 -1.28 1.84
N GLU B 203 38.18 -0.78 0.59
CA GLU B 203 39.37 -0.07 0.09
C GLU B 203 39.76 1.15 0.91
N TYR B 204 38.82 1.92 1.49
CA TYR B 204 39.26 3.07 2.27
C TYR B 204 39.97 2.63 3.55
N GLU B 205 39.39 1.66 4.25
CA GLU B 205 40.00 1.17 5.47
C GLU B 205 41.33 0.46 5.18
N ARG B 206 41.42 -0.28 4.08
CA ARG B 206 42.68 -0.94 3.74
C ARG B 206 43.75 0.07 3.32
N PHE B 207 43.40 1.02 2.46
CA PHE B 207 44.37 2.02 2.05
C PHE B 207 44.76 2.93 3.19
N SER B 208 43.85 3.19 4.12
CA SER B 208 44.23 3.99 5.29
C SER B 208 45.14 3.21 6.22
N THR B 209 44.89 1.91 6.41
CA THR B 209 45.81 1.07 7.16
C THR B 209 47.20 1.07 6.52
N THR B 210 47.24 0.91 5.19
CA THR B 210 48.50 0.90 4.46
C THR B 210 49.20 2.25 4.55
N ALA B 211 48.44 3.33 4.48
CA ALA B 211 49.04 4.66 4.51
C ALA B 211 49.57 5.00 5.90
N LEU B 212 48.87 4.59 6.95
CA LEU B 212 49.43 4.73 8.29
C LEU B 212 50.69 3.88 8.45
N ASN B 213 50.66 2.65 7.93
CA ASN B 213 51.84 1.80 7.98
C ASN B 213 53.03 2.45 7.29
N ALA B 214 52.82 2.98 6.08
CA ALA B 214 53.91 3.61 5.36
C ALA B 214 54.27 4.95 5.95
N TYR B 215 53.36 5.57 6.70
CA TYR B 215 53.65 6.85 7.33
C TYR B 215 54.58 6.67 8.52
N VAL B 216 54.40 5.61 9.30
CA VAL B 216 55.24 5.37 10.45
C VAL B 216 56.33 4.34 10.20
N GLY B 217 56.40 3.77 9.00
CA GLY B 217 57.38 2.76 8.66
C GLY B 217 58.84 3.14 8.85
N PRO B 218 59.28 4.22 8.19
CA PRO B 218 60.70 4.61 8.32
C PRO B 218 61.14 4.95 9.74
N ARG B 219 60.28 5.51 10.57
CA ARG B 219 60.65 5.79 11.96
C ARG B 219 60.73 4.52 12.81
N VAL B 220 59.68 3.71 12.74
CA VAL B 220 59.58 2.53 13.60
C VAL B 220 60.63 1.50 13.24
N SER B 221 60.86 1.30 11.94
CA SER B 221 61.88 0.34 11.51
C SER B 221 63.25 0.74 12.00
N ARG B 222 63.57 2.04 11.94
CA ARG B 222 64.86 2.50 12.43
C ARG B 222 64.99 2.28 13.94
N TYR B 223 63.94 2.58 14.70
CA TYR B 223 64.00 2.41 16.15
C TYR B 223 64.16 0.94 16.54
N LEU B 224 63.42 0.04 15.89
CA LEU B 224 63.53 -1.37 16.21
C LEU B 224 64.90 -1.93 15.84
N HIS B 225 65.41 -1.55 14.68
CA HIS B 225 66.74 -2.00 14.30
C HIS B 225 67.78 -1.49 15.28
N ARG B 226 67.62 -0.26 15.78
CA ARG B 226 68.58 0.26 16.75
C ARG B 226 68.52 -0.51 18.06
N LEU B 227 67.31 -0.94 18.47
CA LEU B 227 67.20 -1.78 19.66
C LEU B 227 67.95 -3.09 19.49
N GLN B 228 67.88 -3.68 18.31
CA GLN B 228 68.43 -5.03 18.13
C GLN B 228 69.94 -5.07 18.33
N GLU B 229 70.69 -4.15 17.71
CA GLU B 229 72.14 -4.26 17.80
C GLU B 229 72.65 -3.93 19.19
N GLN B 230 72.00 -2.98 19.86
CA GLN B 230 72.41 -2.64 21.23
C GLN B 230 72.07 -3.75 22.20
N ALA B 231 71.01 -4.52 21.92
CA ALA B 231 70.74 -5.68 22.77
C ALA B 231 71.72 -6.82 22.50
N GLU B 232 72.01 -7.08 21.22
CA GLU B 232 72.84 -8.23 20.88
C GLU B 232 74.29 -8.02 21.32
N ASN B 233 74.80 -6.78 21.20
CA ASN B 233 76.18 -6.54 21.65
C ASN B 233 76.29 -6.67 23.16
N LEU B 234 75.20 -6.41 23.89
CA LEU B 234 75.21 -6.54 25.33
C LEU B 234 75.32 -7.99 25.77
N GLY B 235 74.78 -8.91 24.98
CA GLY B 235 74.88 -10.32 25.28
C GLY B 235 73.66 -11.13 24.92
N TYR B 236 72.57 -10.46 24.55
CA TYR B 236 71.32 -11.16 24.27
C TYR B 236 71.46 -11.88 22.93
N GLN B 237 71.46 -13.20 22.96
CA GLN B 237 71.69 -13.98 21.75
C GLN B 237 70.42 -14.37 21.04
N ARG B 238 69.25 -14.06 21.59
CA ARG B 238 67.99 -14.42 20.98
C ARG B 238 67.38 -13.21 20.27
N GLU B 239 66.14 -13.35 19.83
CA GLU B 239 65.38 -12.29 19.18
C GLU B 239 64.28 -11.80 20.11
N ILE B 240 63.99 -10.49 20.07
CA ILE B 240 63.06 -9.90 21.01
C ILE B 240 61.64 -9.99 20.46
N LEU B 241 60.67 -9.78 21.34
CA LEU B 241 59.26 -9.88 20.98
C LEU B 241 58.54 -8.58 21.32
N LEU B 242 57.51 -8.28 20.56
CA LEU B 242 56.77 -7.03 20.64
C LEU B 242 55.31 -7.34 20.90
N MET B 243 54.69 -6.52 21.75
CA MET B 243 53.29 -6.69 22.14
C MET B 243 52.39 -5.96 21.16
N GLN B 244 51.39 -6.66 20.64
CA GLN B 244 50.45 -6.08 19.71
C GLN B 244 49.21 -5.58 20.45
N SER B 245 48.34 -4.89 19.72
CA SER B 245 47.11 -4.37 20.29
C SER B 245 46.01 -5.42 20.36
N SER B 246 46.23 -6.61 19.80
CA SER B 246 45.26 -7.70 19.92
C SER B 246 45.62 -8.68 21.02
N GLY B 247 46.78 -8.52 21.66
CA GLY B 247 47.21 -9.45 22.67
C GLY B 247 48.06 -10.52 22.04
N GLY B 248 49.37 -10.43 22.18
CA GLY B 248 50.23 -11.40 21.53
C GLY B 248 51.63 -10.89 21.28
N MET B 249 52.59 -11.81 21.31
CA MET B 249 53.98 -11.51 20.98
C MET B 249 54.19 -11.70 19.48
N VAL B 250 55.08 -10.89 18.92
CA VAL B 250 55.50 -11.04 17.53
C VAL B 250 56.96 -10.63 17.45
N PRO B 251 57.82 -11.36 16.74
CA PRO B 251 59.26 -11.02 16.72
C PRO B 251 59.51 -9.68 16.05
N ILE B 252 60.74 -9.19 16.21
CA ILE B 252 61.05 -7.83 15.80
C ILE B 252 61.08 -7.68 14.29
N GLY B 253 61.47 -8.73 13.56
CA GLY B 253 61.45 -8.65 12.11
C GLY B 253 60.07 -8.51 11.55
N GLU B 254 59.12 -9.29 12.08
CA GLU B 254 57.73 -9.16 11.67
C GLU B 254 57.11 -7.87 12.18
N ALA B 255 57.61 -7.33 13.28
CA ALA B 255 57.07 -6.07 13.80
C ALA B 255 57.51 -4.88 12.97
N ALA B 256 58.74 -4.89 12.44
CA ALA B 256 59.17 -3.79 11.58
C ALA B 256 58.44 -3.79 10.24
N LYS B 257 57.84 -4.90 9.86
CA LYS B 257 57.10 -4.95 8.61
C LYS B 257 55.68 -4.43 8.76
N ARG B 258 55.09 -4.52 9.94
CA ARG B 258 53.73 -4.03 10.21
C ARG B 258 53.70 -3.21 11.48
N PRO B 259 54.23 -1.98 11.46
CA PRO B 259 54.15 -1.15 12.65
C PRO B 259 52.75 -0.71 12.99
N VAL B 260 51.79 -0.82 12.07
CA VAL B 260 50.43 -0.37 12.36
C VAL B 260 49.82 -1.19 13.49
N THR B 261 50.23 -2.45 13.65
CA THR B 261 49.70 -3.28 14.73
C THR B 261 50.29 -2.90 16.08
N LEU B 262 51.30 -2.05 16.11
CA LEU B 262 51.96 -1.71 17.36
C LEU B 262 51.32 -0.53 18.06
N MET B 263 50.37 0.15 17.42
CA MET B 263 49.86 1.39 17.97
C MET B 263 48.80 1.10 19.03
N MET B 264 48.77 1.95 20.06
CA MET B 264 47.94 1.83 21.28
C MET B 264 47.94 0.42 21.87
N SER B 265 49.09 0.00 22.38
CA SER B 265 49.25 -1.32 22.98
C SER B 265 49.10 -1.32 24.49
N GLY B 266 49.23 -0.17 25.15
CA GLY B 266 49.33 -0.09 26.59
C GLY B 266 48.14 -0.67 27.36
N PRO B 267 46.94 -0.16 27.09
CA PRO B 267 45.78 -0.60 27.88
C PRO B 267 45.45 -2.09 27.79
N VAL B 268 45.88 -2.80 26.74
CA VAL B 268 45.57 -4.22 26.62
C VAL B 268 46.35 -5.03 27.67
N GLY B 269 47.59 -4.63 27.94
CA GLY B 269 48.39 -5.29 28.95
C GLY B 269 47.77 -5.22 30.33
N GLY B 270 47.08 -4.12 30.62
CA GLY B 270 46.40 -4.00 31.90
C GLY B 270 45.30 -5.03 32.07
N LEU B 271 44.50 -5.26 31.03
CA LEU B 271 43.42 -6.23 31.13
C LEU B 271 43.97 -7.66 31.29
N ILE B 272 45.00 -8.02 30.51
CA ILE B 272 45.52 -9.37 30.64
C ILE B 272 46.22 -9.56 31.98
N GLY B 273 46.96 -8.54 32.44
CA GLY B 273 47.56 -8.61 33.76
C GLY B 273 46.55 -8.77 34.87
N GLY B 274 45.41 -8.06 34.76
CA GLY B 274 44.35 -8.21 35.74
C GLY B 274 43.75 -9.61 35.75
N MET B 275 43.55 -10.20 34.56
CA MET B 275 43.10 -11.60 34.52
C MET B 275 44.06 -12.52 35.25
N TRP B 276 45.37 -12.27 35.12
CA TRP B 276 46.36 -13.13 35.78
C TRP B 276 46.21 -13.09 37.29
N ALA B 277 46.05 -11.90 37.87
CA ALA B 277 45.92 -11.78 39.32
C ALA B 277 44.57 -12.29 39.79
N ALA B 278 43.55 -12.27 38.93
CA ALA B 278 42.25 -12.78 39.34
C ALA B 278 42.21 -14.30 39.37
N LYS B 279 42.83 -14.98 38.39
CA LYS B 279 42.78 -16.44 38.37
C LYS B 279 43.60 -17.09 39.46
N GLN B 280 44.47 -16.34 40.14
CA GLN B 280 45.14 -16.86 41.33
C GLN B 280 44.13 -17.23 42.40
N SER B 281 43.21 -16.32 42.71
CA SER B 281 42.27 -16.57 43.80
C SER B 281 41.21 -17.56 43.39
N GLY B 282 40.81 -17.56 42.12
CA GLY B 282 39.89 -18.58 41.63
C GLY B 282 38.70 -18.06 40.87
N PHE B 283 38.61 -16.75 40.70
CA PHE B 283 37.50 -16.14 39.98
C PHE B 283 37.80 -16.11 38.49
N GLU B 284 36.90 -16.69 37.70
CA GLU B 284 37.09 -16.79 36.26
C GLU B 284 36.55 -15.58 35.52
N ASN B 285 35.58 -14.88 36.10
CA ASN B 285 34.97 -13.72 35.46
C ASN B 285 35.54 -12.45 36.08
N VAL B 286 36.04 -11.54 35.23
CA VAL B 286 36.74 -10.37 35.71
C VAL B 286 36.19 -9.11 35.07
N VAL B 287 36.25 -8.01 35.80
CA VAL B 287 36.01 -6.66 35.30
C VAL B 287 37.14 -5.80 35.84
N THR B 288 38.04 -5.37 34.97
CA THR B 288 39.18 -4.56 35.35
C THR B 288 38.93 -3.11 35.03
N LEU B 289 39.57 -2.23 35.79
CA LEU B 289 39.50 -0.81 35.47
C LEU B 289 40.78 -0.10 35.87
N ASP B 290 41.19 0.86 35.06
CA ASP B 290 42.37 1.69 35.32
C ASP B 290 41.97 3.15 35.19
N ILE B 291 42.02 3.89 36.28
CA ILE B 291 41.67 5.31 36.28
C ILE B 291 42.98 6.08 36.35
N GLY B 292 43.36 6.68 35.24
CA GLY B 292 44.62 7.37 35.13
C GLY B 292 44.52 8.85 35.40
N GLY B 293 45.42 9.61 34.78
CA GLY B 293 45.45 11.04 35.00
C GLY B 293 44.36 11.81 34.31
N THR B 294 43.94 11.36 33.13
CA THR B 294 42.91 12.05 32.36
C THR B 294 41.86 11.14 31.74
N SER B 295 42.08 9.83 31.69
CA SER B 295 41.12 8.92 31.08
C SER B 295 40.99 7.68 31.94
N ALA B 296 39.88 6.97 31.77
CA ALA B 296 39.59 5.74 32.50
C ALA B 296 39.35 4.62 31.49
N ASP B 297 40.15 3.56 31.60
CA ASP B 297 40.03 2.41 30.72
C ASP B 297 39.30 1.29 31.45
N ILE B 298 38.28 0.73 30.82
CA ILE B 298 37.46 -0.32 31.44
C ILE B 298 37.50 -1.55 30.54
N GLY B 299 37.80 -2.71 31.14
CA GLY B 299 37.88 -3.96 30.39
C GLY B 299 37.13 -5.11 31.03
N VAL B 300 36.20 -5.72 30.30
CA VAL B 300 35.33 -6.76 30.84
C VAL B 300 35.73 -8.11 30.22
N ALA B 301 36.14 -9.06 31.07
CA ALA B 301 36.66 -10.35 30.62
C ALA B 301 35.79 -11.47 31.19
N TYR B 302 34.81 -11.89 30.42
CA TYR B 302 33.93 -12.97 30.83
C TYR B 302 34.62 -14.31 30.62
N GLN B 303 34.68 -15.12 31.69
CA GLN B 303 35.34 -16.43 31.76
C GLN B 303 36.85 -16.34 31.57
N GLY B 304 37.41 -15.15 31.46
CA GLY B 304 38.84 -15.04 31.25
C GLY B 304 39.24 -15.18 29.79
N GLU B 305 38.75 -14.25 28.95
CA GLU B 305 39.15 -14.20 27.55
C GLU B 305 38.97 -12.76 27.04
N LEU B 306 39.69 -12.46 25.97
CA LEU B 306 39.68 -11.12 25.39
C LEU B 306 38.51 -10.93 24.43
N ARG B 307 38.05 -9.68 24.33
CA ARG B 307 36.93 -9.31 23.47
C ARG B 307 37.42 -8.34 22.41
N MET B 308 37.15 -8.64 21.14
CA MET B 308 37.67 -7.87 20.03
C MET B 308 36.71 -6.76 19.62
N ARG B 309 37.29 -5.60 19.31
CA ARG B 309 36.54 -4.40 18.99
C ARG B 309 35.78 -4.54 17.66
N HIS B 310 34.71 -3.76 17.54
CA HIS B 310 33.95 -3.69 16.29
C HIS B 310 34.73 -2.91 15.24
N LEU B 311 34.48 -3.24 13.96
CA LEU B 311 35.21 -2.63 12.86
C LEU B 311 35.00 -1.12 12.79
N LEU B 312 33.75 -0.68 12.98
CA LEU B 312 33.47 0.74 12.93
C LEU B 312 34.05 1.48 14.11
N ASP B 313 34.47 0.78 15.17
CA ASP B 313 35.01 1.44 16.34
C ASP B 313 36.52 1.53 16.32
N THR B 314 37.21 0.71 15.53
CA THR B 314 38.67 0.69 15.60
C THR B 314 39.22 1.80 14.71
N LYS B 315 39.98 2.70 15.32
CA LYS B 315 40.48 3.87 14.63
C LYS B 315 41.63 4.45 15.44
N ILE B 316 42.64 4.96 14.75
CA ILE B 316 43.83 5.51 15.39
C ILE B 316 43.64 7.02 15.40
N GLY B 317 43.04 7.52 16.47
CA GLY B 317 42.81 8.94 16.59
C GLY B 317 41.62 9.38 15.76
N ASP B 318 41.81 9.48 14.45
CA ASP B 318 40.75 9.89 13.54
C ASP B 318 40.72 9.02 12.29
N HIS B 319 41.85 8.41 11.96
CA HIS B 319 41.95 7.55 10.78
C HIS B 319 41.46 6.15 11.11
N GLN B 320 40.78 5.53 10.16
CA GLN B 320 40.31 4.18 10.37
C GLN B 320 41.42 3.16 10.10
N ALA B 321 41.12 1.91 10.44
CA ALA B 321 42.09 0.81 10.30
C ALA B 321 41.32 -0.51 10.31
N MET B 322 42.05 -1.60 10.08
CA MET B 322 41.47 -2.94 10.11
C MET B 322 42.36 -3.91 10.87
N VAL B 323 43.21 -3.41 11.75
CA VAL B 323 44.05 -4.27 12.59
C VAL B 323 43.20 -4.75 13.76
N PRO B 324 43.46 -5.95 14.31
CA PRO B 324 42.63 -6.43 15.42
C PRO B 324 42.99 -5.74 16.72
N MET B 325 41.98 -5.38 17.50
CA MET B 325 42.17 -4.68 18.77
C MET B 325 41.20 -5.19 19.82
N VAL B 326 41.62 -5.08 21.07
CA VAL B 326 40.81 -5.47 22.22
C VAL B 326 39.92 -4.32 22.62
N ASP B 327 38.63 -4.60 22.83
CA ASP B 327 37.62 -3.59 23.13
C ASP B 327 37.79 -3.12 24.56
N ILE B 328 38.41 -1.96 24.73
CA ILE B 328 38.47 -1.29 26.02
C ILE B 328 37.69 0.01 25.91
N ASP B 329 36.95 0.36 26.95
CA ASP B 329 36.14 1.58 26.93
C ASP B 329 36.96 2.70 27.56
N THR B 330 37.24 3.74 26.78
CA THR B 330 37.91 4.93 27.28
C THR B 330 36.87 5.96 27.63
N ILE B 331 36.90 6.45 28.87
CA ILE B 331 35.98 7.47 29.34
C ILE B 331 36.79 8.66 29.80
N GLY B 332 36.41 9.85 29.37
CA GLY B 332 37.16 11.04 29.73
C GLY B 332 36.71 11.63 31.04
N ALA B 333 36.44 10.78 32.02
CA ALA B 333 35.92 11.19 33.31
C ALA B 333 36.72 10.47 34.40
N GLY B 334 38.04 10.60 34.33
CA GLY B 334 38.92 9.91 35.24
C GLY B 334 39.36 10.80 36.39
N GLY B 335 40.54 11.38 36.27
CA GLY B 335 41.04 12.24 37.32
C GLY B 335 41.19 13.67 36.85
N GLY B 336 41.40 13.84 35.55
CA GLY B 336 41.52 15.16 34.95
C GLY B 336 40.22 15.67 34.38
N SER B 337 39.24 15.91 35.24
CA SER B 337 37.94 16.41 34.81
C SER B 337 37.54 17.58 35.70
N ILE B 338 37.05 18.64 35.08
CA ILE B 338 36.65 19.83 35.81
C ILE B 338 35.19 19.71 36.17
N ALA B 339 34.85 20.17 37.36
CA ALA B 339 33.48 20.16 37.87
C ALA B 339 32.95 21.58 37.90
N TYR B 340 31.75 21.76 37.35
CA TYR B 340 31.24 23.11 37.17
C TYR B 340 29.72 23.08 37.07
N VAL B 341 29.13 24.22 37.38
CA VAL B 341 27.72 24.51 37.10
C VAL B 341 27.70 25.40 35.87
N ASP B 342 26.96 24.99 34.85
CA ASP B 342 26.95 25.80 33.64
C ASP B 342 25.97 26.96 33.81
N ALA B 343 25.79 27.72 32.72
CA ALA B 343 24.90 28.88 32.76
C ALA B 343 23.44 28.47 32.95
N GLY B 344 23.13 27.21 32.71
CA GLY B 344 21.85 26.67 33.14
C GLY B 344 21.89 26.36 34.62
N GLY B 345 21.33 25.23 35.01
CA GLY B 345 21.28 24.90 36.42
C GLY B 345 21.68 23.47 36.73
N VAL B 346 22.69 22.94 36.04
CA VAL B 346 23.06 21.54 36.23
C VAL B 346 24.52 21.41 36.63
N PHE B 347 24.84 20.26 37.20
CA PHE B 347 26.14 19.94 37.79
C PHE B 347 26.84 18.98 36.82
N ARG B 348 27.99 19.36 36.30
CA ARG B 348 28.69 18.51 35.35
C ARG B 348 30.14 18.32 35.78
N VAL B 349 30.68 17.13 35.48
CA VAL B 349 32.10 16.83 35.69
C VAL B 349 32.61 16.28 34.36
N GLY B 350 33.55 17.01 33.75
CA GLY B 350 34.05 16.66 32.43
C GLY B 350 33.15 17.17 31.31
N PRO B 351 33.53 16.91 30.06
CA PRO B 351 34.74 16.22 29.62
C PRO B 351 35.95 17.13 29.47
N GLN B 352 35.85 18.38 29.92
CA GLN B 352 36.98 19.30 29.84
C GLN B 352 38.08 18.86 30.78
N SER B 353 39.30 18.78 30.27
CA SER B 353 40.44 18.27 31.02
C SER B 353 41.20 19.42 31.69
N ALA B 354 41.58 19.21 32.95
CA ALA B 354 42.38 20.20 33.66
C ALA B 354 43.82 20.20 33.21
N GLY B 355 44.42 19.02 33.05
CA GLY B 355 45.81 18.91 32.68
C GLY B 355 46.73 18.84 33.89
N ALA B 356 47.98 18.43 33.63
CA ALA B 356 48.97 18.26 34.68
C ALA B 356 49.70 19.55 35.04
N VAL B 357 49.62 20.58 34.20
CA VAL B 357 50.28 21.85 34.46
C VAL B 357 49.64 22.56 35.66
N PRO B 358 48.28 22.73 35.74
CA PRO B 358 47.73 23.36 36.95
C PRO B 358 47.85 22.49 38.19
N GLY B 359 47.45 21.23 38.09
CA GLY B 359 47.54 20.29 39.20
C GLY B 359 46.56 20.59 40.32
N PRO B 360 46.40 19.66 41.24
CA PRO B 360 45.53 19.90 42.41
C PRO B 360 46.12 21.02 43.26
N VAL B 361 45.25 21.93 43.71
CA VAL B 361 45.69 23.12 44.43
C VAL B 361 46.28 22.76 45.78
N CYS B 362 45.82 21.66 46.39
CA CYS B 362 46.22 21.33 47.75
C CYS B 362 47.69 20.91 47.82
N TYR B 363 48.19 20.24 46.78
CA TYR B 363 49.55 19.72 46.80
C TYR B 363 50.62 20.79 46.60
N GLY B 364 50.22 22.03 46.33
CA GLY B 364 51.18 23.13 46.20
C GLY B 364 51.67 23.34 44.79
N ARG B 365 50.75 23.43 43.84
CA ARG B 365 51.12 23.68 42.45
C ARG B 365 50.44 24.95 41.94
N GLY B 366 49.14 25.08 42.18
CA GLY B 366 48.38 26.25 41.76
C GLY B 366 47.27 25.96 40.77
N GLY B 367 46.01 26.04 41.23
CA GLY B 367 44.88 25.80 40.37
C GLY B 367 43.77 26.78 40.65
N THR B 368 42.85 26.89 39.70
CA THR B 368 41.73 27.83 39.78
C THR B 368 40.37 27.15 39.77
N GLU B 369 40.16 26.27 38.89
CA GLU B 369 38.85 25.65 38.76
C GLU B 369 38.79 24.35 39.57
N PRO B 370 37.59 23.91 39.97
CA PRO B 370 37.50 22.66 40.75
C PRO B 370 37.48 21.44 39.86
N THR B 371 38.19 20.40 40.31
CA THR B 371 38.43 19.20 39.51
C THR B 371 38.14 17.95 40.33
N SER B 372 38.13 16.80 39.64
CA SER B 372 37.79 15.54 40.28
C SER B 372 38.79 15.18 41.38
N THR B 373 40.07 15.44 41.15
CA THR B 373 41.08 15.03 42.11
C THR B 373 41.05 15.88 43.37
N ASP B 374 40.58 17.13 43.30
CA ASP B 374 40.42 17.95 44.50
C ASP B 374 39.38 17.37 45.44
N ALA B 375 38.32 16.80 44.87
CA ALA B 375 37.26 16.18 45.67
C ALA B 375 37.80 15.01 46.49
N GLN B 376 38.77 14.26 45.96
CA GLN B 376 39.37 13.19 46.73
C GLN B 376 40.17 13.71 47.91
N VAL B 377 40.83 14.86 47.75
CA VAL B 377 41.59 15.44 48.85
C VAL B 377 40.67 15.91 49.96
N LEU B 378 39.54 16.54 49.60
CA LEU B 378 38.64 17.06 50.61
C LEU B 378 38.11 15.97 51.52
N LEU B 379 37.66 14.87 50.93
CA LEU B 379 37.11 13.77 51.72
C LEU B 379 38.19 13.00 52.48
N GLY B 380 39.43 13.08 52.02
CA GLY B 380 40.53 12.41 52.70
C GLY B 380 40.90 11.06 52.14
N ARG B 381 40.48 10.72 50.94
CA ARG B 381 40.94 9.49 50.31
C ARG B 381 42.44 9.55 50.05
N MET B 382 42.94 10.73 49.72
CA MET B 382 44.34 10.94 49.43
C MET B 382 44.94 11.89 50.45
N ARG B 383 46.00 11.46 51.11
CA ARG B 383 46.62 12.26 52.14
C ARG B 383 47.32 13.48 51.53
N PRO B 384 47.42 14.58 52.27
CA PRO B 384 48.13 15.75 51.76
C PRO B 384 49.63 15.72 52.06
N ASP B 385 50.17 14.55 52.42
CA ASP B 385 51.59 14.47 52.74
C ASP B 385 52.27 13.31 52.02
N ARG B 386 51.75 12.91 50.86
CA ARG B 386 52.49 11.97 50.02
C ARG B 386 53.65 12.66 49.31
N ILE B 387 53.42 13.86 48.80
CA ILE B 387 54.47 14.62 48.14
C ILE B 387 55.50 15.09 49.16
N LEU B 388 55.03 15.61 50.29
CA LEU B 388 55.92 16.11 51.33
C LEU B 388 56.64 14.99 52.06
N ALA B 389 55.96 13.86 52.27
CA ALA B 389 56.52 12.68 52.95
C ALA B 389 57.07 13.02 54.33
N ASP B 396 47.44 24.75 51.79
CA ASP B 396 46.47 25.59 52.49
C ASP B 396 45.08 24.99 52.39
N LEU B 397 44.37 24.93 53.52
CA LEU B 397 43.02 24.39 53.53
C LEU B 397 42.04 25.30 52.78
N ASP B 398 42.14 26.61 53.02
CA ASP B 398 41.27 27.55 52.31
C ASP B 398 41.54 27.54 50.82
N GLY B 399 42.80 27.36 50.41
CA GLY B 399 43.10 27.26 48.99
C GLY B 399 42.51 26.02 48.35
N ALA B 400 42.50 24.92 49.09
CA ALA B 400 41.85 23.72 48.58
C ALA B 400 40.34 23.87 48.50
N ARG B 401 39.73 24.56 49.47
CA ARG B 401 38.29 24.72 49.50
C ARG B 401 37.77 25.89 48.66
N ALA B 402 38.65 26.76 48.18
CA ALA B 402 38.20 27.93 47.42
C ALA B 402 37.53 27.51 46.12
N ALA B 403 38.04 26.44 45.49
CA ALA B 403 37.43 25.96 44.26
C ALA B 403 36.01 25.45 44.50
N MET B 404 35.79 24.73 45.61
CA MET B 404 34.47 24.18 45.89
C MET B 404 33.52 25.19 46.51
N GLN B 405 34.05 26.30 47.04
CA GLN B 405 33.18 27.35 47.57
C GLN B 405 32.28 27.91 46.48
N GLY B 406 32.85 28.18 45.31
CA GLY B 406 32.07 28.69 44.20
C GLY B 406 31.49 27.58 43.36
N LEU B 407 31.22 26.44 44.00
CA LEU B 407 30.61 25.32 43.31
C LEU B 407 29.42 24.83 44.14
N ALA B 408 29.56 24.91 45.46
CA ALA B 408 28.53 24.42 46.36
C ALA B 408 27.43 25.44 46.59
N ASP B 409 27.80 26.66 46.99
CA ASP B 409 26.79 27.66 47.35
C ASP B 409 25.96 28.10 46.16
N LYS B 410 26.42 27.85 44.94
CA LYS B 410 25.71 28.31 43.76
C LYS B 410 24.50 27.44 43.41
N LEU B 411 24.38 26.26 44.01
CA LEU B 411 23.19 25.43 43.85
C LEU B 411 22.46 25.15 45.15
N GLY B 412 23.00 25.59 46.29
CA GLY B 412 22.29 25.45 47.55
C GLY B 412 22.67 24.25 48.40
N MET B 413 23.97 24.07 48.65
CA MET B 413 24.43 22.98 49.49
C MET B 413 25.72 23.40 50.18
N SER B 414 26.07 22.67 51.24
CA SER B 414 27.27 22.95 52.00
C SER B 414 28.50 22.42 51.28
N ILE B 415 29.66 22.92 51.70
CA ILE B 415 30.89 22.70 50.92
C ILE B 415 31.31 21.24 50.96
N GLU B 416 31.15 20.57 52.11
CA GLU B 416 31.71 19.22 52.26
C GLU B 416 30.96 18.18 51.42
N GLU B 417 29.65 18.32 51.26
CA GLU B 417 28.90 17.34 50.49
C GLU B 417 29.02 17.56 48.98
N ALA B 418 29.53 18.72 48.57
CA ALA B 418 29.82 18.95 47.16
C ALA B 418 30.87 17.98 46.65
N ALA B 419 31.89 17.71 47.47
CA ALA B 419 32.91 16.74 47.10
C ALA B 419 32.31 15.35 46.91
N LEU B 420 31.36 14.97 47.77
CA LEU B 420 30.67 13.69 47.58
C LEU B 420 29.93 13.67 46.26
N GLY B 421 29.16 14.71 45.96
CA GLY B 421 28.39 14.72 44.72
C GLY B 421 29.26 14.70 43.47
N ALA B 422 30.42 15.37 43.53
CA ALA B 422 31.36 15.37 42.41
C ALA B 422 31.83 13.97 42.08
N LEU B 423 32.15 13.17 43.09
CA LEU B 423 32.56 11.78 42.86
C LEU B 423 31.40 10.87 42.50
N GLN B 424 30.20 11.15 43.01
CA GLN B 424 29.05 10.31 42.71
C GLN B 424 28.67 10.40 41.24
N ILE B 425 28.79 11.60 40.65
CA ILE B 425 28.47 11.70 39.23
C ILE B 425 29.50 10.95 38.38
N GLN B 426 30.78 10.98 38.76
CA GLN B 426 31.78 10.18 38.08
C GLN B 426 31.46 8.68 38.18
N LYS B 427 31.12 8.22 39.39
CA LYS B 427 30.80 6.82 39.59
C LYS B 427 29.65 6.39 38.69
N PHE B 428 28.59 7.20 38.64
CA PHE B 428 27.44 6.80 37.85
C PHE B 428 27.73 6.92 36.35
N GLY B 429 28.60 7.84 35.95
CA GLY B 429 28.97 7.92 34.54
C GLY B 429 29.73 6.70 34.08
N MET B 430 30.62 6.20 34.93
CA MET B 430 31.34 4.97 34.60
C MET B 430 30.42 3.74 34.66
N THR B 431 29.51 3.71 35.63
CA THR B 431 28.59 2.59 35.74
C THR B 431 27.60 2.54 34.58
N GLN B 432 27.23 3.69 34.01
CA GLN B 432 26.38 3.67 32.82
C GLN B 432 27.07 2.97 31.66
N ALA B 433 28.35 3.27 31.44
CA ALA B 433 29.09 2.63 30.37
C ALA B 433 29.23 1.13 30.62
N ILE B 434 29.55 0.77 31.86
CA ILE B 434 29.69 -0.65 32.20
C ILE B 434 28.36 -1.37 32.01
N GLU B 435 27.25 -0.80 32.50
CA GLU B 435 25.96 -1.48 32.36
C GLU B 435 25.48 -1.50 30.92
N GLN B 436 25.85 -0.49 30.13
CA GLN B 436 25.63 -0.56 28.68
C GLN B 436 26.28 -1.79 28.11
N ASN B 437 27.51 -2.07 28.52
CA ASN B 437 28.23 -3.21 27.97
C ASN B 437 28.21 -4.39 28.93
N SER B 438 27.22 -4.48 29.82
CA SER B 438 27.06 -5.68 30.61
C SER B 438 25.64 -6.22 30.65
N VAL B 439 24.64 -5.34 30.73
CA VAL B 439 23.27 -5.81 30.95
C VAL B 439 22.72 -6.50 29.71
N ARG B 440 22.90 -5.88 28.54
CA ARG B 440 22.40 -6.50 27.32
C ARG B 440 23.22 -7.72 26.94
N ARG B 441 24.46 -7.82 27.42
CA ARG B 441 25.28 -8.99 27.12
C ARG B 441 24.78 -10.24 27.82
N GLY B 442 24.12 -10.09 28.96
CA GLY B 442 23.62 -11.23 29.70
C GLY B 442 24.60 -11.69 30.74
N TYR B 443 25.16 -10.76 31.48
CA TYR B 443 26.11 -11.09 32.54
C TYR B 443 25.40 -11.07 33.88
N ASP B 444 25.60 -12.11 34.67
CA ASP B 444 25.20 -12.05 36.07
C ASP B 444 26.27 -11.29 36.83
N PRO B 445 25.94 -10.18 37.47
CA PRO B 445 27.00 -9.37 38.10
C PRO B 445 27.42 -9.85 39.48
N ARG B 446 27.08 -11.08 39.86
CA ARG B 446 27.51 -11.61 41.14
C ARG B 446 28.86 -12.29 41.04
N ASP B 447 29.04 -13.19 40.07
CA ASP B 447 30.26 -13.97 39.95
C ASP B 447 31.41 -13.17 39.35
N PHE B 448 31.14 -12.02 38.74
CA PHE B 448 32.20 -11.17 38.23
C PHE B 448 32.90 -10.52 39.40
N THR B 449 34.22 -10.59 39.42
CA THR B 449 34.99 -9.84 40.40
C THR B 449 35.47 -8.54 39.78
N LEU B 450 35.84 -7.60 40.62
CA LEU B 450 36.31 -6.30 40.17
C LEU B 450 37.79 -6.17 40.52
N VAL B 451 38.58 -5.67 39.58
CA VAL B 451 40.02 -5.54 39.75
C VAL B 451 40.42 -4.09 39.50
N ALA B 452 41.20 -3.54 40.42
CA ALA B 452 41.73 -2.20 40.32
C ALA B 452 43.11 -2.23 39.66
N ALA B 453 43.66 -1.03 39.45
CA ALA B 453 44.94 -0.87 38.79
C ALA B 453 45.57 0.43 39.24
N GLY B 454 46.68 0.77 38.60
CA GLY B 454 47.47 1.93 39.00
C GLY B 454 46.76 3.24 38.81
N GLY B 455 47.25 4.30 39.44
CA GLY B 455 46.61 5.60 39.35
C GLY B 455 45.66 5.85 40.49
N ALA B 456 44.35 5.72 40.22
CA ALA B 456 43.35 5.88 41.25
C ALA B 456 42.24 4.85 41.06
N GLY B 457 42.62 3.60 40.81
CA GLY B 457 41.66 2.57 40.45
C GLY B 457 40.88 1.97 41.60
N ALA B 458 41.49 1.82 42.77
CA ALA B 458 40.84 1.20 43.91
C ALA B 458 39.93 2.15 44.66
N LEU B 459 39.87 3.42 44.25
CA LEU B 459 39.01 4.37 44.95
C LEU B 459 37.54 4.13 44.63
N PHE B 460 37.24 3.87 43.36
CA PHE B 460 35.87 3.66 42.90
C PHE B 460 35.50 2.18 42.84
N ALA B 461 36.22 1.32 43.55
CA ALA B 461 36.03 -0.12 43.44
C ALA B 461 34.78 -0.60 44.18
N CYS B 462 34.73 -0.38 45.49
CA CYS B 462 33.56 -0.81 46.26
C CYS B 462 32.32 -0.01 45.89
N GLU B 463 32.48 1.29 45.60
CA GLU B 463 31.33 2.11 45.21
C GLU B 463 30.67 1.61 43.94
N ILE B 464 31.47 1.31 42.90
CA ILE B 464 30.90 0.82 41.64
C ILE B 464 30.34 -0.57 41.82
N ALA B 465 31.03 -1.41 42.61
CA ALA B 465 30.57 -2.78 42.84
C ALA B 465 29.22 -2.80 43.54
N ALA B 466 29.00 -1.86 44.47
CA ALA B 466 27.69 -1.75 45.10
C ALA B 466 26.60 -1.46 44.08
N GLU B 467 26.88 -0.56 43.14
CA GLU B 467 25.92 -0.30 42.07
C GLU B 467 25.82 -1.50 41.13
N LEU B 468 26.92 -2.23 40.96
CA LEU B 468 26.94 -3.40 40.11
C LEU B 468 26.52 -4.68 40.84
N GLU B 469 26.26 -4.60 42.15
CA GLU B 469 25.89 -5.77 42.96
C GLU B 469 26.99 -6.82 42.96
N VAL B 470 28.24 -6.38 43.07
CA VAL B 470 29.40 -7.27 43.12
C VAL B 470 29.78 -7.49 44.58
N PRO B 471 30.03 -8.73 45.03
CA PRO B 471 30.20 -8.97 46.46
C PRO B 471 31.57 -8.63 47.02
N HIS B 472 32.63 -8.86 46.25
CA HIS B 472 33.97 -8.52 46.73
C HIS B 472 34.85 -8.12 45.56
N VAL B 473 35.83 -7.29 45.86
CA VAL B 473 36.80 -6.85 44.86
C VAL B 473 38.11 -7.55 45.13
N LEU B 474 39.02 -7.44 44.17
CA LEU B 474 40.34 -8.06 44.21
C LEU B 474 41.35 -7.04 43.73
N VAL B 475 42.28 -6.64 44.59
CA VAL B 475 43.36 -5.73 44.21
C VAL B 475 44.67 -6.51 44.17
N PRO B 476 45.40 -6.48 43.06
CA PRO B 476 46.63 -7.27 42.94
C PRO B 476 47.73 -6.81 43.86
N ALA B 477 48.82 -7.58 43.85
CA ALA B 477 49.90 -7.41 44.83
C ALA B 477 50.70 -6.13 44.60
N HIS B 478 50.74 -5.65 43.36
CA HIS B 478 51.46 -4.43 43.03
C HIS B 478 50.78 -3.80 41.83
N PRO B 479 49.82 -2.92 42.06
CA PRO B 479 49.06 -2.35 40.93
C PRO B 479 49.89 -1.50 39.99
N GLY B 480 51.06 -1.04 40.40
CA GLY B 480 51.87 -0.18 39.56
C GLY B 480 52.71 -0.87 38.50
N ILE B 481 52.60 -2.19 38.35
CA ILE B 481 53.44 -2.92 37.41
C ILE B 481 52.61 -3.90 36.59
N ILE B 482 51.27 -3.79 36.70
CA ILE B 482 50.41 -4.80 36.10
C ILE B 482 50.56 -4.83 34.59
N ALA B 483 50.82 -3.67 33.98
CA ALA B 483 51.05 -3.62 32.54
C ALA B 483 52.25 -4.49 32.14
N GLY B 484 53.31 -4.46 32.95
CA GLY B 484 54.42 -5.36 32.71
C GLY B 484 54.02 -6.82 32.86
N ILE B 485 53.21 -7.12 33.88
CA ILE B 485 52.84 -8.51 34.15
C ILE B 485 52.09 -9.10 32.97
N GLY B 486 51.14 -8.34 32.44
CA GLY B 486 50.36 -8.80 31.30
C GLY B 486 51.17 -9.01 30.04
N LEU B 487 52.40 -8.51 30.01
CA LEU B 487 53.29 -8.84 28.90
C LEU B 487 53.62 -10.32 28.91
N LEU B 488 53.90 -10.87 30.09
CA LEU B 488 54.42 -12.23 30.17
C LEU B 488 53.32 -13.27 30.16
N ALA B 489 52.09 -12.88 30.51
CA ALA B 489 51.02 -13.85 30.64
C ALA B 489 50.52 -14.32 29.29
N THR B 490 50.54 -13.44 28.29
CA THR B 490 50.07 -13.81 26.97
C THR B 490 51.10 -14.72 26.29
N ASP B 491 50.68 -15.34 25.19
CA ASP B 491 51.49 -16.33 24.49
C ASP B 491 51.76 -15.89 23.06
N GLU B 492 52.89 -16.33 22.52
CA GLU B 492 53.31 -15.96 21.17
C GLU B 492 52.35 -16.55 20.15
N GLN B 493 51.61 -15.69 19.47
CA GLN B 493 50.64 -16.12 18.48
C GLN B 493 50.80 -15.28 17.24
N TYR B 494 50.43 -15.87 16.10
CA TYR B 494 50.44 -15.20 14.82
C TYR B 494 49.05 -15.26 14.22
N GLU B 495 48.61 -14.16 13.64
CA GLU B 495 47.32 -14.05 13.00
C GLU B 495 47.51 -14.03 11.50
N PHE B 496 46.87 -14.96 10.80
CA PHE B 496 46.86 -14.90 9.35
C PHE B 496 45.41 -14.89 8.88
N VAL B 497 45.08 -13.95 8.01
CA VAL B 497 43.70 -13.69 7.64
C VAL B 497 43.54 -13.80 6.13
N ALA B 498 42.30 -13.96 5.71
CA ALA B 498 41.96 -13.95 4.29
C ALA B 498 40.50 -13.59 4.13
N THR B 499 40.15 -13.13 2.94
CA THR B 499 38.77 -12.83 2.58
C THR B 499 38.24 -14.00 1.78
N ASN B 500 37.26 -14.72 2.33
CA ASN B 500 36.73 -15.94 1.76
C ASN B 500 35.24 -15.94 2.03
N ARG B 501 34.47 -15.41 1.08
CA ARG B 501 33.06 -15.18 1.29
C ARG B 501 32.29 -16.44 0.91
N PHE B 502 31.61 -17.04 1.89
CA PHE B 502 30.71 -18.16 1.62
C PHE B 502 29.54 -18.11 2.58
N SER B 503 28.43 -18.69 2.18
CA SER B 503 27.24 -18.83 3.00
C SER B 503 27.02 -20.28 3.37
N PHE B 504 26.48 -20.51 4.57
CA PHE B 504 26.24 -21.86 5.04
C PHE B 504 25.15 -22.59 4.25
N ALA B 505 24.34 -21.87 3.47
CA ALA B 505 23.32 -22.53 2.68
C ALA B 505 23.93 -23.28 1.50
N SER B 506 24.86 -22.65 0.80
CA SER B 506 25.51 -23.23 -0.37
C SER B 506 27.01 -23.21 -0.13
N ALA B 507 27.52 -24.25 0.52
CA ALA B 507 28.91 -24.29 0.93
C ALA B 507 29.53 -25.63 0.55
N ASP B 508 30.86 -25.60 0.40
CA ASP B 508 31.64 -26.77 0.01
C ASP B 508 32.71 -26.99 1.06
N ALA B 509 32.78 -28.21 1.59
CA ALA B 509 33.73 -28.53 2.65
C ALA B 509 35.09 -28.94 2.12
N ALA B 510 35.44 -28.50 0.93
CA ALA B 510 36.76 -28.72 0.36
C ALA B 510 37.48 -27.42 0.04
N VAL B 511 36.76 -26.43 -0.48
CA VAL B 511 37.35 -25.12 -0.72
C VAL B 511 37.66 -24.43 0.61
N ILE B 512 36.75 -24.53 1.57
CA ILE B 512 36.96 -23.94 2.89
C ILE B 512 38.16 -24.57 3.56
N GLN B 513 38.24 -25.90 3.50
CA GLN B 513 39.37 -26.61 4.08
C GLN B 513 40.68 -26.19 3.43
N ALA B 514 40.67 -26.01 2.10
CA ALA B 514 41.88 -25.59 1.40
C ALA B 514 42.30 -24.17 1.79
N SER B 515 41.34 -23.26 1.96
CA SER B 515 41.68 -21.91 2.40
C SER B 515 42.30 -21.91 3.78
N TYR B 516 41.71 -22.68 4.71
CA TYR B 516 42.28 -22.77 6.05
C TYR B 516 43.65 -23.45 6.01
N GLU B 517 43.84 -24.42 5.11
CA GLU B 517 45.13 -25.07 5.00
C GLU B 517 46.20 -24.14 4.44
N GLN B 518 45.82 -23.24 3.53
CA GLN B 518 46.77 -22.24 3.05
C GLN B 518 47.22 -21.34 4.20
N LEU B 519 46.28 -20.89 5.02
CA LEU B 519 46.66 -20.09 6.18
C LEU B 519 47.51 -20.90 7.16
N GLU B 520 47.19 -22.18 7.33
CA GLU B 520 47.98 -23.05 8.21
C GLU B 520 49.40 -23.24 7.70
N ARG B 521 49.58 -23.41 6.39
CA ARG B 521 50.91 -23.54 5.82
C ARG B 521 51.73 -22.29 6.07
N GLU B 522 51.11 -21.13 5.90
CA GLU B 522 51.82 -19.89 6.21
C GLU B 522 52.20 -19.81 7.68
N ALA B 523 51.30 -20.23 8.57
CA ALA B 523 51.59 -20.15 10.01
C ALA B 523 52.70 -21.12 10.41
N ASN B 524 52.66 -22.35 9.91
CA ASN B 524 53.72 -23.31 10.23
C ASN B 524 55.06 -22.86 9.68
N ALA B 525 55.06 -22.28 8.48
CA ALA B 525 56.31 -21.76 7.94
C ALA B 525 56.85 -20.62 8.78
N GLN B 526 55.97 -19.81 9.35
CA GLN B 526 56.44 -18.74 10.24
C GLN B 526 57.02 -19.31 11.53
N LEU B 527 56.40 -20.36 12.08
CA LEU B 527 56.88 -20.94 13.32
C LEU B 527 58.15 -21.77 13.14
N ASP B 528 58.42 -22.26 11.93
CA ASP B 528 59.65 -23.01 11.69
C ASP B 528 60.89 -22.13 11.85
N ALA B 529 60.79 -20.86 11.44
CA ALA B 529 61.95 -19.98 11.50
C ALA B 529 62.30 -19.55 12.93
N GLU B 530 61.40 -19.75 13.88
CA GLU B 530 61.63 -19.33 15.26
C GLU B 530 62.13 -20.45 16.15
N GLU B 531 62.36 -21.64 15.60
CA GLU B 531 62.91 -22.79 16.33
C GLU B 531 62.02 -23.18 17.51
N VAL B 532 60.75 -23.44 17.18
CA VAL B 532 59.72 -23.78 18.17
C VAL B 532 59.42 -25.26 18.03
N PRO B 533 59.43 -26.03 19.13
CA PRO B 533 59.13 -27.47 19.02
C PRO B 533 57.71 -27.72 18.55
N ALA B 534 57.54 -28.81 17.81
CA ALA B 534 56.23 -29.15 17.27
C ALA B 534 55.26 -29.68 18.32
N GLU B 535 55.74 -29.96 19.53
CA GLU B 535 54.87 -30.49 20.58
C GLU B 535 53.96 -29.41 21.15
N ARG B 536 54.51 -28.21 21.39
CA ARG B 536 53.78 -27.15 22.07
C ARG B 536 53.10 -26.17 21.12
N ARG B 537 52.86 -26.57 19.88
CA ARG B 537 52.16 -25.72 18.91
C ARG B 537 50.66 -25.97 19.01
N LYS B 538 49.90 -24.90 19.23
CA LYS B 538 48.45 -24.97 19.32
C LYS B 538 47.83 -24.12 18.22
N ILE B 539 46.79 -24.65 17.58
CA ILE B 539 46.13 -23.99 16.46
C ILE B 539 44.67 -23.77 16.81
N VAL B 540 44.19 -22.55 16.61
CA VAL B 540 42.78 -22.20 16.83
C VAL B 540 42.29 -21.48 15.58
N TRP B 541 41.12 -21.90 15.08
CA TRP B 541 40.51 -21.27 13.92
C TRP B 541 39.36 -20.36 14.35
N LEU B 542 39.17 -19.28 13.61
CA LEU B 542 38.10 -18.31 13.87
C LEU B 542 37.44 -17.91 12.57
N ALA B 543 36.30 -17.24 12.67
CA ALA B 543 35.61 -16.74 11.49
C ALA B 543 34.78 -15.51 11.82
N ASP B 544 34.64 -14.62 10.84
CA ASP B 544 33.81 -13.42 10.92
C ASP B 544 32.55 -13.65 10.10
N ALA B 545 31.39 -13.48 10.72
CA ALA B 545 30.16 -13.79 10.03
C ALA B 545 29.11 -12.73 10.33
N ARG B 546 28.10 -12.68 9.48
CA ARG B 546 26.94 -11.84 9.70
C ARG B 546 25.76 -12.42 8.95
N TYR B 547 24.56 -11.99 9.34
CA TYR B 547 23.38 -12.31 8.55
C TYR B 547 23.48 -11.64 7.19
N GLU B 548 22.87 -12.28 6.18
CA GLU B 548 22.81 -11.65 4.87
C GLU B 548 21.92 -10.42 4.93
N GLY B 549 22.43 -9.28 4.49
CA GLY B 549 21.74 -8.01 4.58
C GLY B 549 22.43 -7.02 5.50
N GLN B 550 23.13 -7.52 6.51
CA GLN B 550 23.90 -6.66 7.39
C GLN B 550 25.18 -6.21 6.71
N GLY B 551 25.96 -5.41 7.42
CA GLY B 551 27.16 -4.85 6.83
C GLY B 551 28.39 -4.89 7.71
N TYR B 552 28.28 -5.46 8.90
CA TYR B 552 29.42 -5.63 9.78
C TYR B 552 29.34 -6.99 10.46
N GLU B 553 30.49 -7.56 10.79
CA GLU B 553 30.61 -8.94 11.20
C GLU B 553 30.92 -9.08 12.69
N ILE B 554 30.68 -10.28 13.19
CA ILE B 554 31.05 -10.69 14.55
C ILE B 554 32.06 -11.82 14.44
N ARG B 555 33.12 -11.75 15.25
CA ARG B 555 34.18 -12.75 15.26
C ARG B 555 33.90 -13.84 16.28
N PHE B 556 34.04 -15.10 15.88
CA PHE B 556 33.80 -16.20 16.80
C PHE B 556 34.66 -17.41 16.45
N VAL B 557 34.98 -18.21 17.47
CA VAL B 557 35.90 -19.33 17.36
C VAL B 557 35.15 -20.54 16.83
N VAL B 558 35.64 -21.12 15.74
CA VAL B 558 35.03 -22.29 15.11
C VAL B 558 35.78 -23.53 15.54
N PRO B 559 35.19 -24.73 15.46
CA PRO B 559 35.86 -25.93 15.99
C PRO B 559 37.12 -26.28 15.22
N GLU B 560 37.81 -27.31 15.71
CA GLU B 560 39.03 -27.77 15.06
C GLU B 560 38.71 -28.56 13.80
N GLY B 561 39.64 -28.54 12.86
CA GLY B 561 39.45 -29.19 11.59
C GLY B 561 39.61 -30.69 11.69
N PRO B 562 39.37 -31.39 10.57
CA PRO B 562 39.04 -30.88 9.24
C PRO B 562 37.58 -30.47 9.09
N VAL B 563 37.27 -29.68 8.06
CA VAL B 563 35.91 -29.21 7.81
C VAL B 563 35.09 -30.40 7.31
N THR B 564 34.22 -30.93 8.17
CA THR B 564 33.33 -32.04 7.84
C THR B 564 31.89 -31.54 7.80
N THR B 565 30.96 -32.48 7.64
CA THR B 565 29.55 -32.12 7.55
C THR B 565 29.02 -31.61 8.89
N ALA B 566 29.45 -32.22 10.00
CA ALA B 566 29.00 -31.77 11.32
C ALA B 566 29.70 -30.49 11.75
N TRP B 567 30.91 -30.25 11.23
CA TRP B 567 31.65 -29.03 11.54
C TRP B 567 30.87 -27.80 11.11
N LEU B 568 30.19 -27.89 9.97
CA LEU B 568 29.38 -26.77 9.50
C LEU B 568 28.27 -26.44 10.49
N ASP B 569 27.59 -27.47 11.02
CA ASP B 569 26.52 -27.24 11.98
C ASP B 569 27.05 -26.63 13.26
N GLN B 570 28.20 -27.11 13.74
CA GLN B 570 28.75 -26.54 14.97
C GLN B 570 29.15 -25.08 14.78
N ALA B 571 29.73 -24.73 13.63
CA ALA B 571 30.09 -23.33 13.37
C ALA B 571 28.85 -22.44 13.26
N GLU B 572 27.80 -22.92 12.59
CA GLU B 572 26.58 -22.14 12.48
C GLU B 572 25.89 -21.97 13.82
N ALA B 573 26.01 -22.94 14.73
CA ALA B 573 25.49 -22.74 16.08
C ALA B 573 26.33 -21.75 16.87
N ALA B 574 27.65 -21.80 16.69
CA ALA B 574 28.51 -20.86 17.39
C ALA B 574 28.25 -19.42 16.99
N PHE B 575 27.82 -19.17 15.75
CA PHE B 575 27.50 -17.77 15.40
C PHE B 575 26.35 -17.24 16.22
N HIS B 576 25.28 -18.02 16.38
CA HIS B 576 24.14 -17.57 17.16
C HIS B 576 24.52 -17.40 18.62
N ASP B 577 25.37 -18.28 19.14
CA ASP B 577 25.84 -18.09 20.51
C ASP B 577 26.66 -16.80 20.66
N ALA B 578 27.48 -16.44 19.69
CA ALA B 578 28.25 -15.22 19.82
C ALA B 578 27.45 -13.96 19.50
N HIS B 579 26.33 -14.09 18.78
CA HIS B 579 25.47 -12.93 18.57
C HIS B 579 24.64 -12.65 19.82
N PHE B 580 24.01 -13.69 20.37
CA PHE B 580 23.19 -13.53 21.58
C PHE B 580 23.98 -12.92 22.71
N GLU B 581 25.27 -13.26 22.81
CA GLU B 581 26.10 -12.77 23.90
C GLU B 581 26.52 -11.32 23.73
N GLU B 582 26.41 -10.76 22.53
CA GLU B 582 26.85 -9.39 22.33
C GLU B 582 25.70 -8.40 22.39
N TYR B 583 24.55 -8.76 21.84
CA TYR B 583 23.43 -7.82 21.77
C TYR B 583 22.31 -8.18 22.72
N GLY B 584 21.94 -9.46 22.79
CA GLY B 584 20.84 -9.88 23.64
C GLY B 584 19.54 -10.13 22.91
N HIS B 585 19.62 -10.50 21.63
CA HIS B 585 18.45 -10.68 20.80
C HIS B 585 18.71 -11.83 19.86
N ARG B 586 17.63 -12.50 19.44
CA ARG B 586 17.70 -13.66 18.56
C ARG B 586 16.77 -13.42 17.39
N PHE B 587 17.32 -13.40 16.18
CA PHE B 587 16.50 -13.25 14.99
C PHE B 587 15.76 -14.55 14.70
N LYS B 588 14.55 -14.43 14.21
CA LYS B 588 13.73 -15.60 13.85
C LYS B 588 13.80 -15.90 12.36
N GLY B 589 14.99 -16.18 11.86
CA GLY B 589 15.17 -16.51 10.47
C GLY B 589 16.44 -15.88 9.95
N GLY B 590 16.62 -15.96 8.64
CA GLY B 590 17.77 -15.37 7.98
C GLY B 590 18.92 -16.35 7.81
N THR B 591 19.82 -16.00 6.91
CA THR B 591 20.96 -16.81 6.53
C THR B 591 22.24 -16.14 7.01
N VAL B 592 23.18 -16.93 7.49
CA VAL B 592 24.45 -16.42 7.98
C VAL B 592 25.54 -16.70 6.96
N GLU B 593 26.37 -15.69 6.67
CA GLU B 593 27.46 -15.79 5.72
C GLU B 593 28.76 -15.40 6.41
N VAL B 594 29.81 -16.13 6.09
CA VAL B 594 31.16 -15.85 6.56
C VAL B 594 31.85 -14.96 5.52
N ILE B 595 32.53 -13.92 5.98
CA ILE B 595 33.23 -13.01 5.09
C ILE B 595 34.74 -13.19 5.17
N ASN B 596 35.31 -13.15 6.37
CA ASN B 596 36.74 -13.28 6.56
C ASN B 596 37.04 -14.53 7.39
N ILE B 597 38.21 -15.11 7.17
CA ILE B 597 38.66 -16.23 7.98
C ILE B 597 40.03 -15.89 8.55
N ARG B 598 40.30 -16.41 9.75
CA ARG B 598 41.54 -16.15 10.46
C ARG B 598 42.04 -17.45 11.10
N VAL B 599 43.36 -17.60 11.12
CA VAL B 599 44.01 -18.71 11.80
C VAL B 599 44.98 -18.13 12.82
N GLU B 600 44.86 -18.57 14.07
CA GLU B 600 45.67 -18.09 15.18
C GLU B 600 46.56 -19.23 15.65
N ALA B 601 47.86 -19.13 15.37
CA ALA B 601 48.81 -20.20 15.65
C ALA B 601 49.55 -19.86 16.93
N ARG B 602 49.06 -20.38 18.04
CA ARG B 602 49.66 -20.09 19.33
C ARG B 602 50.76 -21.09 19.64
N ALA B 603 51.77 -20.63 20.39
CA ALA B 603 52.88 -21.46 20.85
C ALA B 603 52.93 -21.37 22.38
N VAL B 604 52.25 -22.28 23.06
CA VAL B 604 52.06 -22.19 24.50
C VAL B 604 53.36 -22.60 25.19
N MET B 605 53.98 -21.64 25.88
CA MET B 605 55.12 -21.91 26.73
C MET B 605 54.64 -22.26 28.15
N ASP B 606 55.59 -22.58 29.01
CA ASP B 606 55.31 -22.84 30.42
C ASP B 606 54.67 -21.63 31.07
N GLU B 607 53.46 -21.80 31.59
CA GLU B 607 52.67 -20.69 32.09
C GLU B 607 53.30 -20.08 33.34
N LEU B 608 53.00 -18.80 33.55
CA LEU B 608 53.63 -18.02 34.60
C LEU B 608 53.05 -18.41 35.96
N PRO B 609 53.88 -18.92 36.88
CA PRO B 609 53.36 -19.34 38.18
C PRO B 609 53.25 -18.19 39.17
N THR B 610 52.50 -18.43 40.22
CA THR B 610 52.28 -17.42 41.25
C THR B 610 53.51 -17.29 42.12
N PRO B 611 54.08 -16.12 42.28
CA PRO B 611 55.23 -15.97 43.17
C PRO B 611 54.82 -16.00 44.63
N GLU B 612 55.08 -17.11 45.32
CA GLU B 612 54.77 -17.20 46.75
C GLU B 612 55.90 -16.54 47.54
N ALA B 613 55.68 -15.27 47.87
CA ALA B 613 56.60 -14.50 48.70
C ALA B 613 55.92 -14.24 50.03
N THR B 614 56.15 -15.14 50.99
CA THR B 614 55.50 -15.05 52.29
C THR B 614 56.11 -13.91 53.11
N GLN B 615 55.26 -13.02 53.61
CA GLN B 615 55.69 -11.85 54.35
C GLN B 615 55.49 -12.05 55.86
N SER B 616 56.23 -11.26 56.64
CA SER B 616 56.13 -11.28 58.08
C SER B 616 56.22 -9.86 58.62
N GLY B 617 55.35 -9.53 59.56
CA GLY B 617 55.31 -8.19 60.10
C GLY B 617 54.39 -8.11 61.29
N SER B 618 53.94 -6.89 61.61
CA SER B 618 53.08 -6.67 62.75
C SER B 618 52.23 -5.43 62.51
N LEU B 619 51.17 -5.30 63.32
CA LEU B 619 50.19 -4.25 63.13
C LEU B 619 50.71 -2.89 63.59
N GLU B 620 51.26 -2.83 64.80
CA GLU B 620 51.55 -1.55 65.45
C GLU B 620 52.82 -0.89 64.92
N ASN B 621 53.68 -1.61 64.22
CA ASN B 621 54.97 -1.05 63.82
C ASN B 621 54.84 0.00 62.73
N ALA B 622 54.00 -0.26 61.73
CA ALA B 622 53.88 0.63 60.58
C ALA B 622 52.72 1.62 60.76
N LEU B 623 52.93 2.56 61.68
CA LEU B 623 51.96 3.59 61.99
C LEU B 623 52.71 4.92 62.09
N VAL B 624 52.41 5.85 61.19
CA VAL B 624 53.12 7.12 61.16
C VAL B 624 52.36 8.16 61.98
N GLU B 625 51.11 8.45 61.61
CA GLU B 625 50.32 9.45 62.31
C GLU B 625 48.85 9.19 62.05
N THR B 626 48.01 10.09 62.56
CA THR B 626 46.56 9.99 62.43
C THR B 626 46.01 11.37 62.06
N ARG B 627 45.44 11.47 60.85
CA ARG B 627 44.83 12.68 60.34
C ARG B 627 43.32 12.48 60.20
N PRO B 628 42.52 13.56 60.23
CA PRO B 628 41.07 13.41 60.07
C PRO B 628 40.69 13.11 58.62
N VAL B 629 39.70 12.24 58.44
CA VAL B 629 39.26 11.85 57.10
C VAL B 629 37.75 11.82 57.06
N THR B 630 37.16 12.40 56.00
CA THR B 630 35.72 12.60 55.90
C THR B 630 35.11 11.54 54.99
N PHE B 631 34.48 10.53 55.58
CA PHE B 631 33.77 9.53 54.81
C PHE B 631 32.36 10.00 54.50
N GLN B 632 31.57 9.10 53.91
CA GLN B 632 30.18 9.38 53.59
C GLN B 632 29.31 8.63 54.58
N GLN B 633 28.62 9.35 55.48
CA GLN B 633 27.77 8.71 56.48
C GLN B 633 26.32 9.05 56.13
N ALA B 634 25.68 8.18 55.37
CA ALA B 634 24.29 8.34 54.94
C ALA B 634 24.06 9.69 54.28
N GLY B 635 25.02 10.10 53.45
CA GLY B 635 24.98 11.38 52.77
C GLY B 635 25.58 12.52 53.58
N LYS B 636 25.48 12.45 54.89
CA LYS B 636 26.05 13.55 55.66
C LYS B 636 27.56 13.39 55.81
N PRO B 637 28.30 14.50 55.80
CA PRO B 637 29.75 14.45 56.00
C PRO B 637 30.10 14.42 57.49
N VAL B 638 30.62 13.27 57.94
CA VAL B 638 31.04 13.09 59.32
C VAL B 638 32.51 12.70 59.32
N THR B 639 33.35 13.52 59.94
CA THR B 639 34.78 13.28 60.00
C THR B 639 35.11 12.20 61.03
N LEU B 640 36.03 11.30 60.66
CA LEU B 640 36.42 10.19 61.52
C LEU B 640 37.93 10.11 61.57
N ASP B 641 38.42 9.43 62.62
CA ASP B 641 39.83 9.17 62.77
C ASP B 641 40.19 7.84 62.09
N THR B 642 41.41 7.78 61.54
CA THR B 642 41.86 6.61 60.81
C THR B 642 43.38 6.58 60.82
N GLY B 643 43.94 5.45 61.27
CA GLY B 643 45.39 5.29 61.25
C GLY B 643 45.91 4.99 59.86
N PHE B 644 47.22 5.14 59.71
CA PHE B 644 47.89 4.94 58.43
C PHE B 644 48.85 3.75 58.52
N TYR B 645 48.68 2.76 57.64
CA TYR B 645 49.46 1.53 57.68
C TYR B 645 49.84 1.09 56.26
N ASP B 646 51.15 1.01 56.00
CA ASP B 646 51.65 0.59 54.70
C ASP B 646 51.42 -0.90 54.48
N ARG B 647 51.17 -1.27 53.21
CA ARG B 647 50.95 -2.67 52.87
C ARG B 647 52.25 -3.45 52.71
N ALA B 648 53.39 -2.77 52.60
CA ALA B 648 54.67 -3.44 52.45
C ALA B 648 55.20 -3.96 53.77
N LYS B 649 54.66 -3.50 54.90
CA LYS B 649 55.08 -3.95 56.22
C LYS B 649 54.04 -4.87 56.86
N MET B 650 53.15 -5.43 56.06
CA MET B 650 52.11 -6.31 56.59
C MET B 650 52.56 -7.76 56.55
N GLY B 651 51.94 -8.56 57.40
CA GLY B 651 52.19 -9.98 57.44
C GLY B 651 50.97 -10.74 56.95
N ILE B 652 51.23 -11.91 56.39
CA ILE B 652 50.16 -12.79 55.92
C ILE B 652 49.74 -13.71 57.06
N GLY B 653 48.44 -13.80 57.30
CA GLY B 653 47.93 -14.65 58.35
C GLY B 653 46.84 -13.99 59.18
N THR B 654 46.95 -12.67 59.36
CA THR B 654 45.97 -11.92 60.13
C THR B 654 45.06 -11.12 59.22
N THR B 655 43.84 -10.86 59.69
CA THR B 655 42.85 -10.08 58.98
C THR B 655 42.60 -8.80 59.76
N PHE B 656 42.81 -7.65 59.12
CA PHE B 656 42.71 -6.37 59.79
C PHE B 656 41.26 -5.90 59.86
N ALA B 657 40.81 -5.58 61.07
CA ALA B 657 39.44 -5.13 61.31
C ALA B 657 39.48 -3.67 61.77
N GLY B 658 39.52 -2.75 60.81
CA GLY B 658 39.54 -1.34 61.11
C GLY B 658 39.90 -0.51 59.89
N PRO B 659 39.60 0.79 59.94
CA PRO B 659 39.91 1.67 58.80
C PRO B 659 41.40 1.93 58.69
N VAL B 660 41.97 1.54 57.55
CA VAL B 660 43.39 1.73 57.28
C VAL B 660 43.53 2.47 55.97
N VAL B 661 44.68 3.10 55.80
CA VAL B 661 45.08 3.71 54.54
C VAL B 661 46.40 3.07 54.14
N ILE B 662 46.53 2.69 52.86
CA ILE B 662 47.74 2.06 52.37
C ILE B 662 48.58 3.10 51.65
N GLU B 663 49.75 3.40 52.18
CA GLU B 663 50.65 4.40 51.60
C GLU B 663 51.70 3.76 50.71
N GLN B 664 51.23 3.02 49.71
CA GLN B 664 52.12 2.43 48.73
C GLN B 664 52.74 3.51 47.84
N TYR B 665 53.92 3.20 47.30
CA TYR B 665 54.62 4.18 46.47
C TYR B 665 53.86 4.53 45.19
N ASP B 666 52.97 3.65 44.72
CA ASP B 666 52.28 3.85 43.46
C ASP B 666 50.77 3.95 43.58
N SER B 667 50.17 3.44 44.64
CA SER B 667 48.72 3.42 44.76
C SER B 667 48.31 3.72 46.20
N THR B 668 47.00 3.78 46.42
CA THR B 668 46.41 4.12 47.71
C THR B 668 44.99 3.60 47.72
N THR B 669 44.61 2.89 48.78
CA THR B 669 43.24 2.41 48.92
C THR B 669 42.81 2.47 50.38
N VAL B 670 41.56 2.91 50.59
CA VAL B 670 40.98 3.05 51.92
C VAL B 670 39.73 2.20 51.98
N ILE B 671 39.62 1.35 52.99
CA ILE B 671 38.48 0.43 53.07
C ILE B 671 37.31 1.15 53.75
N PRO B 672 36.07 0.90 53.31
CA PRO B 672 34.93 1.52 54.00
C PRO B 672 34.80 1.00 55.42
N PRO B 673 34.36 1.84 56.35
CA PRO B 673 34.25 1.40 57.75
C PRO B 673 33.18 0.34 57.93
N GLY B 674 33.39 -0.50 58.94
CA GLY B 674 32.45 -1.55 59.26
C GLY B 674 32.65 -2.85 58.51
N PHE B 675 33.62 -2.91 57.61
CA PHE B 675 33.91 -4.12 56.86
C PHE B 675 35.42 -4.37 56.83
N THR B 676 35.79 -5.64 56.85
CA THR B 676 37.18 -6.07 56.95
C THR B 676 37.72 -6.48 55.59
N GLY B 677 39.04 -6.44 55.46
CA GLY B 677 39.70 -6.84 54.23
C GLY B 677 40.73 -7.93 54.42
N THR B 678 40.54 -9.07 53.74
CA THR B 678 41.40 -10.23 53.92
C THR B 678 42.58 -10.19 52.96
N VAL B 679 43.78 -10.39 53.49
CA VAL B 679 45.01 -10.38 52.71
C VAL B 679 45.40 -11.83 52.45
N ASP B 680 45.34 -12.26 51.19
CA ASP B 680 45.67 -13.65 50.92
C ASP B 680 47.19 -13.82 50.74
N ASP B 681 47.60 -15.05 50.47
CA ASP B 681 49.02 -15.40 50.50
C ASP B 681 49.79 -14.77 49.34
N ALA B 682 49.11 -14.39 48.27
CA ALA B 682 49.76 -13.90 47.07
C ALA B 682 49.96 -12.39 47.06
N GLY B 683 49.67 -11.72 48.18
CA GLY B 683 49.80 -10.27 48.26
C GLY B 683 48.58 -9.50 47.82
N ASN B 684 47.52 -10.17 47.36
CA ASN B 684 46.29 -9.53 46.93
C ASN B 684 45.41 -9.19 48.13
N LEU B 685 44.44 -8.30 47.89
CA LEU B 685 43.44 -7.96 48.87
C LEU B 685 42.06 -8.35 48.36
N VAL B 686 41.30 -9.08 49.18
CA VAL B 686 39.89 -9.32 48.93
C VAL B 686 39.07 -8.62 49.99
N ILE B 687 38.41 -7.53 49.60
CA ILE B 687 37.68 -6.68 50.53
C ILE B 687 36.21 -7.03 50.46
N ALA B 688 35.59 -7.23 51.63
CA ALA B 688 34.19 -7.63 51.72
C ALA B 688 33.29 -6.40 51.55
N CYS B 689 33.15 -5.96 50.30
CA CYS B 689 32.35 -4.78 49.99
C CYS B 689 30.87 -5.12 50.09
N PRO B 690 30.06 -4.24 50.70
CA PRO B 690 28.62 -4.52 50.79
C PRO B 690 27.90 -4.27 49.48
N ALA B 691 26.92 -5.12 49.19
CA ALA B 691 26.08 -5.02 48.00
C ALA B 691 24.65 -4.63 48.35
N VAL B 692 24.03 -5.34 49.29
CA VAL B 692 22.69 -5.04 49.77
C VAL B 692 22.80 -4.72 51.26
N THR B 693 22.32 -3.55 51.66
CA THR B 693 22.41 -3.11 53.04
C THR B 693 21.12 -2.42 53.45
N GLN B 694 20.91 -2.35 54.76
CA GLN B 694 19.70 -1.75 55.32
C GLN B 694 19.78 -0.23 55.45
N THR B 695 20.93 0.36 55.13
CA THR B 695 21.13 1.80 55.20
C THR B 695 21.32 2.35 53.80
N VAL B 696 20.44 3.25 53.37
CA VAL B 696 20.43 3.78 52.02
C VAL B 696 21.11 5.14 52.00
N GLU B 697 21.99 5.33 51.02
CA GLU B 697 22.68 6.61 50.86
C GLU B 697 21.72 7.70 50.41
N LYS B 698 21.94 8.91 50.92
CA LYS B 698 21.14 10.08 50.59
C LYS B 698 21.93 10.99 49.66
N LEU B 699 21.22 11.70 48.79
CA LEU B 699 21.84 12.48 47.73
C LEU B 699 21.20 13.86 47.63
N ALA B 700 22.01 14.82 47.20
CA ALA B 700 21.50 16.18 47.03
C ALA B 700 20.66 16.28 45.77
N THR B 701 19.99 17.41 45.61
CA THR B 701 19.20 17.66 44.41
C THR B 701 20.04 17.73 43.12
N PRO B 702 21.21 18.41 43.10
CA PRO B 702 21.97 18.47 41.84
C PRO B 702 22.45 17.12 41.31
N ILE B 703 22.54 16.08 42.12
CA ILE B 703 23.13 14.80 41.69
C ILE B 703 22.07 13.85 41.13
N LEU B 704 20.89 13.81 41.74
CA LEU B 704 19.84 12.91 41.29
C LEU B 704 19.39 13.21 39.86
N MET B 705 19.41 14.49 39.46
CA MET B 705 19.07 14.85 38.09
C MET B 705 20.09 14.25 37.11
N ARG B 706 21.38 14.39 37.41
CA ARG B 706 22.40 13.78 36.55
C ARG B 706 22.24 12.27 36.49
N VAL B 707 21.98 11.62 37.62
CA VAL B 707 21.91 10.16 37.63
C VAL B 707 20.76 9.67 36.75
N ILE B 708 19.55 10.19 36.98
CA ILE B 708 18.41 9.68 36.23
C ILE B 708 18.51 10.12 34.77
N GLY B 709 18.94 11.37 34.52
CA GLY B 709 19.02 11.84 33.15
C GLY B 709 20.09 11.13 32.34
N GLY B 710 21.24 10.84 32.97
CA GLY B 710 22.26 10.05 32.33
C GLY B 710 21.78 8.65 32.00
N ALA B 711 21.00 8.05 32.91
CA ALA B 711 20.44 6.75 32.58
C ALA B 711 19.48 6.82 31.40
N LEU B 712 18.64 7.86 31.34
CA LEU B 712 17.72 8.00 30.21
C LEU B 712 18.48 8.22 28.90
N ASN B 713 19.54 9.06 28.94
CA ASN B 713 20.37 9.29 27.76
C ASN B 713 21.04 8.00 27.31
N SER B 714 21.65 7.28 28.26
CA SER B 714 22.34 6.04 27.94
C SER B 714 21.38 5.03 27.33
N ALA B 715 20.15 4.99 27.82
CA ALA B 715 19.13 4.15 27.22
C ALA B 715 18.89 4.55 25.77
N ALA B 716 18.83 5.86 25.49
CA ALA B 716 18.62 6.33 24.13
C ALA B 716 19.77 5.90 23.20
N LYS B 717 21.01 6.09 23.65
CA LYS B 717 22.15 5.77 22.79
C LYS B 717 22.33 4.27 22.63
N GLU B 718 22.04 3.47 23.65
CA GLU B 718 22.19 2.03 23.47
C GLU B 718 21.07 1.45 22.62
N MET B 719 19.84 1.97 22.72
CA MET B 719 18.82 1.52 21.79
C MET B 719 19.17 1.92 20.36
N ALA B 720 19.82 3.08 20.20
CA ALA B 720 20.28 3.50 18.88
C ALA B 720 21.30 2.52 18.32
N SER B 721 22.32 2.19 19.10
CA SER B 721 23.40 1.35 18.61
C SER B 721 22.89 -0.06 18.31
N VAL B 722 22.00 -0.60 19.15
CA VAL B 722 21.42 -1.90 18.84
C VAL B 722 20.66 -1.86 17.52
N LEU B 723 19.81 -0.85 17.33
CA LEU B 723 19.02 -0.78 16.11
C LEU B 723 19.91 -0.63 14.87
N PHE B 724 20.97 0.17 14.95
CA PHE B 724 21.73 0.45 13.75
C PHE B 724 22.74 -0.66 13.45
N ARG B 725 23.32 -1.30 14.47
CA ARG B 725 24.23 -2.40 14.20
C ARG B 725 23.51 -3.65 13.72
N MET B 726 22.27 -3.88 14.17
CA MET B 726 21.58 -5.10 13.75
C MET B 726 20.67 -4.91 12.55
N SER B 727 20.56 -3.71 12.01
CA SER B 727 19.58 -3.44 10.96
C SER B 727 20.02 -4.03 9.62
N TYR B 728 19.03 -4.35 8.79
CA TYR B 728 19.33 -4.83 7.45
C TYR B 728 19.40 -3.69 6.45
N SER B 729 18.68 -2.60 6.72
CA SER B 729 18.60 -1.47 5.79
C SER B 729 19.92 -0.71 5.73
N SER B 730 20.35 -0.38 4.51
CA SER B 730 21.59 0.33 4.34
C SER B 730 21.44 1.82 4.68
N ILE B 731 20.25 2.37 4.54
CA ILE B 731 20.04 3.76 4.93
C ILE B 731 20.06 3.90 6.45
N ILE B 732 19.49 2.94 7.17
CA ILE B 732 19.60 2.96 8.62
C ILE B 732 21.03 2.71 9.05
N ARG B 733 21.71 1.79 8.37
CA ARG B 733 23.05 1.39 8.79
C ARG B 733 24.10 2.44 8.46
N GLU B 734 24.20 2.82 7.19
CA GLU B 734 25.27 3.74 6.80
C GLU B 734 24.87 5.20 6.91
N SER B 735 23.68 5.57 6.45
CA SER B 735 23.25 6.95 6.57
C SER B 735 22.88 7.33 8.00
N GLU B 736 22.62 6.34 8.87
CA GLU B 736 22.15 6.57 10.23
C GLU B 736 20.87 7.39 10.27
N ASP B 737 19.96 7.12 9.34
CA ASP B 737 18.69 7.84 9.24
C ASP B 737 17.68 7.23 10.22
N LEU B 738 17.88 7.52 11.49
CA LEU B 738 17.04 6.95 12.54
C LEU B 738 16.88 7.92 13.69
N GLY B 739 15.84 7.70 14.46
CA GLY B 739 15.65 8.41 15.72
C GLY B 739 15.03 7.50 16.77
N ALA B 740 15.41 7.72 18.02
CA ALA B 740 14.98 6.85 19.10
C ALA B 740 15.05 7.57 20.43
N GLY B 741 14.17 7.20 21.35
CA GLY B 741 14.24 7.76 22.69
C GLY B 741 13.04 7.42 23.55
N LEU B 742 12.99 8.09 24.70
CA LEU B 742 12.05 7.83 25.78
C LEU B 742 11.14 9.04 26.00
N PHE B 743 9.86 8.76 26.25
CA PHE B 743 8.84 9.80 26.36
C PHE B 743 8.03 9.59 27.62
N ASP B 744 7.45 10.69 28.12
CA ASP B 744 6.55 10.65 29.26
C ASP B 744 5.11 10.51 28.77
N LYS B 745 4.17 10.57 29.72
CA LYS B 745 2.78 10.28 29.39
C LYS B 745 2.18 11.32 28.46
N ASP B 746 2.66 12.55 28.50
CA ASP B 746 2.16 13.60 27.62
C ASP B 746 2.81 13.58 26.24
N GLY B 747 3.88 12.83 26.05
CA GLY B 747 4.54 12.77 24.77
C GLY B 747 5.76 13.65 24.63
N ASN B 748 6.17 14.33 25.69
CA ASN B 748 7.36 15.15 25.67
C ASN B 748 8.61 14.28 25.77
N VAL B 749 9.49 14.37 24.78
CA VAL B 749 10.71 13.59 24.76
C VAL B 749 11.57 13.97 25.96
N LEU B 750 12.07 12.97 26.68
CA LEU B 750 13.06 13.26 27.70
C LEU B 750 14.48 13.01 27.21
N ALA B 751 14.66 11.99 26.38
CA ALA B 751 15.97 11.55 25.92
C ALA B 751 15.90 11.18 24.45
N GLU B 752 16.95 11.49 23.72
CA GLU B 752 16.99 11.28 22.28
C GLU B 752 18.37 10.78 21.87
N SER B 753 18.42 10.00 20.79
CA SER B 753 19.67 9.35 20.40
C SER B 753 20.66 10.32 19.75
N ASP B 754 20.16 11.38 19.10
CA ASP B 754 20.98 12.37 18.39
C ASP B 754 21.79 11.73 17.25
N SER B 755 21.19 10.75 16.57
CA SER B 755 21.92 10.05 15.55
C SER B 755 22.02 10.84 14.25
N THR B 756 20.98 11.60 13.90
CA THR B 756 21.01 12.36 12.66
C THR B 756 20.32 13.71 12.83
N PRO B 757 20.75 14.74 12.09
CA PRO B 757 19.99 15.99 12.06
C PRO B 757 18.60 15.86 11.46
N MET B 758 18.33 14.79 10.71
CA MET B 758 17.05 14.62 10.04
C MET B 758 15.90 14.31 11.01
N PHE B 759 16.21 13.88 12.23
CA PHE B 759 15.17 13.56 13.20
C PHE B 759 15.23 14.52 14.36
N MET B 760 15.40 15.80 14.07
CA MET B 760 15.52 16.83 15.09
C MET B 760 14.12 17.28 15.49
N GLY B 761 13.73 16.98 16.73
CA GLY B 761 12.43 17.41 17.19
C GLY B 761 11.25 16.76 16.50
N SER B 762 11.47 15.68 15.75
CA SER B 762 10.38 15.04 15.04
C SER B 762 9.79 13.88 15.81
N MET B 763 10.56 13.24 16.69
CA MET B 763 10.02 12.17 17.54
C MET B 763 8.87 12.60 18.45
N PRO B 764 8.91 13.74 19.15
CA PRO B 764 7.74 14.12 19.97
C PRO B 764 6.48 14.27 19.15
N LYS B 765 6.61 14.75 17.91
CA LYS B 765 5.45 14.88 17.04
C LYS B 765 4.86 13.52 16.73
N ILE B 766 5.69 12.49 16.58
CA ILE B 766 5.21 11.15 16.31
C ILE B 766 4.43 10.61 17.50
N VAL B 767 4.99 10.75 18.71
CA VAL B 767 4.29 10.18 19.87
C VAL B 767 3.02 10.96 20.19
N LYS B 768 3.05 12.30 20.11
CA LYS B 768 1.82 13.07 20.27
C LYS B 768 0.79 12.70 19.23
N GLY B 769 1.24 12.41 18.00
CA GLY B 769 0.33 11.97 16.97
C GLY B 769 -0.35 10.67 17.29
N VAL B 770 0.35 9.74 17.96
CA VAL B 770 -0.37 8.50 18.29
C VAL B 770 -1.21 8.66 19.55
N ILE B 771 -0.80 9.51 20.48
CA ILE B 771 -1.62 9.76 21.66
C ILE B 771 -2.96 10.37 21.26
N SER B 772 -2.93 11.27 20.27
CA SER B 772 -4.17 11.90 19.82
C SER B 772 -5.04 10.96 18.98
N VAL B 773 -4.48 9.87 18.47
CA VAL B 773 -5.30 8.92 17.72
C VAL B 773 -5.92 7.88 18.65
N LEU B 774 -5.18 7.37 19.62
CA LEU B 774 -5.69 6.28 20.43
C LEU B 774 -6.41 6.76 21.68
N GLY B 775 -5.81 7.70 22.41
CA GLY B 775 -6.44 8.25 23.60
C GLY B 775 -6.22 7.44 24.85
N ASP B 776 -7.28 6.83 25.37
CA ASP B 776 -7.21 5.93 26.50
C ASP B 776 -7.16 4.47 26.07
N ASP B 777 -7.06 4.21 24.77
CA ASP B 777 -7.02 2.86 24.23
C ASP B 777 -5.59 2.31 24.25
N ILE B 778 -4.95 2.40 25.42
CA ILE B 778 -3.56 2.03 25.61
C ILE B 778 -3.50 0.99 26.71
N HIS B 779 -3.08 -0.22 26.37
CA HIS B 779 -3.02 -1.35 27.28
C HIS B 779 -1.60 -1.85 27.37
N ASP B 780 -1.35 -2.78 28.29
CA ASP B 780 0.00 -3.28 28.45
C ASP B 780 0.31 -4.30 27.36
N GLY B 781 1.60 -4.45 27.07
CA GLY B 781 2.02 -5.32 26.01
C GLY B 781 1.70 -4.84 24.62
N ASP B 782 1.47 -3.55 24.42
CA ASP B 782 1.09 -3.03 23.12
C ASP B 782 2.31 -2.52 22.36
N VAL B 783 2.30 -2.70 21.03
CA VAL B 783 3.36 -2.21 20.16
C VAL B 783 2.72 -1.50 18.97
N ILE B 784 3.12 -0.25 18.72
CA ILE B 784 2.39 0.67 17.85
C ILE B 784 3.30 1.11 16.70
N LEU B 785 2.78 1.02 15.47
CA LEU B 785 3.50 1.41 14.27
C LEU B 785 2.93 2.71 13.71
N HIS B 786 3.80 3.67 13.36
CA HIS B 786 3.29 4.95 12.87
C HIS B 786 4.23 5.61 11.86
N ASN B 787 3.66 6.13 10.74
CA ASN B 787 4.47 6.92 9.82
C ASN B 787 3.75 8.09 9.13
N ASP B 788 2.61 8.54 9.60
CA ASP B 788 1.80 9.53 8.88
C ASP B 788 2.46 10.91 8.88
N PRO B 789 2.79 11.48 7.72
CA PRO B 789 3.49 12.78 7.73
C PRO B 789 2.59 13.95 8.03
N TYR B 790 1.27 13.77 8.00
CA TYR B 790 0.37 14.82 8.48
C TYR B 790 0.04 14.67 9.96
N LEU B 791 0.53 13.61 10.59
CA LEU B 791 0.50 13.47 12.05
C LEU B 791 1.89 13.35 12.64
N GLY B 792 2.85 14.14 12.16
CA GLY B 792 4.12 14.30 12.83
C GLY B 792 5.32 13.61 12.23
N ALA B 793 5.17 12.74 11.25
CA ALA B 793 6.32 12.05 10.69
C ALA B 793 7.17 12.97 9.83
N THR B 794 8.42 12.57 9.63
CA THR B 794 9.32 13.31 8.74
C THR B 794 8.87 13.18 7.29
N HIS B 795 8.80 11.95 6.79
CA HIS B 795 8.19 11.64 5.52
C HIS B 795 7.88 10.15 5.54
N SER B 796 7.08 9.71 4.57
CA SER B 796 6.56 8.35 4.58
C SER B 796 7.59 7.24 4.74
N PRO B 797 8.76 7.25 4.10
CA PRO B 797 9.64 6.07 4.19
C PRO B 797 10.20 5.80 5.58
N ASP B 798 10.15 6.77 6.49
CA ASP B 798 10.62 6.56 7.86
C ASP B 798 9.47 6.06 8.73
N VAL B 799 9.59 4.84 9.25
CA VAL B 799 8.53 4.19 10.00
C VAL B 799 8.95 4.09 11.47
N ALA B 800 8.03 4.39 12.39
CA ALA B 800 8.32 4.44 13.81
C ALA B 800 7.58 3.35 14.57
N ILE B 801 8.17 2.93 15.69
CA ILE B 801 7.60 1.95 16.60
C ILE B 801 7.60 2.56 18.00
N ILE B 802 6.45 2.49 18.66
CA ILE B 802 6.23 3.05 19.99
C ILE B 802 5.68 1.94 20.87
N GLU B 803 6.18 1.84 22.09
CA GLU B 803 5.65 0.84 23.01
C GLU B 803 5.25 1.52 24.31
N PRO B 804 4.02 1.35 24.77
CA PRO B 804 3.64 1.89 26.08
C PRO B 804 4.37 1.20 27.21
N ILE B 805 4.64 1.98 28.26
CA ILE B 805 5.28 1.49 29.48
C ILE B 805 4.23 1.55 30.60
N PHE B 806 4.03 0.42 31.26
CA PHE B 806 3.05 0.28 32.33
C PHE B 806 3.71 -0.15 33.61
N HIS B 807 3.26 0.43 34.72
CA HIS B 807 3.75 0.06 36.05
C HIS B 807 2.57 0.09 37.01
N ASP B 808 2.26 -1.06 37.60
CA ASP B 808 1.12 -1.23 38.51
C ASP B 808 -0.18 -0.79 37.84
N GLY B 809 -0.39 -1.26 36.62
CA GLY B 809 -1.59 -0.94 35.87
C GLY B 809 -1.78 0.54 35.61
N GLU B 810 -0.68 1.28 35.46
CA GLU B 810 -0.72 2.72 35.27
C GLU B 810 0.23 3.09 34.14
N LEU B 811 -0.26 3.88 33.17
CA LEU B 811 0.59 4.34 32.09
C LEU B 811 1.62 5.32 32.62
N VAL B 812 2.89 5.08 32.33
CA VAL B 812 3.94 5.95 32.83
C VAL B 812 4.79 6.58 31.73
N GLY B 813 4.76 6.04 30.51
CA GLY B 813 5.58 6.59 29.45
C GLY B 813 5.49 5.81 28.16
N PHE B 814 6.49 6.03 27.31
CA PHE B 814 6.59 5.41 25.99
C PHE B 814 8.05 5.27 25.61
N ALA B 815 8.35 4.26 24.80
CA ALA B 815 9.67 4.07 24.19
C ALA B 815 9.47 4.03 22.69
N GLY B 816 10.36 4.65 21.93
CA GLY B 816 10.13 4.79 20.51
C GLY B 816 11.36 4.76 19.64
N ALA B 817 11.24 4.13 18.47
CA ALA B 817 12.32 3.99 17.50
C ALA B 817 11.79 4.11 16.08
N SER B 818 12.55 4.74 15.19
CA SER B 818 12.12 5.02 13.83
C SER B 818 13.32 5.01 12.88
N GLY B 819 13.13 4.45 11.68
CA GLY B 819 14.17 4.44 10.67
C GLY B 819 13.60 4.34 9.27
N GLN B 820 14.45 4.62 8.28
CA GLN B 820 14.02 4.61 6.88
C GLN B 820 14.23 3.22 6.28
N LEU B 821 13.15 2.65 5.76
CA LEU B 821 13.21 1.37 5.09
C LEU B 821 13.73 1.55 3.67
N ILE B 822 14.20 0.45 3.07
CA ILE B 822 14.71 0.52 1.71
C ILE B 822 13.56 0.73 0.73
N ASP B 823 12.46 0.02 0.92
CA ASP B 823 11.30 0.16 0.06
C ASP B 823 10.03 0.08 0.90
N ASN B 824 9.07 0.94 0.57
CA ASN B 824 7.79 0.97 1.27
C ASN B 824 6.62 0.69 0.31
N GLY B 825 6.91 0.09 -0.83
CA GLY B 825 5.89 -0.22 -1.81
C GLY B 825 5.25 0.95 -2.52
N GLY B 826 6.04 1.96 -2.87
CA GLY B 826 5.56 3.13 -3.57
C GLY B 826 5.57 2.98 -5.08
N ALA B 827 5.55 4.12 -5.77
CA ALA B 827 5.40 4.11 -7.23
C ALA B 827 6.67 3.66 -7.94
N PHE B 828 7.83 4.03 -7.43
CA PHE B 828 9.10 3.62 -8.00
C PHE B 828 9.92 2.95 -6.91
N SER B 829 10.83 2.07 -7.32
CA SER B 829 11.72 1.40 -6.38
C SER B 829 12.66 2.39 -5.74
N GLY B 830 12.75 2.39 -4.42
CA GLY B 830 13.71 3.25 -3.79
C GLY B 830 13.23 4.65 -3.53
N LEU B 831 13.51 5.56 -4.45
CA LEU B 831 13.19 6.97 -4.37
C LEU B 831 12.19 7.36 -5.45
N MET B 832 11.57 8.53 -5.28
CA MET B 832 10.58 9.04 -6.22
C MET B 832 10.61 10.56 -6.22
N VAL B 833 10.36 11.17 -7.39
CA VAL B 833 10.21 12.62 -7.47
C VAL B 833 8.91 12.97 -8.16
N ASP B 834 8.66 12.41 -9.33
CA ASP B 834 7.53 12.80 -10.18
C ASP B 834 6.36 11.85 -9.93
N ILE B 835 5.57 12.17 -8.90
CA ILE B 835 4.41 11.39 -8.51
C ILE B 835 3.25 12.33 -8.18
N GLN B 836 2.08 11.74 -7.94
CA GLN B 836 0.86 12.53 -7.79
C GLN B 836 0.66 13.09 -6.37
N ASP B 837 0.49 12.23 -5.38
CA ASP B 837 0.13 12.71 -4.03
C ASP B 837 0.70 11.76 -2.98
N VAL B 838 0.25 11.94 -1.73
CA VAL B 838 0.82 11.21 -0.61
C VAL B 838 0.50 9.73 -0.69
N GLN B 839 -0.69 9.38 -1.18
CA GLN B 839 -1.08 7.98 -1.27
C GLN B 839 -0.20 7.21 -2.26
N SER B 840 0.43 7.91 -3.20
CA SER B 840 1.32 7.23 -4.13
C SER B 840 2.71 7.00 -3.56
N GLU B 841 2.97 7.43 -2.33
CA GLU B 841 4.29 7.24 -1.74
C GLU B 841 4.50 5.85 -1.17
N GLY B 842 3.45 5.09 -0.91
CA GLY B 842 3.59 3.79 -0.29
C GLY B 842 2.52 3.49 0.73
N THR B 843 2.89 2.82 1.82
CA THR B 843 1.95 2.41 2.85
C THR B 843 1.93 3.44 3.98
N ILE B 844 0.74 3.77 4.47
CA ILE B 844 0.55 4.66 5.61
C ILE B 844 0.14 3.83 6.82
N PHE B 845 0.88 3.97 7.92
CA PHE B 845 0.54 3.36 9.19
C PHE B 845 0.04 4.46 10.11
N ARG B 846 -1.17 4.29 10.64
CA ARG B 846 -1.79 5.29 11.52
C ARG B 846 -2.08 4.63 12.87
N ALA B 847 -1.08 4.63 13.75
CA ALA B 847 -1.16 4.12 15.12
C ALA B 847 -1.62 2.67 15.16
N VAL B 848 -1.05 1.85 14.29
CA VAL B 848 -1.46 0.46 14.15
C VAL B 848 -0.79 -0.36 15.26
N LYS B 849 -1.58 -1.16 15.98
CA LYS B 849 -1.04 -2.00 17.04
C LYS B 849 -0.49 -3.29 16.45
N VAL B 850 0.78 -3.56 16.72
CA VAL B 850 1.42 -4.77 16.21
C VAL B 850 1.18 -5.97 17.13
N TYR B 851 1.20 -5.74 18.44
CA TYR B 851 1.00 -6.74 19.49
C TYR B 851 -0.16 -6.26 20.34
N GLU B 852 -1.31 -6.93 20.23
CA GLU B 852 -2.46 -6.61 21.07
C GLU B 852 -2.39 -7.40 22.37
N LYS B 853 -2.24 -6.70 23.48
CA LYS B 853 -2.15 -7.31 24.81
C LYS B 853 -1.01 -8.31 24.89
N GLY B 854 0.04 -8.05 24.12
CA GLY B 854 1.25 -8.81 24.17
C GLY B 854 1.32 -9.96 23.21
N VAL B 855 0.18 -10.41 22.69
CA VAL B 855 0.18 -11.53 21.77
C VAL B 855 0.38 -11.01 20.35
N ARG B 856 1.20 -11.72 19.60
CA ARG B 856 1.59 -11.30 18.27
C ARG B 856 0.42 -11.50 17.30
N GLN B 857 0.09 -10.46 16.55
CA GLN B 857 -0.91 -10.59 15.49
C GLN B 857 -0.19 -11.11 14.26
N GLU B 858 -0.25 -12.43 14.05
CA GLU B 858 0.47 -13.02 12.93
C GLU B 858 -0.08 -12.53 11.59
N SER B 859 -1.39 -12.38 11.48
CA SER B 859 -1.97 -12.01 10.20
C SER B 859 -1.66 -10.56 9.83
N LEU B 860 -1.59 -9.68 10.82
CA LEU B 860 -1.28 -8.28 10.53
C LEU B 860 0.17 -8.10 10.11
N ILE B 861 1.10 -8.73 10.81
CA ILE B 861 2.51 -8.60 10.47
C ILE B 861 2.78 -9.24 9.10
N ARG B 862 2.12 -10.36 8.82
CA ARG B 862 2.26 -10.98 7.51
C ARG B 862 1.69 -10.09 6.42
N HIS B 863 0.58 -9.39 6.68
CA HIS B 863 0.03 -8.52 5.64
C HIS B 863 0.95 -7.34 5.37
N ILE B 864 1.58 -6.78 6.41
CA ILE B 864 2.50 -5.68 6.21
C ILE B 864 3.70 -6.12 5.38
N LEU B 865 4.22 -7.32 5.64
CA LEU B 865 5.42 -7.76 4.93
C LEU B 865 5.16 -8.16 3.48
N ASN B 866 3.90 -8.29 3.06
CA ASN B 866 3.62 -8.62 1.68
C ASN B 866 3.59 -7.40 0.79
N ASN B 867 3.72 -6.20 1.33
CA ASN B 867 3.53 -4.99 0.56
C ASN B 867 4.80 -4.14 0.52
N THR B 868 5.93 -4.78 0.23
CA THR B 868 7.20 -4.10 0.06
C THR B 868 8.01 -4.89 -0.96
N ARG B 869 8.91 -4.20 -1.66
CA ARG B 869 9.78 -4.87 -2.61
C ARG B 869 10.95 -5.58 -1.95
N THR B 870 11.22 -5.29 -0.68
CA THR B 870 12.35 -5.84 0.06
C THR B 870 11.87 -6.41 1.40
N PRO B 871 11.16 -7.54 1.38
CA PRO B 871 10.54 -8.03 2.62
C PRO B 871 11.51 -8.56 3.66
N THR B 872 12.61 -9.18 3.24
CA THR B 872 13.59 -9.68 4.19
C THR B 872 14.23 -8.54 4.98
N SER B 873 14.64 -7.49 4.27
CA SER B 873 15.22 -6.32 4.91
C SER B 873 14.23 -5.63 5.84
N ASN B 874 12.98 -5.48 5.39
CA ASN B 874 11.98 -4.80 6.22
C ASN B 874 11.65 -5.58 7.48
N GLU B 875 11.57 -6.91 7.38
CA GLU B 875 11.34 -7.72 8.56
C GLU B 875 12.48 -7.61 9.54
N GLY B 876 13.72 -7.61 9.04
CA GLY B 876 14.86 -7.39 9.91
C GLY B 876 14.80 -6.06 10.63
N ASP B 877 14.40 -5.01 9.93
CA ASP B 877 14.32 -3.68 10.56
C ASP B 877 13.21 -3.63 11.62
N PHE B 878 12.06 -4.24 11.35
CA PHE B 878 11.01 -4.31 12.36
C PHE B 878 11.48 -5.04 13.61
N GLN B 879 12.18 -6.17 13.43
CA GLN B 879 12.70 -6.89 14.58
C GLN B 879 13.69 -6.05 15.38
N ALA B 880 14.58 -5.34 14.69
CA ALA B 880 15.55 -4.53 15.41
C ALA B 880 14.90 -3.35 16.14
N MET B 881 13.88 -2.72 15.55
CA MET B 881 13.19 -1.63 16.23
C MET B 881 12.43 -2.12 17.46
N ILE B 882 11.74 -3.26 17.34
CA ILE B 882 11.03 -3.82 18.48
C ILE B 882 12.00 -4.19 19.59
N ALA B 883 13.17 -4.71 19.22
CA ALA B 883 14.16 -5.07 20.23
C ALA B 883 14.71 -3.85 20.94
N ALA B 884 14.98 -2.76 20.22
CA ALA B 884 15.45 -1.56 20.90
C ALA B 884 14.38 -0.96 21.81
N CYS B 885 13.10 -1.00 21.41
CA CYS B 885 12.05 -0.50 22.28
C CYS B 885 11.85 -1.36 23.52
N ASP B 886 11.94 -2.69 23.37
CA ASP B 886 11.91 -3.57 24.53
C ASP B 886 13.04 -3.24 25.49
N LEU B 887 14.24 -3.02 24.95
CA LEU B 887 15.40 -2.71 25.77
C LEU B 887 15.22 -1.40 26.53
N ALA B 888 14.68 -0.38 25.86
CA ALA B 888 14.48 0.89 26.54
C ALA B 888 13.39 0.83 27.61
N LYS B 889 12.29 0.10 27.34
CA LYS B 889 11.28 -0.15 28.34
C LYS B 889 11.85 -0.84 29.58
N SER B 890 12.76 -1.80 29.38
CA SER B 890 13.42 -2.44 30.51
C SER B 890 14.23 -1.43 31.32
N ARG B 891 15.03 -0.60 30.64
CA ARG B 891 15.89 0.32 31.38
C ARG B 891 15.09 1.43 32.06
N TYR B 892 13.87 1.69 31.59
CA TYR B 892 13.03 2.70 32.24
C TYR B 892 12.36 2.13 33.49
N LEU B 893 11.78 0.95 33.36
CA LEU B 893 11.19 0.28 34.51
C LEU B 893 12.24 0.00 35.59
N ALA B 894 13.51 -0.09 35.22
CA ALA B 894 14.55 -0.29 36.23
C ALA B 894 14.62 0.89 37.20
N LEU B 895 14.55 2.12 36.72
CA LEU B 895 14.54 3.26 37.64
C LEU B 895 13.17 3.52 38.25
N VAL B 896 12.08 3.09 37.59
CA VAL B 896 10.77 3.16 38.23
C VAL B 896 10.71 2.25 39.45
N GLU B 897 11.37 1.11 39.39
CA GLU B 897 11.48 0.26 40.58
C GLU B 897 12.54 0.77 41.55
N ARG B 898 13.64 1.33 41.05
CA ARG B 898 14.71 1.73 41.95
C ARG B 898 14.35 3.00 42.71
N TYR B 899 14.01 4.06 42.00
CA TYR B 899 13.49 5.29 42.58
C TYR B 899 11.99 5.34 42.35
N GLY B 900 11.35 6.36 42.88
CA GLY B 900 9.92 6.46 42.72
C GLY B 900 9.51 6.79 41.29
N ARG B 901 8.29 6.38 40.93
CA ARG B 901 7.76 6.75 39.61
C ARG B 901 7.50 8.25 39.54
N ASP B 902 7.14 8.87 40.65
CA ASP B 902 7.08 10.33 40.68
C ASP B 902 8.45 10.94 40.47
N SER B 903 9.50 10.29 40.98
CA SER B 903 10.84 10.82 40.78
C SER B 903 11.27 10.72 39.32
N VAL B 904 10.85 9.67 38.63
CA VAL B 904 11.18 9.55 37.22
C VAL B 904 10.42 10.59 36.38
N ARG B 905 9.14 10.81 36.70
CA ARG B 905 8.37 11.85 36.01
C ARG B 905 8.96 13.24 36.24
N ASP B 906 9.33 13.55 37.48
CA ASP B 906 9.92 14.83 37.81
C ASP B 906 11.28 15.02 37.15
N ALA B 907 12.11 13.98 37.13
CA ALA B 907 13.43 14.12 36.54
C ALA B 907 13.33 14.35 35.04
N GLY B 908 12.36 13.71 34.39
CA GLY B 908 12.12 14.03 33.00
C GLY B 908 11.64 15.44 32.78
N GLN B 909 10.89 16.01 33.73
CA GLN B 909 10.45 17.39 33.56
C GLN B 909 11.58 18.39 33.75
N PHE B 910 12.59 18.07 34.57
CA PHE B 910 13.67 19.03 34.83
C PHE B 910 14.48 19.35 33.56
N TRP B 911 14.73 18.35 32.74
CA TRP B 911 15.62 18.56 31.60
C TRP B 911 14.96 19.36 30.49
N ILE B 912 13.63 19.33 30.39
CA ILE B 912 12.91 20.14 29.42
C ILE B 912 13.20 21.63 29.65
N ASP B 913 13.05 22.10 30.89
CA ASP B 913 13.30 23.52 31.14
C ASP B 913 14.77 23.86 31.13
N TYR B 914 15.65 22.90 31.42
CA TYR B 914 17.07 23.19 31.20
C TYR B 914 17.35 23.49 29.72
N SER B 915 16.86 22.65 28.82
CA SER B 915 17.09 22.90 27.39
C SER B 915 16.49 24.22 26.94
N GLU B 916 15.26 24.51 27.38
CA GLU B 916 14.61 25.76 26.97
C GLU B 916 15.38 26.98 27.46
N ARG B 917 15.83 26.95 28.72
CA ARG B 917 16.59 28.06 29.27
C ARG B 917 17.85 28.31 28.46
N MET B 918 18.57 27.24 28.13
CA MET B 918 19.83 27.39 27.41
C MET B 918 19.63 27.95 26.01
N LEU B 919 18.59 27.50 25.29
CA LEU B 919 18.39 28.07 23.95
C LEU B 919 17.93 29.54 24.00
N ARG B 920 17.04 29.87 24.94
CA ARG B 920 16.52 31.24 24.96
C ARG B 920 17.59 32.25 25.33
N GLN B 921 18.53 31.86 26.20
CA GLN B 921 19.63 32.77 26.54
C GLN B 921 20.44 33.16 25.31
N GLU B 922 20.55 32.26 24.33
CA GLU B 922 21.31 32.57 23.13
C GLU B 922 20.51 33.37 22.12
N ILE B 923 19.23 33.05 21.94
CA ILE B 923 18.42 33.85 21.02
C ILE B 923 18.26 35.28 21.52
N ALA B 924 18.31 35.50 22.83
CA ALA B 924 18.10 36.85 23.35
C ALA B 924 19.27 37.80 23.11
N LYS B 925 20.42 37.33 22.65
CA LYS B 925 21.58 38.21 22.56
C LYS B 925 21.71 38.90 21.21
N ILE B 926 20.96 38.47 20.21
CA ILE B 926 20.90 39.13 18.90
C ILE B 926 20.23 40.48 19.03
N PRO B 927 20.64 41.50 18.26
CA PRO B 927 19.78 42.69 18.12
C PRO B 927 18.46 42.33 17.46
N ASP B 928 17.38 42.90 17.97
CA ASP B 928 16.06 42.63 17.42
C ASP B 928 15.93 43.19 16.02
N GLY B 929 15.20 42.51 15.16
CA GLY B 929 15.00 43.07 13.85
C GLY B 929 14.49 42.08 12.83
N VAL B 930 14.42 42.56 11.59
CA VAL B 930 13.97 41.81 10.43
C VAL B 930 15.13 41.71 9.45
N TYR B 931 15.48 40.47 9.08
CA TYR B 931 16.65 40.22 8.25
C TYR B 931 16.21 39.47 7.01
N GLU B 932 16.53 40.02 5.84
CA GLU B 932 16.11 39.40 4.58
C GLU B 932 17.31 39.25 3.65
N THR B 933 17.04 38.66 2.48
CA THR B 933 18.07 38.34 1.50
C THR B 933 17.45 38.22 0.13
N GLU B 934 18.27 37.87 -0.85
CA GLU B 934 17.78 37.71 -2.22
C GLU B 934 16.96 36.44 -2.35
N THR B 935 16.05 36.45 -3.33
CA THR B 935 15.16 35.33 -3.58
C THR B 935 15.93 34.18 -4.20
N GLY B 936 15.98 33.04 -3.51
CA GLY B 936 16.61 31.87 -4.07
C GLY B 936 15.72 31.19 -5.07
N TYR B 937 16.31 30.40 -5.94
CA TYR B 937 15.54 29.70 -6.97
C TYR B 937 15.92 28.24 -7.01
N LEU B 938 14.95 27.41 -7.33
CA LEU B 938 15.15 26.00 -7.58
C LEU B 938 14.86 25.72 -9.05
N ASP B 939 15.54 24.71 -9.59
CA ASP B 939 15.53 24.42 -11.02
C ASP B 939 14.13 24.21 -11.60
N ASP B 940 13.45 23.16 -11.19
CA ASP B 940 12.11 22.85 -11.67
C ASP B 940 11.35 22.19 -10.53
N ASP B 941 10.14 21.73 -10.84
CA ASP B 941 9.43 20.89 -9.88
C ASP B 941 9.69 19.42 -10.17
N GLY B 942 9.96 19.07 -11.41
CA GLY B 942 10.23 17.70 -11.73
C GLY B 942 9.60 17.27 -13.04
N ARG B 943 8.46 17.85 -13.39
CA ARG B 943 7.83 17.53 -14.67
C ARG B 943 7.84 18.71 -15.63
N ASN B 944 7.61 19.92 -15.13
CA ASN B 944 7.53 21.12 -15.96
C ASN B 944 8.91 21.74 -16.02
N TYR B 945 9.72 21.28 -16.97
CA TYR B 945 11.08 21.76 -17.04
C TYR B 945 11.13 23.20 -17.53
N GLY B 946 12.11 23.95 -17.03
CA GLY B 946 12.31 25.33 -17.41
C GLY B 946 11.65 26.35 -16.53
N LYS B 947 10.78 25.96 -15.62
CA LYS B 947 10.06 26.88 -14.74
C LYS B 947 10.65 26.83 -13.34
N LYS B 948 11.35 27.89 -12.97
CA LYS B 948 12.02 27.98 -11.68
C LYS B 948 11.01 28.18 -10.54
N LEU B 949 11.46 27.91 -9.32
CA LEU B 949 10.60 28.04 -8.14
C LEU B 949 11.28 28.91 -7.10
N PRO B 950 10.65 30.00 -6.66
CA PRO B 950 11.30 30.90 -5.72
C PRO B 950 11.22 30.41 -4.28
N ILE B 951 12.16 30.88 -3.47
CA ILE B 951 12.19 30.64 -2.04
C ILE B 951 12.62 31.94 -1.39
N VAL B 952 11.78 32.48 -0.52
CA VAL B 952 12.08 33.69 0.24
C VAL B 952 12.13 33.30 1.71
N VAL B 953 13.22 33.66 2.37
CA VAL B 953 13.39 33.42 3.79
C VAL B 953 13.62 34.78 4.43
N LYS B 954 12.77 35.12 5.38
CA LYS B 954 12.92 36.30 6.22
C LYS B 954 13.00 35.81 7.65
N VAL B 955 13.87 36.39 8.46
CA VAL B 955 13.99 35.95 9.85
C VAL B 955 13.77 37.15 10.76
N ILE B 956 12.96 36.94 11.80
CA ILE B 956 12.58 38.00 12.73
C ILE B 956 13.03 37.59 14.13
N VAL B 957 13.72 38.48 14.82
CA VAL B 957 14.12 38.23 16.20
C VAL B 957 13.52 39.30 17.10
N GLU B 958 12.74 38.86 18.10
CA GLU B 958 12.10 39.72 19.08
C GLU B 958 12.22 39.09 20.46
N GLY B 959 12.96 39.73 21.36
CA GLY B 959 13.14 39.21 22.70
C GLY B 959 13.99 37.96 22.74
N ASP B 960 13.50 36.91 23.37
CA ASP B 960 14.15 35.59 23.38
C ASP B 960 13.37 34.60 22.52
N GLU B 961 12.89 35.06 21.38
CA GLU B 961 12.09 34.26 20.47
C GLU B 961 12.57 34.53 19.06
N ILE B 962 12.53 33.53 18.18
CA ILE B 962 12.98 33.69 16.81
C ILE B 962 11.96 33.07 15.87
N THR B 963 11.71 33.74 14.76
CA THR B 963 10.65 33.38 13.83
C THR B 963 11.20 33.32 12.42
N TYR B 964 10.84 32.27 11.69
CA TYR B 964 11.29 32.13 10.32
C TYR B 964 10.07 32.26 9.40
N ASP B 965 9.98 33.39 8.71
CA ASP B 965 8.84 33.69 7.87
C ASP B 965 9.19 33.36 6.43
N LEU B 966 8.45 32.45 5.84
CA LEU B 966 8.71 31.97 4.49
C LEU B 966 7.68 32.54 3.52
N THR B 967 7.22 33.76 3.79
CA THR B 967 6.26 34.41 2.91
C THR B 967 6.95 34.83 1.63
N GLY B 968 6.29 34.58 0.50
CA GLY B 968 6.89 34.81 -0.80
C GLY B 968 7.54 33.60 -1.42
N SER B 969 7.60 32.48 -0.70
CA SER B 969 8.07 31.25 -1.28
C SER B 969 7.03 30.69 -2.24
N SER B 970 7.47 29.73 -3.05
CA SER B 970 6.66 29.13 -4.10
C SER B 970 5.37 28.55 -3.55
N GLU B 971 4.37 28.41 -4.40
CA GLU B 971 3.16 27.69 -4.04
C GLU B 971 3.38 26.20 -4.29
N GLN B 972 2.42 25.40 -3.85
CA GLN B 972 2.47 23.95 -3.98
C GLN B 972 2.75 23.53 -5.41
N VAL B 973 3.77 22.69 -5.59
CA VAL B 973 4.01 22.09 -6.90
C VAL B 973 3.29 20.74 -6.92
N PRO B 974 2.86 20.26 -8.07
CA PRO B 974 2.07 19.02 -8.09
C PRO B 974 2.90 17.75 -8.09
N THR B 975 4.17 17.83 -7.72
CA THR B 975 5.05 16.68 -7.60
C THR B 975 5.28 16.39 -6.11
N ALA B 976 6.16 15.44 -5.82
CA ALA B 976 6.54 15.14 -4.45
C ALA B 976 7.55 16.10 -3.91
N TYR B 977 7.75 17.22 -4.59
CA TYR B 977 8.81 18.16 -4.28
C TYR B 977 8.31 19.22 -3.29
N ASN B 978 7.76 18.73 -2.17
CA ASN B 978 7.19 19.54 -1.10
C ASN B 978 7.73 19.05 0.24
N CYS B 979 7.54 19.85 1.29
CA CYS B 979 8.10 19.58 2.61
C CYS B 979 6.98 19.55 3.65
N ALA B 980 7.00 18.53 4.50
CA ALA B 980 6.00 18.42 5.57
C ALA B 980 6.26 19.48 6.62
N PHE B 981 5.21 20.10 7.15
CA PHE B 981 5.42 21.26 8.01
C PHE B 981 5.96 20.86 9.37
N GLU B 982 5.23 20.05 10.11
CA GLU B 982 5.72 19.52 11.37
C GLU B 982 6.45 18.21 11.05
N GLY B 983 7.74 18.18 11.33
CA GLY B 983 8.50 16.99 11.02
C GLY B 983 9.64 17.24 10.06
N THR B 984 9.43 18.08 9.05
CA THR B 984 10.49 18.46 8.13
C THR B 984 10.80 19.95 8.20
N THR B 985 9.81 20.81 7.98
CA THR B 985 10.07 22.25 7.97
C THR B 985 10.44 22.74 9.37
N VAL B 986 9.62 22.41 10.36
CA VAL B 986 9.94 22.81 11.73
C VAL B 986 11.18 22.09 12.21
N SER B 987 11.38 20.84 11.80
CA SER B 987 12.57 20.11 12.19
C SER B 987 13.83 20.75 11.63
N ALA B 988 13.80 21.13 10.35
CA ALA B 988 14.97 21.74 9.73
C ALA B 988 15.29 23.08 10.32
N PHE B 989 14.27 23.88 10.66
CA PHE B 989 14.62 25.16 11.25
C PHE B 989 14.97 25.06 12.74
N THR B 990 14.48 24.03 13.44
CA THR B 990 15.00 23.70 14.76
C THR B 990 16.46 23.30 14.68
N PHE B 991 16.81 22.50 13.67
CA PHE B 991 18.20 22.09 13.50
C PHE B 991 19.11 23.26 13.19
N ILE B 992 18.69 24.16 12.30
CA ILE B 992 19.57 25.28 11.97
C ILE B 992 19.66 26.24 13.14
N THR B 993 18.59 26.35 13.95
CA THR B 993 18.69 27.11 15.19
C THR B 993 19.71 26.49 16.14
N ARG B 994 19.66 25.17 16.30
CA ARG B 994 20.59 24.49 17.19
C ARG B 994 22.03 24.66 16.71
N MET B 995 22.25 24.57 15.40
CA MET B 995 23.60 24.70 14.87
C MET B 995 24.11 26.14 14.97
N MET B 996 23.22 27.13 14.82
CA MET B 996 23.69 28.50 14.89
C MET B 996 23.94 28.97 16.31
N PHE B 997 23.19 28.48 17.30
CA PHE B 997 23.33 28.99 18.66
C PHE B 997 23.95 28.00 19.64
N LEU B 998 23.88 26.71 19.38
CA LEU B 998 24.28 25.67 20.32
C LEU B 998 25.26 24.73 19.60
N ASP B 999 26.32 25.30 19.05
CA ASP B 999 27.28 24.53 18.26
C ASP B 999 28.11 23.60 19.13
N GLU B 1000 28.33 22.37 18.63
CA GLU B 1000 29.09 21.38 19.38
C GLU B 1000 30.55 21.76 19.59
N VAL B 1001 31.14 22.54 18.70
CA VAL B 1001 32.54 22.89 18.85
C VAL B 1001 32.73 24.16 19.66
N ALA B 1002 32.03 25.23 19.30
CA ALA B 1002 32.27 26.52 19.96
C ALA B 1002 31.61 26.59 21.33
N PHE B 1003 30.34 26.18 21.44
CA PHE B 1003 29.61 26.26 22.70
C PHE B 1003 30.22 25.30 23.72
N PRO B 1004 30.34 25.72 24.98
CA PRO B 1004 31.11 24.90 25.94
C PRO B 1004 30.49 23.56 26.27
N VAL B 1005 29.18 23.50 26.43
CA VAL B 1005 28.52 22.29 26.91
C VAL B 1005 27.65 21.71 25.82
N PHE B 1006 27.30 20.45 26.00
CA PHE B 1006 26.43 19.74 25.07
C PHE B 1006 25.02 19.74 25.69
N VAL B 1007 24.07 20.32 24.98
CA VAL B 1007 22.70 20.44 25.46
C VAL B 1007 21.90 19.29 24.88
N PRO B 1008 21.27 18.46 25.71
CA PRO B 1008 20.52 17.32 25.18
C PRO B 1008 19.30 17.74 24.39
N GLN B 1009 18.89 16.87 23.48
CA GLN B 1009 17.73 17.13 22.65
C GLN B 1009 16.49 16.61 23.35
N ASN B 1010 15.66 17.52 23.86
CA ASN B 1010 14.34 17.19 24.37
C ASN B 1010 13.41 18.35 24.04
N GLU B 1011 12.22 18.35 24.64
CA GLU B 1011 11.17 19.28 24.23
C GLU B 1011 11.53 20.73 24.51
N GLY B 1012 12.56 20.99 25.31
CA GLY B 1012 12.94 22.36 25.58
C GLY B 1012 13.61 23.05 24.42
N MET B 1013 14.23 22.30 23.53
CA MET B 1013 14.80 22.90 22.32
C MET B 1013 13.75 23.27 21.30
N LEU B 1014 12.59 22.61 21.33
CA LEU B 1014 11.60 22.79 20.27
C LEU B 1014 10.75 24.03 20.48
N LYS B 1015 10.63 24.52 21.70
CA LYS B 1015 9.69 25.61 21.96
C LYS B 1015 10.16 27.04 21.61
N PRO B 1016 11.45 27.43 21.77
CA PRO B 1016 11.78 28.85 21.64
C PRO B 1016 11.81 29.40 20.23
N LEU B 1017 11.34 28.66 19.23
CA LEU B 1017 11.34 29.14 17.86
C LEU B 1017 10.02 28.80 17.20
N LYS B 1018 9.63 29.61 16.22
CA LYS B 1018 8.40 29.37 15.48
C LYS B 1018 8.62 29.65 14.01
N VAL B 1019 7.93 28.89 13.16
CA VAL B 1019 8.05 29.01 11.73
C VAL B 1019 6.70 29.43 11.17
N ILE B 1020 6.67 30.59 10.49
CA ILE B 1020 5.47 31.08 9.85
C ILE B 1020 5.54 30.72 8.38
N ALA B 1021 4.67 29.85 7.94
CA ALA B 1021 4.67 29.50 6.54
C ALA B 1021 3.23 29.41 6.07
N PRO B 1022 2.81 30.27 5.14
CA PRO B 1022 1.40 30.28 4.72
C PRO B 1022 0.94 28.92 4.24
N LYS B 1023 -0.29 28.58 4.60
CA LYS B 1023 -0.87 27.32 4.22
C LYS B 1023 -0.98 27.28 2.71
N GLY B 1024 -0.51 26.20 2.09
CA GLY B 1024 -0.54 26.07 0.65
C GLY B 1024 0.73 26.43 -0.07
N THR B 1025 1.85 26.61 0.64
CA THR B 1025 3.13 26.82 0.00
C THR B 1025 3.87 25.49 -0.14
N ILE B 1026 5.12 25.53 -0.60
CA ILE B 1026 5.90 24.31 -0.65
C ILE B 1026 6.34 23.88 0.74
N PHE B 1027 6.43 24.82 1.68
CA PHE B 1027 6.92 24.50 3.00
C PHE B 1027 5.81 24.18 3.99
N ASN B 1028 4.55 24.39 3.64
CA ASN B 1028 3.42 24.08 4.52
C ASN B 1028 2.23 23.72 3.63
N PRO B 1029 2.28 22.58 2.97
CA PRO B 1029 1.29 22.29 1.93
C PRO B 1029 -0.04 21.84 2.51
N ASN B 1030 -1.04 21.91 1.65
CA ASN B 1030 -2.36 21.37 1.97
C ASN B 1030 -2.40 19.89 1.60
N TYR B 1031 -3.02 19.11 2.45
CA TYR B 1031 -3.33 17.73 2.12
C TYR B 1031 -4.18 17.71 0.84
N PRO B 1032 -3.93 16.79 -0.08
CA PRO B 1032 -3.03 15.64 -0.05
C PRO B 1032 -1.69 15.76 -0.78
N ALA B 1033 -0.95 16.86 -0.71
CA ALA B 1033 0.30 16.98 -1.44
C ALA B 1033 1.36 16.01 -0.92
N ALA B 1034 2.12 15.43 -1.84
CA ALA B 1034 3.17 14.49 -1.49
C ALA B 1034 4.40 15.21 -0.97
N THR B 1035 5.03 14.63 0.05
CA THR B 1035 6.19 15.23 0.68
C THR B 1035 7.36 14.26 0.73
N PHE B 1036 7.47 13.37 -0.26
CA PHE B 1036 8.53 12.36 -0.27
C PHE B 1036 9.91 13.00 -0.46
N SER B 1037 10.05 13.84 -1.47
CA SER B 1037 11.36 14.44 -1.79
C SER B 1037 11.40 15.81 -1.14
N ARG B 1038 11.93 15.88 0.06
CA ARG B 1038 11.87 17.09 0.86
C ARG B 1038 13.23 17.68 1.17
N PHE B 1039 14.33 17.03 0.79
CA PHE B 1039 15.62 17.35 1.37
C PHE B 1039 16.23 18.61 0.75
N SER B 1040 16.20 18.71 -0.58
CA SER B 1040 16.87 19.83 -1.24
C SER B 1040 16.20 21.16 -0.93
N GLN B 1041 14.87 21.17 -0.80
CA GLN B 1041 14.17 22.41 -0.50
C GLN B 1041 14.57 22.98 0.85
N VAL B 1042 14.59 22.13 1.89
CA VAL B 1042 14.95 22.65 3.20
C VAL B 1042 16.43 22.91 3.27
N GLN B 1043 17.25 22.23 2.46
CA GLN B 1043 18.65 22.58 2.38
C GLN B 1043 18.83 24.02 1.89
N ARG B 1044 18.22 24.34 0.75
CA ARG B 1044 18.30 25.71 0.23
C ARG B 1044 17.65 26.71 1.17
N ALA B 1045 16.56 26.33 1.84
CA ALA B 1045 15.89 27.25 2.76
C ALA B 1045 16.77 27.60 3.95
N VAL B 1046 17.43 26.61 4.56
CA VAL B 1046 18.29 26.94 5.69
C VAL B 1046 19.59 27.59 5.24
N ASP B 1047 20.04 27.36 4.00
CA ASP B 1047 21.19 28.12 3.51
C ASP B 1047 20.84 29.57 3.24
N LEU B 1048 19.64 29.84 2.74
CA LEU B 1048 19.18 31.22 2.62
C LEU B 1048 19.00 31.86 3.97
N ALA B 1049 18.56 31.10 4.96
CA ALA B 1049 18.50 31.60 6.32
C ALA B 1049 19.89 31.95 6.84
N LEU B 1050 20.91 31.25 6.37
CA LEU B 1050 22.28 31.60 6.76
C LEU B 1050 22.76 32.88 6.07
N ARG B 1051 22.40 33.07 4.79
CA ARG B 1051 22.78 34.31 4.11
C ARG B 1051 22.03 35.51 4.68
N ALA B 1052 20.79 35.32 5.11
CA ALA B 1052 20.01 36.42 5.70
C ALA B 1052 20.66 36.93 6.98
N LEU B 1053 21.17 36.02 7.81
CA LEU B 1053 21.74 36.40 9.09
C LEU B 1053 23.23 36.65 9.02
N ALA B 1054 23.84 36.49 7.86
CA ALA B 1054 25.28 36.75 7.71
C ALA B 1054 25.70 38.17 8.10
N PRO B 1055 24.95 39.23 7.79
CA PRO B 1055 25.40 40.56 8.23
C PRO B 1055 25.54 40.74 9.74
N VAL B 1056 24.69 40.11 10.54
CA VAL B 1056 24.70 40.37 11.97
C VAL B 1056 25.51 39.32 12.72
N MET B 1057 25.54 38.07 12.24
CA MET B 1057 26.34 37.00 12.84
C MET B 1057 27.21 36.35 11.77
N PRO B 1058 28.34 36.97 11.43
CA PRO B 1058 29.28 36.32 10.51
C PRO B 1058 30.04 35.16 11.12
N GLU B 1059 30.42 35.25 12.39
CA GLU B 1059 31.32 34.29 12.99
C GLU B 1059 30.69 32.92 13.23
N ARG B 1060 29.37 32.79 13.10
CA ARG B 1060 28.70 31.53 13.37
C ARG B 1060 27.93 31.04 12.15
N VAL B 1061 28.31 31.49 10.96
CA VAL B 1061 27.69 31.07 9.72
C VAL B 1061 28.78 30.62 8.75
N THR B 1062 28.35 30.15 7.58
CA THR B 1062 29.24 29.77 6.49
C THR B 1062 28.78 30.44 5.20
N ALA B 1063 29.70 30.54 4.25
CA ALA B 1063 29.36 31.04 2.92
C ALA B 1063 28.50 30.00 2.18
N GLY B 1064 28.21 30.29 0.93
CA GLY B 1064 27.26 29.47 0.20
C GLY B 1064 27.64 28.02 0.08
N ASN B 1065 27.00 27.19 0.89
CA ASN B 1065 27.21 25.76 0.86
C ASN B 1065 26.54 25.17 -0.36
N SER B 1066 26.94 23.95 -0.72
CA SER B 1066 26.28 23.31 -1.84
C SER B 1066 24.81 23.10 -1.57
N ALA B 1067 24.44 22.90 -0.31
CA ALA B 1067 23.05 22.90 0.17
C ALA B 1067 22.14 22.10 -0.73
N HIS B 1068 22.61 20.92 -1.11
CA HIS B 1068 21.91 20.13 -2.10
C HIS B 1068 21.98 18.67 -1.69
N ILE B 1069 21.43 17.80 -2.52
CA ILE B 1069 21.76 16.39 -2.48
C ILE B 1069 21.59 15.84 -3.89
N HIS B 1070 22.37 14.81 -4.21
CA HIS B 1070 22.10 13.95 -5.35
C HIS B 1070 21.77 12.56 -4.82
N PHE B 1071 20.52 12.39 -4.45
CA PHE B 1071 20.06 11.14 -3.85
C PHE B 1071 19.65 10.21 -4.98
N MET B 1072 20.44 9.17 -5.22
CA MET B 1072 20.27 8.29 -6.37
C MET B 1072 19.70 6.95 -5.96
N SER B 1073 18.97 6.35 -6.87
CA SER B 1073 18.46 5.00 -6.72
C SER B 1073 18.79 4.25 -8.00
N TYR B 1074 19.64 3.24 -7.90
CA TYR B 1074 19.88 2.31 -9.00
C TYR B 1074 19.22 0.99 -8.65
N SER B 1075 18.44 0.45 -9.57
CA SER B 1075 17.74 -0.77 -9.20
C SER B 1075 17.58 -1.66 -10.42
N GLY B 1076 17.32 -2.92 -10.13
CA GLY B 1076 17.11 -3.92 -11.17
C GLY B 1076 16.62 -5.20 -10.56
N TRP B 1077 16.26 -6.13 -11.43
CA TRP B 1077 15.71 -7.42 -11.02
C TRP B 1077 16.78 -8.49 -11.19
N ASP B 1078 17.05 -9.24 -10.12
CA ASP B 1078 18.03 -10.32 -10.16
C ASP B 1078 17.29 -11.63 -10.42
N GLU B 1079 17.54 -12.23 -11.59
CA GLU B 1079 16.79 -13.42 -11.98
C GLU B 1079 17.12 -14.62 -11.11
N LYS B 1080 18.40 -14.80 -10.77
CA LYS B 1080 18.80 -16.00 -10.03
C LYS B 1080 18.25 -15.97 -8.62
N GLN B 1081 18.34 -14.84 -7.93
CA GLN B 1081 17.81 -14.74 -6.58
C GLN B 1081 16.30 -14.59 -6.55
N GLY B 1082 15.70 -14.14 -7.65
CA GLY B 1082 14.28 -13.87 -7.65
C GLY B 1082 13.85 -12.71 -6.78
N GLU B 1083 14.62 -11.62 -6.78
CA GLU B 1083 14.29 -10.45 -5.97
C GLU B 1083 14.87 -9.20 -6.61
N TYR B 1084 14.39 -8.06 -6.15
CA TYR B 1084 14.96 -6.78 -6.55
C TYR B 1084 16.30 -6.57 -5.87
N TRP B 1085 17.26 -6.03 -6.59
CA TRP B 1085 18.41 -5.39 -5.98
C TRP B 1085 18.24 -3.89 -6.14
N VAL B 1086 18.34 -3.17 -5.03
CA VAL B 1086 18.25 -1.71 -5.06
C VAL B 1086 19.41 -1.15 -4.26
N TYR B 1087 20.13 -0.22 -4.87
CA TYR B 1087 21.26 0.45 -4.25
C TYR B 1087 20.93 1.93 -4.17
N LEU B 1088 20.93 2.47 -2.97
CA LEU B 1088 20.54 3.85 -2.72
C LEU B 1088 21.79 4.64 -2.34
N GLU B 1089 22.16 5.58 -3.18
CA GLU B 1089 23.42 6.29 -3.04
C GLU B 1089 23.16 7.73 -2.60
N VAL B 1090 23.93 8.20 -1.64
CA VAL B 1090 23.87 9.58 -1.20
C VAL B 1090 25.20 10.22 -1.58
N ASN B 1091 25.20 11.02 -2.64
CA ASN B 1091 26.43 11.67 -3.05
C ASN B 1091 26.66 12.91 -2.21
N GLU B 1092 27.85 13.02 -1.64
CA GLU B 1092 28.16 14.17 -0.80
C GLU B 1092 28.31 15.42 -1.65
N GLY B 1093 28.05 16.56 -1.02
CA GLY B 1093 28.25 17.82 -1.70
C GLY B 1093 29.58 18.42 -1.35
N SER B 1094 29.56 19.66 -0.86
CA SER B 1094 30.75 20.31 -0.33
C SER B 1094 30.28 21.47 0.53
N TYR B 1095 31.21 21.98 1.33
CA TYR B 1095 30.91 23.07 2.24
C TYR B 1095 31.23 24.41 1.58
N GLY B 1096 30.64 25.45 2.14
CA GLY B 1096 30.98 26.78 1.72
C GLY B 1096 32.28 27.11 2.37
N ALA B 1097 32.38 28.26 3.00
CA ALA B 1097 33.62 28.62 3.64
C ALA B 1097 33.28 29.43 4.87
N ARG B 1098 34.21 29.50 5.80
CA ARG B 1098 33.98 30.15 7.07
C ARG B 1098 35.01 31.25 7.24
N GLN B 1099 34.72 32.20 8.13
CA GLN B 1099 35.61 33.34 8.21
C GLN B 1099 36.86 33.07 9.02
N ASP B 1100 36.98 31.90 9.64
CA ASP B 1100 38.18 31.54 10.37
C ASP B 1100 38.89 30.31 9.82
N SER B 1101 38.25 29.55 8.95
CA SER B 1101 38.87 28.37 8.35
C SER B 1101 38.20 28.08 7.02
N ASP B 1102 38.94 27.42 6.14
CA ASP B 1102 38.44 27.13 4.81
C ASP B 1102 37.36 26.06 4.87
N GLY B 1103 36.79 25.76 3.72
CA GLY B 1103 35.67 24.85 3.65
C GLY B 1103 36.06 23.48 3.20
N PRO B 1104 35.71 22.46 3.98
CA PRO B 1104 36.08 21.09 3.61
C PRO B 1104 35.38 20.62 2.36
N ASP B 1105 36.15 19.99 1.49
CA ASP B 1105 35.65 19.41 0.26
C ASP B 1105 34.98 18.08 0.56
N SER B 1106 34.23 17.59 -0.43
CA SER B 1106 33.75 16.22 -0.50
C SER B 1106 33.26 15.67 0.83
N VAL B 1107 32.20 16.25 1.38
CA VAL B 1107 31.66 15.79 2.65
C VAL B 1107 30.18 16.13 2.68
N ASP B 1108 29.39 15.31 3.37
CA ASP B 1108 27.96 15.54 3.47
C ASP B 1108 27.67 16.86 4.16
N ASN B 1109 26.73 17.61 3.62
CA ASN B 1109 26.59 19.02 3.93
C ASN B 1109 25.31 19.27 4.72
N LEU B 1110 25.44 20.07 5.78
CA LEU B 1110 24.34 20.63 6.55
C LEU B 1110 23.43 19.57 7.17
N ILE B 1111 22.31 19.27 6.54
CA ILE B 1111 21.34 18.39 7.19
C ILE B 1111 21.74 16.91 7.04
N ALA B 1112 22.55 16.58 6.05
CA ALA B 1112 22.99 15.20 5.87
C ALA B 1112 24.29 14.95 6.62
N ASN B 1113 24.43 13.75 7.19
CA ASN B 1113 25.70 13.30 7.75
C ASN B 1113 25.90 11.80 7.49
N THR B 1114 25.70 11.36 6.25
CA THR B 1114 25.74 9.95 5.89
C THR B 1114 27.17 9.45 5.61
N ARG B 1115 27.30 8.14 5.53
CA ARG B 1115 28.52 7.45 5.11
C ARG B 1115 28.32 6.83 3.75
N ASN B 1116 29.37 6.77 2.94
CA ASN B 1116 29.23 6.07 1.68
C ASN B 1116 29.43 4.56 1.87
N ASN B 1117 28.98 3.81 0.90
CA ASN B 1117 29.33 2.40 0.85
C ASN B 1117 30.69 2.24 0.19
N PRO B 1118 31.58 1.39 0.71
CA PRO B 1118 32.87 1.19 0.05
C PRO B 1118 32.72 0.58 -1.34
N ILE B 1119 33.67 0.92 -2.22
CA ILE B 1119 33.58 0.52 -3.62
C ILE B 1119 33.68 -0.99 -3.76
N GLU B 1120 34.60 -1.61 -3.02
CA GLU B 1120 34.82 -3.05 -3.16
C GLU B 1120 33.62 -3.84 -2.65
N GLU B 1121 32.99 -3.36 -1.57
CA GLU B 1121 31.69 -3.88 -1.13
C GLU B 1121 30.67 -3.86 -2.26
N LEU B 1122 30.53 -2.70 -2.89
CA LEU B 1122 29.53 -2.53 -3.95
C LEU B 1122 29.78 -3.47 -5.10
N GLU B 1123 31.04 -3.62 -5.51
CA GLU B 1123 31.32 -4.47 -6.65
C GLU B 1123 31.17 -5.94 -6.31
N TRP B 1124 31.28 -6.30 -5.04
CA TRP B 1124 30.92 -7.67 -4.66
C TRP B 1124 29.41 -7.90 -4.69
N ARG B 1125 28.61 -6.94 -4.23
CA ARG B 1125 27.19 -7.23 -4.10
C ARG B 1125 26.31 -6.63 -5.18
N PHE B 1126 26.79 -5.71 -6.01
CA PHE B 1126 25.91 -5.17 -7.04
C PHE B 1126 26.56 -5.28 -8.42
N PRO B 1127 25.76 -5.34 -9.51
CA PRO B 1127 26.33 -5.43 -10.87
C PRO B 1127 26.76 -4.08 -11.44
N MET B 1128 27.81 -3.51 -10.87
CA MET B 1128 28.28 -2.22 -11.31
C MET B 1128 29.78 -2.14 -11.10
N ARG B 1129 30.37 -1.05 -11.57
CA ARG B 1129 31.80 -0.82 -11.42
C ARG B 1129 32.03 0.68 -11.36
N THR B 1130 32.38 1.19 -10.20
CA THR B 1130 32.70 2.60 -10.13
C THR B 1130 34.02 2.85 -10.85
N ASP B 1131 33.93 3.53 -11.99
CA ASP B 1131 35.10 3.76 -12.82
C ASP B 1131 35.83 5.03 -12.47
N ARG B 1132 35.23 5.92 -11.69
CA ARG B 1132 35.94 7.13 -11.28
C ARG B 1132 35.34 7.67 -10.00
N TYR B 1133 36.19 8.09 -9.06
CA TYR B 1133 35.71 8.68 -7.82
C TYR B 1133 36.79 9.66 -7.36
N GLU B 1134 36.66 10.92 -7.75
CA GLU B 1134 37.76 11.87 -7.67
C GLU B 1134 37.21 13.26 -7.39
N LEU B 1135 38.12 14.19 -7.08
CA LEU B 1135 37.75 15.59 -6.94
C LEU B 1135 37.63 16.27 -8.29
N ARG B 1136 36.86 17.36 -8.30
CA ARG B 1136 36.62 18.16 -9.50
C ARG B 1136 37.93 18.66 -10.10
N GLU B 1137 37.94 18.81 -11.42
CA GLU B 1137 39.13 19.35 -12.08
C GLU B 1137 39.13 20.86 -12.06
N ASP B 1138 38.01 21.49 -12.40
CA ASP B 1138 37.96 22.95 -12.46
C ASP B 1138 38.07 23.54 -11.06
N PRO B 1139 38.75 24.67 -10.89
CA PRO B 1139 38.92 25.23 -9.55
C PRO B 1139 37.59 25.68 -8.97
N ALA B 1140 37.47 25.56 -7.65
CA ALA B 1140 36.30 26.06 -6.95
C ALA B 1140 36.49 27.53 -6.61
N ALA B 1141 35.52 28.09 -5.88
CA ALA B 1141 35.44 29.52 -5.71
C ALA B 1141 36.62 30.08 -4.92
N ALA B 1142 37.11 31.23 -5.36
CA ALA B 1142 38.21 31.92 -4.72
C ALA B 1142 37.71 32.75 -3.54
N GLY B 1143 38.64 33.05 -2.63
CA GLY B 1143 38.31 33.83 -1.46
C GLY B 1143 39.49 33.79 -0.50
N GLU B 1144 39.37 34.55 0.59
CA GLU B 1144 40.41 34.47 1.61
C GLU B 1144 40.49 33.06 2.16
N TYR B 1145 39.36 32.44 2.39
CA TYR B 1145 39.28 31.03 2.72
C TYR B 1145 38.54 30.34 1.60
N ARG B 1146 39.16 29.28 1.09
CA ARG B 1146 38.73 28.60 -0.12
C ARG B 1146 37.35 27.98 0.06
N GLY B 1147 36.57 27.98 -1.03
CA GLY B 1147 35.33 27.24 -1.03
C GLY B 1147 35.54 25.78 -1.35
N GLY B 1148 34.61 24.96 -0.95
CA GLY B 1148 34.80 23.53 -1.07
C GLY B 1148 34.63 23.02 -2.48
N ILE B 1149 35.37 21.97 -2.79
CA ILE B 1149 35.37 21.32 -4.09
C ILE B 1149 34.49 20.10 -4.01
N GLY B 1150 33.65 19.89 -5.01
CA GLY B 1150 32.84 18.70 -5.12
C GLY B 1150 33.58 17.56 -5.78
N ILE B 1151 32.91 16.44 -5.89
CA ILE B 1151 33.49 15.24 -6.47
C ILE B 1151 32.83 14.98 -7.81
N VAL B 1152 33.53 14.25 -8.66
CA VAL B 1152 32.96 13.73 -9.89
C VAL B 1152 33.01 12.22 -9.79
N ARG B 1153 31.86 11.58 -9.69
CA ARG B 1153 31.81 10.13 -9.59
C ARG B 1153 31.26 9.61 -10.89
N GLU B 1154 31.99 8.70 -11.51
CA GLU B 1154 31.54 8.05 -12.74
C GLU B 1154 31.28 6.60 -12.41
N ASN B 1155 30.01 6.21 -12.45
CA ASN B 1155 29.60 4.85 -12.18
C ASN B 1155 29.24 4.21 -13.51
N THR B 1156 29.88 3.10 -13.83
CA THR B 1156 29.49 2.35 -15.01
C THR B 1156 28.70 1.13 -14.58
N PHE B 1157 27.92 0.59 -15.50
CA PHE B 1157 26.97 -0.44 -15.18
C PHE B 1157 27.14 -1.61 -16.13
N LEU B 1158 26.90 -2.80 -15.58
CA LEU B 1158 27.12 -4.05 -16.29
C LEU B 1158 25.83 -4.73 -16.72
N GLU B 1159 24.69 -4.30 -16.20
CA GLU B 1159 23.39 -4.78 -16.64
C GLU B 1159 22.44 -3.60 -16.76
N ASP B 1160 21.24 -3.86 -17.29
CA ASP B 1160 20.24 -2.82 -17.48
C ASP B 1160 19.70 -2.36 -16.14
N THR B 1161 20.00 -1.11 -15.76
CA THR B 1161 19.58 -0.56 -14.48
C THR B 1161 18.65 0.63 -14.67
N ALA B 1162 17.77 0.84 -13.70
CA ALA B 1162 16.92 2.02 -13.65
C ALA B 1162 17.48 3.00 -12.63
N VAL B 1163 17.46 4.28 -12.97
CA VAL B 1163 18.06 5.30 -12.12
C VAL B 1163 17.07 6.43 -11.87
N THR B 1164 16.89 6.76 -10.59
CA THR B 1164 16.10 7.91 -10.16
C THR B 1164 17.03 8.84 -9.41
N CYS B 1165 16.94 10.13 -9.69
CA CYS B 1165 17.81 11.12 -9.06
C CYS B 1165 16.99 12.23 -8.42
N GLU B 1166 17.31 12.54 -7.17
CA GLU B 1166 16.76 13.71 -6.50
C GLU B 1166 17.83 14.81 -6.49
N GLY B 1167 17.87 15.56 -7.59
CA GLY B 1167 18.95 16.49 -7.85
C GLY B 1167 18.52 17.94 -7.71
N GLU B 1168 19.51 18.82 -7.90
CA GLU B 1168 19.35 20.23 -7.58
C GLU B 1168 20.58 21.01 -8.00
N ARG B 1169 20.41 22.28 -8.38
CA ARG B 1169 21.50 23.21 -8.70
C ARG B 1169 22.28 22.79 -9.95
N HIS B 1170 21.56 22.55 -11.04
CA HIS B 1170 22.19 22.39 -12.35
C HIS B 1170 22.08 23.66 -13.20
N ASP B 1171 20.85 24.10 -13.48
CA ASP B 1171 20.62 25.37 -14.16
C ASP B 1171 19.76 26.23 -13.25
N SER B 1172 20.42 26.90 -12.32
CA SER B 1172 19.78 27.81 -11.36
C SER B 1172 20.89 28.64 -10.73
N ASP B 1173 20.56 29.40 -9.69
CA ASP B 1173 21.55 30.32 -9.15
C ASP B 1173 22.69 29.56 -8.47
N VAL B 1174 23.90 30.08 -8.64
CA VAL B 1174 25.12 29.42 -8.17
C VAL B 1174 25.25 29.59 -6.66
N PRO B 1175 26.02 28.73 -5.98
CA PRO B 1175 26.35 28.98 -4.58
C PRO B 1175 26.99 30.34 -4.38
N TRP B 1176 26.50 31.07 -3.40
CA TRP B 1176 26.92 32.45 -3.17
C TRP B 1176 28.23 32.50 -2.39
N GLY B 1177 28.81 33.70 -2.31
CA GLY B 1177 29.97 33.95 -1.49
C GLY B 1177 29.74 35.17 -0.61
N ALA B 1178 30.68 35.41 0.29
CA ALA B 1178 30.51 36.45 1.29
C ALA B 1178 31.73 37.35 1.38
N TYR B 1179 31.51 38.60 1.79
CA TYR B 1179 32.57 39.62 1.98
C TYR B 1179 33.43 39.77 0.73
N GLY B 1180 32.82 39.57 -0.44
CA GLY B 1180 33.57 39.68 -1.67
C GLY B 1180 34.15 38.39 -2.19
N GLY B 1181 33.70 37.25 -1.69
CA GLY B 1181 34.17 35.97 -2.18
C GLY B 1181 33.44 35.56 -3.44
N HIS B 1182 34.11 34.76 -4.27
CA HIS B 1182 33.53 34.40 -5.55
C HIS B 1182 32.48 33.31 -5.36
N ASP B 1183 31.77 33.01 -6.44
CA ASP B 1183 30.64 32.11 -6.40
C ASP B 1183 31.04 30.74 -6.94
N GLY B 1184 30.46 29.71 -6.35
CA GLY B 1184 30.76 28.34 -6.71
C GLY B 1184 29.99 27.93 -7.94
N LEU B 1185 30.08 26.64 -8.25
CA LEU B 1185 29.60 26.15 -9.52
C LEU B 1185 28.41 25.22 -9.34
N ASN B 1186 27.63 25.12 -10.40
CA ASN B 1186 26.45 24.28 -10.42
C ASN B 1186 26.83 22.85 -10.80
N ALA B 1187 25.97 21.93 -10.43
CA ALA B 1187 26.22 20.52 -10.63
C ALA B 1187 25.96 20.14 -12.06
N SER B 1188 26.14 18.85 -12.37
CA SER B 1188 25.70 18.34 -13.65
C SER B 1188 25.53 16.84 -13.59
N LEU B 1189 24.84 16.33 -14.59
CA LEU B 1189 24.53 14.92 -14.70
C LEU B 1189 24.65 14.62 -16.19
N ILE B 1190 25.66 13.84 -16.57
CA ILE B 1190 25.88 13.55 -17.99
C ILE B 1190 25.99 12.05 -18.20
N LYS B 1191 25.16 11.52 -19.09
CA LYS B 1191 25.33 10.12 -19.47
C LYS B 1191 26.45 9.99 -20.49
N ASN B 1192 27.36 9.02 -20.28
CA ASN B 1192 28.44 8.65 -21.18
C ASN B 1192 29.37 9.80 -21.51
N PRO B 1193 30.15 10.31 -20.56
CA PRO B 1193 31.05 11.43 -20.88
C PRO B 1193 32.16 11.01 -21.83
N GLY B 1194 32.28 11.75 -22.94
CA GLY B 1194 33.33 11.48 -23.89
C GLY B 1194 33.18 10.20 -24.68
N ARG B 1195 31.95 9.68 -24.78
CA ARG B 1195 31.70 8.47 -25.56
C ARG B 1195 30.43 8.68 -26.36
N ASP B 1196 30.04 7.63 -27.09
CA ASP B 1196 28.88 7.74 -27.96
C ASP B 1196 27.60 7.68 -27.16
N GLY B 1197 26.81 8.75 -27.20
CA GLY B 1197 25.53 8.78 -26.54
C GLY B 1197 25.43 9.78 -25.41
N GLU B 1198 26.19 10.88 -25.49
CA GLU B 1198 26.15 11.89 -24.44
C GLU B 1198 24.78 12.56 -24.38
N GLU B 1199 24.22 12.59 -23.18
CA GLU B 1199 22.98 13.30 -22.89
C GLU B 1199 23.22 14.15 -21.66
N SER B 1200 22.73 15.38 -21.70
CA SER B 1200 22.85 16.34 -20.61
C SER B 1200 21.59 16.24 -19.78
N TRP B 1201 21.60 15.35 -18.80
CA TRP B 1201 20.43 15.07 -17.99
C TRP B 1201 20.12 16.22 -17.03
N PRO B 1202 18.84 16.44 -16.72
CA PRO B 1202 18.48 17.51 -15.77
C PRO B 1202 18.81 17.16 -14.32
N SER B 1203 18.45 18.03 -13.39
CA SER B 1203 18.75 17.76 -11.99
C SER B 1203 17.89 16.63 -11.43
N LYS B 1204 16.58 16.63 -11.70
CA LYS B 1204 15.67 15.63 -11.17
C LYS B 1204 15.12 14.77 -12.30
N VAL B 1205 15.35 13.46 -12.21
CA VAL B 1205 14.81 12.51 -13.16
C VAL B 1205 14.15 11.38 -12.37
N THR B 1206 13.23 10.67 -13.00
CA THR B 1206 12.49 9.61 -12.33
C THR B 1206 12.37 8.41 -13.25
N GLY B 1207 13.11 7.35 -12.95
CA GLY B 1207 12.99 6.09 -13.67
C GLY B 1207 13.47 6.05 -15.11
N ARG B 1208 14.58 6.69 -15.42
CA ARG B 1208 15.19 6.59 -16.74
C ARG B 1208 16.07 5.37 -16.85
N GLN B 1209 16.03 4.72 -18.00
CA GLN B 1209 16.72 3.46 -18.20
C GLN B 1209 18.15 3.67 -18.69
N LEU B 1210 19.04 2.84 -18.17
CA LEU B 1210 20.41 2.77 -18.64
C LEU B 1210 20.64 1.43 -19.31
N GLN B 1211 21.55 1.44 -20.27
CA GLN B 1211 21.96 0.23 -20.97
C GLN B 1211 23.24 -0.30 -20.37
N ALA B 1212 23.48 -1.59 -20.56
CA ALA B 1212 24.75 -2.18 -20.18
C ALA B 1212 25.87 -1.53 -20.97
N GLY B 1213 26.92 -1.10 -20.26
CA GLY B 1213 28.01 -0.37 -20.84
C GLY B 1213 27.90 1.14 -20.69
N ASP B 1214 26.72 1.64 -20.32
CA ASP B 1214 26.57 3.06 -20.07
C ASP B 1214 27.16 3.43 -18.72
N SER B 1215 27.63 4.66 -18.63
CA SER B 1215 28.15 5.21 -17.38
C SER B 1215 27.52 6.56 -17.14
N LEU B 1216 27.40 6.90 -15.87
CA LEU B 1216 26.79 8.13 -15.45
C LEU B 1216 27.84 8.96 -14.75
N GLN B 1217 28.03 10.19 -15.21
CA GLN B 1217 29.00 11.11 -14.65
C GLN B 1217 28.23 12.12 -13.80
N ILE B 1218 28.32 11.98 -12.50
CA ILE B 1218 27.63 12.83 -11.55
C ILE B 1218 28.65 13.83 -11.05
N THR B 1219 28.37 15.10 -11.24
CA THR B 1219 29.20 16.18 -10.76
C THR B 1219 28.38 16.97 -9.76
N VAL B 1220 28.91 17.19 -8.56
CA VAL B 1220 28.14 17.83 -7.50
C VAL B 1220 28.59 19.27 -7.39
N PRO B 1221 27.79 20.16 -6.82
CA PRO B 1221 28.19 21.57 -6.77
C PRO B 1221 29.43 21.79 -5.91
N SER B 1222 30.09 22.89 -6.20
CA SER B 1222 31.21 23.38 -5.40
C SER B 1222 30.75 24.63 -4.65
N GLY B 1223 31.33 24.85 -3.48
CA GLY B 1223 30.86 25.90 -2.62
C GLY B 1223 31.42 27.25 -2.98
N GLY B 1224 30.91 28.26 -2.30
CA GLY B 1224 31.46 29.60 -2.44
C GLY B 1224 32.50 29.90 -1.41
N GLY B 1225 33.24 30.98 -1.64
CA GLY B 1225 34.28 31.41 -0.73
C GLY B 1225 33.83 32.51 0.21
N PHE B 1226 34.68 32.80 1.18
CA PHE B 1226 34.38 33.80 2.19
C PHE B 1226 35.52 34.80 2.23
N GLY B 1227 35.20 36.06 1.91
CA GLY B 1227 36.16 37.13 1.98
C GLY B 1227 36.76 37.45 0.62
N ASP B 1228 37.50 38.55 0.59
CA ASP B 1228 38.10 39.02 -0.66
C ASP B 1228 39.34 38.19 -0.99
N PRO B 1229 39.43 37.63 -2.20
CA PRO B 1229 40.56 36.75 -2.52
C PRO B 1229 41.92 37.42 -2.45
N LEU B 1230 41.98 38.75 -2.54
CA LEU B 1230 43.25 39.45 -2.50
C LEU B 1230 43.91 39.43 -1.13
N LYS B 1231 43.23 38.93 -0.11
CA LYS B 1231 43.73 38.98 1.26
C LYS B 1231 44.16 37.61 1.77
N ARG B 1232 44.34 36.66 0.87
CA ARG B 1232 44.75 35.31 1.22
C ARG B 1232 46.24 35.27 1.53
N ASN B 1233 46.62 34.31 2.37
CA ASN B 1233 48.02 34.18 2.78
C ASN B 1233 48.89 33.75 1.59
N PRO B 1234 50.07 34.35 1.41
CA PRO B 1234 50.90 33.97 0.26
C PRO B 1234 51.50 32.58 0.37
N LEU B 1235 51.84 32.12 1.57
CA LEU B 1235 52.44 30.80 1.72
C LEU B 1235 51.47 29.65 1.44
N GLN B 1236 50.18 29.93 1.29
CA GLN B 1236 49.17 28.90 1.11
C GLN B 1236 48.86 28.65 -0.37
N VAL B 1237 48.93 29.69 -1.20
CA VAL B 1237 48.61 29.51 -2.61
C VAL B 1237 49.65 28.64 -3.31
N LEU B 1238 50.88 28.65 -2.80
CA LEU B 1238 51.89 27.73 -3.30
C LEU B 1238 51.44 26.29 -3.16
N GLU B 1239 51.01 25.90 -1.95
CA GLU B 1239 50.51 24.55 -1.72
C GLU B 1239 49.28 24.25 -2.56
N ASP B 1240 48.42 25.24 -2.74
CA ASP B 1240 47.22 25.03 -3.55
C ASP B 1240 47.54 24.75 -5.01
N VAL B 1241 48.56 25.42 -5.57
CA VAL B 1241 48.88 25.18 -6.98
C VAL B 1241 49.50 23.80 -7.18
N LEU B 1242 50.45 23.42 -6.32
CA LEU B 1242 51.12 22.14 -6.45
C LEU B 1242 50.15 20.98 -6.23
N ASP B 1243 49.24 21.11 -5.25
CA ASP B 1243 48.28 20.05 -5.00
C ASP B 1243 47.35 19.85 -6.20
N GLY B 1244 46.99 20.94 -6.87
CA GLY B 1244 46.09 20.86 -8.01
C GLY B 1244 44.75 21.46 -7.69
N PHE B 1245 44.69 22.25 -6.62
CA PHE B 1245 43.44 22.92 -6.26
C PHE B 1245 43.15 24.11 -7.18
N THR B 1246 44.17 24.88 -7.53
CA THR B 1246 44.02 26.06 -8.37
C THR B 1246 45.17 26.16 -9.35
N THR B 1247 44.90 26.76 -10.50
CA THR B 1247 45.87 26.83 -11.59
C THR B 1247 46.80 28.02 -11.39
N THR B 1248 47.90 28.02 -12.16
CA THR B 1248 48.91 29.05 -12.01
C THR B 1248 48.47 30.37 -12.64
N GLU B 1249 47.82 30.32 -13.81
CA GLU B 1249 47.43 31.54 -14.49
C GLU B 1249 46.34 32.28 -13.72
N ALA B 1250 45.45 31.55 -13.07
CA ALA B 1250 44.37 32.15 -12.30
C ALA B 1250 44.78 32.41 -10.86
N ALA B 1251 46.07 32.43 -10.57
CA ALA B 1251 46.58 32.79 -9.25
C ALA B 1251 47.04 34.23 -9.18
N SER B 1252 47.48 34.80 -10.30
CA SER B 1252 47.90 36.19 -10.30
C SER B 1252 46.72 37.15 -10.27
N ARG B 1253 45.61 36.77 -10.89
CA ARG B 1253 44.46 37.66 -11.01
C ARG B 1253 43.66 37.74 -9.72
N ASP B 1254 43.17 36.59 -9.24
CA ASP B 1254 42.28 36.59 -8.08
C ASP B 1254 43.03 36.83 -6.78
N TYR B 1255 44.19 36.22 -6.62
CA TYR B 1255 44.89 36.26 -5.34
C TYR B 1255 46.01 37.30 -5.34
N GLY B 1256 46.68 37.46 -6.48
CA GLY B 1256 47.75 38.44 -6.60
C GLY B 1256 49.05 38.01 -5.96
N VAL B 1257 49.51 36.80 -6.26
CA VAL B 1257 50.78 36.29 -5.77
C VAL B 1257 51.62 35.86 -6.97
N ILE B 1258 52.89 36.25 -6.98
CA ILE B 1258 53.79 35.95 -8.08
C ILE B 1258 54.67 34.79 -7.64
N LEU B 1259 54.49 33.64 -8.28
CA LEU B 1259 55.31 32.46 -8.03
C LEU B 1259 56.29 32.29 -9.18
N LYS B 1260 57.58 32.22 -8.86
CA LYS B 1260 58.63 32.12 -9.87
C LYS B 1260 59.44 30.85 -9.64
N THR B 1261 59.77 30.17 -10.73
CA THR B 1261 60.53 28.92 -10.69
C THR B 1261 62.01 29.24 -10.48
N VAL B 1262 62.57 28.81 -9.36
CA VAL B 1262 63.99 29.01 -9.09
C VAL B 1262 64.61 27.67 -8.69
N ASN B 1263 65.75 27.35 -9.28
CA ASN B 1263 66.48 26.11 -9.00
C ASN B 1263 65.59 24.88 -9.18
N GLY B 1264 64.73 24.94 -10.18
CA GLY B 1264 63.76 23.86 -10.40
C GLY B 1264 62.53 23.93 -9.55
N GLN B 1265 62.67 24.33 -8.28
CA GLN B 1265 61.55 24.30 -7.36
C GLN B 1265 60.79 25.62 -7.36
N LEU B 1266 59.52 25.55 -6.94
CA LEU B 1266 58.66 26.72 -6.91
C LEU B 1266 58.57 27.24 -5.48
N THR B 1267 58.88 28.52 -5.29
CA THR B 1267 58.90 29.14 -3.97
C THR B 1267 58.26 30.52 -4.05
N VAL B 1268 57.89 31.04 -2.88
CA VAL B 1268 57.22 32.34 -2.78
C VAL B 1268 58.29 33.41 -2.58
N ASP B 1269 58.29 34.41 -3.45
CA ASP B 1269 59.20 35.54 -3.36
C ASP B 1269 58.50 36.73 -2.71
N LEU B 1270 59.05 37.20 -1.59
CA LEU B 1270 58.45 38.27 -0.81
C LEU B 1270 58.87 39.66 -1.28
N ALA B 1271 59.30 39.78 -2.54
CA ALA B 1271 59.70 41.06 -3.10
C ALA B 1271 58.70 41.61 -4.11
N ALA B 1272 58.24 40.77 -5.04
CA ALA B 1272 57.31 41.17 -6.08
C ALA B 1272 55.87 40.85 -5.71
N THR B 1273 55.61 40.47 -4.46
CA THR B 1273 54.25 40.18 -4.01
C THR B 1273 53.57 41.44 -3.48
N ALA B 1274 54.28 42.22 -2.65
CA ALA B 1274 53.70 43.46 -2.13
C ALA B 1274 53.52 44.52 -3.20
N VAL B 1275 54.24 44.42 -4.32
CA VAL B 1275 54.08 45.37 -5.40
C VAL B 1275 52.81 45.10 -6.19
N LYS B 1276 52.53 43.82 -6.50
CA LYS B 1276 51.38 43.48 -7.32
C LYS B 1276 50.06 43.79 -6.62
N ARG B 1277 50.01 43.58 -5.30
CA ARG B 1277 48.75 43.78 -4.58
C ARG B 1277 48.39 45.25 -4.46
N GLU B 1278 49.31 46.17 -4.73
CA GLU B 1278 48.98 47.58 -4.74
C GLU B 1278 48.20 47.96 -5.99
N ASN B 1279 48.60 47.45 -7.15
CA ASN B 1279 48.01 47.79 -8.43
C ASN B 1279 46.94 46.78 -8.86
N ALA B 1280 46.22 46.22 -7.89
CA ALA B 1280 45.14 45.27 -8.19
C ALA B 1280 43.78 45.74 -7.70
N VAL B 1281 43.70 46.83 -6.95
CA VAL B 1281 42.44 47.33 -6.45
C VAL B 1281 41.74 48.22 -7.46
N SER B 1282 42.49 49.10 -8.13
CA SER B 1282 41.89 50.05 -9.06
C SER B 1282 41.27 49.33 -10.27
N GLU B 1283 41.96 48.34 -10.80
CA GLU B 1283 41.47 47.60 -11.96
C GLU B 1283 40.35 46.64 -11.54
CA CA C . -11.65 -4.98 -12.99
N3 DUC D . -13.43 -2.84 -15.65
C2 DUC D . -12.20 -3.38 -15.93
O2 DUC D . -11.57 -3.99 -15.08
N1 DUC D . -11.73 -3.22 -17.18
C6 DUC D . -12.34 -2.37 -18.18
C5 DUC D . -13.80 -2.09 -17.95
C4 DUC D . -14.17 -2.06 -16.50
O4 DUC D . -15.08 -1.37 -16.07
CA CA E . 14.35 9.52 5.71
N3 DUC F . 17.72 10.12 4.00
C2 DUC F . 16.69 11.00 3.79
O2 DUC F . 15.58 10.81 4.27
N1 DUC F . 16.96 12.08 3.04
C6 DUC F . 18.18 12.29 2.29
C5 DUC F . 19.35 11.54 2.86
C4 DUC F . 18.97 10.23 3.47
O4 DUC F . 19.74 9.26 3.49
#